data_7EPX
#
_entry.id   7EPX
#
_cell.length_a   1.00
_cell.length_b   1.00
_cell.length_c   1.00
_cell.angle_alpha   90.00
_cell.angle_beta   90.00
_cell.angle_gamma   90.00
#
_symmetry.space_group_name_H-M   'P 1'
#
loop_
_entity.id
_entity.type
_entity.pdbx_description
1 polymer 'Spike glycoprotein'
2 polymer 'heavy chain of GW01'
3 polymer 'light chain of GW01'
4 branched 2-acetamido-2-deoxy-beta-D-glucopyranose-(1-4)-2-acetamido-2-deoxy-beta-D-glucopyranose
5 non-polymer 2-acetamido-2-deoxy-beta-D-glucopyranose
#
loop_
_entity_poly.entity_id
_entity_poly.type
_entity_poly.pdbx_seq_one_letter_code
_entity_poly.pdbx_strand_id
1 'polypeptide(L)'
;MFVFLVLLPLVSSQCVNLTTRTQLPPAYTNSFTRGVYYPDKVFRSSVLHSTQDLFLPFFSNVTWFHAIHVSGTNGTKRFD
NPVLPFNDGVYFASTEKSNIIRGWIFGTTLDSKTQSLLIVNNATNVVIKVCEFQFCNDPFLGVYYHKNNKSWMESEFRVY
SSANNCTFEYVSQPFLMDLEGKQGNFKNLREFVFKNIDGYFKIYSKHTPINLVRDLPQGFSALEPLVDLPIGINITRFQT
LLALHRSYLTPGDSSSGWTAGAAAYYVGYLQPRTFLLKYNENGTITDAVDCALDPLSETKCTLKSFTVEKGIYQTSNFRV
QPTESIVRFPNITNLCPFGEVFNATRFASVYAWNRKRISNCVADYSVLYNSASFSTFKCYGVSPTKLNDLCFTNVYADSF
VIRGDEVRQIAPGQTGKIADYNYKLPDDFTGCVIAWNSNNLDSKVGGNYNYLYRLFRKSNLKPFERDISTEIYQAGSTPC
NGVEGFNCYFPLQSYGFQPTNGVGYQPYRVVVLSFELLHAPATVCGPKKSTNLVKNKCVNFNFNGLTGTGVLTESNKKFL
PFQQFGRDIADTTDAVRDPQTLEILDITPCSFGGVSVITPGTNTSNQVAVLYQDVNCTEVPVAIHADQLTPTWRVYSTGS
NVFQTRAGCLIGAEHVNNSYECDIPIGAGICASYQTQTNSPRRARSVASQSIIAYTMSLGAENSVAYSNNSIAIPTNFTI
SVTTEILPVSMTKTSVDCTMYICGDSTECSNLLLQYGSFCTQLNRALTGIAVEQDKNTQEVFAQVKQIYKTPPIKDFGGF
NFSQILPDPSKPSKRSPIEDLLFNKVTLADAGFIKQYGDCLGDIAARDLICAQKFNGLTVLPPLLTDEMIAQYTSALLAG
TITSGWTFGAGPALQIPFPMQMAYRFNGIGVTQNVLYENQKLIANQFNSAIGKIQDSLSSTPSALGKLQDVVNQNAQALN
TLVKQLSSNFGAISSVLNDILSRLDPPEAEVQIDRLITGRLQSLQTYVTQQLIRAAEIRASANLAATKMSECVLGQSKRV
DFCGKGYHLMSFPQSAPHGVVFLHVTYVPAQEKNFTTAPAICHDGKAHFPREGVFVSNGTHWFVTQRNFYEPQIITTDNT
FVSGNCDVVIGIVNNTVYDPLQPELDSFKEELDKYFKNHTSPDVDLGDISGINASVVNIQKEIDRLNEVAKNLNESLIDL
QELGKYEQYIKWPWYIWLGFIAGLIAIVMVTIMLCCMTSCCSCLKGCCSCGSCCKFDEDDSEPVLKGVKLHYTLEDYKDD
DDK
;
A,B,C
2 'polypeptide(L)'
;EVQLVESGGGVVQPGGSLRLSCAASGFRFDDHAMHWVRQAPGKGLEWVSVISGDGGSTYYADSVKGRFSISRDDSKNSLY
LQMNSLRTEDTALYYCAKDRSYGPPDVFNYEYGMDVWGQGTTVTVSSASTKGPSVFPLAPSSKSTSGGTAALGCLVKDYF
PEPVTVSWNSGALTSGVHTFPAVLQSSGLYSLSSVVTVPSSSLGTQTYICNVNHKPSNTKVDKKVEPKSCDKTHTCPPCP
APELLGGPSVFLFPPKPKDTLMISRTPEVTCVVVDVSHEDPEVKFNWYVDGVEVHNAKTKPREEQYNSTYRVVSVLTVLH
QDWLNGKEYKCKVSNKALPAPIEKTISKAKGQPREPQVYTLPPSRDELTKNQVSLTCLVKGFYPSDIAVEWESNGQPENN
YKTTPPVLDSDGSFFLYSKLTVDKSRWQQGNVFSCSVMHEALHNHYTQKSLSLSPGK
;
H,I
3 'polypeptide(L)'
;QSVLTQPPSASGTPGQRVTISCSGSSSNIGSNTVNWYQQLPGTAPKLLIYSNNQRPSGVPDRFSGSKSGTSASLAISGLQ
SEDEADYYCAAWDDSLNWVFGGGTKLTVLGQPKAAPSVTLFPPSSEELQANKATLVCLISDFYPGAVTVAWKADSSPVKA
GVETTTPSKQSNNKYAASSYLSLTPEQWKSHRSYSCQVTHEGSTVEKTVAPTECS
;
L,M
#
loop_
_chem_comp.id
_chem_comp.type
_chem_comp.name
_chem_comp.formula
NAG D-saccharide, beta linking 2-acetamido-2-deoxy-beta-D-glucopyranose 'C8 H15 N O6'
#
# COMPACT_ATOMS: atom_id res chain seq x y z
N ALA A 27 9.31 -16.32 55.18
CA ALA A 27 8.10 -16.99 54.75
C ALA A 27 7.56 -16.36 53.47
N TYR A 28 6.72 -17.11 52.77
CA TYR A 28 6.01 -16.63 51.60
C TYR A 28 4.57 -17.06 51.74
N THR A 29 3.68 -16.30 51.11
CA THR A 29 2.25 -16.59 51.23
C THR A 29 1.61 -16.33 49.86
N ASN A 30 0.35 -16.69 49.76
CA ASN A 30 -0.41 -16.64 48.53
C ASN A 30 -1.53 -15.63 48.67
N SER A 31 -1.48 -14.58 47.86
CA SER A 31 -2.62 -13.69 47.70
C SER A 31 -3.74 -14.50 47.05
N PHE A 32 -4.98 -14.06 47.14
CA PHE A 32 -5.96 -14.78 46.35
C PHE A 32 -6.51 -13.89 45.26
N THR A 33 -7.21 -12.82 45.66
CA THR A 33 -7.67 -11.81 44.72
C THR A 33 -7.50 -10.49 45.46
N ARG A 34 -6.33 -9.89 45.31
CA ARG A 34 -5.93 -8.76 46.13
C ARG A 34 -5.13 -7.79 45.28
N GLY A 35 -5.27 -6.50 45.56
CA GLY A 35 -4.48 -5.51 44.86
C GLY A 35 -5.15 -5.01 43.59
N VAL A 36 -6.46 -4.79 43.65
CA VAL A 36 -7.22 -4.21 42.55
C VAL A 36 -7.54 -2.77 42.93
N TYR A 37 -7.18 -1.84 42.04
CA TYR A 37 -7.43 -0.44 42.26
C TYR A 37 -8.19 0.14 41.07
N TYR A 38 -8.92 1.21 41.33
CA TYR A 38 -9.61 1.92 40.27
C TYR A 38 -8.59 2.61 39.38
N PRO A 39 -8.50 2.17 38.13
CA PRO A 39 -7.52 2.68 37.17
C PRO A 39 -7.58 4.19 36.94
N ASP A 40 -8.64 4.84 37.40
CA ASP A 40 -8.78 6.28 37.21
C ASP A 40 -10.15 6.79 37.60
N LYS A 41 -10.37 8.08 37.41
CA LYS A 41 -11.64 8.70 37.74
C LYS A 41 -12.71 8.14 36.80
N VAL A 42 -13.71 8.96 36.49
CA VAL A 42 -14.76 8.52 35.58
C VAL A 42 -15.65 7.49 36.28
N PHE A 43 -16.87 7.89 36.60
CA PHE A 43 -17.81 6.98 37.25
C PHE A 43 -18.02 5.77 36.35
N ARG A 44 -18.93 4.89 36.74
CA ARG A 44 -19.22 3.69 35.96
C ARG A 44 -20.10 2.72 36.74
N SER A 45 -20.95 2.01 36.02
CA SER A 45 -21.85 1.04 36.64
C SER A 45 -21.65 -0.34 36.02
N SER A 46 -22.64 -1.20 36.20
CA SER A 46 -22.59 -2.57 35.68
C SER A 46 -22.03 -2.62 34.27
N VAL A 47 -20.72 -2.82 34.16
CA VAL A 47 -20.06 -2.90 32.86
C VAL A 47 -18.74 -3.64 32.91
N LEU A 48 -18.77 -4.94 32.65
CA LEU A 48 -17.56 -5.74 32.64
C LEU A 48 -16.56 -5.05 31.73
N HIS A 49 -15.93 -4.01 32.27
CA HIS A 49 -14.97 -3.19 31.53
C HIS A 49 -13.59 -3.83 31.54
N SER A 50 -12.90 -3.78 30.42
CA SER A 50 -11.61 -4.43 30.24
C SER A 50 -10.48 -3.41 30.24
N THR A 51 -9.44 -3.66 31.02
CA THR A 51 -8.31 -2.73 31.12
C THR A 51 -6.97 -3.44 30.97
N GLN A 52 -6.00 -2.68 30.49
CA GLN A 52 -4.59 -3.07 30.49
C GLN A 52 -3.84 -2.11 31.41
N ASP A 53 -3.14 -2.64 32.40
CA ASP A 53 -2.45 -1.78 33.35
C ASP A 53 -1.44 -2.61 34.14
N LEU A 54 -0.92 -2.03 35.22
CA LEU A 54 0.00 -2.72 36.12
C LEU A 54 -0.78 -3.21 37.32
N PHE A 55 -0.89 -4.53 37.45
CA PHE A 55 -1.66 -5.13 38.51
C PHE A 55 -0.81 -6.17 39.23
N LEU A 56 -1.31 -6.62 40.37
CA LEU A 56 -0.74 -7.74 41.09
C LEU A 56 -1.47 -9.00 40.64
N PRO A 57 -0.80 -9.91 39.92
CA PRO A 57 -1.49 -11.08 39.39
C PRO A 57 -2.18 -11.90 40.46
N PHE A 58 -3.27 -12.56 40.11
CA PHE A 58 -4.00 -13.35 41.08
C PHE A 58 -3.18 -14.56 41.49
N PHE A 59 -3.34 -14.96 42.76
CA PHE A 59 -2.63 -16.11 43.30
C PHE A 59 -1.14 -15.96 43.10
N SER A 60 -0.54 -14.97 43.76
CA SER A 60 0.85 -14.63 43.59
C SER A 60 1.64 -15.04 44.81
N ASN A 61 2.95 -14.86 44.70
CA ASN A 61 3.93 -15.28 45.70
C ASN A 61 4.42 -14.04 46.44
N VAL A 62 3.77 -13.71 47.56
CA VAL A 62 4.05 -12.47 48.28
C VAL A 62 4.93 -12.80 49.47
N THR A 63 6.03 -12.06 49.61
CA THR A 63 6.93 -12.23 50.74
C THR A 63 6.18 -11.99 52.05
N TRP A 64 6.70 -12.57 53.12
CA TRP A 64 6.14 -12.37 54.44
C TRP A 64 7.26 -11.82 55.32
N PHE A 65 6.92 -10.82 56.12
CA PHE A 65 7.86 -10.24 57.06
C PHE A 65 7.22 -10.18 58.44
N HIS A 66 8.03 -10.44 59.46
CA HIS A 66 7.61 -10.37 60.85
C HIS A 66 8.40 -9.28 61.55
N ALA A 67 7.91 -8.91 62.71
CA ALA A 67 8.60 -7.96 63.58
C ALA A 67 8.03 -8.12 64.98
N ASN A 81 13.15 -3.14 59.21
CA ASN A 81 13.23 -4.30 58.34
C ASN A 81 13.88 -3.85 57.01
N PRO A 82 14.26 -4.78 56.13
CA PRO A 82 15.33 -4.51 55.16
C PRO A 82 14.94 -3.63 53.97
N VAL A 83 15.97 -3.25 53.23
CA VAL A 83 15.85 -2.50 51.98
C VAL A 83 15.35 -3.43 50.89
N LEU A 84 14.23 -3.09 50.28
CA LEU A 84 13.63 -3.90 49.24
C LEU A 84 13.82 -3.23 47.88
N PRO A 85 13.47 -3.88 46.78
CA PRO A 85 13.43 -3.15 45.50
C PRO A 85 12.07 -2.53 45.23
N PHE A 86 11.96 -1.77 44.14
CA PHE A 86 10.67 -1.22 43.69
C PHE A 86 10.27 -1.74 42.33
N ASN A 87 11.08 -1.43 41.32
CA ASN A 87 11.22 -1.94 39.95
C ASN A 87 9.97 -1.78 39.10
N ASP A 88 8.77 -1.84 39.70
CA ASP A 88 7.52 -1.44 39.06
C ASP A 88 6.42 -1.51 40.11
N GLY A 89 6.11 -0.41 40.77
CA GLY A 89 5.02 -0.43 41.73
C GLY A 89 5.13 -1.46 42.83
N VAL A 90 4.23 -1.41 43.81
CA VAL A 90 4.30 -2.27 44.99
C VAL A 90 2.91 -2.38 45.58
N TYR A 91 2.50 -3.60 45.90
CA TYR A 91 1.40 -3.85 46.82
C TYR A 91 1.98 -4.02 48.21
N PHE A 92 1.20 -3.62 49.21
CA PHE A 92 1.73 -3.61 50.57
C PHE A 92 0.57 -3.67 51.55
N ALA A 93 0.36 -4.80 52.20
CA ALA A 93 -0.66 -4.90 53.24
C ALA A 93 0.01 -4.96 54.60
N SER A 94 -0.81 -4.87 55.65
CA SER A 94 -0.30 -4.85 57.02
C SER A 94 -1.47 -5.07 57.97
N THR A 95 -1.18 -5.64 59.13
CA THR A 95 -2.22 -6.05 60.07
C THR A 95 -1.80 -5.74 61.51
N GLU A 96 -2.67 -5.05 62.25
CA GLU A 96 -2.51 -4.83 63.69
C GLU A 96 -3.66 -4.04 64.28
N LYS A 97 -3.68 -3.89 65.62
CA LYS A 97 -4.55 -2.93 66.29
C LYS A 97 -3.80 -1.72 66.79
N SER A 98 -2.63 -1.90 67.39
CA SER A 98 -1.66 -0.83 67.60
C SER A 98 -1.15 -0.36 66.25
N ASN A 99 -0.21 0.57 66.24
CA ASN A 99 0.31 1.09 64.98
C ASN A 99 1.82 0.97 64.98
N ILE A 100 2.31 -0.16 64.48
CA ILE A 100 3.75 -0.44 64.42
C ILE A 100 4.27 0.04 63.09
N ILE A 101 3.47 -0.10 62.05
CA ILE A 101 3.84 0.37 60.71
C ILE A 101 3.57 1.87 60.65
N ARG A 102 4.65 2.64 60.52
CA ARG A 102 4.60 4.08 60.61
C ARG A 102 5.22 4.69 59.36
N GLY A 103 4.79 4.18 58.21
CA GLY A 103 5.20 4.77 56.95
C GLY A 103 6.41 4.11 56.35
N TRP A 104 6.75 4.58 55.16
CA TRP A 104 7.76 3.99 54.31
C TRP A 104 8.76 5.07 53.98
N ILE A 105 9.86 4.68 53.35
CA ILE A 105 10.81 5.64 52.81
C ILE A 105 11.24 5.12 51.45
N PHE A 106 11.40 6.00 50.49
CA PHE A 106 11.58 5.58 49.11
C PHE A 106 12.87 6.16 48.55
N GLY A 107 13.18 5.80 47.31
CA GLY A 107 14.25 6.48 46.60
C GLY A 107 15.16 5.56 45.84
N THR A 108 16.34 6.04 45.47
CA THR A 108 17.33 5.21 44.79
C THR A 108 18.47 4.83 45.73
N THR A 109 18.98 5.79 46.49
CA THR A 109 20.11 5.55 47.39
C THR A 109 19.78 5.66 48.87
N LEU A 110 18.65 6.27 49.23
CA LEU A 110 18.22 6.40 50.62
C LEU A 110 19.27 7.15 51.44
N ASP A 111 19.87 8.16 50.83
CA ASP A 111 20.88 8.96 51.50
C ASP A 111 20.98 10.31 50.80
N SER A 112 22.06 11.03 51.11
CA SER A 112 22.37 12.25 50.39
C SER A 112 22.97 11.92 49.04
N LYS A 113 23.36 12.96 48.30
CA LYS A 113 23.90 12.88 46.95
C LYS A 113 22.82 12.56 45.92
N THR A 114 21.62 12.20 46.37
CA THR A 114 20.47 12.09 45.49
C THR A 114 19.20 12.20 46.33
N GLN A 115 18.12 12.63 45.69
CA GLN A 115 16.88 12.97 46.39
C GLN A 115 16.02 11.74 46.64
N SER A 116 15.18 11.83 47.68
CA SER A 116 14.31 10.74 48.06
C SER A 116 13.06 11.29 48.75
N LEU A 117 12.03 10.44 48.84
CA LEU A 117 10.79 10.77 49.53
C LEU A 117 10.83 10.20 50.93
N LEU A 118 9.99 10.75 51.82
CA LEU A 118 9.87 10.26 53.18
C LEU A 118 8.44 10.47 53.65
N ILE A 119 7.77 9.39 54.03
CA ILE A 119 6.39 9.44 54.46
C ILE A 119 6.28 8.86 55.86
N VAL A 120 5.88 9.70 56.79
CA VAL A 120 6.00 9.36 58.20
C VAL A 120 4.66 9.62 58.89
N ASN A 121 4.45 9.01 60.04
CA ASN A 121 3.28 9.27 60.87
C ASN A 121 3.65 9.06 62.34
N ASN A 122 3.85 10.15 63.09
CA ASN A 122 3.95 10.02 64.54
C ASN A 122 2.54 9.89 65.08
N ALA A 123 2.36 9.95 66.39
CA ALA A 123 1.02 9.80 66.95
C ALA A 123 0.12 10.98 66.62
N THR A 124 0.64 11.93 65.83
CA THR A 124 -0.12 13.12 65.47
C THR A 124 -0.86 12.95 64.16
N ASN A 125 -0.12 12.82 63.06
CA ASN A 125 -0.65 12.67 61.72
C ASN A 125 0.49 12.60 60.70
N VAL A 126 0.11 12.33 59.46
CA VAL A 126 1.01 12.06 58.35
C VAL A 126 1.94 13.24 58.09
N VAL A 127 3.17 12.95 57.69
CA VAL A 127 4.13 13.98 57.31
C VAL A 127 4.85 13.57 56.03
N ILE A 128 4.34 13.97 54.86
CA ILE A 128 5.08 13.72 53.64
C ILE A 128 6.21 14.74 53.58
N LYS A 129 7.31 14.37 52.93
CA LYS A 129 8.47 15.24 52.89
C LYS A 129 9.37 14.79 51.76
N VAL A 130 9.97 15.74 51.06
CA VAL A 130 10.94 15.41 50.03
C VAL A 130 12.16 16.32 50.14
N CYS A 131 13.22 15.83 50.74
CA CYS A 131 14.52 16.49 50.80
C CYS A 131 15.59 15.54 50.29
N GLU A 132 16.84 15.95 50.47
CA GLU A 132 17.97 15.03 50.49
C GLU A 132 18.28 14.72 51.94
N PHE A 133 18.31 13.44 52.28
CA PHE A 133 18.40 13.03 53.67
C PHE A 133 19.75 12.35 53.94
N GLN A 134 19.94 11.98 55.19
CA GLN A 134 20.92 11.00 55.59
C GLN A 134 20.20 10.00 56.47
N PHE A 135 19.91 8.83 55.92
CA PHE A 135 19.07 7.86 56.57
C PHE A 135 19.92 6.88 57.36
N CYS A 136 19.49 6.61 58.58
CA CYS A 136 20.04 5.49 59.33
C CYS A 136 19.90 4.22 58.49
N ASN A 137 20.95 3.40 58.47
CA ASN A 137 20.82 2.13 57.78
C ASN A 137 19.79 1.22 58.44
N ASP A 138 19.50 1.43 59.72
CA ASP A 138 18.37 0.80 60.39
C ASP A 138 17.54 1.89 61.04
N PRO A 139 16.70 2.58 60.26
CA PRO A 139 15.97 3.74 60.80
C PRO A 139 14.62 3.33 61.36
N PHE A 140 14.23 3.97 62.44
CA PHE A 140 12.97 3.63 63.11
C PHE A 140 12.58 4.78 64.02
N LEU A 141 11.53 4.56 64.81
CA LEU A 141 11.10 5.51 65.82
C LEU A 141 10.68 4.75 67.07
N GLY A 142 10.93 5.36 68.22
CA GLY A 142 10.72 4.71 69.50
C GLY A 142 9.29 4.77 69.99
N VAL A 143 9.14 4.60 71.30
CA VAL A 143 7.86 4.72 71.98
C VAL A 143 8.14 4.73 73.48
N MET A 153 7.43 9.47 78.35
CA MET A 153 8.55 9.40 77.43
C MET A 153 8.08 9.52 75.99
N GLU A 154 7.88 8.38 75.34
CA GLU A 154 7.33 8.30 73.98
C GLU A 154 8.12 9.18 73.02
N SER A 155 9.44 9.10 73.11
CA SER A 155 10.36 9.86 72.29
C SER A 155 11.05 8.95 71.27
N GLU A 156 11.28 9.49 70.09
CA GLU A 156 11.36 8.66 68.89
C GLU A 156 12.23 9.27 67.80
N PHE A 157 12.02 8.80 66.57
CA PHE A 157 12.59 9.38 65.37
C PHE A 157 14.11 9.35 65.34
N ARG A 158 14.67 8.15 65.34
CA ARG A 158 16.07 7.99 64.99
C ARG A 158 16.16 7.68 63.50
N VAL A 159 15.22 8.22 62.72
CA VAL A 159 15.09 7.83 61.32
C VAL A 159 16.24 8.37 60.49
N TYR A 160 16.35 9.68 60.37
CA TYR A 160 17.43 10.27 59.59
C TYR A 160 18.34 11.14 60.46
N SER A 161 19.29 11.83 59.83
CA SER A 161 20.09 12.83 60.52
C SER A 161 20.37 14.04 59.63
N SER A 162 19.56 14.22 58.59
CA SER A 162 19.79 15.29 57.62
C SER A 162 18.47 15.57 56.89
N ALA A 163 18.24 16.84 56.59
CA ALA A 163 17.03 17.28 55.92
C ALA A 163 17.31 18.41 54.92
N ASN A 164 18.31 18.23 54.08
CA ASN A 164 18.82 19.32 53.26
C ASN A 164 18.00 19.49 51.98
N ASN A 165 17.99 20.72 51.47
CA ASN A 165 17.50 21.01 50.12
C ASN A 165 16.05 20.63 49.86
N CYS A 166 15.20 20.68 50.87
CA CYS A 166 13.82 20.20 50.75
C CYS A 166 13.07 20.87 49.61
N THR A 167 12.47 20.04 48.75
CA THR A 167 11.83 20.49 47.51
C THR A 167 10.32 20.25 47.59
N PHE A 168 9.84 19.75 48.72
CA PHE A 168 8.43 19.49 48.92
C PHE A 168 8.22 19.19 50.40
N GLU A 169 7.25 19.83 51.02
CA GLU A 169 6.91 19.51 52.40
C GLU A 169 5.42 19.27 52.47
N TYR A 170 4.99 18.75 53.62
CA TYR A 170 3.58 18.63 53.97
C TYR A 170 3.52 18.21 55.43
N VAL A 171 2.62 18.78 56.21
CA VAL A 171 2.33 18.29 57.54
C VAL A 171 0.84 18.41 57.74
N SER A 172 0.36 18.11 58.95
CA SER A 172 -1.04 18.33 59.29
C SER A 172 -1.21 18.42 60.80
N LYS A 187 -8.29 -7.49 63.78
CA LYS A 187 -7.79 -6.13 64.01
C LYS A 187 -8.04 -5.22 62.83
N ASN A 188 -6.98 -4.89 62.12
CA ASN A 188 -7.06 -4.00 60.97
C ASN A 188 -6.24 -4.56 59.83
N LEU A 189 -6.70 -4.32 58.62
CA LEU A 189 -5.94 -4.61 57.41
C LEU A 189 -5.87 -3.34 56.58
N ARG A 190 -4.65 -2.93 56.23
CA ARG A 190 -4.42 -1.65 55.57
C ARG A 190 -3.57 -1.90 54.34
N GLU A 191 -4.21 -1.91 53.17
CA GLU A 191 -3.54 -2.15 51.92
C GLU A 191 -3.14 -0.85 51.22
N PHE A 192 -2.06 -0.90 50.46
CA PHE A 192 -1.56 0.24 49.72
C PHE A 192 -0.96 -0.22 48.41
N VAL A 193 -1.16 0.56 47.38
CA VAL A 193 -0.51 0.34 46.09
C VAL A 193 0.27 1.60 45.75
N PHE A 194 1.57 1.47 45.55
CA PHE A 194 2.43 2.59 45.23
C PHE A 194 2.93 2.45 43.81
N LYS A 195 2.80 3.51 43.02
CA LYS A 195 3.37 3.50 41.68
C LYS A 195 3.91 4.87 41.34
N ASN A 196 4.71 4.95 40.29
CA ASN A 196 5.51 6.13 39.99
C ASN A 196 5.66 6.27 38.48
N ILE A 197 4.84 7.12 37.87
CA ILE A 197 4.80 7.28 36.42
C ILE A 197 4.86 8.76 36.06
N ASP A 198 5.72 9.09 35.10
CA ASP A 198 5.85 10.45 34.56
C ASP A 198 5.96 11.50 35.66
N GLY A 199 6.89 11.31 36.58
CA GLY A 199 7.12 12.27 37.65
C GLY A 199 6.00 12.41 38.64
N TYR A 200 4.98 11.56 38.56
CA TYR A 200 3.91 11.55 39.53
C TYR A 200 4.03 10.27 40.35
N PHE A 201 3.86 10.41 41.66
CA PHE A 201 3.95 9.27 42.55
C PHE A 201 2.55 9.03 43.11
N LYS A 202 1.86 8.03 42.56
CA LYS A 202 0.48 7.75 42.90
C LYS A 202 0.41 6.74 44.01
N ILE A 203 -0.59 6.90 44.87
CA ILE A 203 -0.80 6.08 46.05
C ILE A 203 -2.28 5.74 46.13
N TYR A 204 -2.60 4.46 46.05
CA TYR A 204 -3.95 3.98 46.30
C TYR A 204 -3.95 3.27 47.63
N SER A 205 -5.10 3.18 48.26
CA SER A 205 -5.14 2.62 49.60
C SER A 205 -6.54 2.12 49.90
N LYS A 206 -6.63 1.30 50.94
CA LYS A 206 -7.90 0.81 51.44
C LYS A 206 -7.69 0.29 52.86
N HIS A 207 -8.69 0.48 53.70
CA HIS A 207 -8.65 0.05 55.10
C HIS A 207 -9.85 -0.85 55.33
N THR A 208 -9.60 -2.14 55.37
CA THR A 208 -10.64 -3.10 55.69
C THR A 208 -10.43 -3.60 57.12
N PRO A 209 -11.50 -3.91 57.83
CA PRO A 209 -11.34 -4.54 59.14
C PRO A 209 -11.30 -6.06 59.06
N ILE A 210 -10.22 -6.67 59.54
CA ILE A 210 -10.17 -8.12 59.62
C ILE A 210 -10.90 -8.57 60.87
N ASN A 211 -11.22 -9.86 60.97
CA ASN A 211 -11.67 -10.41 62.23
C ASN A 211 -10.64 -11.39 62.75
N LEU A 212 -9.42 -11.26 62.24
CA LEU A 212 -8.22 -11.89 62.76
C LEU A 212 -7.32 -10.79 63.32
N VAL A 213 -6.10 -11.15 63.72
CA VAL A 213 -5.18 -10.12 64.18
C VAL A 213 -4.11 -9.85 63.12
N ARG A 214 -3.34 -10.87 62.70
CA ARG A 214 -2.20 -10.62 61.82
C ARG A 214 -1.92 -11.70 60.75
N ASP A 215 -2.94 -12.20 60.05
CA ASP A 215 -2.72 -13.11 58.93
C ASP A 215 -3.47 -12.59 57.70
N LEU A 216 -2.92 -12.85 56.51
CA LEU A 216 -3.50 -12.34 55.27
C LEU A 216 -4.79 -13.08 54.95
N PRO A 217 -5.93 -12.40 54.90
CA PRO A 217 -7.19 -13.08 54.65
C PRO A 217 -7.49 -13.30 53.18
N GLN A 218 -8.71 -13.72 52.89
CA GLN A 218 -9.16 -13.94 51.53
C GLN A 218 -10.37 -13.05 51.26
N GLY A 219 -10.52 -12.63 50.01
CA GLY A 219 -11.67 -11.83 49.63
C GLY A 219 -11.36 -10.81 48.55
N PHE A 220 -12.35 -9.98 48.21
CA PHE A 220 -12.18 -8.96 47.18
C PHE A 220 -12.48 -7.59 47.75
N SER A 221 -11.58 -6.64 47.49
CA SER A 221 -11.75 -5.28 47.98
C SER A 221 -10.91 -4.32 47.14
N ALA A 222 -11.54 -3.46 46.35
CA ALA A 222 -10.83 -2.58 45.43
C ALA A 222 -10.30 -1.35 46.15
N LEU A 223 -9.13 -0.89 45.71
CA LEU A 223 -8.39 0.17 46.38
C LEU A 223 -8.61 1.49 45.65
N GLU A 224 -8.97 2.58 46.44
CA GLU A 224 -9.35 3.90 45.93
C GLU A 224 -8.19 4.89 46.00
N PRO A 225 -8.01 5.70 44.96
CA PRO A 225 -6.84 6.59 44.91
C PRO A 225 -6.85 7.61 46.03
N LEU A 226 -5.65 7.89 46.56
CA LEU A 226 -5.51 8.75 47.73
C LEU A 226 -4.81 10.07 47.38
N VAL A 227 -3.64 9.96 46.79
CA VAL A 227 -2.71 11.06 46.68
C VAL A 227 -2.20 11.10 45.25
N ASP A 228 -1.48 12.18 44.94
CA ASP A 228 -0.82 12.43 43.66
C ASP A 228 0.29 13.45 43.95
N LEU A 229 1.55 13.11 43.67
CA LEU A 229 2.62 14.06 43.97
C LEU A 229 3.46 14.31 42.74
N PRO A 230 3.46 15.52 42.18
CA PRO A 230 4.32 15.83 41.03
C PRO A 230 5.76 16.12 41.44
N ILE A 231 6.50 15.06 41.74
CA ILE A 231 7.84 15.19 42.29
C ILE A 231 8.87 15.23 41.18
N GLY A 232 9.01 14.13 40.45
CA GLY A 232 10.06 14.01 39.44
C GLY A 232 11.13 13.04 39.88
N ILE A 233 11.13 12.72 41.16
CA ILE A 233 12.05 11.80 41.84
C ILE A 233 12.19 10.48 41.10
N ASN A 234 13.41 9.94 41.07
CA ASN A 234 13.68 8.58 40.62
C ASN A 234 13.57 7.65 41.82
N ILE A 235 13.07 6.43 41.60
CA ILE A 235 12.93 5.46 42.69
C ILE A 235 13.44 4.11 42.22
N THR A 236 14.20 3.45 43.09
CA THR A 236 14.67 2.10 42.83
C THR A 236 14.61 1.24 44.09
N ARG A 237 14.38 1.86 45.25
CA ARG A 237 14.41 1.10 46.50
C ARG A 237 13.44 1.73 47.48
N PHE A 238 13.08 0.95 48.50
CA PHE A 238 12.19 1.46 49.55
C PHE A 238 12.37 0.62 50.81
N GLN A 239 11.80 1.10 51.91
CA GLN A 239 11.96 0.48 53.21
C GLN A 239 10.65 0.57 53.99
N THR A 240 10.72 0.32 55.28
CA THR A 240 9.59 0.47 56.18
C THR A 240 10.06 1.08 57.50
N LEU A 241 9.10 1.53 58.31
CA LEU A 241 9.39 2.20 59.57
C LEU A 241 8.51 1.60 60.67
N LEU A 242 9.11 1.31 61.83
CA LEU A 242 8.41 0.62 62.89
C LEU A 242 8.65 1.32 64.23
N ALA A 243 7.66 1.19 65.12
CA ALA A 243 7.72 1.78 66.46
C ALA A 243 8.21 0.72 67.43
N LEU A 244 9.40 0.95 68.01
CA LEU A 244 10.09 -0.04 68.83
C LEU A 244 9.33 -0.39 70.10
N HIS A 245 9.90 -1.32 70.85
CA HIS A 245 9.48 -1.69 72.19
C HIS A 245 10.42 -1.07 73.22
N ARG A 246 9.87 -0.20 74.06
CA ARG A 246 10.72 0.39 75.11
C ARG A 246 10.04 0.43 76.47
N SER A 247 8.71 0.38 76.49
CA SER A 247 7.98 0.45 77.75
C SER A 247 7.04 -0.74 77.91
N ALA A 264 3.89 -7.80 61.11
CA ALA A 264 3.45 -8.64 60.01
C ALA A 264 3.09 -7.80 58.80
N TYR A 265 3.81 -7.99 57.70
CA TYR A 265 3.51 -7.26 56.49
C TYR A 265 4.09 -7.98 55.27
N TYR A 266 3.50 -7.69 54.12
CA TYR A 266 3.73 -8.39 52.87
C TYR A 266 4.18 -7.41 51.80
N VAL A 267 4.82 -7.91 50.76
CA VAL A 267 5.24 -7.07 49.65
C VAL A 267 5.06 -7.81 48.33
N GLY A 268 4.08 -7.39 47.53
CA GLY A 268 3.92 -7.86 46.18
C GLY A 268 4.52 -6.89 45.18
N TYR A 269 4.58 -7.33 43.94
CA TYR A 269 5.05 -6.46 42.87
C TYR A 269 4.03 -6.50 41.74
N LEU A 270 4.08 -5.47 40.89
CA LEU A 270 3.07 -5.25 39.87
C LEU A 270 3.67 -5.47 38.50
N GLN A 271 2.89 -6.08 37.61
CA GLN A 271 3.31 -6.35 36.25
C GLN A 271 2.21 -5.90 35.31
N PRO A 272 2.53 -5.71 34.04
CA PRO A 272 1.49 -5.32 33.07
C PRO A 272 0.59 -6.50 32.72
N ARG A 273 -0.62 -6.46 33.23
CA ARG A 273 -1.65 -7.46 32.98
C ARG A 273 -2.87 -6.82 32.32
N THR A 274 -3.83 -7.67 31.97
CA THR A 274 -5.11 -7.29 31.41
C THR A 274 -6.19 -7.90 32.26
N PHE A 275 -7.09 -7.09 32.79
CA PHE A 275 -8.13 -7.55 33.68
C PHE A 275 -9.51 -7.20 33.14
N LEU A 276 -10.51 -7.88 33.70
CA LEU A 276 -11.93 -7.64 33.39
C LEU A 276 -12.62 -7.30 34.70
N LEU A 277 -12.99 -6.04 34.86
CA LEU A 277 -13.59 -5.56 36.11
C LEU A 277 -15.10 -5.49 35.98
N LYS A 278 -15.79 -5.99 37.00
CA LYS A 278 -17.25 -5.93 37.04
C LYS A 278 -17.66 -4.75 37.90
N TYR A 279 -18.44 -3.85 37.32
CA TYR A 279 -18.86 -2.65 38.02
C TYR A 279 -20.28 -2.79 38.52
N ASN A 280 -20.49 -2.39 39.76
CA ASN A 280 -21.81 -2.35 40.38
C ASN A 280 -22.66 -1.24 39.75
N GLU A 281 -23.90 -1.14 40.20
CA GLU A 281 -24.76 -0.05 39.77
C GLU A 281 -24.47 1.27 40.49
N ASN A 282 -23.86 1.23 41.67
CA ASN A 282 -23.34 2.45 42.27
C ASN A 282 -22.00 2.84 41.71
N GLY A 283 -21.35 1.96 40.97
CA GLY A 283 -20.09 2.29 40.34
C GLY A 283 -18.87 1.75 41.02
N THR A 284 -19.03 0.78 41.91
CA THR A 284 -17.89 0.18 42.58
C THR A 284 -17.53 -1.15 41.93
N ILE A 285 -16.25 -1.49 41.99
CA ILE A 285 -15.74 -2.74 41.45
C ILE A 285 -16.02 -3.83 42.47
N THR A 286 -16.83 -4.82 42.10
CA THR A 286 -17.21 -5.87 43.03
C THR A 286 -16.49 -7.19 42.74
N ASP A 287 -16.13 -7.43 41.48
CA ASP A 287 -15.42 -8.64 41.10
C ASP A 287 -14.48 -8.35 39.95
N ALA A 288 -13.57 -9.29 39.69
CA ALA A 288 -12.62 -9.13 38.60
C ALA A 288 -12.22 -10.48 38.06
N VAL A 289 -11.61 -10.46 36.89
CA VAL A 289 -11.06 -11.66 36.24
C VAL A 289 -9.67 -11.32 35.74
N ASP A 290 -8.69 -12.12 36.14
CA ASP A 290 -7.34 -12.04 35.61
C ASP A 290 -7.29 -12.93 34.38
N CYS A 291 -6.98 -12.36 33.23
CA CYS A 291 -7.24 -13.01 31.95
C CYS A 291 -6.03 -13.79 31.46
N ALA A 292 -5.11 -14.08 32.36
CA ALA A 292 -3.91 -14.80 31.97
C ALA A 292 -3.61 -15.88 33.00
N LEU A 293 -4.55 -16.12 33.89
CA LEU A 293 -4.39 -17.20 34.85
C LEU A 293 -4.47 -18.56 34.18
N ASP A 294 -5.62 -18.89 33.60
CA ASP A 294 -5.87 -20.23 33.10
C ASP A 294 -6.74 -20.15 31.84
N PRO A 295 -7.00 -21.27 31.14
CA PRO A 295 -7.84 -21.19 29.94
C PRO A 295 -9.25 -20.69 30.19
N LEU A 296 -9.87 -21.06 31.30
CA LEU A 296 -11.21 -20.56 31.60
C LEU A 296 -11.24 -19.03 31.67
N SER A 297 -10.23 -18.41 32.27
CA SER A 297 -10.21 -16.97 32.41
C SER A 297 -9.96 -16.27 31.08
N GLU A 298 -9.09 -16.84 30.26
CA GLU A 298 -8.90 -16.31 28.92
C GLU A 298 -10.16 -16.44 28.08
N THR A 299 -10.96 -17.48 28.27
CA THR A 299 -12.25 -17.57 27.59
C THR A 299 -13.21 -16.50 28.09
N LYS A 300 -13.31 -16.33 29.41
CA LYS A 300 -14.18 -15.30 29.96
C LYS A 300 -13.81 -13.93 29.43
N CYS A 301 -12.51 -13.69 29.25
CA CYS A 301 -12.06 -12.40 28.74
C CYS A 301 -12.38 -12.26 27.26
N THR A 302 -12.22 -13.34 26.48
CA THR A 302 -12.55 -13.30 25.06
C THR A 302 -14.04 -13.04 24.83
N LEU A 303 -14.92 -13.62 25.65
CA LEU A 303 -16.34 -13.41 25.53
C LEU A 303 -16.85 -12.15 26.22
N LYS A 304 -16.06 -11.56 27.11
CA LYS A 304 -16.48 -10.42 27.94
C LYS A 304 -17.69 -10.79 28.80
N SER A 305 -17.53 -11.83 29.60
CA SER A 305 -18.61 -12.27 30.47
C SER A 305 -18.04 -13.03 31.65
N PHE A 306 -18.89 -13.30 32.61
CA PHE A 306 -18.52 -14.06 33.78
C PHE A 306 -19.13 -15.46 33.77
N THR A 307 -20.04 -15.74 32.85
CA THR A 307 -20.60 -17.08 32.68
C THR A 307 -20.46 -17.46 31.21
N VAL A 308 -19.71 -18.51 30.94
CA VAL A 308 -19.60 -19.10 29.62
C VAL A 308 -20.50 -20.33 29.56
N GLU A 309 -21.31 -20.41 28.51
CA GLU A 309 -22.13 -21.59 28.25
C GLU A 309 -21.34 -22.60 27.45
N LYS A 310 -21.75 -23.87 27.55
CA LYS A 310 -21.04 -24.93 26.88
C LYS A 310 -20.81 -24.59 25.42
N GLY A 311 -19.69 -25.05 24.89
CA GLY A 311 -19.33 -24.79 23.52
C GLY A 311 -17.87 -25.06 23.33
N ILE A 312 -17.31 -24.46 22.29
CA ILE A 312 -15.88 -24.48 22.07
C ILE A 312 -15.51 -23.12 21.48
N TYR A 313 -14.50 -22.50 22.05
CA TYR A 313 -14.19 -21.11 21.80
C TYR A 313 -12.75 -20.97 21.39
N GLN A 314 -12.50 -20.19 20.35
CA GLN A 314 -11.15 -19.85 19.95
C GLN A 314 -10.68 -18.70 20.81
N THR A 315 -9.53 -18.88 21.44
CA THR A 315 -9.18 -18.02 22.55
C THR A 315 -7.89 -17.26 22.25
N SER A 316 -6.98 -17.87 21.51
CA SER A 316 -5.73 -17.19 21.18
C SER A 316 -4.96 -17.94 20.10
N ASN A 317 -3.64 -17.83 20.13
CA ASN A 317 -2.80 -18.50 19.16
C ASN A 317 -1.48 -18.97 19.73
N PHE A 318 -0.96 -20.04 19.13
CA PHE A 318 0.31 -20.64 19.55
C PHE A 318 1.38 -20.27 18.54
N ARG A 319 2.64 -20.45 18.91
CA ARG A 319 3.74 -20.12 18.01
C ARG A 319 5.08 -20.63 18.51
N VAL A 320 5.43 -21.85 18.13
CA VAL A 320 6.70 -22.43 18.55
C VAL A 320 7.82 -21.43 18.28
N GLN A 321 8.48 -20.99 19.35
CA GLN A 321 9.57 -20.03 19.22
C GLN A 321 10.84 -20.68 18.69
N PRO A 322 11.67 -19.92 17.98
CA PRO A 322 12.91 -20.46 17.42
C PRO A 322 14.12 -20.15 18.29
N THR A 323 14.91 -21.18 18.62
CA THR A 323 16.10 -20.98 19.44
C THR A 323 17.33 -20.80 18.57
N GLU A 324 18.31 -20.05 19.07
CA GLU A 324 19.55 -19.79 18.34
C GLU A 324 19.28 -19.13 16.99
N SER A 325 20.22 -19.33 16.06
CA SER A 325 20.11 -18.75 14.72
C SER A 325 21.43 -18.89 13.98
N ILE A 326 21.51 -19.88 13.09
CA ILE A 326 22.72 -20.12 12.33
C ILE A 326 22.91 -19.11 11.20
N VAL A 327 24.14 -19.01 10.72
CA VAL A 327 24.49 -18.10 9.64
C VAL A 327 25.80 -18.57 9.02
N ARG A 328 25.71 -19.26 7.89
CA ARG A 328 26.89 -19.78 7.22
C ARG A 328 26.94 -19.39 5.74
N PHE A 329 28.02 -18.73 5.35
CA PHE A 329 28.22 -18.31 3.97
C PHE A 329 29.14 -19.31 3.26
N PRO A 330 29.85 -18.86 2.24
CA PRO A 330 30.76 -19.73 1.48
C PRO A 330 32.21 -19.58 1.94
N ASN A 331 33.08 -20.50 1.55
CA ASN A 331 34.48 -20.44 1.94
C ASN A 331 35.13 -19.14 1.46
N ILE A 332 36.41 -19.21 1.16
CA ILE A 332 37.15 -18.03 0.70
C ILE A 332 37.88 -18.32 -0.62
N THR A 333 37.54 -17.56 -1.65
CA THR A 333 38.15 -17.73 -2.96
C THR A 333 39.39 -16.85 -3.11
N ASN A 334 39.18 -15.59 -3.46
CA ASN A 334 40.27 -14.65 -3.64
C ASN A 334 41.03 -14.40 -2.34
N LEU A 335 42.02 -15.24 -2.06
CA LEU A 335 42.82 -15.11 -0.85
C LEU A 335 43.23 -13.66 -0.62
N CYS A 336 43.02 -12.82 -1.62
CA CYS A 336 43.37 -11.41 -1.52
C CYS A 336 44.83 -11.13 -1.29
N PRO A 337 45.63 -11.14 -2.32
CA PRO A 337 47.06 -11.42 -2.20
C PRO A 337 47.88 -10.34 -1.52
N PHE A 338 47.89 -10.38 -0.19
CA PHE A 338 48.91 -9.69 0.57
C PHE A 338 50.28 -10.32 0.38
N GLY A 339 50.34 -11.57 -0.05
CA GLY A 339 51.57 -12.32 -0.10
C GLY A 339 52.60 -11.87 -1.11
N GLU A 340 52.33 -10.82 -1.87
CA GLU A 340 53.36 -10.19 -2.67
C GLU A 340 53.54 -8.72 -2.37
N VAL A 341 52.69 -8.13 -1.53
CA VAL A 341 52.97 -6.77 -1.08
C VAL A 341 53.78 -6.80 0.21
N PHE A 342 53.79 -7.92 0.92
CA PHE A 342 54.64 -8.05 2.09
C PHE A 342 55.85 -8.92 1.84
N ASN A 343 55.88 -9.66 0.75
CA ASN A 343 56.96 -10.61 0.51
C ASN A 343 57.62 -10.33 -0.83
N ALA A 344 57.53 -9.11 -1.31
CA ALA A 344 58.15 -8.76 -2.57
C ALA A 344 59.66 -8.80 -2.44
N THR A 345 60.33 -9.11 -3.54
CA THR A 345 61.77 -9.27 -3.51
C THR A 345 62.50 -7.95 -3.32
N ARG A 346 61.89 -6.84 -3.70
CA ARG A 346 62.58 -5.56 -3.69
C ARG A 346 61.53 -4.47 -3.60
N PHE A 347 61.50 -3.76 -2.48
CA PHE A 347 60.48 -2.73 -2.28
C PHE A 347 60.86 -1.46 -3.02
N ALA A 348 60.10 -0.41 -2.78
CA ALA A 348 60.35 0.88 -3.40
C ALA A 348 61.14 1.77 -2.46
N SER A 349 61.77 2.78 -3.03
CA SER A 349 62.34 3.82 -2.20
C SER A 349 61.22 4.71 -1.69
N VAL A 350 61.56 5.62 -0.77
CA VAL A 350 60.47 6.33 -0.11
C VAL A 350 59.96 7.49 -0.95
N TYR A 351 60.83 8.18 -1.67
CA TYR A 351 60.42 9.40 -2.36
C TYR A 351 59.56 9.11 -3.58
N ALA A 352 59.66 7.92 -4.14
CA ALA A 352 58.74 7.45 -5.16
C ALA A 352 58.12 6.17 -4.61
N TRP A 353 57.19 6.33 -3.68
CA TRP A 353 56.71 5.21 -2.92
C TRP A 353 55.67 4.45 -3.70
N ASN A 354 55.63 3.15 -3.48
CA ASN A 354 54.71 2.34 -4.25
C ASN A 354 53.30 2.53 -3.74
N ARG A 355 52.31 2.21 -4.57
CA ARG A 355 50.92 2.34 -4.16
C ARG A 355 50.09 1.30 -4.89
N LYS A 356 49.70 0.24 -4.20
CA LYS A 356 48.83 -0.77 -4.76
C LYS A 356 47.39 -0.46 -4.36
N ARG A 357 46.45 -0.83 -5.21
CA ARG A 357 45.03 -0.73 -4.89
C ARG A 357 44.45 -2.13 -4.96
N ILE A 358 43.82 -2.55 -3.90
CA ILE A 358 43.24 -3.88 -3.85
C ILE A 358 41.77 -3.79 -4.25
N SER A 359 41.27 -4.84 -4.88
CA SER A 359 39.86 -4.93 -5.25
C SER A 359 39.26 -6.19 -4.66
N ASN A 360 38.08 -6.57 -5.16
CA ASN A 360 37.22 -7.62 -4.63
C ASN A 360 37.94 -8.91 -4.32
N CYS A 361 37.96 -9.26 -3.03
CA CYS A 361 38.81 -10.31 -2.51
C CYS A 361 38.31 -10.67 -1.12
N VAL A 362 38.95 -11.65 -0.50
CA VAL A 362 38.65 -12.05 0.86
C VAL A 362 39.92 -11.84 1.66
N ALA A 363 40.00 -10.72 2.38
CA ALA A 363 41.19 -10.34 3.12
C ALA A 363 40.98 -10.60 4.60
N ASP A 364 41.77 -11.52 5.15
CA ASP A 364 41.71 -11.87 6.56
C ASP A 364 42.80 -11.07 7.26
N TYR A 365 42.39 -10.11 8.07
CA TYR A 365 43.36 -9.23 8.71
C TYR A 365 44.04 -9.87 9.90
N SER A 366 43.37 -10.80 10.58
CA SER A 366 43.99 -11.45 11.73
C SER A 366 45.12 -12.37 11.30
N VAL A 367 45.00 -12.98 10.12
CA VAL A 367 46.07 -13.82 9.61
C VAL A 367 47.26 -12.98 9.20
N LEU A 368 47.00 -11.78 8.68
CA LEU A 368 48.07 -10.82 8.45
C LEU A 368 48.70 -10.37 9.75
N TYR A 369 47.92 -10.33 10.83
CA TYR A 369 48.41 -9.77 12.08
C TYR A 369 49.48 -10.65 12.72
N ASN A 370 49.35 -11.96 12.60
CA ASN A 370 50.32 -12.86 13.21
C ASN A 370 51.16 -13.58 12.18
N SER A 371 51.69 -12.87 11.19
CA SER A 371 52.78 -13.40 10.37
C SER A 371 54.11 -13.39 11.10
N ALA A 372 54.18 -12.78 12.30
CA ALA A 372 55.13 -13.09 13.36
C ALA A 372 56.55 -12.62 13.05
N SER A 373 56.69 -11.44 12.51
CA SER A 373 58.01 -10.87 12.39
C SER A 373 58.04 -9.36 12.58
N PHE A 374 56.92 -8.73 12.88
CA PHE A 374 56.81 -7.29 12.73
C PHE A 374 57.46 -6.55 13.86
N SER A 375 57.55 -5.24 13.72
CA SER A 375 58.13 -4.40 14.73
C SER A 375 57.30 -3.15 15.00
N THR A 376 56.21 -2.96 14.27
CA THR A 376 55.23 -1.91 14.53
C THR A 376 53.96 -2.31 13.82
N PHE A 377 52.87 -2.42 14.56
CA PHE A 377 51.58 -2.75 13.98
C PHE A 377 50.58 -1.86 14.70
N LYS A 378 50.36 -0.67 14.18
CA LYS A 378 49.64 0.35 14.92
C LYS A 378 48.58 0.94 14.02
N CYS A 379 47.32 0.85 14.44
CA CYS A 379 46.26 1.59 13.76
C CYS A 379 45.43 2.45 14.66
N TYR A 380 44.89 3.48 14.04
CA TYR A 380 44.24 4.59 14.69
C TYR A 380 42.75 4.59 14.52
N GLY A 381 42.25 4.32 13.32
CA GLY A 381 40.82 4.36 13.12
C GLY A 381 40.08 3.19 13.72
N VAL A 382 40.75 2.07 13.94
CA VAL A 382 40.06 0.82 14.19
C VAL A 382 41.05 -0.18 14.75
N SER A 383 40.56 -1.03 15.64
CA SER A 383 41.33 -2.17 16.07
C SER A 383 41.45 -3.19 14.94
N PRO A 384 42.57 -3.90 14.85
CA PRO A 384 42.76 -4.82 13.71
C PRO A 384 41.87 -6.04 13.77
N THR A 385 41.53 -6.53 14.94
CA THR A 385 40.72 -7.74 15.00
C THR A 385 39.27 -7.49 14.65
N LYS A 386 38.79 -6.27 14.83
CA LYS A 386 37.42 -5.97 14.43
C LYS A 386 37.36 -5.44 13.01
N LEU A 387 38.43 -5.58 12.25
CA LEU A 387 38.39 -5.36 10.81
C LEU A 387 38.03 -6.63 10.07
N ASN A 388 37.96 -7.75 10.78
CA ASN A 388 37.61 -9.03 10.18
C ASN A 388 36.12 -9.19 9.97
N ASP A 389 35.33 -8.15 10.23
CA ASP A 389 33.91 -8.22 9.95
C ASP A 389 33.36 -6.92 9.40
N LEU A 390 34.17 -6.13 8.72
CA LEU A 390 33.69 -4.97 7.99
C LEU A 390 33.83 -5.23 6.50
N CYS A 391 33.55 -4.20 5.71
CA CYS A 391 33.67 -4.29 4.26
C CYS A 391 33.86 -2.89 3.70
N PHE A 392 34.62 -2.80 2.63
CA PHE A 392 35.00 -1.50 2.09
C PHE A 392 34.76 -1.45 0.60
N THR A 393 35.13 -0.31 0.01
CA THR A 393 35.06 -0.10 -1.42
C THR A 393 36.42 -0.16 -2.08
N ASN A 394 37.46 0.33 -1.41
CA ASN A 394 38.80 0.31 -1.98
C ASN A 394 39.82 0.40 -0.85
N VAL A 395 40.90 -0.34 -1.02
CA VAL A 395 41.98 -0.42 -0.05
C VAL A 395 43.25 0.00 -0.76
N TYR A 396 43.92 1.01 -0.23
CA TYR A 396 45.21 1.40 -0.75
C TYR A 396 46.29 0.90 0.18
N ALA A 397 47.33 0.32 -0.40
CA ALA A 397 48.46 -0.17 0.39
C ALA A 397 49.71 0.47 -0.20
N ASP A 398 50.30 1.41 0.54
CA ASP A 398 51.55 2.01 0.12
C ASP A 398 52.70 1.24 0.75
N SER A 399 53.84 1.25 0.08
CA SER A 399 54.98 0.54 0.63
C SER A 399 56.26 1.24 0.24
N PHE A 400 57.21 1.24 1.17
CA PHE A 400 58.55 1.79 0.93
C PHE A 400 59.51 1.29 2.00
N VAL A 401 60.67 1.94 2.09
CA VAL A 401 61.78 1.51 2.94
C VAL A 401 62.43 2.75 3.56
N ILE A 402 62.54 2.77 4.88
CA ILE A 402 63.16 3.91 5.57
C ILE A 402 64.11 3.43 6.66
N ARG A 403 64.62 4.36 7.45
CA ARG A 403 65.59 4.07 8.52
C ARG A 403 64.90 3.41 9.70
N GLY A 404 65.59 3.40 10.83
CA GLY A 404 65.00 2.89 12.05
C GLY A 404 64.40 3.98 12.89
N ASP A 405 65.11 5.10 12.99
CA ASP A 405 64.68 6.23 13.81
C ASP A 405 63.65 7.14 13.17
N GLU A 406 63.17 6.77 11.98
CA GLU A 406 62.18 7.59 11.30
C GLU A 406 60.82 6.92 11.27
N VAL A 407 60.66 5.80 11.96
CA VAL A 407 59.35 5.17 12.02
C VAL A 407 58.41 5.97 12.90
N ARG A 408 58.96 6.84 13.76
CA ARG A 408 58.09 7.71 14.52
C ARG A 408 57.53 8.84 13.69
N GLN A 409 58.01 9.05 12.47
CA GLN A 409 57.45 10.09 11.63
C GLN A 409 56.28 9.61 10.80
N ILE A 410 56.07 8.31 10.69
CA ILE A 410 54.92 7.79 9.96
C ILE A 410 53.81 7.64 10.99
N ALA A 411 53.16 8.76 11.26
CA ALA A 411 52.12 8.88 12.27
C ALA A 411 51.35 10.15 11.98
N PRO A 412 50.07 10.24 12.35
CA PRO A 412 49.31 11.45 12.06
C PRO A 412 49.83 12.64 12.87
N GLY A 413 50.11 13.72 12.17
CA GLY A 413 50.60 14.93 12.80
C GLY A 413 52.02 14.81 13.32
N GLN A 414 53.00 14.75 12.43
CA GLN A 414 54.40 14.68 12.83
C GLN A 414 55.18 15.78 12.14
N THR A 415 56.47 15.81 12.43
CA THR A 415 57.42 16.71 11.78
C THR A 415 58.67 15.92 11.43
N GLY A 416 59.56 16.56 10.69
CA GLY A 416 60.75 15.90 10.23
C GLY A 416 60.69 15.59 8.75
N LYS A 417 61.87 15.47 8.15
CA LYS A 417 62.01 15.19 6.73
C LYS A 417 60.91 14.28 6.18
N ILE A 418 61.10 12.98 6.35
CA ILE A 418 60.16 11.97 5.88
C ILE A 418 58.70 12.39 5.95
N ALA A 419 58.10 12.25 7.12
CA ALA A 419 56.70 12.61 7.33
C ALA A 419 56.45 14.07 6.96
N ASP A 420 57.17 14.56 5.97
CA ASP A 420 57.01 15.94 5.52
C ASP A 420 57.59 16.13 4.13
N TYR A 421 58.25 15.09 3.62
CA TYR A 421 58.83 15.18 2.29
C TYR A 421 58.47 14.00 1.40
N ASN A 422 58.75 12.78 1.84
CA ASN A 422 58.42 11.63 1.00
C ASN A 422 57.12 10.93 1.41
N TYR A 423 56.35 11.56 2.29
CA TYR A 423 55.09 10.96 2.73
C TYR A 423 54.44 11.79 3.83
N LYS A 424 53.13 11.98 3.74
CA LYS A 424 52.43 12.75 4.75
C LYS A 424 51.06 12.14 5.04
N LEU A 425 50.79 11.92 6.28
CA LEU A 425 49.49 11.36 6.61
C LEU A 425 48.53 12.46 7.05
N PRO A 426 47.24 12.32 6.73
CA PRO A 426 46.27 13.27 7.25
C PRO A 426 45.98 13.02 8.71
N ASP A 427 45.40 14.03 9.35
CA ASP A 427 45.19 13.99 10.78
C ASP A 427 44.03 13.12 11.20
N ASP A 428 43.19 12.69 10.26
CA ASP A 428 42.04 11.85 10.61
C ASP A 428 42.22 10.48 9.98
N PHE A 429 43.42 9.93 10.09
CA PHE A 429 43.79 8.67 9.49
C PHE A 429 42.97 7.52 10.05
N THR A 430 42.90 6.43 9.29
CA THR A 430 42.15 5.27 9.75
C THR A 430 42.82 3.92 9.54
N GLY A 431 43.84 3.79 8.71
CA GLY A 431 44.41 2.50 8.43
C GLY A 431 45.47 2.11 9.42
N CYS A 432 46.14 0.99 9.14
CA CYS A 432 47.22 0.52 9.99
C CYS A 432 48.57 0.76 9.34
N VAL A 433 49.50 1.23 10.15
CA VAL A 433 50.89 1.39 9.78
C VAL A 433 51.60 0.13 10.26
N ILE A 434 52.27 -0.56 9.35
CA ILE A 434 53.01 -1.77 9.65
C ILE A 434 54.45 -1.55 9.26
N ALA A 435 55.37 -2.00 10.11
CA ALA A 435 56.77 -1.83 9.80
C ALA A 435 57.58 -2.94 10.44
N TRP A 436 58.59 -3.41 9.73
CA TRP A 436 59.42 -4.45 10.30
C TRP A 436 60.84 -4.30 9.80
N ASN A 437 61.74 -5.09 10.38
CA ASN A 437 63.16 -4.97 10.08
C ASN A 437 63.55 -5.93 8.99
N SER A 438 64.39 -5.45 8.09
CA SER A 438 64.85 -6.25 6.97
C SER A 438 66.33 -5.97 6.74
N ASN A 439 67.09 -5.94 7.83
CA ASN A 439 68.51 -5.64 7.74
C ASN A 439 69.27 -6.75 7.05
N ASN A 440 68.84 -7.98 7.24
CA ASN A 440 69.52 -9.13 6.64
C ASN A 440 69.23 -9.27 5.16
N LEU A 441 68.33 -8.48 4.60
CA LEU A 441 67.95 -8.66 3.21
C LEU A 441 68.19 -7.44 2.34
N ASP A 442 68.04 -6.24 2.86
CA ASP A 442 68.24 -5.05 2.04
C ASP A 442 69.60 -4.42 2.25
N SER A 443 70.33 -4.80 3.28
CA SER A 443 71.65 -4.26 3.51
C SER A 443 72.70 -5.30 3.14
N LYS A 444 73.87 -4.82 2.77
CA LYS A 444 74.93 -5.69 2.29
C LYS A 444 76.28 -5.08 2.65
N VAL A 445 77.29 -5.95 2.73
CA VAL A 445 78.64 -5.51 3.07
C VAL A 445 79.19 -4.64 1.96
N GLY A 446 79.72 -3.49 2.33
CA GLY A 446 80.01 -2.43 1.40
C GLY A 446 78.90 -1.40 1.31
N GLY A 447 77.66 -1.79 1.57
CA GLY A 447 76.59 -0.83 1.65
C GLY A 447 75.71 -0.78 0.41
N ASN A 448 74.42 -1.07 0.60
CA ASN A 448 73.43 -0.89 -0.45
C ASN A 448 73.03 0.58 -0.45
N TYR A 449 73.28 1.26 -1.57
CA TYR A 449 73.01 2.68 -1.70
C TYR A 449 71.85 2.96 -2.63
N ASN A 450 71.00 1.98 -2.87
CA ASN A 450 69.98 2.12 -3.89
C ASN A 450 68.70 2.75 -3.39
N TYR A 451 68.61 3.10 -2.11
CA TYR A 451 67.40 3.68 -1.55
C TYR A 451 67.62 5.18 -1.42
N LEU A 452 66.80 5.95 -2.11
CA LEU A 452 66.92 7.39 -2.16
C LEU A 452 65.83 8.02 -1.31
N TYR A 453 66.15 9.13 -0.67
CA TYR A 453 65.17 9.87 0.09
C TYR A 453 65.36 11.35 -0.17
N ARG A 454 64.26 12.08 -0.16
CA ARG A 454 64.29 13.49 -0.50
C ARG A 454 64.51 14.31 0.76
N LEU A 455 65.23 15.42 0.62
CA LEU A 455 65.49 16.28 1.75
C LEU A 455 65.29 17.76 1.47
N PHE A 456 65.12 18.15 0.22
CA PHE A 456 65.01 19.57 -0.12
C PHE A 456 63.72 19.81 -0.87
N ARG A 457 62.88 20.69 -0.35
CA ARG A 457 61.66 21.04 -1.07
C ARG A 457 61.30 22.47 -0.74
N LYS A 458 60.67 23.13 -1.69
CA LYS A 458 60.29 24.53 -1.53
C LYS A 458 59.03 24.70 -0.70
N SER A 459 58.30 23.62 -0.46
CA SER A 459 57.09 23.69 0.35
C SER A 459 56.85 22.33 0.95
N ASN A 460 55.85 22.24 1.80
CA ASN A 460 55.52 20.96 2.39
C ASN A 460 54.59 20.19 1.45
N LEU A 461 54.01 19.12 1.97
CA LEU A 461 53.16 18.28 1.15
C LEU A 461 51.74 18.14 1.70
N LYS A 462 50.83 17.83 0.81
CA LYS A 462 49.48 17.45 1.18
C LYS A 462 49.51 16.04 1.78
N PRO A 463 48.44 15.63 2.44
CA PRO A 463 48.26 14.21 2.74
C PRO A 463 48.19 13.40 1.47
N PHE A 464 48.95 12.30 1.45
CA PHE A 464 49.04 11.35 0.35
C PHE A 464 49.52 11.98 -0.95
N GLU A 465 50.28 13.05 -0.87
CA GLU A 465 50.86 13.58 -2.08
C GLU A 465 52.06 12.74 -2.48
N ARG A 466 52.51 12.92 -3.71
CA ARG A 466 53.61 12.13 -4.24
C ARG A 466 54.43 12.97 -5.21
N ASP A 467 55.73 13.01 -5.00
CA ASP A 467 56.61 13.86 -5.81
C ASP A 467 57.78 13.03 -6.28
N ILE A 468 57.83 12.76 -7.57
CA ILE A 468 58.84 11.91 -8.16
C ILE A 468 59.79 12.69 -9.03
N SER A 469 59.72 14.01 -9.00
CA SER A 469 60.59 14.81 -9.83
C SER A 469 62.00 14.84 -9.27
N THR A 470 62.93 15.33 -10.09
CA THR A 470 64.34 15.34 -9.71
C THR A 470 64.96 16.67 -10.11
N GLU A 471 64.22 17.76 -9.98
CA GLU A 471 64.71 19.06 -10.37
C GLU A 471 65.72 19.55 -9.36
N ILE A 472 66.71 20.31 -9.83
CA ILE A 472 67.79 20.79 -8.97
C ILE A 472 67.25 21.94 -8.12
N TYR A 473 67.12 21.70 -6.82
CA TYR A 473 66.56 22.69 -5.91
C TYR A 473 67.51 23.84 -5.71
N GLN A 474 66.97 25.05 -5.69
CA GLN A 474 67.74 26.25 -5.41
C GLN A 474 67.40 26.72 -4.01
N ALA A 475 68.42 26.88 -3.17
CA ALA A 475 68.18 27.30 -1.79
C ALA A 475 68.17 28.81 -1.68
N GLY A 476 69.24 29.46 -2.13
CA GLY A 476 69.38 30.89 -1.98
C GLY A 476 68.55 31.66 -2.98
N SER A 477 68.88 32.95 -3.08
CA SER A 477 68.15 33.83 -3.97
C SER A 477 68.59 33.66 -5.42
N THR A 478 69.72 33.02 -5.65
CA THR A 478 70.30 33.00 -6.99
C THR A 478 69.85 31.75 -7.73
N PRO A 479 69.16 31.89 -8.87
CA PRO A 479 68.87 30.71 -9.69
C PRO A 479 70.14 30.30 -10.42
N CYS A 480 70.52 29.04 -10.24
CA CYS A 480 71.81 28.58 -10.72
C CYS A 480 71.75 27.78 -12.02
N ASN A 481 70.56 27.31 -12.41
CA ASN A 481 70.25 26.76 -13.73
C ASN A 481 71.11 25.54 -14.06
N GLY A 482 70.80 24.46 -13.35
CA GLY A 482 71.29 23.15 -13.74
C GLY A 482 72.72 22.85 -13.37
N VAL A 483 73.38 23.69 -12.60
CA VAL A 483 74.73 23.42 -12.11
C VAL A 483 74.76 23.70 -10.63
N GLU A 484 75.05 22.69 -9.83
CA GLU A 484 75.03 22.83 -8.38
C GLU A 484 76.24 23.63 -7.89
N GLY A 485 76.27 23.84 -6.59
CA GLY A 485 77.31 24.60 -5.97
C GLY A 485 76.79 25.21 -4.68
N PHE A 486 77.08 26.50 -4.50
CA PHE A 486 76.64 27.20 -3.31
C PHE A 486 75.16 27.52 -3.41
N ASN A 487 74.41 27.07 -2.39
CA ASN A 487 73.00 27.39 -2.19
C ASN A 487 72.10 26.91 -3.32
N CYS A 488 72.55 25.86 -4.02
CA CYS A 488 71.63 25.04 -4.80
C CYS A 488 72.19 23.63 -4.81
N TYR A 489 71.35 22.66 -4.47
CA TYR A 489 71.80 21.30 -4.25
C TYR A 489 70.86 20.35 -4.95
N PHE A 490 71.36 19.13 -5.11
CA PHE A 490 70.52 18.03 -5.55
C PHE A 490 69.49 17.73 -4.48
N PRO A 491 68.28 17.31 -4.86
CA PRO A 491 67.22 17.15 -3.88
C PRO A 491 67.18 15.79 -3.20
N LEU A 492 67.99 14.83 -3.60
CA LEU A 492 67.87 13.48 -3.08
C LEU A 492 69.20 13.02 -2.52
N GLN A 493 69.16 12.39 -1.35
CA GLN A 493 70.32 11.71 -0.81
C GLN A 493 70.03 10.22 -0.73
N SER A 494 71.06 9.46 -0.40
CA SER A 494 70.95 8.01 -0.37
C SER A 494 71.30 7.52 1.03
N TYR A 495 70.53 6.57 1.50
CA TYR A 495 70.89 5.90 2.74
C TYR A 495 72.07 4.99 2.47
N GLY A 496 73.04 4.98 3.37
CA GLY A 496 74.07 3.98 3.29
C GLY A 496 73.77 2.83 4.24
N PHE A 497 73.16 1.77 3.73
CA PHE A 497 72.73 0.67 4.60
C PHE A 497 73.87 -0.32 4.71
N GLN A 498 74.61 -0.25 5.82
CA GLN A 498 75.71 -1.11 6.16
C GLN A 498 75.25 -2.11 7.21
N PRO A 499 75.60 -3.39 7.09
CA PRO A 499 75.13 -4.36 8.07
C PRO A 499 75.79 -4.23 9.43
N THR A 500 76.90 -3.52 9.51
CA THR A 500 77.52 -3.23 10.79
C THR A 500 77.04 -1.89 11.33
N ASN A 501 75.73 -1.69 11.31
CA ASN A 501 75.13 -0.48 11.85
C ASN A 501 74.25 -0.84 13.03
N GLY A 502 74.16 0.07 13.96
CA GLY A 502 73.20 -0.09 15.00
C GLY A 502 71.82 0.26 14.51
N VAL A 503 70.82 -0.20 15.24
CA VAL A 503 69.44 0.11 14.90
C VAL A 503 69.21 1.59 15.11
N GLY A 504 68.63 2.24 14.13
CA GLY A 504 68.68 3.68 14.02
C GLY A 504 69.31 4.13 12.73
N TYR A 505 69.94 3.21 12.02
CA TYR A 505 70.27 3.40 10.63
C TYR A 505 70.03 2.13 9.84
N GLN A 506 69.29 1.27 10.33
CA GLN A 506 69.07 0.00 9.68
C GLN A 506 67.79 0.03 8.84
N PRO A 507 67.71 -0.75 7.77
CA PRO A 507 66.55 -0.66 6.88
C PRO A 507 65.31 -1.34 7.45
N TYR A 508 64.25 -0.54 7.56
CA TYR A 508 62.93 -0.98 7.96
C TYR A 508 61.98 -0.83 6.79
N ARG A 509 61.20 -1.87 6.53
CA ARG A 509 60.23 -1.86 5.45
C ARG A 509 58.87 -1.50 6.01
N VAL A 510 58.15 -0.62 5.32
CA VAL A 510 56.96 0.03 5.83
C VAL A 510 55.82 -0.18 4.85
N VAL A 511 54.69 -0.67 5.37
CA VAL A 511 53.47 -0.86 4.60
C VAL A 511 52.36 -0.11 5.31
N VAL A 512 51.70 0.79 4.59
CA VAL A 512 50.64 1.61 5.17
C VAL A 512 49.34 1.25 4.48
N LEU A 513 48.34 0.87 5.26
CA LEU A 513 47.03 0.63 4.68
C LEU A 513 46.14 1.84 4.86
N SER A 514 45.15 1.95 3.98
CA SER A 514 44.12 2.97 4.13
C SER A 514 42.88 2.44 3.43
N PHE A 515 41.72 2.75 3.95
CA PHE A 515 40.47 2.25 3.41
C PHE A 515 39.56 3.39 3.03
N GLU A 516 38.66 3.13 2.09
CA GLU A 516 37.69 4.17 1.74
C GLU A 516 36.35 3.54 1.43
N LEU A 517 35.30 4.30 1.72
CA LEU A 517 33.90 3.88 1.53
C LEU A 517 33.19 5.01 0.80
N LEU A 518 33.41 5.10 -0.51
CA LEU A 518 32.82 6.15 -1.32
C LEU A 518 31.37 5.84 -1.66
N HIS A 519 31.17 5.15 -2.76
CA HIS A 519 29.83 4.79 -3.19
C HIS A 519 29.73 3.40 -3.83
N ALA A 520 30.82 2.65 -3.89
CA ALA A 520 30.93 1.49 -4.75
C ALA A 520 30.03 0.36 -4.25
N PRO A 521 29.59 -0.54 -5.15
CA PRO A 521 28.67 -1.62 -4.73
C PRO A 521 29.25 -2.58 -3.70
N ALA A 522 30.35 -3.27 -4.04
CA ALA A 522 30.88 -4.29 -3.15
C ALA A 522 32.34 -4.55 -3.49
N THR A 523 33.15 -4.68 -2.47
CA THR A 523 34.57 -4.96 -2.64
C THR A 523 34.95 -5.84 -1.46
N VAL A 524 36.22 -5.83 -1.09
CA VAL A 524 36.81 -6.59 0.01
C VAL A 524 36.05 -6.46 1.33
N CYS A 525 35.58 -7.59 1.83
CA CYS A 525 34.98 -7.70 3.14
C CYS A 525 35.79 -8.70 3.95
N GLY A 526 35.28 -9.02 5.14
CA GLY A 526 35.95 -9.97 6.02
C GLY A 526 35.38 -11.36 5.91
N PRO A 527 35.69 -12.23 6.87
CA PRO A 527 35.19 -13.60 6.85
C PRO A 527 33.92 -13.75 7.70
N LYS A 528 32.77 -13.33 7.16
CA LYS A 528 31.52 -13.46 7.90
C LYS A 528 31.45 -14.79 8.64
N LYS A 529 31.63 -14.75 9.96
CA LYS A 529 31.59 -15.95 10.78
C LYS A 529 30.39 -16.82 10.40
N SER A 530 30.67 -17.95 9.76
CA SER A 530 29.62 -18.87 9.35
C SER A 530 29.44 -20.00 10.37
N THR A 531 28.52 -19.78 11.32
CA THR A 531 28.25 -20.77 12.35
C THR A 531 27.85 -22.11 11.75
N ASN A 532 27.63 -23.10 12.60
CA ASN A 532 27.26 -24.44 12.16
C ASN A 532 25.76 -24.53 11.85
N LEU A 533 25.42 -25.29 10.81
CA LEU A 533 24.03 -25.46 10.41
C LEU A 533 23.36 -26.57 11.22
N VAL A 534 22.31 -26.22 11.94
CA VAL A 534 21.58 -27.18 12.75
C VAL A 534 20.35 -27.63 11.98
N LYS A 535 19.71 -28.70 12.42
CA LYS A 535 18.55 -29.20 11.71
C LYS A 535 17.48 -29.61 12.71
N ASN A 536 16.25 -29.70 12.23
CA ASN A 536 15.10 -30.19 12.97
C ASN A 536 14.76 -29.33 14.17
N LYS A 537 15.05 -28.03 14.12
CA LYS A 537 14.69 -27.11 15.19
C LYS A 537 14.30 -25.78 14.56
N CYS A 538 13.22 -25.19 15.07
CA CYS A 538 12.84 -23.86 14.58
C CYS A 538 13.98 -22.91 14.88
N VAL A 539 14.55 -22.35 13.83
CA VAL A 539 15.81 -21.62 13.91
C VAL A 539 15.66 -20.33 13.11
N ASN A 540 16.57 -19.41 13.37
CA ASN A 540 16.64 -18.14 12.65
C ASN A 540 17.89 -18.20 11.80
N PHE A 541 17.71 -18.25 10.48
CA PHE A 541 18.82 -18.56 9.59
C PHE A 541 19.10 -17.44 8.60
N ASN A 542 20.33 -17.44 8.11
CA ASN A 542 20.77 -16.54 7.04
C ASN A 542 21.71 -17.34 6.14
N PHE A 543 21.31 -17.52 4.89
CA PHE A 543 22.07 -18.24 3.88
C PHE A 543 22.53 -17.23 2.83
N ASN A 544 23.75 -16.73 3.01
CA ASN A 544 24.40 -15.71 2.18
C ASN A 544 23.42 -14.69 1.62
N GLY A 545 22.57 -14.14 2.47
CA GLY A 545 21.64 -13.13 2.04
C GLY A 545 20.20 -13.48 2.33
N LEU A 546 19.83 -14.75 2.15
CA LEU A 546 18.48 -15.22 2.44
C LEU A 546 18.27 -15.22 3.95
N THR A 547 17.42 -14.34 4.44
CA THR A 547 17.11 -14.27 5.86
C THR A 547 15.75 -14.91 6.08
N GLY A 548 15.67 -15.84 7.04
CA GLY A 548 14.39 -16.45 7.33
C GLY A 548 14.29 -17.16 8.67
N THR A 549 13.18 -17.84 8.89
CA THR A 549 12.95 -18.60 10.11
C THR A 549 12.28 -19.91 9.75
N GLY A 550 12.62 -20.96 10.49
CA GLY A 550 11.93 -22.22 10.28
C GLY A 550 12.81 -23.40 10.65
N VAL A 551 12.25 -24.57 10.44
CA VAL A 551 12.92 -25.85 10.60
C VAL A 551 13.60 -26.19 9.29
N LEU A 552 14.84 -26.67 9.39
CA LEU A 552 15.65 -27.08 8.24
C LEU A 552 15.69 -28.60 8.22
N THR A 553 15.55 -29.18 7.04
CA THR A 553 15.51 -30.63 6.92
C THR A 553 16.25 -31.10 5.68
N GLU A 554 16.84 -32.29 5.75
CA GLU A 554 17.53 -32.86 4.60
C GLU A 554 16.55 -33.07 3.46
N SER A 555 16.96 -32.69 2.26
CA SER A 555 16.09 -32.74 1.11
C SER A 555 16.34 -33.99 0.27
N ASN A 556 15.50 -34.14 -0.76
CA ASN A 556 15.75 -35.15 -1.78
C ASN A 556 15.42 -34.61 -3.16
N LYS A 557 15.34 -33.29 -3.33
CA LYS A 557 15.25 -32.66 -4.63
C LYS A 557 16.65 -32.40 -5.18
N LYS A 558 16.70 -32.08 -6.47
CA LYS A 558 17.96 -31.88 -7.17
C LYS A 558 17.90 -30.61 -7.98
N PHE A 559 18.54 -29.56 -7.49
CA PHE A 559 18.64 -28.30 -8.21
C PHE A 559 19.46 -28.47 -9.48
N LEU A 560 19.50 -27.45 -10.31
CA LEU A 560 20.54 -27.45 -11.33
C LEU A 560 21.78 -26.78 -10.79
N PRO A 561 22.97 -27.16 -11.23
CA PRO A 561 24.16 -26.75 -10.50
C PRO A 561 24.54 -25.30 -10.70
N PHE A 562 23.55 -24.44 -10.73
CA PHE A 562 23.76 -23.01 -10.59
C PHE A 562 22.65 -22.35 -9.80
N GLN A 563 21.67 -23.12 -9.31
CA GLN A 563 20.51 -22.58 -8.61
C GLN A 563 20.76 -22.66 -7.11
N GLN A 564 20.46 -21.57 -6.42
CA GLN A 564 20.72 -21.44 -4.99
C GLN A 564 19.55 -21.89 -4.13
N PHE A 565 18.37 -21.33 -4.34
CA PHE A 565 17.22 -21.66 -3.53
C PHE A 565 16.01 -21.91 -4.43
N GLY A 566 15.04 -22.63 -3.89
CA GLY A 566 13.82 -22.96 -4.58
C GLY A 566 12.63 -22.24 -3.99
N ARG A 567 11.65 -22.01 -4.86
CA ARG A 567 10.45 -21.28 -4.47
C ARG A 567 9.23 -22.12 -4.77
N ASP A 568 8.14 -21.81 -4.08
CA ASP A 568 6.86 -22.46 -4.28
C ASP A 568 5.99 -21.66 -5.23
N ILE A 569 4.84 -22.21 -5.57
CA ILE A 569 3.78 -21.45 -6.20
C ILE A 569 3.22 -20.56 -5.10
N ALA A 570 2.93 -19.30 -5.45
CA ALA A 570 2.65 -18.21 -4.52
C ALA A 570 3.96 -17.64 -3.96
N ASP A 571 5.08 -18.11 -4.48
CA ASP A 571 6.37 -17.43 -4.33
C ASP A 571 6.87 -17.31 -2.89
N THR A 572 7.09 -18.43 -2.21
CA THR A 572 7.76 -18.41 -0.91
C THR A 572 8.94 -19.36 -0.95
N THR A 573 10.07 -18.92 -0.38
CA THR A 573 11.27 -19.75 -0.34
C THR A 573 11.00 -21.02 0.45
N ASP A 574 11.25 -22.17 -0.17
CA ASP A 574 11.01 -23.42 0.53
C ASP A 574 12.17 -24.40 0.48
N ALA A 575 13.22 -24.09 -0.27
CA ALA A 575 14.44 -24.89 -0.23
C ALA A 575 15.62 -23.96 -0.38
N VAL A 576 16.77 -24.38 0.15
CA VAL A 576 18.02 -23.66 -0.03
C VAL A 576 19.11 -24.68 -0.31
N ARG A 577 20.26 -24.16 -0.72
CA ARG A 577 21.47 -24.95 -0.88
C ARG A 577 22.53 -24.38 0.04
N ASP A 578 23.18 -25.24 0.82
CA ASP A 578 24.19 -24.75 1.74
C ASP A 578 25.44 -24.40 0.98
N PRO A 579 25.93 -23.18 1.08
CA PRO A 579 27.08 -22.77 0.25
C PRO A 579 28.32 -23.64 0.44
N GLN A 580 28.61 -24.03 1.68
CA GLN A 580 29.86 -24.73 1.95
C GLN A 580 29.81 -26.17 1.49
N THR A 581 28.80 -26.92 1.89
CA THR A 581 28.72 -28.33 1.54
C THR A 581 27.90 -28.60 0.29
N LEU A 582 27.10 -27.64 -0.17
CA LEU A 582 26.33 -27.72 -1.42
C LEU A 582 25.30 -28.85 -1.39
N GLU A 583 24.48 -28.85 -0.35
CA GLU A 583 23.37 -29.79 -0.23
C GLU A 583 22.07 -29.06 -0.05
N ILE A 584 21.01 -29.62 -0.59
CA ILE A 584 19.71 -28.99 -0.61
C ILE A 584 18.99 -29.32 0.69
N LEU A 585 18.37 -28.30 1.28
CA LEU A 585 17.66 -28.43 2.54
C LEU A 585 16.31 -27.75 2.42
N ASP A 586 15.26 -28.44 2.83
CA ASP A 586 13.93 -27.86 2.85
C ASP A 586 13.72 -26.98 4.07
N ILE A 587 12.85 -26.01 3.91
CA ILE A 587 12.55 -25.01 4.92
C ILE A 587 11.07 -25.11 5.23
N THR A 588 10.74 -25.71 6.35
CA THR A 588 9.36 -25.72 6.74
C THR A 588 9.12 -24.74 7.87
N PRO A 589 7.95 -24.09 7.87
CA PRO A 589 7.62 -23.10 8.90
C PRO A 589 7.66 -23.66 10.31
N CYS A 590 7.51 -22.80 11.30
CA CYS A 590 7.52 -23.20 12.70
C CYS A 590 6.10 -23.52 13.14
N SER A 591 5.92 -24.66 13.81
CA SER A 591 4.61 -25.09 14.27
C SER A 591 3.83 -23.93 14.89
N PHE A 592 2.67 -23.63 14.33
CA PHE A 592 1.82 -22.56 14.81
C PHE A 592 0.37 -22.95 14.63
N GLY A 593 -0.53 -22.21 15.26
CA GLY A 593 -1.95 -22.49 15.16
C GLY A 593 -2.77 -21.87 16.27
N GLY A 594 -4.08 -22.08 16.21
CA GLY A 594 -4.98 -21.55 17.20
C GLY A 594 -5.06 -22.41 18.45
N VAL A 595 -5.52 -21.79 19.52
CA VAL A 595 -5.76 -22.48 20.78
C VAL A 595 -7.22 -22.32 21.13
N SER A 596 -7.89 -23.44 21.40
CA SER A 596 -9.30 -23.43 21.76
C SER A 596 -9.47 -24.02 23.15
N VAL A 597 -10.47 -23.53 23.86
CA VAL A 597 -10.78 -23.97 25.21
C VAL A 597 -12.15 -24.62 25.23
N ILE A 598 -12.21 -25.85 25.75
CA ILE A 598 -13.43 -26.64 25.83
C ILE A 598 -13.86 -26.62 27.28
N THR A 599 -15.05 -26.11 27.53
CA THR A 599 -15.60 -26.00 28.88
C THR A 599 -17.01 -26.54 28.96
N PRO A 600 -17.34 -27.30 30.01
CA PRO A 600 -18.73 -27.73 30.21
C PRO A 600 -19.67 -26.61 30.64
N GLY A 601 -19.17 -25.41 30.88
CA GLY A 601 -19.98 -24.29 31.35
C GLY A 601 -19.68 -24.05 32.80
N THR A 602 -19.50 -22.78 33.17
CA THR A 602 -19.08 -22.42 34.52
C THR A 602 -20.15 -22.72 35.55
N ASN A 603 -21.36 -22.99 35.11
CA ASN A 603 -22.49 -23.37 35.95
C ASN A 603 -22.54 -24.88 36.17
N THR A 604 -21.49 -25.57 35.76
CA THR A 604 -21.41 -27.01 35.91
C THR A 604 -20.10 -27.38 36.57
N SER A 605 -19.05 -26.67 36.20
CA SER A 605 -17.69 -26.99 36.63
C SER A 605 -16.78 -25.89 36.13
N ASN A 606 -15.56 -25.87 36.66
CA ASN A 606 -14.54 -24.94 36.21
C ASN A 606 -13.34 -25.66 35.60
N GLN A 607 -13.46 -26.96 35.39
CA GLN A 607 -12.45 -27.69 34.63
C GLN A 607 -12.50 -27.31 33.17
N VAL A 608 -11.42 -27.59 32.46
CA VAL A 608 -11.24 -27.09 31.11
C VAL A 608 -10.33 -28.05 30.37
N ALA A 609 -10.53 -28.17 29.06
CA ALA A 609 -9.62 -28.87 28.18
C ALA A 609 -9.16 -27.93 27.09
N VAL A 610 -8.02 -28.24 26.47
CA VAL A 610 -7.38 -27.29 25.57
C VAL A 610 -6.99 -28.00 24.28
N LEU A 611 -7.36 -27.43 23.15
CA LEU A 611 -7.02 -27.96 21.83
C LEU A 611 -5.99 -27.03 21.19
N TYR A 612 -4.84 -27.59 20.83
CA TYR A 612 -3.85 -26.92 20.01
C TYR A 612 -4.07 -27.37 18.59
N GLN A 613 -4.51 -26.47 17.73
CA GLN A 613 -5.06 -26.89 16.44
C GLN A 613 -3.93 -27.23 15.48
N ASP A 614 -4.07 -28.39 14.84
CA ASP A 614 -3.11 -29.01 13.92
C ASP A 614 -1.65 -28.77 14.32
N VAL A 615 -1.39 -28.99 15.60
CA VAL A 615 -0.03 -29.00 16.12
C VAL A 615 0.28 -30.40 16.59
N ASN A 616 1.47 -30.87 16.25
CA ASN A 616 1.88 -32.17 16.74
C ASN A 616 2.09 -32.12 18.23
N CYS A 617 1.54 -33.11 18.93
CA CYS A 617 1.36 -32.99 20.36
C CYS A 617 2.65 -33.19 21.14
N THR A 618 3.80 -33.19 20.46
CA THR A 618 5.10 -33.38 21.10
C THR A 618 5.84 -32.05 21.24
N GLU A 619 5.26 -31.00 20.67
CA GLU A 619 5.91 -29.70 20.68
C GLU A 619 4.99 -28.64 21.26
N VAL A 620 4.17 -29.03 22.23
CA VAL A 620 3.17 -28.13 22.80
C VAL A 620 3.82 -27.14 23.76
N PRO A 621 4.61 -27.57 24.75
CA PRO A 621 5.16 -26.52 25.62
C PRO A 621 6.57 -26.11 25.23
N SER A 640 -0.88 -36.97 33.18
CA SER A 640 -1.96 -36.21 32.56
C SER A 640 -2.45 -36.86 31.28
N ASN A 641 -3.33 -36.16 30.57
CA ASN A 641 -3.97 -36.69 29.37
C ASN A 641 -3.55 -35.87 28.16
N VAL A 642 -2.65 -36.42 27.36
CA VAL A 642 -2.36 -35.86 26.06
C VAL A 642 -2.85 -36.84 25.01
N PHE A 643 -3.66 -36.36 24.09
CA PHE A 643 -4.35 -37.19 23.13
C PHE A 643 -4.21 -36.53 21.78
N GLN A 644 -3.81 -37.30 20.78
CA GLN A 644 -3.58 -36.76 19.45
C GLN A 644 -4.80 -36.99 18.57
N THR A 645 -5.21 -35.95 17.87
CA THR A 645 -6.37 -35.96 17.02
C THR A 645 -5.95 -35.53 15.63
N ARG A 646 -6.76 -35.89 14.64
CA ARG A 646 -6.61 -35.32 13.31
C ARG A 646 -6.84 -33.81 13.30
N ALA A 647 -7.35 -33.24 14.38
CA ALA A 647 -7.62 -31.82 14.48
C ALA A 647 -6.63 -31.08 15.38
N GLY A 648 -5.66 -31.77 15.94
CA GLY A 648 -4.68 -31.16 16.82
C GLY A 648 -4.43 -31.98 18.07
N CYS A 649 -3.75 -31.35 19.02
CA CYS A 649 -3.43 -32.01 20.28
C CYS A 649 -4.35 -31.54 21.40
N LEU A 650 -5.00 -32.50 22.04
CA LEU A 650 -5.98 -32.25 23.09
C LEU A 650 -5.37 -32.56 24.44
N ILE A 651 -5.47 -31.62 25.38
CA ILE A 651 -4.91 -31.77 26.72
C ILE A 651 -6.01 -31.55 27.73
N GLY A 652 -6.14 -32.48 28.68
CA GLY A 652 -7.09 -32.33 29.76
C GLY A 652 -8.37 -33.12 29.61
N ALA A 653 -8.46 -33.99 28.61
CA ALA A 653 -9.59 -34.89 28.43
C ALA A 653 -9.04 -36.29 28.22
N GLU A 654 -9.74 -37.28 28.74
CA GLU A 654 -9.34 -38.67 28.55
C GLU A 654 -10.13 -39.29 27.41
N HIS A 655 -9.46 -40.17 26.68
CA HIS A 655 -10.05 -40.85 25.54
C HIS A 655 -10.69 -42.16 25.99
N VAL A 656 -11.98 -42.31 25.69
CA VAL A 656 -12.70 -43.52 26.03
C VAL A 656 -13.00 -44.28 24.74
N ASN A 657 -13.53 -45.50 24.90
CA ASN A 657 -13.80 -46.38 23.77
C ASN A 657 -15.28 -46.48 23.43
N ASN A 658 -16.16 -45.98 24.31
CA ASN A 658 -17.58 -45.91 24.04
C ASN A 658 -17.86 -44.95 22.89
N SER A 659 -19.12 -44.82 22.49
CA SER A 659 -19.50 -43.83 21.50
C SER A 659 -20.87 -43.30 21.84
N TYR A 660 -20.98 -41.99 22.01
CA TYR A 660 -22.21 -41.34 22.40
C TYR A 660 -22.67 -40.42 21.27
N GLU A 661 -23.77 -39.74 21.51
CA GLU A 661 -24.19 -38.66 20.64
C GLU A 661 -23.30 -37.45 20.87
N CYS A 662 -23.06 -36.69 19.81
CA CYS A 662 -22.08 -35.62 19.90
C CYS A 662 -22.57 -34.53 20.83
N ASP A 663 -21.64 -33.99 21.63
CA ASP A 663 -21.97 -32.97 22.61
C ASP A 663 -21.30 -31.65 22.29
N ILE A 664 -19.98 -31.66 22.29
CA ILE A 664 -19.15 -30.51 21.94
C ILE A 664 -18.28 -30.97 20.78
N PRO A 665 -18.40 -30.38 19.62
CA PRO A 665 -17.69 -30.91 18.45
C PRO A 665 -16.25 -30.48 18.40
N ILE A 666 -15.33 -31.44 18.40
CA ILE A 666 -13.92 -31.16 18.25
C ILE A 666 -13.52 -31.14 16.79
N GLY A 667 -13.81 -32.22 16.07
CA GLY A 667 -13.55 -32.25 14.65
C GLY A 667 -13.10 -33.62 14.20
N ALA A 668 -13.18 -33.85 12.90
CA ALA A 668 -12.78 -35.12 12.27
C ALA A 668 -13.43 -36.31 12.95
N GLY A 669 -14.69 -36.16 13.35
CA GLY A 669 -15.42 -37.23 13.98
C GLY A 669 -15.31 -37.32 15.48
N ILE A 670 -14.55 -36.44 16.12
CA ILE A 670 -14.30 -36.49 17.55
C ILE A 670 -15.16 -35.45 18.24
N CYS A 671 -15.84 -35.86 19.32
CA CYS A 671 -16.52 -34.93 20.21
C CYS A 671 -16.06 -35.09 21.66
N ALA A 672 -16.46 -34.15 22.51
CA ALA A 672 -16.09 -34.15 23.91
C ALA A 672 -17.33 -33.98 24.75
N SER A 673 -17.26 -34.44 26.00
CA SER A 673 -18.37 -34.25 26.93
C SER A 673 -17.84 -34.24 28.35
N TYR A 674 -18.65 -33.73 29.26
CA TYR A 674 -18.32 -33.71 30.68
C TYR A 674 -19.07 -34.84 31.37
N GLN A 675 -18.53 -36.05 31.29
CA GLN A 675 -19.35 -37.16 31.76
C GLN A 675 -18.65 -38.08 32.75
N THR A 676 -17.45 -38.52 32.39
CA THR A 676 -16.84 -39.67 33.04
C THR A 676 -15.49 -39.30 33.65
N GLN A 690 -16.87 -35.48 37.55
CA GLN A 690 -16.31 -36.41 36.58
C GLN A 690 -15.10 -35.80 35.88
N SER A 691 -15.29 -35.33 34.64
CA SER A 691 -14.21 -34.73 33.87
C SER A 691 -14.63 -34.55 32.42
N ILE A 692 -13.66 -34.59 31.52
CA ILE A 692 -13.93 -34.45 30.09
C ILE A 692 -13.32 -35.62 29.34
N ILE A 693 -14.07 -36.18 28.40
CA ILE A 693 -13.59 -37.32 27.65
C ILE A 693 -13.69 -37.13 26.14
N ALA A 694 -12.98 -37.97 25.39
CA ALA A 694 -12.98 -37.92 23.95
C ALA A 694 -13.50 -39.24 23.38
N TYR A 695 -13.79 -39.26 22.09
CA TYR A 695 -14.29 -40.47 21.45
C TYR A 695 -14.80 -40.16 20.05
N THR A 696 -15.44 -41.13 19.43
CA THR A 696 -15.99 -40.96 18.09
C THR A 696 -17.51 -41.02 18.15
N MET A 697 -18.16 -39.97 17.69
CA MET A 697 -19.60 -39.92 17.72
C MET A 697 -20.32 -41.06 17.13
N SER A 698 -21.57 -41.13 17.41
CA SER A 698 -22.44 -42.22 17.07
C SER A 698 -23.35 -41.75 16.07
N LEU A 699 -23.46 -42.50 14.97
CA LEU A 699 -24.35 -42.14 13.90
C LEU A 699 -25.79 -42.37 14.31
N GLY A 700 -26.02 -43.43 15.08
CA GLY A 700 -27.35 -43.76 15.55
C GLY A 700 -27.45 -45.21 15.95
N ALA A 701 -28.62 -45.61 16.45
CA ALA A 701 -28.84 -46.99 16.87
C ALA A 701 -28.42 -47.99 15.79
N GLU A 702 -29.13 -49.09 15.68
CA GLU A 702 -28.85 -50.12 14.69
C GLU A 702 -30.15 -50.87 14.58
N ASN A 703 -30.82 -50.76 13.45
CA ASN A 703 -32.08 -51.45 13.23
C ASN A 703 -31.89 -52.49 12.15
N SER A 704 -32.37 -53.71 12.37
CA SER A 704 -32.19 -54.75 11.36
C SER A 704 -33.50 -55.29 10.81
N VAL A 705 -33.87 -54.83 9.61
CA VAL A 705 -35.11 -55.24 8.97
C VAL A 705 -35.04 -56.70 8.54
N ALA A 706 -36.02 -57.48 8.99
CA ALA A 706 -36.09 -58.90 8.65
C ALA A 706 -36.68 -59.08 7.26
N TYR A 707 -35.96 -58.61 6.25
CA TYR A 707 -36.42 -58.70 4.87
C TYR A 707 -36.35 -60.11 4.31
N SER A 708 -37.38 -60.48 3.56
CA SER A 708 -37.47 -61.79 2.91
C SER A 708 -38.29 -61.65 1.64
N ASN A 709 -38.29 -62.67 0.79
CA ASN A 709 -39.03 -62.60 -0.47
C ASN A 709 -40.51 -62.92 -0.38
N ASN A 710 -41.08 -62.87 0.82
CA ASN A 710 -42.50 -63.15 1.00
C ASN A 710 -43.01 -62.82 2.38
N SER A 711 -42.39 -61.82 3.00
CA SER A 711 -42.74 -61.34 4.33
C SER A 711 -43.13 -59.87 4.29
N ILE A 712 -44.11 -59.52 5.10
CA ILE A 712 -44.61 -58.15 5.19
C ILE A 712 -44.92 -57.85 6.65
N ALA A 713 -44.76 -56.59 7.02
CA ALA A 713 -45.15 -56.10 8.33
C ALA A 713 -46.22 -55.05 8.13
N ILE A 714 -47.28 -55.12 8.93
CA ILE A 714 -48.43 -54.23 8.82
C ILE A 714 -48.74 -53.69 10.21
N PRO A 715 -49.02 -52.39 10.35
CA PRO A 715 -49.27 -51.83 11.67
C PRO A 715 -50.68 -52.14 12.17
N THR A 716 -50.81 -52.30 13.48
CA THR A 716 -52.09 -52.57 14.09
C THR A 716 -52.62 -51.42 14.92
N ASN A 717 -51.85 -50.36 15.11
CA ASN A 717 -52.30 -49.24 15.91
C ASN A 717 -51.68 -47.97 15.33
N PHE A 718 -51.89 -46.84 16.00
CA PHE A 718 -51.29 -45.59 15.58
C PHE A 718 -51.13 -44.69 16.79
N THR A 719 -50.31 -43.66 16.62
CA THR A 719 -50.26 -42.55 17.55
C THR A 719 -50.45 -41.23 16.81
N ILE A 720 -51.16 -40.33 17.45
CA ILE A 720 -51.29 -38.96 16.99
C ILE A 720 -50.16 -38.15 17.64
N SER A 721 -49.29 -37.59 16.83
CA SER A 721 -48.20 -36.81 17.38
C SER A 721 -48.28 -35.38 16.89
N VAL A 722 -47.78 -34.44 17.68
CA VAL A 722 -47.75 -33.03 17.30
C VAL A 722 -46.40 -32.44 17.70
N THR A 723 -45.77 -31.79 16.74
CA THR A 723 -44.45 -31.19 16.93
C THR A 723 -44.48 -29.72 16.56
N THR A 724 -43.42 -29.00 16.92
CA THR A 724 -43.32 -27.59 16.62
C THR A 724 -42.23 -27.29 15.60
N GLU A 725 -42.40 -26.18 14.91
CA GLU A 725 -41.37 -25.66 14.01
C GLU A 725 -41.35 -24.15 14.11
N ILE A 726 -40.18 -23.57 14.36
CA ILE A 726 -40.02 -22.15 14.65
C ILE A 726 -39.30 -21.49 13.48
N LEU A 727 -39.83 -20.35 13.01
CA LEU A 727 -39.20 -19.68 11.89
C LEU A 727 -39.16 -18.17 12.08
N PRO A 728 -38.01 -17.54 11.86
CA PRO A 728 -37.95 -16.06 11.84
C PRO A 728 -38.58 -15.48 10.58
N VAL A 729 -39.35 -14.41 10.75
CA VAL A 729 -39.90 -13.76 9.57
C VAL A 729 -39.34 -12.34 9.43
N SER A 730 -39.07 -11.64 10.52
CA SER A 730 -38.62 -10.26 10.41
C SER A 730 -37.41 -10.02 11.32
N MET A 731 -36.81 -8.85 11.14
CA MET A 731 -35.81 -8.31 12.05
C MET A 731 -36.12 -6.84 12.25
N THR A 732 -35.33 -6.15 13.07
CA THR A 732 -35.64 -4.80 13.46
C THR A 732 -35.22 -3.79 12.40
N LYS A 733 -36.10 -2.82 12.18
CA LYS A 733 -35.83 -1.73 11.25
C LYS A 733 -35.06 -0.62 11.95
N THR A 734 -33.85 -0.40 11.49
CA THR A 734 -33.00 0.64 12.06
C THR A 734 -32.72 1.68 11.00
N SER A 735 -32.50 2.90 11.45
CA SER A 735 -32.07 3.97 10.58
C SER A 735 -30.86 4.63 11.21
N VAL A 736 -29.96 5.10 10.36
CA VAL A 736 -28.82 5.89 10.80
C VAL A 736 -28.88 7.23 10.09
N ASP A 737 -28.30 8.24 10.73
CA ASP A 737 -28.09 9.54 10.12
C ASP A 737 -26.59 9.71 9.98
N CYS A 738 -26.08 9.40 8.79
CA CYS A 738 -24.66 9.49 8.47
C CYS A 738 -23.99 10.72 9.07
N THR A 739 -24.52 11.90 8.85
CA THR A 739 -23.86 13.11 9.28
C THR A 739 -23.77 13.20 10.79
N MET A 740 -24.82 12.79 11.49
CA MET A 740 -24.81 12.89 12.94
C MET A 740 -23.94 11.82 13.57
N TYR A 741 -23.66 10.74 12.84
CA TYR A 741 -22.79 9.70 13.36
C TYR A 741 -21.33 10.05 13.12
N ILE A 742 -21.01 10.53 11.92
CA ILE A 742 -19.62 10.79 11.57
C ILE A 742 -19.13 12.08 12.21
N CYS A 743 -19.98 13.11 12.24
CA CYS A 743 -19.53 14.43 12.68
C CYS A 743 -20.13 14.82 14.03
N GLY A 744 -21.40 14.51 14.25
CA GLY A 744 -22.00 14.82 15.52
C GLY A 744 -22.20 16.31 15.71
N ASP A 745 -22.82 16.96 14.74
CA ASP A 745 -23.22 18.37 14.84
C ASP A 745 -22.00 19.27 15.10
N SER A 746 -21.13 19.32 14.10
CA SER A 746 -19.98 20.23 14.12
C SER A 746 -19.69 20.63 12.68
N THR A 747 -19.73 21.93 12.39
CA THR A 747 -19.70 22.40 11.01
C THR A 747 -18.35 22.16 10.35
N GLU A 748 -17.28 22.03 11.13
CA GLU A 748 -15.97 21.77 10.53
C GLU A 748 -15.94 20.40 9.89
N CYS A 749 -16.33 19.36 10.62
CA CYS A 749 -16.36 18.02 10.06
C CYS A 749 -17.37 17.92 8.94
N SER A 750 -18.50 18.63 9.06
CA SER A 750 -19.57 18.50 8.08
C SER A 750 -19.18 19.07 6.73
N ASN A 751 -18.28 20.05 6.70
CA ASN A 751 -17.85 20.60 5.42
C ASN A 751 -16.82 19.74 4.74
N LEU A 752 -15.92 19.14 5.51
CA LEU A 752 -14.99 18.17 4.98
C LEU A 752 -15.70 16.96 4.39
N LEU A 753 -16.82 16.56 4.98
CA LEU A 753 -17.59 15.40 4.54
C LEU A 753 -18.19 15.58 3.16
N LEU A 754 -18.56 16.80 2.80
CA LEU A 754 -19.07 17.09 1.47
C LEU A 754 -18.12 16.69 0.36
N GLN A 755 -16.83 16.57 0.65
CA GLN A 755 -15.86 16.20 -0.35
C GLN A 755 -15.92 14.72 -0.71
N TYR A 756 -16.73 13.94 -0.01
CA TYR A 756 -16.79 12.52 -0.27
C TYR A 756 -17.93 12.14 -1.18
N GLY A 757 -18.70 13.08 -1.63
CA GLY A 757 -19.69 12.81 -2.67
C GLY A 757 -21.04 12.45 -2.07
N SER A 758 -21.52 11.26 -2.41
CA SER A 758 -22.87 10.85 -2.05
C SER A 758 -22.88 9.50 -1.34
N PHE A 759 -21.81 9.16 -0.63
CA PHE A 759 -21.79 7.88 0.07
C PHE A 759 -22.92 7.76 1.09
N CYS A 760 -23.28 8.88 1.69
CA CYS A 760 -24.23 8.84 2.78
C CYS A 760 -25.68 8.95 2.32
N THR A 761 -25.91 9.17 1.03
CA THR A 761 -27.24 8.99 0.50
C THR A 761 -27.45 7.55 0.09
N GLN A 762 -26.39 6.89 -0.39
CA GLN A 762 -26.44 5.47 -0.67
C GLN A 762 -26.69 4.65 0.58
N LEU A 763 -25.98 4.94 1.66
CA LEU A 763 -26.19 4.15 2.87
C LEU A 763 -27.62 4.24 3.37
N ASN A 764 -28.21 5.42 3.35
CA ASN A 764 -29.59 5.57 3.76
C ASN A 764 -30.55 4.90 2.80
N ARG A 765 -30.30 4.95 1.51
CA ARG A 765 -31.13 4.22 0.57
C ARG A 765 -31.12 2.73 0.86
N ALA A 766 -29.95 2.18 1.17
CA ALA A 766 -29.86 0.76 1.47
C ALA A 766 -30.64 0.40 2.73
N LEU A 767 -30.46 1.17 3.79
CA LEU A 767 -31.18 0.86 5.02
C LEU A 767 -32.69 1.04 4.88
N THR A 768 -33.14 1.99 4.08
CA THR A 768 -34.58 2.15 3.85
C THR A 768 -35.14 0.99 3.04
N GLY A 769 -34.41 0.55 2.03
CA GLY A 769 -34.82 -0.61 1.27
C GLY A 769 -34.92 -1.86 2.09
N ILE A 770 -34.07 -2.04 3.11
CA ILE A 770 -34.24 -3.22 3.94
C ILE A 770 -35.23 -3.01 5.08
N ALA A 771 -35.58 -1.78 5.43
CA ALA A 771 -36.63 -1.61 6.42
C ALA A 771 -38.03 -1.71 5.83
N VAL A 772 -38.19 -1.50 4.54
CA VAL A 772 -39.51 -1.70 3.93
C VAL A 772 -39.82 -3.18 3.71
N GLU A 773 -38.81 -3.97 3.35
CA GLU A 773 -39.06 -5.37 3.13
C GLU A 773 -39.28 -6.15 4.42
N GLN A 774 -38.99 -5.59 5.59
CA GLN A 774 -39.35 -6.29 6.81
C GLN A 774 -40.84 -6.32 7.04
N ASP A 775 -41.55 -5.27 6.65
CA ASP A 775 -42.99 -5.28 6.69
C ASP A 775 -43.59 -6.07 5.55
N LYS A 776 -42.94 -6.06 4.39
CA LYS A 776 -43.38 -6.96 3.34
C LYS A 776 -43.24 -8.43 3.74
N ASN A 777 -42.23 -8.78 4.54
CA ASN A 777 -42.05 -10.16 4.98
C ASN A 777 -43.23 -10.62 5.83
N THR A 778 -43.69 -9.79 6.77
CA THR A 778 -44.77 -10.16 7.66
C THR A 778 -46.10 -10.21 6.92
N GLN A 779 -46.31 -9.27 6.01
CA GLN A 779 -47.59 -9.23 5.30
C GLN A 779 -47.84 -10.51 4.52
N GLU A 780 -46.81 -11.14 3.99
CA GLU A 780 -47.02 -12.32 3.16
C GLU A 780 -47.07 -13.62 3.93
N VAL A 781 -46.68 -13.63 5.20
CA VAL A 781 -46.89 -14.81 6.03
C VAL A 781 -48.26 -14.76 6.67
N PHE A 782 -48.72 -13.59 7.10
CA PHE A 782 -49.88 -13.59 7.97
C PHE A 782 -51.18 -13.15 7.31
N ALA A 783 -51.13 -12.26 6.32
CA ALA A 783 -52.36 -11.80 5.67
C ALA A 783 -52.70 -12.79 4.56
N GLN A 784 -53.05 -14.00 4.96
CA GLN A 784 -53.45 -15.06 4.04
C GLN A 784 -54.94 -15.34 4.15
N VAL A 785 -55.70 -14.37 4.63
CA VAL A 785 -57.14 -14.45 4.74
C VAL A 785 -57.72 -13.14 4.24
N LYS A 786 -58.93 -13.22 3.73
CA LYS A 786 -59.71 -12.02 3.41
C LYS A 786 -60.63 -11.63 4.57
N GLN A 787 -61.36 -12.59 5.12
CA GLN A 787 -62.23 -12.35 6.25
C GLN A 787 -61.51 -12.64 7.55
N ILE A 788 -61.97 -12.01 8.62
CA ILE A 788 -61.56 -12.35 9.96
C ILE A 788 -62.62 -13.30 10.50
N TYR A 789 -62.31 -14.58 10.55
CA TYR A 789 -63.28 -15.57 10.99
C TYR A 789 -63.25 -15.68 12.50
N LYS A 790 -64.42 -15.87 13.07
CA LYS A 790 -64.58 -16.08 14.49
C LYS A 790 -65.13 -17.47 14.74
N THR A 791 -64.78 -18.04 15.88
CA THR A 791 -65.21 -19.37 16.22
C THR A 791 -66.55 -19.31 16.95
N PRO A 792 -67.33 -20.41 16.96
CA PRO A 792 -68.65 -20.35 17.56
C PRO A 792 -68.55 -20.30 19.08
N PRO A 793 -69.58 -19.76 19.74
CA PRO A 793 -69.53 -19.71 21.20
C PRO A 793 -69.59 -21.07 21.86
N ILE A 794 -70.45 -21.97 21.41
CA ILE A 794 -70.51 -23.33 21.96
C ILE A 794 -69.62 -24.23 21.11
N LYS A 795 -68.58 -24.76 21.74
CA LYS A 795 -67.45 -25.38 21.04
C LYS A 795 -67.44 -26.88 21.29
N ASP A 796 -68.15 -27.62 20.45
CA ASP A 796 -68.10 -29.07 20.53
C ASP A 796 -67.53 -29.61 19.22
N PHE A 797 -66.26 -29.98 19.25
CA PHE A 797 -65.53 -30.39 18.07
C PHE A 797 -65.24 -31.89 18.08
N GLY A 798 -66.17 -32.67 18.62
CA GLY A 798 -66.05 -34.11 18.59
C GLY A 798 -65.16 -34.72 19.64
N GLY A 799 -64.87 -34.01 20.71
CA GLY A 799 -63.95 -34.45 21.72
C GLY A 799 -62.59 -33.80 21.68
N PHE A 800 -62.28 -33.12 20.59
CA PHE A 800 -61.03 -32.38 20.46
C PHE A 800 -61.15 -31.06 21.20
N ASN A 801 -60.05 -30.65 21.82
CA ASN A 801 -60.04 -29.52 22.75
C ASN A 801 -58.94 -28.58 22.30
N PHE A 802 -59.32 -27.40 21.82
CA PHE A 802 -58.38 -26.42 21.30
C PHE A 802 -58.19 -25.23 22.22
N SER A 803 -58.42 -25.40 23.52
CA SER A 803 -58.53 -24.24 24.40
C SER A 803 -57.20 -23.58 24.69
N GLN A 804 -56.09 -24.30 24.58
CA GLN A 804 -54.77 -23.71 24.82
C GLN A 804 -54.20 -23.00 23.61
N ILE A 805 -54.87 -23.03 22.46
CA ILE A 805 -54.41 -22.32 21.28
C ILE A 805 -55.46 -21.37 20.73
N LEU A 806 -56.52 -21.28 21.31
CA LEU A 806 -57.51 -20.30 20.92
C LEU A 806 -57.36 -19.03 21.75
N PRO A 807 -57.77 -17.87 21.23
CA PRO A 807 -57.52 -16.63 21.95
C PRO A 807 -58.19 -16.59 23.31
N ASP A 808 -57.56 -15.87 24.22
CA ASP A 808 -57.99 -15.74 25.60
C ASP A 808 -58.27 -14.28 25.92
N PRO A 809 -59.51 -13.90 26.21
CA PRO A 809 -59.82 -12.47 26.38
C PRO A 809 -59.18 -11.85 27.61
N SER A 810 -59.08 -12.59 28.71
CA SER A 810 -58.50 -12.07 29.94
C SER A 810 -56.97 -11.97 29.90
N LYS A 811 -56.35 -12.25 28.76
CA LYS A 811 -54.90 -12.23 28.61
C LYS A 811 -54.45 -10.94 27.96
N PRO A 812 -53.11 -10.67 27.93
CA PRO A 812 -52.63 -9.46 27.24
C PRO A 812 -52.63 -9.60 25.74
N SER A 813 -53.21 -8.60 25.06
CA SER A 813 -53.35 -8.50 23.61
C SER A 813 -54.28 -9.55 23.04
N LYS A 814 -55.09 -10.23 23.85
CA LYS A 814 -56.02 -11.26 23.40
C LYS A 814 -55.27 -12.42 22.75
N ARG A 815 -54.16 -12.82 23.34
CA ARG A 815 -53.37 -13.92 22.82
C ARG A 815 -53.89 -15.24 23.38
N SER A 816 -53.48 -16.32 22.72
CA SER A 816 -53.73 -17.65 23.23
C SER A 816 -52.79 -17.95 24.39
N PRO A 817 -53.08 -19.05 25.07
CA PRO A 817 -52.28 -19.48 26.23
C PRO A 817 -50.86 -19.87 25.84
N ILE A 818 -50.67 -20.38 24.63
CA ILE A 818 -49.34 -20.77 24.18
C ILE A 818 -48.63 -19.62 23.49
N GLU A 819 -49.35 -18.65 22.96
CA GLU A 819 -48.71 -17.46 22.43
C GLU A 819 -48.12 -16.60 23.52
N ASP A 820 -48.55 -16.75 24.77
CA ASP A 820 -47.96 -16.04 25.88
C ASP A 820 -46.65 -16.67 26.33
N LEU A 821 -46.60 -17.98 26.50
CA LEU A 821 -45.34 -18.62 26.84
C LEU A 821 -44.25 -18.27 25.85
N LEU A 822 -44.61 -17.98 24.60
CA LEU A 822 -43.62 -17.64 23.61
C LEU A 822 -43.15 -16.20 23.74
N PHE A 823 -44.03 -15.27 24.09
CA PHE A 823 -43.62 -13.89 24.27
C PHE A 823 -42.93 -13.64 25.60
N ASN A 824 -42.93 -14.62 26.49
CA ASN A 824 -42.20 -14.51 27.73
C ASN A 824 -40.82 -15.16 27.66
N LYS A 825 -40.58 -16.04 26.70
CA LYS A 825 -39.32 -16.74 26.65
C LYS A 825 -38.28 -15.97 25.84
N VAL A 826 -38.70 -15.25 24.82
CA VAL A 826 -37.79 -14.43 24.04
C VAL A 826 -38.28 -12.99 23.99
N LYS A 854 -32.68 6.89 20.45
CA LYS A 854 -31.83 6.86 21.63
C LYS A 854 -30.38 6.54 21.27
N PHE A 855 -29.55 7.58 21.22
CA PHE A 855 -28.14 7.43 20.91
C PHE A 855 -27.67 8.60 20.06
N ASN A 856 -26.81 8.30 19.09
CA ASN A 856 -26.28 9.32 18.20
C ASN A 856 -26.53 8.96 16.74
N GLY A 857 -27.57 9.55 16.16
CA GLY A 857 -27.91 9.27 14.79
C GLY A 857 -28.48 7.90 14.53
N LEU A 858 -28.80 7.13 15.56
CA LEU A 858 -29.33 5.78 15.42
C LEU A 858 -30.75 5.75 15.94
N THR A 859 -31.68 5.26 15.13
CA THR A 859 -33.05 5.12 15.56
C THR A 859 -33.62 3.77 15.13
N VAL A 860 -34.69 3.38 15.80
CA VAL A 860 -35.40 2.14 15.53
C VAL A 860 -36.83 2.48 15.15
N LEU A 861 -37.24 2.04 14.00
CA LEU A 861 -38.58 2.28 13.50
C LEU A 861 -39.53 1.17 13.91
N PRO A 862 -40.77 1.49 14.23
CA PRO A 862 -41.71 0.46 14.66
C PRO A 862 -42.27 -0.30 13.46
N PRO A 863 -42.66 -1.56 13.65
CA PRO A 863 -43.28 -2.30 12.55
C PRO A 863 -44.70 -1.83 12.29
N LEU A 864 -45.14 -2.02 11.05
CA LEU A 864 -46.43 -1.51 10.62
C LEU A 864 -47.57 -2.26 11.29
N LEU A 865 -47.48 -3.58 11.36
CA LEU A 865 -48.44 -4.40 12.09
C LEU A 865 -48.00 -4.52 13.54
N THR A 866 -48.90 -4.21 14.46
CA THR A 866 -48.63 -4.39 15.87
C THR A 866 -48.69 -5.88 16.20
N ASP A 867 -48.40 -6.24 17.45
CA ASP A 867 -48.52 -7.65 17.83
C ASP A 867 -49.97 -8.06 17.99
N GLU A 868 -50.84 -7.10 18.34
CA GLU A 868 -52.26 -7.37 18.43
C GLU A 868 -52.85 -7.74 17.08
N MET A 869 -52.45 -7.04 16.03
CA MET A 869 -52.92 -7.33 14.69
C MET A 869 -52.46 -8.70 14.22
N ILE A 870 -51.23 -9.10 14.52
CA ILE A 870 -50.76 -10.40 14.10
C ILE A 870 -51.44 -11.52 14.89
N ALA A 871 -51.72 -11.31 16.17
CA ALA A 871 -52.48 -12.31 16.88
C ALA A 871 -53.91 -12.42 16.37
N GLN A 872 -54.51 -11.32 15.95
CA GLN A 872 -55.76 -11.36 15.24
C GLN A 872 -55.71 -12.17 13.96
N TYR A 873 -54.67 -12.01 13.16
CA TYR A 873 -54.52 -12.78 11.93
C TYR A 873 -54.41 -14.28 12.21
N THR A 874 -53.62 -14.67 13.21
CA THR A 874 -53.52 -16.10 13.48
C THR A 874 -54.79 -16.67 14.07
N SER A 875 -55.55 -15.90 14.83
CA SER A 875 -56.81 -16.45 15.31
C SER A 875 -57.85 -16.55 14.19
N ALA A 876 -57.81 -15.68 13.19
CA ALA A 876 -58.65 -15.90 12.02
C ALA A 876 -58.25 -17.12 11.21
N LEU A 877 -56.96 -17.38 11.03
CA LEU A 877 -56.56 -18.61 10.35
C LEU A 877 -57.00 -19.84 11.13
N LEU A 878 -56.83 -19.81 12.44
CA LEU A 878 -57.14 -20.95 13.27
C LEU A 878 -58.63 -21.20 13.39
N ALA A 879 -59.47 -20.18 13.37
CA ALA A 879 -60.90 -20.41 13.36
C ALA A 879 -61.42 -20.82 12.01
N GLY A 880 -60.76 -20.43 10.93
CA GLY A 880 -61.07 -20.91 9.60
C GLY A 880 -60.80 -22.38 9.44
N THR A 881 -59.68 -22.86 9.97
CA THR A 881 -59.37 -24.28 9.79
C THR A 881 -60.13 -25.20 10.73
N ILE A 882 -60.42 -24.78 11.97
CA ILE A 882 -61.17 -25.63 12.89
C ILE A 882 -62.59 -25.84 12.40
N THR A 883 -63.05 -24.99 11.49
CA THR A 883 -64.48 -24.86 11.27
C THR A 883 -64.87 -25.12 9.82
N SER A 884 -63.94 -24.94 8.88
CA SER A 884 -64.23 -25.14 7.47
C SER A 884 -63.26 -26.07 6.77
N GLY A 885 -62.30 -26.63 7.49
CA GLY A 885 -61.25 -27.37 6.83
C GLY A 885 -60.45 -26.49 5.89
N TRP A 886 -60.14 -27.03 4.73
CA TRP A 886 -59.33 -26.38 3.71
C TRP A 886 -60.15 -25.62 2.69
N THR A 887 -61.44 -25.42 2.93
CA THR A 887 -62.27 -24.78 1.93
C THR A 887 -62.10 -23.27 1.90
N PHE A 888 -61.68 -22.66 3.00
CA PHE A 888 -61.60 -21.20 3.03
C PHE A 888 -60.35 -20.70 2.33
N GLY A 889 -59.37 -21.56 2.11
CA GLY A 889 -58.21 -21.16 1.37
C GLY A 889 -58.36 -21.31 -0.13
N ALA A 890 -59.54 -21.72 -0.58
CA ALA A 890 -59.82 -21.84 -2.00
C ALA A 890 -61.03 -21.02 -2.43
N GLY A 891 -61.71 -20.37 -1.52
CA GLY A 891 -62.94 -19.67 -1.85
C GLY A 891 -63.66 -19.28 -0.59
N PRO A 892 -64.99 -19.37 -0.63
CA PRO A 892 -65.82 -19.07 0.53
C PRO A 892 -65.80 -20.25 1.50
N ALA A 893 -65.66 -19.97 2.79
CA ALA A 893 -65.60 -20.98 3.82
C ALA A 893 -66.89 -21.76 3.90
N LEU A 894 -66.81 -23.08 3.83
CA LEU A 894 -67.97 -23.95 3.98
C LEU A 894 -67.78 -24.81 5.22
N GLN A 895 -68.72 -24.71 6.15
CA GLN A 895 -68.60 -25.44 7.40
C GLN A 895 -68.83 -26.92 7.19
N ILE A 896 -68.20 -27.72 8.06
CA ILE A 896 -68.30 -29.17 8.07
C ILE A 896 -68.05 -29.57 9.52
N PRO A 897 -68.70 -30.59 10.06
CA PRO A 897 -68.39 -31.03 11.43
C PRO A 897 -66.96 -31.52 11.55
N PHE A 898 -66.35 -31.34 12.72
CA PHE A 898 -64.91 -31.51 12.82
C PHE A 898 -64.48 -32.96 12.63
N PRO A 899 -65.31 -33.90 13.11
CA PRO A 899 -65.02 -35.32 12.98
C PRO A 899 -65.01 -35.75 11.52
N MET A 900 -65.92 -35.19 10.72
CA MET A 900 -65.98 -35.53 9.31
C MET A 900 -64.82 -34.94 8.54
N GLN A 901 -64.33 -33.78 8.97
CA GLN A 901 -63.11 -33.23 8.41
C GLN A 901 -61.91 -34.12 8.74
N MET A 902 -61.82 -34.59 9.98
CA MET A 902 -60.80 -35.54 10.37
C MET A 902 -60.85 -36.83 9.55
N ALA A 903 -62.05 -37.30 9.22
CA ALA A 903 -62.17 -38.46 8.36
C ALA A 903 -61.70 -38.21 6.93
N TYR A 904 -62.00 -37.04 6.36
CA TYR A 904 -61.41 -36.68 5.07
C TYR A 904 -59.89 -36.67 5.11
N ARG A 905 -59.31 -36.11 6.16
CA ARG A 905 -57.86 -36.11 6.27
C ARG A 905 -57.28 -37.51 6.41
N PHE A 906 -57.97 -38.41 7.10
CA PHE A 906 -57.53 -39.79 7.14
C PHE A 906 -57.60 -40.43 5.77
N ASN A 907 -58.63 -40.14 4.99
CA ASN A 907 -58.66 -40.57 3.60
C ASN A 907 -57.46 -40.07 2.83
N GLY A 908 -57.02 -38.85 3.11
CA GLY A 908 -55.92 -38.28 2.36
C GLY A 908 -54.58 -38.95 2.59
N ILE A 909 -54.43 -39.68 3.70
CA ILE A 909 -53.23 -40.46 3.94
C ILE A 909 -53.42 -41.94 3.65
N GLY A 910 -54.55 -42.32 3.06
CA GLY A 910 -54.75 -43.71 2.71
C GLY A 910 -55.28 -44.63 3.79
N VAL A 911 -55.97 -44.11 4.79
CA VAL A 911 -56.69 -44.94 5.74
C VAL A 911 -58.18 -44.74 5.49
N THR A 912 -58.98 -45.75 5.79
CA THR A 912 -60.41 -45.60 5.55
C THR A 912 -61.07 -44.85 6.70
N GLN A 913 -62.31 -44.44 6.47
CA GLN A 913 -63.00 -43.52 7.37
C GLN A 913 -63.54 -44.21 8.61
N ASN A 914 -63.97 -45.45 8.47
CA ASN A 914 -64.38 -46.22 9.63
C ASN A 914 -63.28 -46.34 10.67
N VAL A 915 -62.01 -46.27 10.28
CA VAL A 915 -60.94 -46.32 11.26
C VAL A 915 -60.92 -45.07 12.13
N LEU A 916 -61.33 -43.92 11.60
CA LEU A 916 -61.51 -42.76 12.45
C LEU A 916 -62.78 -42.86 13.28
N TYR A 917 -63.88 -43.25 12.66
CA TYR A 917 -65.14 -43.16 13.38
C TYR A 917 -65.24 -44.20 14.49
N GLU A 918 -64.51 -45.30 14.39
CA GLU A 918 -64.54 -46.31 15.43
C GLU A 918 -63.49 -46.09 16.50
N ASN A 919 -62.60 -45.12 16.31
CA ASN A 919 -61.54 -44.81 17.24
C ASN A 919 -61.56 -43.34 17.61
N GLN A 920 -62.72 -42.71 17.46
CA GLN A 920 -62.84 -41.28 17.70
C GLN A 920 -62.36 -40.87 19.09
N LYS A 921 -62.85 -41.51 20.15
CA LYS A 921 -62.46 -41.05 21.48
C LYS A 921 -60.99 -41.28 21.76
N LEU A 922 -60.42 -42.35 21.25
CA LEU A 922 -58.99 -42.59 21.46
C LEU A 922 -58.14 -41.58 20.69
N ILE A 923 -58.53 -41.26 19.46
CA ILE A 923 -57.79 -40.29 18.67
C ILE A 923 -57.89 -38.90 19.28
N ALA A 924 -59.05 -38.56 19.82
CA ALA A 924 -59.21 -37.28 20.49
C ALA A 924 -58.45 -37.21 21.80
N ASN A 925 -58.41 -38.28 22.58
CA ASN A 925 -57.60 -38.29 23.79
C ASN A 925 -56.12 -38.18 23.49
N GLN A 926 -55.62 -38.90 22.48
CA GLN A 926 -54.23 -38.76 22.09
C GLN A 926 -53.90 -37.35 21.65
N PHE A 927 -54.78 -36.72 20.86
CA PHE A 927 -54.53 -35.35 20.46
C PHE A 927 -54.50 -34.40 21.64
N ASN A 928 -55.45 -34.52 22.57
CA ASN A 928 -55.49 -33.61 23.72
C ASN A 928 -54.25 -33.80 24.61
N SER A 929 -53.87 -35.04 24.84
CA SER A 929 -52.70 -35.31 25.66
C SER A 929 -51.41 -34.88 25.00
N ALA A 930 -51.36 -34.82 23.67
CA ALA A 930 -50.17 -34.36 22.99
C ALA A 930 -50.10 -32.85 22.85
N ILE A 931 -51.23 -32.17 22.82
CA ILE A 931 -51.22 -30.72 22.93
C ILE A 931 -50.84 -30.30 24.34
N GLY A 932 -51.19 -31.11 25.34
CA GLY A 932 -50.80 -30.81 26.70
C GLY A 932 -49.30 -30.89 26.96
N LYS A 933 -48.55 -31.57 26.10
CA LYS A 933 -47.12 -31.69 26.32
C LYS A 933 -46.31 -30.59 25.68
N ILE A 934 -46.78 -30.02 24.56
CA ILE A 934 -46.17 -28.81 24.03
C ILE A 934 -46.10 -27.75 25.11
N GLN A 935 -47.19 -27.61 25.87
CA GLN A 935 -47.29 -26.56 26.87
C GLN A 935 -46.29 -26.77 27.99
N ASP A 936 -46.05 -28.02 28.40
CA ASP A 936 -45.03 -28.30 29.39
C ASP A 936 -43.63 -28.06 28.83
N SER A 937 -43.31 -28.66 27.70
CA SER A 937 -41.98 -28.53 27.14
C SER A 937 -41.61 -27.08 26.87
N LEU A 938 -42.57 -26.21 26.55
CA LEU A 938 -42.22 -24.80 26.41
C LEU A 938 -42.21 -24.08 27.75
N SER A 939 -43.20 -24.34 28.61
CA SER A 939 -43.26 -23.70 29.91
C SER A 939 -42.06 -24.03 30.79
N SER A 940 -41.34 -25.10 30.52
CA SER A 940 -40.23 -25.52 31.35
C SER A 940 -38.91 -24.93 30.88
N ALA A 944 -35.52 -23.25 23.68
CA ALA A 944 -36.14 -23.90 22.52
C ALA A 944 -36.39 -22.90 21.38
N LEU A 945 -36.55 -21.63 21.74
CA LEU A 945 -36.66 -20.57 20.74
C LEU A 945 -35.29 -19.97 20.44
N GLY A 946 -34.30 -20.82 20.20
CA GLY A 946 -32.98 -20.32 19.90
C GLY A 946 -32.84 -19.67 18.55
N LYS A 947 -33.65 -20.06 17.56
CA LYS A 947 -33.55 -19.41 16.26
C LYS A 947 -33.89 -17.92 16.42
N LEU A 948 -35.05 -17.66 17.02
CA LEU A 948 -35.50 -16.30 17.25
C LEU A 948 -34.51 -15.56 18.13
N GLN A 949 -34.07 -16.20 19.19
CA GLN A 949 -33.10 -15.58 20.08
C GLN A 949 -31.88 -15.18 19.28
N ASP A 950 -31.35 -16.13 18.51
CA ASP A 950 -30.18 -15.87 17.70
C ASP A 950 -30.36 -14.63 16.84
N VAL A 951 -31.48 -14.54 16.13
CA VAL A 951 -31.68 -13.36 15.29
C VAL A 951 -31.70 -12.10 16.15
N VAL A 952 -32.59 -12.04 17.14
CA VAL A 952 -32.69 -10.88 18.02
C VAL A 952 -31.34 -10.44 18.58
N ASN A 953 -30.41 -11.39 18.72
CA ASN A 953 -29.09 -11.11 19.26
C ASN A 953 -28.10 -10.55 18.24
N GLN A 954 -27.94 -11.26 17.13
CA GLN A 954 -27.00 -10.83 16.09
C GLN A 954 -27.05 -9.33 15.80
N ASN A 955 -28.25 -8.79 15.74
CA ASN A 955 -28.50 -7.39 15.48
C ASN A 955 -28.01 -6.50 16.61
N ALA A 956 -28.24 -6.89 17.86
CA ALA A 956 -27.71 -6.11 18.98
C ALA A 956 -26.19 -6.10 19.03
N GLN A 957 -25.55 -7.24 18.78
CA GLN A 957 -24.10 -7.29 18.75
C GLN A 957 -23.52 -6.42 17.64
N ALA A 958 -24.24 -6.26 16.54
CA ALA A 958 -23.73 -5.37 15.49
C ALA A 958 -23.96 -3.90 15.83
N LEU A 959 -25.12 -3.57 16.38
CA LEU A 959 -25.36 -2.18 16.76
C LEU A 959 -24.41 -1.72 17.86
N ASN A 960 -23.99 -2.62 18.74
CA ASN A 960 -23.05 -2.21 19.78
C ASN A 960 -21.65 -1.99 19.21
N THR A 961 -21.22 -2.86 18.31
CA THR A 961 -19.95 -2.66 17.63
C THR A 961 -19.93 -1.36 16.84
N LEU A 962 -21.06 -0.93 16.30
CA LEU A 962 -21.09 0.34 15.58
C LEU A 962 -20.82 1.51 16.51
N VAL A 963 -21.43 1.52 17.70
CA VAL A 963 -21.24 2.63 18.62
C VAL A 963 -19.87 2.58 19.27
N LYS A 964 -19.37 1.40 19.57
CA LYS A 964 -18.06 1.28 20.18
C LYS A 964 -16.92 1.72 19.26
N GLN A 965 -17.20 2.01 18.00
CA GLN A 965 -16.19 2.50 17.09
C GLN A 965 -16.07 4.01 17.13
N LEU A 966 -16.99 4.70 17.80
CA LEU A 966 -16.94 6.14 17.94
C LEU A 966 -15.90 6.57 18.97
N SER A 967 -15.12 5.61 19.45
CA SER A 967 -14.09 5.91 20.42
C SER A 967 -12.77 5.27 20.03
N SER A 968 -12.46 5.27 18.75
CA SER A 968 -11.16 4.86 18.25
C SER A 968 -10.55 6.03 17.50
N ASN A 969 -9.22 6.09 17.52
CA ASN A 969 -8.51 7.20 16.90
C ASN A 969 -8.34 7.02 15.42
N PHE A 970 -8.11 5.79 14.96
CA PHE A 970 -7.71 5.49 13.61
C PHE A 970 -6.44 6.22 13.20
N GLY A 971 -5.59 6.54 14.17
CA GLY A 971 -4.37 7.29 13.88
C GLY A 971 -4.57 8.78 13.95
N ALA A 972 -5.11 9.26 15.06
CA ALA A 972 -5.29 10.68 15.29
C ALA A 972 -4.90 10.95 16.73
N ILE A 973 -4.94 12.23 17.13
CA ILE A 973 -4.52 12.56 18.47
C ILE A 973 -5.57 12.23 19.52
N SER A 974 -6.85 12.28 19.17
CA SER A 974 -7.89 11.84 20.09
C SER A 974 -9.06 11.30 19.28
N SER A 975 -10.15 11.01 19.98
CA SER A 975 -11.39 10.54 19.37
C SER A 975 -12.48 11.59 19.42
N VAL A 976 -12.18 12.77 19.93
CA VAL A 976 -13.17 13.82 20.16
C VAL A 976 -12.87 14.97 19.21
N LEU A 977 -13.91 15.47 18.55
CA LEU A 977 -13.69 16.61 17.68
C LEU A 977 -13.52 17.90 18.46
N ASN A 978 -14.07 17.97 19.67
CA ASN A 978 -13.83 19.13 20.52
C ASN A 978 -12.44 19.13 21.15
N ASP A 979 -11.65 18.09 20.91
CA ASP A 979 -10.26 18.08 21.33
C ASP A 979 -9.29 18.34 20.19
N ILE A 980 -9.75 18.06 18.97
CA ILE A 980 -8.98 18.27 17.77
C ILE A 980 -9.34 19.62 17.21
N LEU A 981 -10.61 19.99 17.36
CA LEU A 981 -11.10 21.27 16.87
C LEU A 981 -10.58 22.40 17.74
N SER A 982 -11.10 22.47 18.96
CA SER A 982 -10.70 23.51 19.90
C SER A 982 -9.30 23.24 20.42
N ARG A 983 -8.38 22.95 19.51
CA ARG A 983 -7.00 22.66 19.87
C ARG A 983 -6.11 22.75 18.64
N LEU A 984 -6.65 23.25 17.55
CA LEU A 984 -5.88 23.38 16.31
C LEU A 984 -6.53 24.34 15.32
N ASP A 985 -5.79 24.68 14.27
CA ASP A 985 -6.27 25.59 13.25
C ASP A 985 -7.00 24.83 12.14
N PRO A 986 -8.02 25.53 11.51
CA PRO A 986 -8.69 24.77 10.43
C PRO A 986 -7.71 24.23 9.41
N PRO A 987 -6.50 24.92 9.28
CA PRO A 987 -5.60 24.36 8.26
C PRO A 987 -4.99 23.03 8.68
N GLU A 988 -4.76 22.84 9.98
CA GLU A 988 -4.18 21.61 10.47
C GLU A 988 -5.24 20.62 10.93
N ALA A 989 -6.27 21.14 11.59
CA ALA A 989 -7.36 20.30 12.07
C ALA A 989 -8.01 19.58 10.90
N GLU A 990 -7.76 20.07 9.70
CA GLU A 990 -8.33 19.48 8.49
C GLU A 990 -7.62 18.20 8.11
N VAL A 991 -6.61 17.81 8.88
CA VAL A 991 -5.86 16.59 8.60
C VAL A 991 -6.27 15.51 9.61
N GLN A 992 -6.21 15.87 10.89
CA GLN A 992 -6.60 14.96 11.96
C GLN A 992 -8.09 14.62 11.90
N ILE A 993 -8.91 15.51 11.37
CA ILE A 993 -10.32 15.24 11.22
C ILE A 993 -10.56 14.26 10.08
N ASP A 994 -9.77 14.37 9.01
CA ASP A 994 -9.91 13.43 7.91
C ASP A 994 -9.59 12.00 8.31
N ARG A 995 -8.64 11.80 9.21
CA ARG A 995 -8.34 10.44 9.67
C ARG A 995 -9.50 9.81 10.42
N LEU A 996 -10.26 10.62 11.14
CA LEU A 996 -11.47 10.14 11.80
C LEU A 996 -12.60 9.91 10.81
N ILE A 997 -12.76 10.82 9.85
CA ILE A 997 -13.82 10.67 8.86
C ILE A 997 -13.65 9.37 8.09
N THR A 998 -12.44 9.08 7.65
CA THR A 998 -12.22 7.86 6.88
C THR A 998 -12.55 6.61 7.67
N GLY A 999 -12.11 6.54 8.92
CA GLY A 999 -12.42 5.40 9.76
C GLY A 999 -13.89 5.23 10.03
N ARG A 1000 -14.57 6.29 10.42
CA ARG A 1000 -15.99 6.20 10.69
C ARG A 1000 -16.82 5.87 9.46
N LEU A 1001 -16.43 6.36 8.29
CA LEU A 1001 -17.12 5.96 7.07
C LEU A 1001 -16.92 4.48 6.79
N GLN A 1002 -15.70 3.99 6.94
CA GLN A 1002 -15.46 2.57 6.78
C GLN A 1002 -16.32 1.73 7.70
N SER A 1003 -16.44 2.14 8.96
CA SER A 1003 -17.19 1.34 9.91
C SER A 1003 -18.69 1.36 9.63
N LEU A 1004 -19.23 2.52 9.26
CA LEU A 1004 -20.63 2.59 8.88
C LEU A 1004 -20.93 1.76 7.64
N GLN A 1005 -20.03 1.75 6.67
CA GLN A 1005 -20.31 1.00 5.45
C GLN A 1005 -20.16 -0.50 5.68
N THR A 1006 -19.28 -0.92 6.58
CA THR A 1006 -19.25 -2.33 6.96
C THR A 1006 -20.54 -2.76 7.63
N TYR A 1007 -21.04 -1.93 8.56
CA TYR A 1007 -22.34 -2.19 9.14
C TYR A 1007 -23.43 -2.35 8.08
N VAL A 1008 -23.42 -1.50 7.05
CA VAL A 1008 -24.51 -1.56 6.10
C VAL A 1008 -24.38 -2.76 5.15
N THR A 1009 -23.16 -3.22 4.87
CA THR A 1009 -23.04 -4.43 4.06
C THR A 1009 -23.52 -5.68 4.81
N GLN A 1010 -23.11 -5.82 6.06
CA GLN A 1010 -23.49 -7.02 6.79
C GLN A 1010 -24.99 -7.10 7.07
N GLN A 1011 -25.68 -5.98 7.13
CA GLN A 1011 -27.13 -5.97 7.23
C GLN A 1011 -27.82 -6.40 5.95
N LEU A 1012 -27.30 -6.03 4.78
CA LEU A 1012 -27.83 -6.55 3.53
C LEU A 1012 -27.68 -8.07 3.47
N ILE A 1013 -26.55 -8.58 3.91
CA ILE A 1013 -26.33 -10.01 3.85
C ILE A 1013 -27.18 -10.76 4.86
N ARG A 1014 -27.48 -10.16 6.00
CA ARG A 1014 -28.34 -10.78 6.99
C ARG A 1014 -29.82 -10.69 6.63
N ALA A 1015 -30.22 -9.59 6.00
CA ALA A 1015 -31.59 -9.46 5.53
C ALA A 1015 -31.90 -10.41 4.39
N ALA A 1016 -30.96 -10.67 3.48
CA ALA A 1016 -31.21 -11.66 2.44
C ALA A 1016 -31.44 -13.05 2.99
N GLU A 1017 -30.97 -13.34 4.19
CA GLU A 1017 -31.19 -14.63 4.80
C GLU A 1017 -32.52 -14.69 5.56
N ILE A 1018 -32.88 -13.59 6.24
CA ILE A 1018 -34.20 -13.51 6.85
C ILE A 1018 -35.30 -13.58 5.79
N ARG A 1019 -35.02 -13.08 4.60
CA ARG A 1019 -36.01 -13.06 3.54
C ARG A 1019 -36.36 -14.46 3.07
N ALA A 1020 -35.37 -15.33 2.96
CA ALA A 1020 -35.61 -16.71 2.55
C ALA A 1020 -36.35 -17.51 3.59
N SER A 1021 -36.09 -17.27 4.86
CA SER A 1021 -36.84 -17.88 5.93
C SER A 1021 -38.30 -17.46 5.93
N ALA A 1022 -38.58 -16.18 5.76
CA ALA A 1022 -39.95 -15.73 5.63
C ALA A 1022 -40.64 -16.25 4.38
N ASN A 1023 -39.90 -16.46 3.30
CA ASN A 1023 -40.47 -17.06 2.10
C ASN A 1023 -40.83 -18.52 2.31
N LEU A 1024 -40.04 -19.24 3.10
CA LEU A 1024 -40.41 -20.59 3.48
C LEU A 1024 -41.59 -20.64 4.45
N ALA A 1025 -41.66 -19.72 5.39
CA ALA A 1025 -42.81 -19.63 6.29
C ALA A 1025 -44.10 -19.32 5.55
N ALA A 1026 -44.05 -18.49 4.53
CA ALA A 1026 -45.22 -18.21 3.74
C ALA A 1026 -45.70 -19.40 2.94
N THR A 1027 -44.80 -20.26 2.49
CA THR A 1027 -45.15 -21.49 1.78
C THR A 1027 -45.70 -22.54 2.72
N LYS A 1028 -45.15 -22.67 3.92
CA LYS A 1028 -45.71 -23.57 4.91
C LYS A 1028 -47.08 -23.12 5.39
N MET A 1029 -47.33 -21.83 5.52
CA MET A 1029 -48.68 -21.40 5.86
C MET A 1029 -49.69 -21.77 4.79
N SER A 1030 -49.30 -21.73 3.52
CA SER A 1030 -50.20 -22.09 2.44
C SER A 1030 -50.41 -23.59 2.36
N GLU A 1031 -49.34 -24.37 2.51
CA GLU A 1031 -49.38 -25.78 2.20
C GLU A 1031 -49.61 -26.68 3.39
N CYS A 1032 -49.38 -26.22 4.61
CA CYS A 1032 -49.65 -27.02 5.79
C CYS A 1032 -50.83 -26.54 6.59
N VAL A 1033 -51.16 -25.25 6.56
CA VAL A 1033 -52.26 -24.71 7.33
C VAL A 1033 -53.53 -24.60 6.51
N LEU A 1034 -53.45 -24.18 5.25
CA LEU A 1034 -54.63 -24.13 4.40
C LEU A 1034 -54.76 -25.34 3.49
N GLY A 1035 -53.97 -26.39 3.72
CA GLY A 1035 -54.13 -27.60 2.97
C GLY A 1035 -53.67 -28.82 3.74
N GLN A 1036 -53.66 -29.96 3.08
CA GLN A 1036 -52.98 -31.16 3.55
C GLN A 1036 -51.86 -31.48 2.58
N SER A 1037 -50.64 -31.55 3.07
CA SER A 1037 -49.51 -31.79 2.19
C SER A 1037 -49.19 -33.27 2.07
N LYS A 1038 -48.76 -33.67 0.88
CA LYS A 1038 -48.25 -35.00 0.61
C LYS A 1038 -46.73 -35.05 0.56
N ARG A 1039 -46.07 -33.91 0.43
CA ARG A 1039 -44.61 -33.87 0.47
C ARG A 1039 -44.09 -34.48 1.76
N VAL A 1040 -43.06 -35.30 1.67
CA VAL A 1040 -42.54 -36.02 2.83
C VAL A 1040 -41.69 -35.07 3.66
N ASP A 1041 -41.96 -35.02 4.96
CA ASP A 1041 -41.20 -34.25 5.94
C ASP A 1041 -41.20 -32.77 5.64
N PHE A 1042 -42.32 -32.26 5.16
CA PHE A 1042 -42.46 -30.82 4.94
C PHE A 1042 -43.31 -30.17 6.00
N CYS A 1043 -44.25 -30.91 6.57
CA CYS A 1043 -45.15 -30.43 7.61
C CYS A 1043 -45.11 -31.40 8.77
N GLY A 1044 -43.91 -31.70 9.25
CA GLY A 1044 -43.70 -32.61 10.35
C GLY A 1044 -43.09 -33.92 9.90
N LYS A 1045 -43.02 -34.85 10.84
CA LYS A 1045 -42.49 -36.18 10.57
C LYS A 1045 -43.55 -37.21 10.91
N GLY A 1046 -43.96 -37.97 9.92
CA GLY A 1046 -45.13 -38.81 9.93
C GLY A 1046 -45.93 -38.51 8.70
N TYR A 1047 -47.22 -38.81 8.75
CA TYR A 1047 -48.13 -38.47 7.66
C TYR A 1047 -48.94 -37.25 8.07
N HIS A 1048 -48.81 -36.16 7.31
CA HIS A 1048 -49.41 -34.91 7.70
C HIS A 1048 -50.92 -35.02 7.79
N LEU A 1049 -51.48 -34.67 8.94
CA LEU A 1049 -52.91 -34.46 9.06
C LEU A 1049 -53.26 -32.99 8.97
N MET A 1050 -52.74 -32.15 9.88
CA MET A 1050 -53.13 -30.74 9.87
C MET A 1050 -52.10 -29.93 10.63
N SER A 1051 -52.17 -28.62 10.49
CA SER A 1051 -51.20 -27.71 11.09
C SER A 1051 -51.92 -26.50 11.66
N PHE A 1052 -51.36 -25.94 12.73
CA PHE A 1052 -51.91 -24.77 13.41
C PHE A 1052 -50.82 -23.70 13.58
N PRO A 1053 -51.08 -22.45 13.20
CA PRO A 1053 -50.10 -21.39 13.43
C PRO A 1053 -50.25 -20.67 14.75
N GLN A 1054 -49.12 -20.22 15.28
CA GLN A 1054 -49.04 -19.38 16.46
C GLN A 1054 -48.00 -18.29 16.23
N SER A 1055 -48.30 -17.07 16.66
CA SER A 1055 -47.37 -15.98 16.45
C SER A 1055 -46.30 -15.99 17.54
N ALA A 1056 -45.11 -15.54 17.18
CA ALA A 1056 -43.97 -15.42 18.09
C ALA A 1056 -43.40 -14.03 17.92
N PRO A 1057 -42.48 -13.62 18.79
CA PRO A 1057 -41.92 -12.25 18.70
C PRO A 1057 -41.52 -11.74 17.32
N HIS A 1058 -40.64 -12.43 16.59
CA HIS A 1058 -40.34 -12.01 15.23
C HIS A 1058 -40.49 -13.16 14.26
N GLY A 1059 -41.44 -14.03 14.52
CA GLY A 1059 -41.61 -15.19 13.69
C GLY A 1059 -42.88 -15.91 13.97
N VAL A 1060 -42.90 -17.18 13.57
CA VAL A 1060 -44.11 -17.98 13.64
C VAL A 1060 -43.73 -19.39 14.06
N VAL A 1061 -44.59 -19.99 14.85
CA VAL A 1061 -44.49 -21.38 15.27
C VAL A 1061 -45.61 -22.15 14.59
N PHE A 1062 -45.27 -23.26 13.96
CA PHE A 1062 -46.27 -24.18 13.44
C PHE A 1062 -46.35 -25.37 14.36
N LEU A 1063 -47.56 -25.78 14.70
CA LEU A 1063 -47.84 -27.01 15.41
C LEU A 1063 -48.37 -28.01 14.40
N HIS A 1064 -47.58 -29.03 14.10
CA HIS A 1064 -47.90 -30.02 13.10
C HIS A 1064 -48.50 -31.24 13.77
N VAL A 1065 -49.67 -31.67 13.30
CA VAL A 1065 -50.35 -32.86 13.75
C VAL A 1065 -50.21 -33.92 12.67
N THR A 1066 -49.56 -35.03 13.00
CA THR A 1066 -49.33 -36.11 12.07
C THR A 1066 -49.77 -37.44 12.67
N TYR A 1067 -49.96 -38.40 11.77
CA TYR A 1067 -50.31 -39.78 12.07
C TYR A 1067 -49.05 -40.62 11.99
N VAL A 1068 -48.83 -41.47 12.98
CA VAL A 1068 -47.67 -42.34 13.00
C VAL A 1068 -48.15 -43.78 13.24
N PRO A 1069 -47.85 -44.73 12.36
CA PRO A 1069 -48.28 -46.10 12.60
C PRO A 1069 -47.46 -46.79 13.68
N ALA A 1070 -48.08 -47.77 14.34
CA ALA A 1070 -47.47 -48.39 15.50
C ALA A 1070 -47.87 -49.85 15.60
N GLN A 1071 -47.06 -50.59 16.35
CA GLN A 1071 -47.34 -51.97 16.76
C GLN A 1071 -47.53 -52.93 15.59
N GLU A 1072 -46.49 -53.15 14.82
CA GLU A 1072 -46.57 -53.93 13.60
C GLU A 1072 -46.47 -55.43 13.87
N LYS A 1073 -47.09 -56.21 13.00
CA LYS A 1073 -46.94 -57.67 12.99
C LYS A 1073 -46.43 -58.07 11.63
N ASN A 1074 -45.73 -59.20 11.54
CA ASN A 1074 -45.49 -59.80 10.24
C ASN A 1074 -46.52 -60.84 9.89
N PHE A 1075 -46.79 -60.92 8.59
CA PHE A 1075 -47.59 -61.93 7.93
C PHE A 1075 -46.79 -62.41 6.74
N THR A 1076 -47.33 -63.33 5.95
CA THR A 1076 -46.71 -63.70 4.69
C THR A 1076 -47.59 -63.20 3.55
N THR A 1077 -46.99 -62.82 2.43
CA THR A 1077 -47.68 -62.20 1.32
C THR A 1077 -47.51 -62.99 0.04
N ALA A 1078 -48.36 -62.66 -0.92
CA ALA A 1078 -48.28 -63.09 -2.29
C ALA A 1078 -48.69 -61.93 -3.17
N PRO A 1079 -48.21 -61.88 -4.39
CA PRO A 1079 -48.61 -60.80 -5.28
C PRO A 1079 -50.00 -60.97 -5.89
N ALA A 1080 -50.45 -62.20 -6.06
CA ALA A 1080 -51.70 -62.49 -6.73
C ALA A 1080 -52.21 -63.81 -6.21
N ILE A 1081 -53.46 -64.12 -6.53
CA ILE A 1081 -54.09 -65.38 -6.13
C ILE A 1081 -54.54 -66.08 -7.40
N CYS A 1082 -54.24 -67.37 -7.52
CA CYS A 1082 -54.69 -68.14 -8.67
C CYS A 1082 -55.98 -68.88 -8.31
N HIS A 1083 -56.95 -68.81 -9.19
CA HIS A 1083 -58.25 -69.43 -8.96
C HIS A 1083 -58.93 -69.62 -10.30
N ASP A 1084 -59.37 -70.84 -10.58
CA ASP A 1084 -60.02 -71.17 -11.85
C ASP A 1084 -59.12 -70.86 -13.05
N GLY A 1085 -57.82 -70.95 -12.85
CA GLY A 1085 -56.91 -70.64 -13.93
C GLY A 1085 -56.70 -69.18 -14.18
N LYS A 1086 -57.22 -68.31 -13.33
CA LYS A 1086 -57.05 -66.86 -13.49
C LYS A 1086 -56.20 -66.31 -12.35
N ALA A 1087 -55.63 -65.14 -12.59
CA ALA A 1087 -54.81 -64.44 -11.62
C ALA A 1087 -55.53 -63.21 -11.11
N HIS A 1088 -55.64 -63.07 -9.79
CA HIS A 1088 -56.39 -62.01 -9.15
C HIS A 1088 -55.44 -61.12 -8.38
N PHE A 1089 -55.65 -59.83 -8.50
CA PHE A 1089 -54.88 -58.80 -7.82
C PHE A 1089 -55.80 -57.96 -6.95
N PRO A 1090 -55.33 -57.47 -5.82
CA PRO A 1090 -56.20 -56.67 -4.96
C PRO A 1090 -56.46 -55.29 -5.54
N ARG A 1091 -57.69 -54.83 -5.36
CA ARG A 1091 -58.07 -53.52 -5.89
C ARG A 1091 -57.36 -52.39 -5.16
N GLU A 1092 -57.34 -52.42 -3.82
CA GLU A 1092 -56.62 -51.39 -3.09
C GLU A 1092 -55.92 -51.91 -1.84
N GLY A 1093 -55.47 -53.14 -1.84
CA GLY A 1093 -54.85 -53.61 -0.62
C GLY A 1093 -53.64 -54.49 -0.79
N VAL A 1094 -53.46 -55.39 0.16
CA VAL A 1094 -52.45 -56.43 0.09
C VAL A 1094 -53.09 -57.75 0.53
N PHE A 1095 -52.69 -58.82 -0.13
CA PHE A 1095 -53.02 -60.17 0.28
C PHE A 1095 -52.11 -60.59 1.42
N VAL A 1096 -52.68 -61.05 2.53
CA VAL A 1096 -51.87 -61.50 3.66
C VAL A 1096 -52.40 -62.84 4.16
N SER A 1097 -51.56 -63.52 4.94
CA SER A 1097 -51.87 -64.85 5.46
C SER A 1097 -51.53 -64.88 6.93
N ASN A 1098 -52.48 -65.31 7.77
CA ASN A 1098 -52.18 -65.42 9.20
C ASN A 1098 -51.53 -66.73 9.56
N GLY A 1099 -51.16 -67.54 8.58
CA GLY A 1099 -50.55 -68.83 8.82
C GLY A 1099 -51.28 -69.90 8.04
N THR A 1100 -52.61 -69.80 8.01
CA THR A 1100 -53.45 -70.77 7.32
C THR A 1100 -54.51 -70.18 6.42
N HIS A 1101 -54.87 -68.91 6.57
CA HIS A 1101 -55.93 -68.31 5.79
C HIS A 1101 -55.46 -67.04 5.11
N TRP A 1102 -56.14 -66.66 4.03
CA TRP A 1102 -55.75 -65.57 3.17
C TRP A 1102 -56.80 -64.47 3.18
N PHE A 1103 -56.36 -63.24 3.46
CA PHE A 1103 -57.24 -62.09 3.55
C PHE A 1103 -56.69 -60.95 2.70
N VAL A 1104 -57.45 -59.87 2.63
CA VAL A 1104 -56.99 -58.60 2.07
C VAL A 1104 -57.05 -57.55 3.18
N THR A 1105 -55.96 -56.79 3.33
CA THR A 1105 -56.01 -55.60 4.16
C THR A 1105 -55.76 -54.36 3.33
N GLN A 1106 -56.02 -53.22 3.94
CA GLN A 1106 -55.43 -51.98 3.49
C GLN A 1106 -54.03 -51.86 4.06
N ARG A 1107 -53.19 -51.12 3.37
CA ARG A 1107 -51.76 -51.28 3.57
C ARG A 1107 -51.22 -50.63 4.84
N ASN A 1108 -51.90 -49.65 5.41
CA ASN A 1108 -51.39 -48.94 6.58
C ASN A 1108 -52.07 -49.32 7.88
N PHE A 1109 -53.13 -50.10 7.86
CA PHE A 1109 -53.84 -50.44 9.08
C PHE A 1109 -54.41 -51.83 8.91
N TYR A 1110 -54.18 -52.69 9.89
CA TYR A 1110 -54.54 -54.10 9.75
C TYR A 1110 -56.03 -54.29 9.98
N GLU A 1111 -56.71 -54.78 8.95
CA GLU A 1111 -58.16 -54.98 8.98
C GLU A 1111 -58.51 -56.00 7.92
N PRO A 1112 -58.42 -57.28 8.24
CA PRO A 1112 -58.51 -58.32 7.21
C PRO A 1112 -59.93 -58.61 6.74
N GLN A 1113 -60.04 -58.94 5.46
CA GLN A 1113 -61.32 -59.18 4.81
C GLN A 1113 -61.23 -60.45 4.00
N ILE A 1114 -62.36 -61.08 3.75
CA ILE A 1114 -62.40 -62.25 2.89
C ILE A 1114 -62.17 -61.82 1.45
N ILE A 1115 -61.34 -62.55 0.73
CA ILE A 1115 -61.06 -62.27 -0.67
C ILE A 1115 -62.28 -62.65 -1.50
N THR A 1116 -62.88 -61.67 -2.16
CA THR A 1116 -64.04 -61.87 -3.01
C THR A 1116 -63.77 -61.24 -4.36
N THR A 1117 -64.73 -61.36 -5.26
CA THR A 1117 -64.64 -60.71 -6.57
C THR A 1117 -65.07 -59.26 -6.53
N ASP A 1118 -65.25 -58.69 -5.34
CA ASP A 1118 -65.58 -57.29 -5.18
C ASP A 1118 -64.37 -56.47 -4.76
N ASN A 1119 -63.35 -57.11 -4.19
CA ASN A 1119 -62.15 -56.41 -3.78
C ASN A 1119 -60.93 -56.87 -4.54
N THR A 1120 -61.10 -57.68 -5.58
CA THR A 1120 -60.01 -58.08 -6.46
C THR A 1120 -60.42 -57.86 -7.91
N PHE A 1121 -59.44 -57.88 -8.80
CA PHE A 1121 -59.72 -57.88 -10.23
C PHE A 1121 -58.83 -58.92 -10.91
N VAL A 1122 -59.21 -59.28 -12.13
CA VAL A 1122 -58.59 -60.38 -12.84
C VAL A 1122 -57.83 -59.85 -14.04
N SER A 1123 -56.67 -60.43 -14.31
CA SER A 1123 -56.00 -60.21 -15.59
C SER A 1123 -55.04 -61.35 -15.85
N GLY A 1124 -55.32 -62.16 -16.86
CA GLY A 1124 -54.41 -63.18 -17.32
C GLY A 1124 -54.61 -64.51 -16.65
N ASN A 1125 -53.72 -65.42 -16.98
CA ASN A 1125 -53.71 -66.76 -16.41
C ASN A 1125 -52.55 -66.87 -15.44
N CYS A 1126 -52.62 -67.86 -14.56
CA CYS A 1126 -51.72 -67.84 -13.42
C CYS A 1126 -50.45 -68.66 -13.66
N ASP A 1127 -49.72 -68.35 -14.74
CA ASP A 1127 -48.40 -68.93 -14.96
C ASP A 1127 -47.35 -67.93 -15.43
N VAL A 1128 -47.64 -66.64 -15.43
CA VAL A 1128 -46.64 -65.62 -15.76
C VAL A 1128 -46.19 -64.83 -14.53
N VAL A 1129 -47.05 -64.60 -13.55
CA VAL A 1129 -46.66 -63.99 -12.29
C VAL A 1129 -45.80 -64.98 -11.51
N ILE A 1130 -44.79 -64.49 -10.80
CA ILE A 1130 -43.96 -65.37 -9.99
C ILE A 1130 -44.26 -65.08 -8.52
N GLY A 1131 -44.71 -66.10 -7.81
CA GLY A 1131 -45.17 -65.95 -6.46
C GLY A 1131 -46.65 -66.15 -6.26
N ILE A 1132 -47.41 -66.46 -7.30
CA ILE A 1132 -48.84 -66.72 -7.15
C ILE A 1132 -49.06 -67.83 -6.13
N VAL A 1133 -50.13 -67.71 -5.36
CA VAL A 1133 -50.55 -68.81 -4.50
C VAL A 1133 -51.94 -69.26 -4.91
N ASN A 1134 -52.26 -70.49 -4.56
CA ASN A 1134 -53.55 -71.09 -4.83
C ASN A 1134 -54.48 -70.82 -3.67
N ASN A 1135 -55.66 -70.30 -3.95
CA ASN A 1135 -56.66 -70.04 -2.93
C ASN A 1135 -57.97 -69.74 -3.64
N THR A 1136 -59.05 -69.81 -2.90
CA THR A 1136 -60.38 -69.64 -3.46
C THR A 1136 -60.82 -68.19 -3.35
N VAL A 1137 -61.40 -67.68 -4.44
CA VAL A 1137 -61.95 -66.34 -4.50
C VAL A 1137 -63.46 -66.49 -4.51
N TYR A 1138 -64.11 -65.88 -3.55
CA TYR A 1138 -65.52 -66.14 -3.27
C TYR A 1138 -66.40 -65.19 -4.07
N ASP A 1139 -67.36 -65.75 -4.75
CA ASP A 1139 -68.36 -65.02 -5.52
C ASP A 1139 -69.58 -64.77 -4.67
N PRO A 1140 -70.02 -63.52 -4.49
CA PRO A 1140 -71.17 -63.28 -3.62
C PRO A 1140 -72.51 -63.66 -4.21
N LEU A 1141 -72.70 -63.48 -5.51
CA LEU A 1141 -73.95 -63.83 -6.16
C LEU A 1141 -74.21 -65.32 -6.15
N GLN A 1142 -73.21 -66.11 -6.56
CA GLN A 1142 -73.33 -67.55 -6.76
C GLN A 1142 -74.09 -68.28 -5.65
N PRO A 1143 -73.73 -68.15 -4.37
CA PRO A 1143 -74.58 -68.75 -3.33
C PRO A 1143 -75.92 -68.05 -3.17
N GLU A 1144 -75.87 -66.74 -2.94
CA GLU A 1144 -77.05 -65.99 -2.52
C GLU A 1144 -78.22 -66.21 -3.45
N LEU A 1145 -77.99 -66.04 -4.74
CA LEU A 1145 -78.98 -66.34 -5.77
C LEU A 1145 -79.53 -67.75 -5.58
N ASP A 1146 -78.64 -68.70 -5.32
CA ASP A 1146 -79.03 -70.11 -5.21
C ASP A 1146 -79.14 -70.58 -3.76
N ALA B 27 22.00 -11.74 -45.95
CA ALA B 27 20.86 -12.62 -45.77
C ALA B 27 20.19 -12.39 -44.44
N TYR B 28 18.94 -12.83 -44.32
CA TYR B 28 18.20 -12.79 -43.08
C TYR B 28 17.55 -14.15 -42.92
N THR B 29 17.30 -14.53 -41.66
CA THR B 29 16.72 -15.83 -41.39
C THR B 29 15.72 -15.67 -40.25
N ASN B 30 14.99 -16.75 -39.98
CA ASN B 30 13.91 -16.78 -39.01
C ASN B 30 14.29 -17.70 -37.88
N SER B 31 14.40 -17.15 -36.67
CA SER B 31 14.47 -17.95 -35.47
C SER B 31 13.13 -18.66 -35.31
N PHE B 32 13.07 -19.74 -34.54
CA PHE B 32 11.74 -20.25 -34.31
C PHE B 32 11.35 -20.09 -32.85
N THR B 33 12.08 -20.78 -31.97
CA THR B 33 11.91 -20.61 -30.53
C THR B 33 13.33 -20.70 -29.97
N ARG B 34 13.98 -19.56 -29.88
CA ARG B 34 15.41 -19.50 -29.60
C ARG B 34 15.70 -18.30 -28.73
N GLY B 35 16.67 -18.43 -27.84
CA GLY B 35 17.07 -17.30 -27.02
C GLY B 35 16.28 -17.19 -25.74
N VAL B 36 16.03 -18.31 -25.08
CA VAL B 36 15.38 -18.35 -23.78
C VAL B 36 16.45 -18.67 -22.75
N TYR B 37 16.53 -17.83 -21.72
CA TYR B 37 17.51 -18.01 -20.66
C TYR B 37 16.79 -18.01 -19.31
N TYR B 38 17.41 -18.65 -18.34
CA TYR B 38 16.89 -18.65 -16.98
C TYR B 38 17.04 -17.25 -16.40
N PRO B 39 15.92 -16.59 -16.13
CA PRO B 39 15.91 -15.22 -15.63
C PRO B 39 16.68 -15.00 -14.33
N ASP B 40 17.06 -16.08 -13.66
CA ASP B 40 17.80 -15.95 -12.41
C ASP B 40 17.94 -17.28 -11.69
N LYS B 41 18.55 -17.24 -10.52
CA LYS B 41 18.75 -18.44 -9.71
C LYS B 41 17.39 -18.94 -9.24
N VAL B 42 17.35 -19.55 -8.07
CA VAL B 42 16.10 -20.04 -7.53
C VAL B 42 15.62 -21.26 -8.33
N PHE B 43 15.69 -22.43 -7.71
CA PHE B 43 15.26 -23.65 -8.37
C PHE B 43 13.79 -23.50 -8.76
N ARG B 44 13.20 -24.58 -9.28
CA ARG B 44 11.81 -24.56 -9.69
C ARG B 44 11.44 -25.79 -10.48
N SER B 45 10.20 -26.24 -10.33
CA SER B 45 9.72 -27.42 -11.03
C SER B 45 8.48 -27.08 -11.86
N SER B 46 7.73 -28.11 -12.22
CA SER B 46 6.52 -27.95 -13.02
C SER B 46 5.69 -26.76 -12.55
N VAL B 47 5.92 -25.60 -13.17
CA VAL B 47 5.19 -24.38 -12.81
C VAL B 47 5.18 -23.34 -13.92
N LEU B 48 4.16 -23.38 -14.77
CA LEU B 48 4.06 -22.41 -15.86
C LEU B 48 4.20 -21.02 -15.25
N HIS B 49 5.43 -20.65 -14.97
CA HIS B 49 5.76 -19.37 -14.34
C HIS B 49 5.82 -18.26 -15.38
N SER B 50 5.30 -17.10 -15.03
CA SER B 50 5.20 -15.97 -15.94
C SER B 50 6.21 -14.90 -15.59
N THR B 51 6.96 -14.42 -16.60
CA THR B 51 7.99 -13.41 -16.37
C THR B 51 7.87 -12.25 -17.36
N GLN B 52 8.35 -11.09 -16.92
CA GLN B 52 8.57 -9.93 -17.75
C GLN B 52 10.07 -9.64 -17.79
N ASP B 53 10.65 -9.59 -18.97
CA ASP B 53 12.10 -9.40 -19.07
C ASP B 53 12.46 -9.01 -20.50
N LEU B 54 13.75 -9.05 -20.82
CA LEU B 54 14.24 -8.78 -22.16
C LEU B 54 14.51 -10.10 -22.85
N PHE B 55 13.73 -10.39 -23.88
CA PHE B 55 13.83 -11.65 -24.59
C PHE B 55 13.95 -11.39 -26.08
N LEU B 56 14.29 -12.43 -26.81
CA LEU B 56 14.28 -12.42 -28.26
C LEU B 56 12.92 -12.95 -28.71
N PRO B 57 12.07 -12.10 -29.30
CA PRO B 57 10.72 -12.55 -29.66
C PRO B 57 10.72 -13.76 -30.56
N PHE B 58 9.69 -14.59 -30.46
CA PHE B 58 9.62 -15.78 -31.28
C PHE B 58 9.42 -15.41 -32.74
N PHE B 59 9.98 -16.22 -33.63
CA PHE B 59 9.87 -16.00 -35.06
C PHE B 59 10.32 -14.60 -35.43
N SER B 60 11.61 -14.33 -35.24
CA SER B 60 12.17 -13.00 -35.43
C SER B 60 13.02 -12.98 -36.69
N ASN B 61 13.51 -11.78 -36.99
CA ASN B 61 14.25 -11.49 -38.20
C ASN B 61 15.73 -11.32 -37.83
N VAL B 62 16.50 -12.39 -37.91
CA VAL B 62 17.87 -12.40 -37.43
C VAL B 62 18.80 -12.27 -38.63
N THR B 63 19.72 -11.32 -38.56
CA THR B 63 20.71 -11.14 -39.62
C THR B 63 21.52 -12.40 -39.82
N TRP B 64 22.07 -12.56 -41.01
CA TRP B 64 22.93 -13.68 -41.32
C TRP B 64 24.26 -13.12 -41.79
N PHE B 65 25.35 -13.71 -41.29
CA PHE B 65 26.68 -13.30 -41.70
C PHE B 65 27.46 -14.54 -42.12
N HIS B 66 28.28 -14.39 -43.15
CA HIS B 66 29.15 -15.44 -43.63
C HIS B 66 30.59 -15.00 -43.47
N ALA B 67 31.49 -15.97 -43.59
CA ALA B 67 32.92 -15.72 -43.58
C ALA B 67 33.61 -16.92 -44.20
N ASN B 81 34.45 -9.13 -39.42
CA ASN B 81 33.13 -8.75 -39.89
C ASN B 81 32.70 -7.46 -39.12
N PRO B 82 31.63 -6.79 -39.53
CA PRO B 82 31.50 -5.36 -39.25
C PRO B 82 31.09 -5.01 -37.82
N VAL B 83 31.15 -3.70 -37.55
CA VAL B 83 30.72 -3.11 -36.28
C VAL B 83 29.20 -3.09 -36.25
N LEU B 84 28.62 -3.71 -35.24
CA LEU B 84 27.18 -3.78 -35.08
C LEU B 84 26.72 -2.87 -33.96
N PRO B 85 25.42 -2.68 -33.75
CA PRO B 85 24.98 -2.00 -32.53
C PRO B 85 24.72 -2.97 -31.38
N PHE B 86 24.43 -2.45 -30.19
CA PHE B 86 24.03 -3.27 -29.05
C PHE B 86 22.61 -2.98 -28.58
N ASN B 87 22.38 -1.75 -28.14
CA ASN B 87 21.14 -1.00 -27.90
C ASN B 87 20.24 -1.63 -26.85
N ASP B 88 20.22 -2.95 -26.73
CA ASP B 88 19.61 -3.67 -25.61
C ASP B 88 19.93 -5.15 -25.78
N GLY B 89 20.99 -5.63 -25.15
CA GLY B 89 21.28 -7.05 -25.23
C GLY B 89 21.43 -7.61 -26.63
N VAL B 90 21.85 -8.88 -26.74
CA VAL B 90 22.14 -9.49 -28.03
C VAL B 90 22.03 -11.00 -27.87
N TYR B 91 21.33 -11.63 -28.81
CA TYR B 91 21.45 -13.05 -29.05
C TYR B 91 22.51 -13.29 -30.12
N PHE B 92 23.20 -14.41 -30.01
CA PHE B 92 24.32 -14.64 -30.91
C PHE B 92 24.58 -16.14 -31.00
N ALA B 93 24.25 -16.76 -32.12
CA ALA B 93 24.57 -18.16 -32.33
C ALA B 93 25.70 -18.28 -33.34
N SER B 94 26.22 -19.50 -33.48
CA SER B 94 27.36 -19.75 -34.36
C SER B 94 27.49 -21.25 -34.56
N THR B 95 28.03 -21.65 -35.72
CA THR B 95 28.09 -23.05 -36.10
C THR B 95 29.42 -23.38 -36.77
N GLU B 96 30.08 -24.43 -36.28
CA GLU B 96 31.28 -25.00 -36.91
C GLU B 96 31.81 -26.20 -36.16
N LYS B 97 32.83 -26.87 -36.71
CA LYS B 97 33.62 -27.87 -35.98
C LYS B 97 34.99 -27.34 -35.61
N SER B 98 35.68 -26.67 -36.52
CA SER B 98 36.83 -25.84 -36.17
C SER B 98 36.36 -24.66 -35.33
N ASN B 99 37.26 -23.76 -34.97
CA ASN B 99 36.88 -22.62 -34.13
C ASN B 99 37.31 -21.33 -34.80
N ILE B 100 36.41 -20.77 -35.62
CA ILE B 100 36.67 -19.55 -36.36
C ILE B 100 36.22 -18.38 -35.51
N ILE B 101 35.14 -18.56 -34.76
CA ILE B 101 34.63 -17.53 -33.88
C ILE B 101 35.45 -17.57 -32.60
N ARG B 102 36.20 -16.49 -32.35
CA ARG B 102 37.17 -16.44 -31.27
C ARG B 102 36.88 -15.22 -30.41
N GLY B 103 35.62 -15.06 -30.04
CA GLY B 103 35.25 -14.03 -29.10
C GLY B 103 34.82 -12.75 -29.78
N TRP B 104 34.40 -11.81 -28.95
CA TRP B 104 33.77 -10.58 -29.35
C TRP B 104 34.56 -9.43 -28.75
N ILE B 105 34.23 -8.22 -29.15
CA ILE B 105 34.79 -7.03 -28.50
C ILE B 105 33.65 -6.04 -28.39
N PHE B 106 33.60 -5.32 -27.28
CA PHE B 106 32.43 -4.52 -26.96
C PHE B 106 32.84 -3.07 -26.73
N GLY B 107 31.85 -2.22 -26.49
CA GLY B 107 32.13 -0.87 -26.04
C GLY B 107 31.32 0.20 -26.71
N THR B 108 31.78 1.45 -26.60
CA THR B 108 31.09 2.54 -27.28
C THR B 108 31.89 3.01 -28.49
N THR B 109 33.21 3.16 -28.34
CA THR B 109 34.05 3.67 -29.43
C THR B 109 35.04 2.65 -29.96
N LEU B 110 35.29 1.56 -29.25
CA LEU B 110 36.21 0.51 -29.69
C LEU B 110 37.61 1.07 -29.96
N ASP B 111 38.03 1.99 -29.10
CA ASP B 111 39.34 2.60 -29.22
C ASP B 111 39.75 3.18 -27.87
N SER B 112 40.78 4.02 -27.90
CA SER B 112 41.15 4.77 -26.71
C SER B 112 40.20 5.94 -26.51
N LYS B 113 40.47 6.75 -25.49
CA LYS B 113 39.66 7.89 -25.07
C LYS B 113 38.38 7.44 -24.36
N THR B 114 38.05 6.14 -24.40
CA THR B 114 36.99 5.59 -23.58
C THR B 114 37.23 4.09 -23.45
N GLN B 115 36.70 3.52 -22.37
CA GLN B 115 36.99 2.15 -21.98
C GLN B 115 36.11 1.16 -22.71
N SER B 116 36.60 -0.08 -22.84
CA SER B 116 35.88 -1.13 -23.54
C SER B 116 36.29 -2.49 -22.98
N LEU B 117 35.48 -3.50 -23.28
CA LEU B 117 35.74 -4.88 -22.89
C LEU B 117 36.38 -5.62 -24.06
N LEU B 118 37.06 -6.72 -23.77
CA LEU B 118 37.66 -7.56 -24.79
C LEU B 118 37.66 -9.01 -24.32
N ILE B 119 37.00 -9.88 -25.08
CA ILE B 119 36.87 -11.28 -24.73
C ILE B 119 37.45 -12.13 -25.85
N VAL B 120 38.50 -12.86 -25.52
CA VAL B 120 39.30 -13.51 -26.54
C VAL B 120 39.49 -14.97 -26.17
N ASN B 121 39.85 -15.80 -27.15
CA ASN B 121 40.20 -17.19 -26.92
C ASN B 121 41.21 -17.62 -27.97
N ASN B 122 42.50 -17.71 -27.61
CA ASN B 122 43.46 -18.38 -28.49
C ASN B 122 43.29 -19.88 -28.31
N ALA B 123 44.18 -20.69 -28.87
CA ALA B 123 44.02 -22.13 -28.76
C ALA B 123 44.24 -22.61 -27.33
N THR B 124 44.47 -21.67 -26.40
CA THR B 124 44.72 -22.02 -25.00
C THR B 124 43.45 -22.03 -24.17
N ASN B 125 42.86 -20.84 -24.00
CA ASN B 125 41.64 -20.63 -23.21
C ASN B 125 41.28 -19.16 -23.19
N VAL B 126 40.11 -18.89 -22.63
CA VAL B 126 39.47 -17.58 -22.62
C VAL B 126 40.34 -16.53 -21.95
N VAL B 127 40.29 -15.30 -22.43
CA VAL B 127 41.00 -14.18 -21.82
C VAL B 127 40.08 -12.96 -21.77
N ILE B 128 39.35 -12.79 -20.66
CA ILE B 128 38.60 -11.56 -20.52
C ILE B 128 39.57 -10.46 -20.14
N LYS B 129 39.25 -9.22 -20.52
CA LYS B 129 40.16 -8.11 -20.28
C LYS B 129 39.39 -6.81 -20.41
N VAL B 130 39.71 -5.85 -19.55
CA VAL B 130 39.11 -4.54 -19.66
C VAL B 130 40.17 -3.46 -19.49
N CYS B 131 40.62 -2.89 -20.59
CA CYS B 131 41.51 -1.74 -20.62
C CYS B 131 40.92 -0.65 -21.50
N GLU B 132 41.71 0.36 -21.77
CA GLU B 132 41.52 1.23 -22.92
C GLU B 132 42.44 0.73 -24.02
N PHE B 133 41.86 0.47 -25.19
CA PHE B 133 42.61 -0.20 -26.25
C PHE B 133 42.81 0.75 -27.43
N GLN B 134 43.51 0.24 -28.43
CA GLN B 134 43.50 0.79 -29.77
C GLN B 134 43.24 -0.37 -30.69
N PHE B 135 42.01 -0.46 -31.20
CA PHE B 135 41.56 -1.61 -31.95
C PHE B 135 41.78 -1.37 -33.43
N CYS B 136 42.32 -2.38 -34.11
CA CYS B 136 42.30 -2.39 -35.56
C CYS B 136 40.88 -2.23 -36.05
N ASN B 137 40.68 -1.41 -37.08
CA ASN B 137 39.36 -1.29 -37.65
C ASN B 137 38.90 -2.60 -38.27
N ASP B 138 39.82 -3.47 -38.65
CA ASP B 138 39.52 -4.84 -39.04
C ASP B 138 40.39 -5.78 -38.21
N PRO B 139 40.01 -6.03 -36.96
CA PRO B 139 40.87 -6.80 -36.06
C PRO B 139 40.54 -8.29 -36.14
N PHE B 140 41.58 -9.11 -36.04
CA PHE B 140 41.41 -10.56 -36.17
C PHE B 140 42.65 -11.24 -35.60
N LEU B 141 42.71 -12.55 -35.75
CA LEU B 141 43.87 -13.34 -35.38
C LEU B 141 44.12 -14.40 -36.44
N GLY B 142 45.40 -14.70 -36.65
CA GLY B 142 45.80 -15.59 -37.74
C GLY B 142 45.70 -17.06 -37.37
N VAL B 143 46.45 -17.86 -38.12
CA VAL B 143 46.58 -19.29 -37.88
C VAL B 143 47.72 -19.80 -38.75
N MET B 153 53.89 -22.39 -37.33
CA MET B 153 53.58 -20.97 -37.35
C MET B 153 52.50 -20.64 -36.33
N GLU B 154 51.24 -20.59 -36.80
CA GLU B 154 50.07 -20.40 -35.96
C GLU B 154 50.23 -19.14 -35.10
N SER B 155 50.67 -18.05 -35.72
CA SER B 155 50.90 -16.77 -35.07
C SER B 155 49.84 -15.77 -35.52
N GLU B 156 49.43 -14.92 -34.59
CA GLU B 156 48.10 -14.34 -34.65
C GLU B 156 48.02 -12.98 -33.96
N PHE B 157 46.79 -12.59 -33.61
CA PHE B 157 46.51 -11.44 -32.76
C PHE B 157 46.97 -10.13 -33.36
N ARG B 158 46.40 -9.77 -34.50
CA ARG B 158 46.51 -8.40 -34.99
C ARG B 158 45.32 -7.60 -34.50
N VAL B 159 44.81 -7.96 -33.32
CA VAL B 159 43.53 -7.43 -32.86
C VAL B 159 43.68 -5.96 -32.48
N TYR B 160 44.46 -5.67 -31.45
CA TYR B 160 44.66 -4.29 -31.03
C TYR B 160 46.12 -3.86 -31.15
N SER B 161 46.43 -2.66 -30.67
CA SER B 161 47.82 -2.22 -30.57
C SER B 161 48.05 -1.40 -29.30
N SER B 162 47.18 -1.56 -28.31
CA SER B 162 47.26 -0.77 -27.08
C SER B 162 46.49 -1.51 -25.99
N ALA B 163 47.02 -1.43 -24.76
CA ALA B 163 46.42 -2.09 -23.60
C ALA B 163 46.53 -1.23 -22.35
N ASN B 164 46.17 0.04 -22.44
CA ASN B 164 46.45 1.00 -21.38
C ASN B 164 45.40 0.96 -20.27
N ASN B 165 45.82 1.33 -19.07
CA ASN B 165 44.90 1.62 -17.97
C ASN B 165 44.00 0.46 -17.56
N CYS B 166 44.45 -0.77 -17.71
CA CYS B 166 43.60 -1.94 -17.48
C CYS B 166 42.98 -1.95 -16.09
N THR B 167 41.65 -2.11 -16.04
CA THR B 167 40.86 -2.01 -14.82
C THR B 167 40.27 -3.36 -14.46
N PHE B 168 40.57 -4.38 -15.24
CA PHE B 168 40.08 -5.74 -14.98
C PHE B 168 40.84 -6.68 -15.88
N GLU B 169 41.38 -7.76 -15.34
CA GLU B 169 42.01 -8.77 -16.16
C GLU B 169 41.41 -10.13 -15.80
N TYR B 170 41.74 -11.12 -16.62
CA TYR B 170 41.45 -12.51 -16.34
C TYR B 170 42.17 -13.34 -17.39
N VAL B 171 42.77 -14.45 -16.99
CA VAL B 171 43.30 -15.41 -17.95
C VAL B 171 43.02 -16.80 -17.37
N SER B 172 43.50 -17.84 -18.03
CA SER B 172 43.42 -19.19 -17.48
C SER B 172 44.48 -20.08 -18.12
N LYS B 187 27.73 -30.28 -36.73
CA LYS B 187 28.92 -29.82 -36.02
C LYS B 187 28.59 -29.36 -34.61
N ASN B 188 28.66 -28.04 -34.40
CA ASN B 188 28.41 -27.46 -33.10
C ASN B 188 27.53 -26.23 -33.28
N LEU B 189 26.68 -26.00 -32.29
CA LEU B 189 25.91 -24.76 -32.19
C LEU B 189 26.15 -24.16 -30.82
N ARG B 190 26.58 -22.90 -30.80
CA ARG B 190 27.01 -22.24 -29.58
C ARG B 190 26.27 -20.91 -29.46
N GLU B 191 25.24 -20.88 -28.62
CA GLU B 191 24.45 -19.69 -28.43
C GLU B 191 24.91 -18.88 -27.23
N PHE B 192 24.70 -17.57 -27.31
CA PHE B 192 25.09 -16.65 -26.24
C PHE B 192 24.08 -15.53 -26.17
N VAL B 193 23.78 -15.09 -24.95
CA VAL B 193 22.96 -13.91 -24.72
C VAL B 193 23.79 -12.95 -23.88
N PHE B 194 24.00 -11.75 -24.39
CA PHE B 194 24.78 -10.73 -23.70
C PHE B 194 23.86 -9.61 -23.28
N LYS B 195 23.95 -9.22 -22.01
CA LYS B 195 23.19 -8.05 -21.55
C LYS B 195 24.02 -7.27 -20.54
N ASN B 196 23.59 -6.04 -20.25
CA ASN B 196 24.40 -5.09 -19.51
C ASN B 196 23.49 -4.19 -18.68
N ILE B 197 23.33 -4.50 -17.40
CA ILE B 197 22.41 -3.79 -16.52
C ILE B 197 23.12 -3.42 -15.23
N ASP B 198 22.95 -2.17 -14.81
CA ASP B 198 23.47 -1.64 -13.55
C ASP B 198 24.94 -2.00 -13.35
N GLY B 199 25.77 -1.68 -14.34
CA GLY B 199 27.20 -1.91 -14.24
C GLY B 199 27.61 -3.36 -14.19
N TYR B 200 26.68 -4.28 -14.40
CA TYR B 200 26.99 -5.69 -14.50
C TYR B 200 26.78 -6.13 -15.94
N PHE B 201 27.74 -6.92 -16.43
CA PHE B 201 27.66 -7.41 -17.81
C PHE B 201 27.43 -8.91 -17.73
N LYS B 202 26.19 -9.32 -17.95
CA LYS B 202 25.78 -10.71 -17.79
C LYS B 202 25.89 -11.44 -19.12
N ILE B 203 26.26 -12.71 -19.04
CA ILE B 203 26.49 -13.56 -20.19
C ILE B 203 25.84 -14.91 -19.92
N TYR B 204 24.86 -15.28 -20.74
CA TYR B 204 24.29 -16.60 -20.70
C TYR B 204 24.76 -17.34 -21.93
N SER B 205 24.76 -18.66 -21.86
CA SER B 205 25.32 -19.42 -22.96
C SER B 205 24.75 -20.83 -22.96
N LYS B 206 24.93 -21.51 -24.09
CA LYS B 206 24.53 -22.90 -24.22
C LYS B 206 25.26 -23.48 -25.42
N HIS B 207 25.64 -24.75 -25.32
CA HIS B 207 26.34 -25.46 -26.38
C HIS B 207 25.54 -26.70 -26.72
N THR B 208 24.84 -26.63 -27.82
CA THR B 208 24.10 -27.78 -28.33
C THR B 208 24.84 -28.38 -29.52
N PRO B 209 24.79 -29.68 -29.70
CA PRO B 209 25.36 -30.27 -30.92
C PRO B 209 24.36 -30.35 -32.05
N ILE B 210 24.66 -29.72 -33.20
CA ILE B 210 23.80 -29.87 -34.37
C ILE B 210 24.16 -31.16 -35.07
N ASN B 211 23.29 -31.61 -35.97
CA ASN B 211 23.67 -32.70 -36.86
C ASN B 211 23.76 -32.17 -38.29
N LEU B 212 23.89 -30.85 -38.40
CA LEU B 212 24.25 -30.14 -39.61
C LEU B 212 25.64 -29.55 -39.41
N VAL B 213 26.09 -28.74 -40.36
CA VAL B 213 27.37 -28.07 -40.17
C VAL B 213 27.17 -26.59 -39.84
N ARG B 214 26.49 -25.82 -40.70
CA ARG B 214 26.40 -24.37 -40.50
C ARG B 214 25.08 -23.71 -40.90
N ASP B 215 23.93 -24.28 -40.52
CA ASP B 215 22.63 -23.63 -40.73
C ASP B 215 21.86 -23.59 -39.41
N LEU B 216 21.06 -22.55 -39.22
CA LEU B 216 20.31 -22.37 -37.97
C LEU B 216 19.19 -23.39 -37.86
N PRO B 217 19.21 -24.27 -36.88
CA PRO B 217 18.19 -25.32 -36.78
C PRO B 217 16.92 -24.84 -36.09
N GLN B 218 16.05 -25.80 -35.77
CA GLN B 218 14.81 -25.52 -35.06
C GLN B 218 14.78 -26.33 -33.77
N GLY B 219 14.12 -25.80 -32.76
CA GLY B 219 14.00 -26.51 -31.51
C GLY B 219 13.99 -25.60 -30.29
N PHE B 220 13.95 -26.18 -29.09
CA PHE B 220 13.93 -25.43 -27.86
C PHE B 220 15.10 -25.83 -26.98
N SER B 221 15.83 -24.83 -26.47
CA SER B 221 16.97 -25.08 -25.61
C SER B 221 17.28 -23.85 -24.78
N ALA B 222 17.06 -23.90 -23.47
CA ALA B 222 17.21 -22.74 -22.60
C ALA B 222 18.68 -22.52 -22.23
N LEU B 223 19.05 -21.25 -22.11
CA LEU B 223 20.44 -20.85 -21.93
C LEU B 223 20.70 -20.53 -20.46
N GLU B 224 21.82 -21.13 -19.88
CA GLU B 224 22.17 -21.07 -18.47
C GLU B 224 23.23 -20.01 -18.20
N PRO B 225 23.08 -19.24 -17.12
CA PRO B 225 24.00 -18.12 -16.88
C PRO B 225 25.43 -18.59 -16.65
N LEU B 226 26.37 -17.80 -17.17
CA LEU B 226 27.79 -18.18 -17.17
C LEU B 226 28.62 -17.28 -16.26
N VAL B 227 28.53 -15.98 -16.50
CA VAL B 227 29.46 -15.01 -15.96
C VAL B 227 28.65 -13.86 -15.39
N ASP B 228 29.36 -12.97 -14.69
CA ASP B 228 28.84 -11.74 -14.10
C ASP B 228 30.06 -10.83 -13.90
N LEU B 229 30.08 -9.63 -14.51
CA LEU B 229 31.24 -8.78 -14.35
C LEU B 229 30.82 -7.41 -13.86
N PRO B 230 31.21 -7.01 -12.65
CA PRO B 230 30.88 -5.65 -12.14
C PRO B 230 31.85 -4.60 -12.70
N ILE B 231 31.62 -4.22 -13.96
CA ILE B 231 32.54 -3.33 -14.65
C ILE B 231 32.13 -1.88 -14.46
N GLY B 232 30.97 -1.51 -14.98
CA GLY B 232 30.53 -0.12 -14.97
C GLY B 232 30.59 0.49 -16.35
N ILE B 233 31.28 -0.20 -17.25
CA ILE B 233 31.47 0.16 -18.66
C ILE B 233 30.16 0.53 -19.34
N ASN B 234 30.20 1.53 -20.22
CA ASN B 234 29.12 1.85 -21.14
C ASN B 234 29.32 1.06 -22.43
N ILE B 235 28.24 0.61 -23.05
CA ILE B 235 28.32 -0.15 -24.29
C ILE B 235 27.31 0.38 -25.29
N THR B 236 27.76 0.54 -26.54
CA THR B 236 26.87 0.93 -27.62
C THR B 236 27.18 0.16 -28.90
N ARG B 237 28.31 -0.55 -28.93
CA ARG B 237 28.70 -1.23 -30.16
C ARG B 237 29.46 -2.50 -29.81
N PHE B 238 29.56 -3.40 -30.78
CA PHE B 238 30.32 -4.63 -30.59
C PHE B 238 30.73 -5.19 -31.94
N GLN B 239 31.61 -6.19 -31.91
CA GLN B 239 32.17 -6.78 -33.11
C GLN B 239 32.33 -8.28 -32.93
N THR B 240 33.11 -8.89 -33.81
CA THR B 240 33.44 -10.31 -33.72
C THR B 240 34.90 -10.49 -34.10
N LEU B 241 35.44 -11.68 -33.82
CA LEU B 241 36.84 -12.00 -34.06
C LEU B 241 36.92 -13.37 -34.74
N LEU B 242 37.75 -13.45 -35.77
CA LEU B 242 37.82 -14.67 -36.57
C LEU B 242 39.28 -15.07 -36.81
N ALA B 243 39.49 -16.36 -36.98
CA ALA B 243 40.82 -16.93 -37.24
C ALA B 243 40.99 -17.11 -38.75
N LEU B 244 41.93 -16.36 -39.33
CA LEU B 244 42.11 -16.28 -40.78
C LEU B 244 42.51 -17.60 -41.41
N HIS B 245 42.63 -17.58 -42.72
CA HIS B 245 43.20 -18.66 -43.53
C HIS B 245 44.62 -18.30 -43.94
N ARG B 246 45.59 -19.11 -43.49
CA ARG B 246 46.97 -18.85 -43.91
C ARG B 246 47.71 -20.11 -44.31
N SER B 247 47.25 -21.26 -43.83
CA SER B 247 47.93 -22.52 -44.15
C SER B 247 46.96 -23.53 -44.77
N ALA B 264 29.74 -18.50 -40.36
CA ALA B 264 28.28 -18.41 -40.26
C ALA B 264 27.85 -18.04 -38.86
N TYR B 265 27.21 -16.89 -38.72
CA TYR B 265 26.73 -16.45 -37.43
C TYR B 265 25.62 -15.43 -37.59
N TYR B 266 24.80 -15.32 -36.54
CA TYR B 266 23.56 -14.56 -36.52
C TYR B 266 23.60 -13.54 -35.40
N VAL B 267 22.76 -12.52 -35.51
CA VAL B 267 22.66 -11.51 -34.45
C VAL B 267 21.21 -11.08 -34.28
N GLY B 268 20.59 -11.48 -33.16
CA GLY B 268 19.29 -10.98 -32.78
C GLY B 268 19.41 -9.86 -31.75
N TYR B 269 18.29 -9.23 -31.47
CA TYR B 269 18.24 -8.20 -30.45
C TYR B 269 17.10 -8.52 -29.50
N LEU B 270 17.18 -7.94 -28.30
CA LEU B 270 16.28 -8.28 -27.22
C LEU B 270 15.38 -7.10 -26.91
N GLN B 271 14.12 -7.38 -26.62
CA GLN B 271 13.12 -6.36 -26.30
C GLN B 271 12.40 -6.79 -25.04
N PRO B 272 11.74 -5.86 -24.37
CA PRO B 272 10.96 -6.23 -23.18
C PRO B 272 9.67 -6.95 -23.55
N ARG B 273 9.65 -8.25 -23.30
CA ARG B 273 8.49 -9.09 -23.54
C ARG B 273 8.03 -9.74 -22.24
N THR B 274 6.93 -10.48 -22.34
CA THR B 274 6.35 -11.27 -21.25
C THR B 274 6.20 -12.69 -21.75
N PHE B 275 6.79 -13.64 -21.03
CA PHE B 275 6.77 -15.03 -21.45
C PHE B 275 6.16 -15.90 -20.36
N LEU B 276 5.78 -17.11 -20.78
CA LEU B 276 5.25 -18.13 -19.88
C LEU B 276 6.14 -19.37 -20.02
N LEU B 277 6.94 -19.63 -19.00
CA LEU B 277 7.90 -20.72 -19.04
C LEU B 277 7.36 -21.96 -18.33
N LYS B 278 7.52 -23.11 -18.96
CA LYS B 278 7.11 -24.38 -18.37
C LYS B 278 8.31 -25.04 -17.74
N TYR B 279 8.23 -25.33 -16.45
CA TYR B 279 9.33 -25.91 -15.72
C TYR B 279 9.12 -27.41 -15.54
N ASN B 280 10.17 -28.18 -15.78
CA ASN B 280 10.19 -29.61 -15.56
C ASN B 280 10.17 -29.90 -14.06
N GLU B 281 10.13 -31.19 -13.73
CA GLU B 281 10.24 -31.60 -12.34
C GLU B 281 11.67 -31.58 -11.81
N ASN B 282 12.67 -31.65 -12.68
CA ASN B 282 14.04 -31.40 -12.27
C ASN B 282 14.35 -29.91 -12.19
N GLY B 283 13.49 -29.07 -12.75
CA GLY B 283 13.68 -27.64 -12.66
C GLY B 283 14.21 -26.99 -13.90
N THR B 284 14.17 -27.67 -15.04
CA THR B 284 14.63 -27.09 -16.28
C THR B 284 13.46 -26.59 -17.11
N ILE B 285 13.71 -25.55 -17.89
CA ILE B 285 12.71 -24.98 -18.77
C ILE B 285 12.64 -25.84 -20.02
N THR B 286 11.49 -26.44 -20.27
CA THR B 286 11.33 -27.34 -21.41
C THR B 286 10.53 -26.71 -22.54
N ASP B 287 9.63 -25.80 -22.23
CA ASP B 287 8.83 -25.12 -23.24
C ASP B 287 8.52 -23.70 -22.79
N ALA B 288 8.04 -22.88 -23.73
CA ALA B 288 7.71 -21.51 -23.42
C ALA B 288 6.60 -21.04 -24.34
N VAL B 289 6.00 -19.91 -23.97
CA VAL B 289 4.97 -19.24 -24.76
C VAL B 289 5.31 -17.76 -24.78
N ASP B 290 5.39 -17.19 -25.98
CA ASP B 290 5.53 -15.76 -26.17
C ASP B 290 4.12 -15.20 -26.25
N CYS B 291 3.78 -14.29 -25.34
CA CYS B 291 2.39 -13.93 -25.08
C CYS B 291 1.95 -12.73 -25.90
N ALA B 292 2.70 -12.42 -26.94
CA ALA B 292 2.38 -11.27 -27.76
C ALA B 292 2.51 -11.63 -29.23
N LEU B 293 2.67 -12.92 -29.50
CA LEU B 293 2.71 -13.38 -30.89
C LEU B 293 1.34 -13.24 -31.55
N ASP B 294 0.34 -13.98 -31.06
CA ASP B 294 -0.94 -14.07 -31.73
C ASP B 294 -2.05 -14.18 -30.69
N PRO B 295 -3.33 -14.17 -31.09
CA PRO B 295 -4.40 -14.27 -30.09
C PRO B 295 -4.38 -15.55 -29.29
N LEU B 296 -4.05 -16.69 -29.89
CA LEU B 296 -3.97 -17.93 -29.14
C LEU B 296 -2.96 -17.84 -28.00
N SER B 297 -1.81 -17.22 -28.23
CA SER B 297 -0.79 -17.12 -27.19
C SER B 297 -1.19 -16.17 -26.08
N GLU B 298 -1.83 -15.06 -26.43
CA GLU B 298 -2.37 -14.18 -25.42
C GLU B 298 -3.45 -14.85 -24.59
N THR B 299 -4.25 -15.73 -25.17
CA THR B 299 -5.21 -16.50 -24.39
C THR B 299 -4.51 -17.48 -23.45
N LYS B 300 -3.51 -18.21 -23.96
CA LYS B 300 -2.76 -19.13 -23.11
C LYS B 300 -2.13 -18.40 -21.94
N CYS B 301 -1.67 -17.18 -22.17
CA CYS B 301 -1.06 -16.40 -21.10
C CYS B 301 -2.11 -15.92 -20.10
N THR B 302 -3.28 -15.51 -20.60
CA THR B 302 -4.36 -15.08 -19.71
C THR B 302 -4.85 -16.20 -18.82
N LEU B 303 -4.94 -17.43 -19.35
CA LEU B 303 -5.36 -18.57 -18.56
C LEU B 303 -4.26 -19.22 -17.75
N LYS B 304 -3.00 -18.94 -18.06
CA LYS B 304 -1.83 -19.59 -17.46
C LYS B 304 -1.86 -21.10 -17.70
N SER B 305 -1.92 -21.47 -18.97
CA SER B 305 -1.96 -22.88 -19.33
C SER B 305 -1.43 -23.06 -20.74
N PHE B 306 -1.20 -24.30 -21.10
CA PHE B 306 -0.75 -24.64 -22.44
C PHE B 306 -1.85 -25.31 -23.26
N THR B 307 -2.98 -25.66 -22.65
CA THR B 307 -4.13 -26.18 -23.36
C THR B 307 -5.36 -25.38 -22.96
N VAL B 308 -5.95 -24.70 -23.93
CA VAL B 308 -7.22 -24.00 -23.74
C VAL B 308 -8.33 -24.86 -24.31
N GLU B 309 -9.39 -25.04 -23.52
CA GLU B 309 -10.59 -25.73 -23.97
C GLU B 309 -11.54 -24.76 -24.63
N LYS B 310 -12.43 -25.31 -25.46
CA LYS B 310 -13.39 -24.51 -26.20
C LYS B 310 -14.10 -23.50 -25.31
N GLY B 311 -14.32 -22.30 -25.84
CA GLY B 311 -14.99 -21.28 -25.08
C GLY B 311 -14.81 -19.95 -25.77
N ILE B 312 -14.97 -18.89 -24.99
CA ILE B 312 -14.65 -17.55 -25.44
C ILE B 312 -14.08 -16.81 -24.25
N TYR B 313 -12.94 -16.16 -24.46
CA TYR B 313 -12.14 -15.62 -23.38
C TYR B 313 -11.85 -14.16 -23.63
N GLN B 314 -12.01 -13.35 -22.59
CA GLN B 314 -11.62 -11.96 -22.66
C GLN B 314 -10.13 -11.87 -22.41
N THR B 315 -9.42 -11.22 -23.31
CA THR B 315 -7.98 -11.39 -23.36
C THR B 315 -7.28 -10.07 -23.12
N SER B 316 -7.87 -8.96 -23.56
CA SER B 316 -7.26 -7.66 -23.36
C SER B 316 -8.23 -6.53 -23.68
N ASN B 317 -7.74 -5.39 -24.13
CA ASN B 317 -8.63 -4.28 -24.44
C ASN B 317 -8.26 -3.45 -25.66
N PHE B 318 -9.27 -3.13 -26.46
CA PHE B 318 -9.08 -2.32 -27.65
C PHE B 318 -9.07 -0.87 -27.21
N ARG B 319 -8.73 0.04 -28.11
CA ARG B 319 -8.70 1.45 -27.76
C ARG B 319 -8.17 2.31 -28.90
N VAL B 320 -9.06 2.79 -29.76
CA VAL B 320 -8.65 3.62 -30.88
C VAL B 320 -7.76 4.74 -30.35
N GLN B 321 -6.75 5.10 -31.12
CA GLN B 321 -5.82 6.15 -30.71
C GLN B 321 -6.19 7.50 -31.33
N PRO B 322 -5.86 8.62 -30.57
CA PRO B 322 -6.22 9.90 -31.18
C PRO B 322 -5.05 10.50 -31.93
N THR B 323 -5.34 11.08 -33.10
CA THR B 323 -4.30 11.70 -33.91
C THR B 323 -4.39 13.22 -33.81
N GLU B 324 -3.23 13.87 -33.82
CA GLU B 324 -3.18 15.32 -33.73
C GLU B 324 -3.98 15.87 -32.57
N SER B 325 -4.30 17.17 -32.63
CA SER B 325 -5.07 17.83 -31.60
C SER B 325 -5.38 19.27 -32.03
N ILE B 326 -6.58 19.48 -32.55
CA ILE B 326 -7.00 20.80 -33.01
C ILE B 326 -7.29 21.77 -31.87
N VAL B 327 -7.02 23.05 -32.11
CA VAL B 327 -7.27 24.11 -31.15
C VAL B 327 -8.16 25.14 -31.81
N ARG B 328 -8.97 25.85 -31.02
CA ARG B 328 -9.87 26.84 -31.59
C ARG B 328 -10.06 28.06 -30.70
N PHE B 329 -10.54 29.14 -31.32
CA PHE B 329 -10.79 30.40 -30.63
C PHE B 329 -11.69 31.27 -31.49
N PRO B 330 -12.17 32.38 -30.95
CA PRO B 330 -13.05 33.28 -31.69
C PRO B 330 -12.31 34.45 -32.33
N ASN B 331 -12.83 34.98 -33.43
CA ASN B 331 -12.21 36.11 -34.10
C ASN B 331 -11.79 37.17 -33.09
N ILE B 332 -11.01 38.15 -33.53
CA ILE B 332 -10.55 39.21 -32.64
C ILE B 332 -11.15 40.57 -33.00
N THR B 333 -11.36 41.40 -31.99
CA THR B 333 -11.92 42.72 -32.18
C THR B 333 -11.03 43.78 -31.54
N ASN B 334 -11.18 43.98 -30.24
CA ASN B 334 -10.38 44.95 -29.51
C ASN B 334 -8.91 44.79 -29.88
N LEU B 335 -8.42 45.66 -30.76
CA LEU B 335 -7.04 45.60 -31.21
C LEU B 335 -6.11 46.56 -30.49
N CYS B 336 -6.50 47.06 -29.32
CA CYS B 336 -5.62 47.58 -28.29
C CYS B 336 -4.73 48.71 -28.73
N PRO B 337 -5.25 49.91 -28.76
CA PRO B 337 -4.72 50.97 -29.62
C PRO B 337 -3.34 51.51 -29.25
N PHE B 338 -2.31 50.79 -29.70
CA PHE B 338 -0.98 51.37 -29.76
C PHE B 338 -0.89 52.47 -30.81
N GLY B 339 -1.81 52.48 -31.77
CA GLY B 339 -1.73 53.36 -32.91
C GLY B 339 -1.90 54.84 -32.65
N GLU B 340 -2.12 55.25 -31.39
CA GLU B 340 -2.03 56.64 -31.04
C GLU B 340 -1.03 56.93 -29.95
N VAL B 341 -0.43 55.91 -29.35
CA VAL B 341 0.68 56.18 -28.45
C VAL B 341 2.00 56.16 -29.21
N PHE B 342 2.04 55.56 -30.39
CA PHE B 342 3.23 55.60 -31.21
C PHE B 342 3.09 56.55 -32.39
N ASN B 343 1.89 57.01 -32.68
CA ASN B 343 1.68 57.81 -33.87
C ASN B 343 1.02 59.13 -33.50
N ALA B 344 1.18 59.57 -32.27
CA ALA B 344 0.59 60.83 -31.84
C ALA B 344 1.27 61.99 -32.54
N THR B 345 0.51 63.06 -32.74
CA THR B 345 1.04 64.19 -33.49
C THR B 345 2.09 64.96 -32.73
N ARG B 346 2.07 64.88 -31.40
CA ARG B 346 2.96 65.71 -30.60
C ARG B 346 3.14 65.03 -29.25
N PHE B 347 4.34 64.55 -28.98
CA PHE B 347 4.60 63.83 -27.74
C PHE B 347 4.76 64.79 -26.58
N ALA B 348 5.16 64.27 -25.44
CA ALA B 348 5.37 65.07 -24.25
C ALA B 348 6.84 65.39 -24.10
N SER B 349 7.12 66.43 -23.32
CA SER B 349 8.49 66.67 -22.93
C SER B 349 8.88 65.66 -21.86
N VAL B 350 10.17 65.63 -21.51
CA VAL B 350 10.60 64.54 -20.66
C VAL B 350 10.29 64.81 -19.18
N TYR B 351 10.38 66.05 -18.73
CA TYR B 351 10.25 66.34 -17.31
C TYR B 351 8.82 66.21 -16.82
N ALA B 352 7.85 66.34 -17.71
CA ALA B 352 6.46 66.03 -17.42
C ALA B 352 6.05 64.98 -18.42
N TRP B 353 6.50 63.75 -18.18
CA TRP B 353 6.39 62.71 -19.18
C TRP B 353 4.99 62.12 -19.16
N ASN B 354 4.53 61.70 -20.32
CA ASN B 354 3.18 61.19 -20.39
C ASN B 354 3.12 59.80 -19.79
N ARG B 355 1.93 59.36 -19.41
CA ARG B 355 1.77 58.02 -18.86
C ARG B 355 0.37 57.51 -19.17
N LYS B 356 0.26 56.61 -20.12
CA LYS B 356 -1.00 55.99 -20.45
C LYS B 356 -1.10 54.66 -19.72
N ARG B 357 -2.31 54.26 -19.38
CA ARG B 357 -2.57 52.95 -18.80
C ARG B 357 -3.52 52.22 -19.74
N ILE B 358 -3.12 51.04 -20.16
CA ILE B 358 -3.95 50.27 -21.07
C ILE B 358 -4.79 49.30 -20.26
N SER B 359 -5.99 49.00 -20.77
CA SER B 359 -6.86 48.03 -20.14
C SER B 359 -7.24 46.96 -21.15
N ASN B 360 -8.27 46.18 -20.83
CA ASN B 360 -8.69 44.97 -21.53
C ASN B 360 -8.77 45.13 -23.03
N CYS B 361 -7.91 44.39 -23.74
CA CYS B 361 -7.67 44.59 -25.15
C CYS B 361 -6.94 43.36 -25.68
N VAL B 362 -6.66 43.37 -26.98
CA VAL B 362 -5.90 42.30 -27.61
C VAL B 362 -4.66 42.97 -28.20
N ALA B 363 -3.55 42.87 -27.50
CA ALA B 363 -2.32 43.53 -27.90
C ALA B 363 -1.35 42.53 -28.49
N ASP B 364 -1.05 42.69 -29.77
CA ASP B 364 -0.12 41.82 -30.48
C ASP B 364 1.23 42.51 -30.46
N TYR B 365 2.18 41.94 -29.72
CA TYR B 365 3.47 42.57 -29.57
C TYR B 365 4.37 42.36 -30.77
N SER B 366 4.21 41.26 -31.50
CA SER B 366 5.05 41.03 -32.66
C SER B 366 4.72 42.00 -33.79
N VAL B 367 3.45 42.40 -33.90
CA VAL B 367 3.06 43.37 -34.91
C VAL B 367 3.61 44.74 -34.55
N LEU B 368 3.67 45.05 -33.26
CA LEU B 368 4.36 46.25 -32.81
C LEU B 368 5.85 46.17 -33.08
N TYR B 369 6.41 44.97 -33.06
CA TYR B 369 7.86 44.80 -33.17
C TYR B 369 8.36 45.17 -34.56
N ASN B 370 7.59 44.85 -35.59
CA ASN B 370 8.03 45.14 -36.96
C ASN B 370 7.20 46.24 -37.61
N SER B 371 6.96 47.34 -36.91
CA SER B 371 6.49 48.56 -37.57
C SER B 371 7.61 49.27 -38.33
N ALA B 372 8.85 48.81 -38.20
CA ALA B 372 9.92 48.96 -39.20
C ALA B 372 10.46 50.39 -39.29
N SER B 373 10.64 51.04 -38.17
CA SER B 373 11.34 52.31 -38.19
C SER B 373 12.21 52.54 -36.97
N PHE B 374 12.32 51.59 -36.06
CA PHE B 374 12.83 51.88 -34.74
C PHE B 374 14.34 51.96 -34.73
N SER B 375 14.86 52.38 -33.59
CA SER B 375 16.30 52.50 -33.41
C SER B 375 16.78 51.93 -32.10
N THR B 376 15.86 51.46 -31.25
CA THR B 376 16.18 50.74 -30.03
C THR B 376 14.94 49.99 -29.63
N PHE B 377 15.04 48.68 -29.50
CA PHE B 377 13.92 47.85 -29.06
C PHE B 377 14.52 46.84 -28.11
N LYS B 378 14.59 47.19 -26.84
CA LYS B 378 15.37 46.41 -25.89
C LYS B 378 14.52 46.13 -24.66
N CYS B 379 14.32 44.86 -24.34
CA CYS B 379 13.72 44.51 -23.08
C CYS B 379 14.52 43.52 -22.27
N TYR B 380 14.30 43.63 -20.97
CA TYR B 380 15.09 42.98 -19.94
C TYR B 380 14.36 41.83 -19.28
N GLY B 381 13.10 42.02 -18.93
CA GLY B 381 12.40 40.96 -18.24
C GLY B 381 12.02 39.79 -19.11
N VAL B 382 11.93 39.99 -20.42
CA VAL B 382 11.26 39.03 -21.27
C VAL B 382 11.62 39.34 -22.72
N SER B 383 11.74 38.29 -23.53
CA SER B 383 11.83 38.45 -24.96
C SER B 383 10.50 38.95 -25.52
N PRO B 384 10.53 39.77 -26.57
CA PRO B 384 9.28 40.33 -27.08
C PRO B 384 8.39 39.33 -27.78
N THR B 385 8.95 38.31 -28.43
CA THR B 385 8.10 37.38 -29.13
C THR B 385 7.38 36.41 -28.21
N LYS B 386 7.90 36.18 -27.02
CA LYS B 386 7.21 35.34 -26.06
C LYS B 386 6.31 36.14 -25.15
N LEU B 387 6.06 37.41 -25.49
CA LEU B 387 5.02 38.17 -24.84
C LEU B 387 3.68 38.01 -25.55
N ASN B 388 3.68 37.35 -26.70
CA ASN B 388 2.48 37.12 -27.46
C ASN B 388 1.64 35.98 -26.92
N ASP B 389 2.03 35.40 -25.78
CA ASP B 389 1.22 34.37 -25.16
C ASP B 389 1.19 34.48 -23.65
N LEU B 390 1.34 35.68 -23.10
CA LEU B 390 1.13 35.90 -21.69
C LEU B 390 -0.11 36.77 -21.50
N CYS B 391 -0.36 37.17 -20.26
CA CYS B 391 -1.50 38.02 -19.95
C CYS B 391 -1.19 38.76 -18.66
N PHE B 392 -1.70 39.98 -18.55
CA PHE B 392 -1.35 40.84 -17.44
C PHE B 392 -2.60 41.44 -16.83
N THR B 393 -2.38 42.29 -15.84
CA THR B 393 -3.45 43.05 -15.19
C THR B 393 -3.46 44.50 -15.60
N ASN B 394 -2.29 45.10 -15.81
CA ASN B 394 -2.22 46.49 -16.21
C ASN B 394 -0.89 46.76 -16.90
N VAL B 395 -0.95 47.57 -17.95
CA VAL B 395 0.20 47.93 -18.76
C VAL B 395 0.34 49.44 -18.70
N TYR B 396 1.49 49.92 -18.28
CA TYR B 396 1.78 51.34 -18.32
C TYR B 396 2.69 51.62 -19.49
N ALA B 397 2.38 52.66 -20.25
CA ALA B 397 3.20 53.07 -21.37
C ALA B 397 3.54 54.54 -21.16
N ASP B 398 4.79 54.83 -20.84
CA ASP B 398 5.24 56.19 -20.71
C ASP B 398 5.82 56.65 -22.04
N SER B 399 5.74 57.94 -22.30
CA SER B 399 6.28 58.44 -23.55
C SER B 399 6.81 59.84 -23.36
N PHE B 400 7.92 60.14 -24.04
CA PHE B 400 8.51 61.47 -24.06
C PHE B 400 9.50 61.58 -25.21
N VAL B 401 10.33 62.62 -25.17
CA VAL B 401 11.23 62.99 -26.26
C VAL B 401 12.55 63.45 -25.65
N ILE B 402 13.66 62.85 -26.09
CA ILE B 402 14.97 63.23 -25.59
C ILE B 402 15.98 63.33 -26.73
N ARG B 403 17.26 63.52 -26.39
CA ARG B 403 18.32 63.67 -27.36
C ARG B 403 18.69 62.35 -28.01
N GLY B 404 19.84 62.31 -28.65
CA GLY B 404 20.33 61.07 -29.21
C GLY B 404 21.27 60.35 -28.30
N ASP B 405 22.16 61.12 -27.66
CA ASP B 405 23.17 60.56 -26.77
C ASP B 405 22.70 60.25 -25.36
N GLU B 406 21.40 60.40 -25.11
CA GLU B 406 20.86 60.13 -23.80
C GLU B 406 19.98 58.90 -23.79
N VAL B 407 19.94 58.16 -24.89
CA VAL B 407 19.17 56.92 -24.91
C VAL B 407 19.88 55.85 -24.10
N ARG B 408 21.18 56.02 -23.86
CA ARG B 408 21.86 55.08 -22.98
C ARG B 408 21.52 55.29 -21.51
N GLN B 409 20.84 56.38 -21.17
CA GLN B 409 20.45 56.60 -19.79
C GLN B 409 19.11 55.97 -19.46
N ILE B 410 18.33 55.59 -20.45
CA ILE B 410 17.05 54.93 -20.19
C ILE B 410 17.36 53.43 -20.17
N ALA B 411 17.85 52.98 -19.02
CA ALA B 411 18.29 51.62 -18.80
C ALA B 411 18.36 51.41 -17.30
N PRO B 412 18.20 50.18 -16.82
CA PRO B 412 18.25 49.96 -15.37
C PRO B 412 19.65 50.20 -14.82
N GLY B 413 19.73 51.04 -13.79
CA GLY B 413 20.99 51.35 -13.16
C GLY B 413 21.90 52.20 -14.01
N GLN B 414 21.55 53.48 -14.18
CA GLN B 414 22.38 54.40 -14.95
C GLN B 414 22.67 55.63 -14.13
N THR B 415 23.42 56.55 -14.73
CA THR B 415 23.70 57.85 -14.15
C THR B 415 23.54 58.91 -15.24
N GLY B 416 23.60 60.16 -14.83
CA GLY B 416 23.40 61.24 -15.76
C GLY B 416 22.06 61.92 -15.54
N LYS B 417 21.99 63.18 -15.94
CA LYS B 417 20.79 64.00 -15.81
C LYS B 417 19.50 63.20 -15.96
N ILE B 418 19.09 62.99 -17.20
CA ILE B 418 17.87 62.26 -17.53
C ILE B 418 17.55 61.11 -16.58
N ALA B 419 18.18 59.97 -16.82
CA ALA B 419 17.96 58.79 -15.99
C ALA B 419 18.25 59.07 -14.53
N ASP B 420 17.99 60.30 -14.10
CA ASP B 420 18.23 60.68 -12.72
C ASP B 420 17.45 61.95 -12.36
N TYR B 421 16.81 62.54 -13.37
CA TYR B 421 16.04 63.75 -13.13
C TYR B 421 14.63 63.69 -13.72
N ASN B 422 14.51 63.42 -15.02
CA ASN B 422 13.18 63.36 -15.60
C ASN B 422 12.66 61.94 -15.79
N TYR B 423 13.35 60.97 -15.20
CA TYR B 423 12.93 59.58 -15.32
C TYR B 423 13.93 58.62 -14.68
N LYS B 424 13.43 57.63 -13.94
CA LYS B 424 14.33 56.67 -13.31
C LYS B 424 13.73 55.27 -13.36
N LEU B 425 14.49 54.35 -13.81
CA LEU B 425 13.98 52.99 -13.84
C LEU B 425 14.46 52.20 -12.65
N PRO B 426 13.66 51.28 -12.14
CA PRO B 426 14.12 50.40 -11.07
C PRO B 426 15.04 49.32 -11.61
N ASP B 427 15.80 48.73 -10.70
CA ASP B 427 16.83 47.79 -11.10
C ASP B 427 16.29 46.42 -11.49
N ASP B 428 15.01 46.15 -11.21
CA ASP B 428 14.45 44.86 -11.56
C ASP B 428 13.36 45.05 -12.62
N PHE B 429 13.67 45.86 -13.62
CA PHE B 429 12.74 46.23 -14.67
C PHE B 429 12.32 45.01 -15.49
N THR B 430 11.17 45.13 -16.16
CA THR B 430 10.68 44.03 -16.97
C THR B 430 10.14 44.41 -18.34
N GLY B 431 9.83 45.67 -18.62
CA GLY B 431 9.22 46.02 -19.88
C GLY B 431 10.23 46.28 -20.96
N CYS B 432 9.74 46.75 -22.10
CA CYS B 432 10.60 47.08 -23.22
C CYS B 432 10.74 48.58 -23.38
N VAL B 433 11.97 49.01 -23.61
CA VAL B 433 12.30 50.39 -23.95
C VAL B 433 12.36 50.45 -25.46
N ILE B 434 11.59 51.35 -26.05
CA ILE B 434 11.53 51.54 -27.48
C ILE B 434 11.89 52.97 -27.78
N ALA B 435 12.70 53.19 -28.80
CA ALA B 435 13.09 54.54 -29.15
C ALA B 435 13.39 54.63 -30.62
N TRP B 436 13.00 55.74 -31.23
CA TRP B 436 13.28 55.90 -32.64
C TRP B 436 13.53 57.37 -32.95
N ASN B 437 13.95 57.63 -34.18
CA ASN B 437 14.33 58.97 -34.57
C ASN B 437 13.17 59.69 -35.23
N SER B 438 13.01 60.95 -34.88
CA SER B 438 11.94 61.77 -35.41
C SER B 438 12.46 63.16 -35.72
N ASN B 439 13.63 63.20 -36.35
CA ASN B 439 14.26 64.48 -36.64
C ASN B 439 13.50 65.24 -37.71
N ASN B 440 12.89 64.53 -38.64
CA ASN B 440 12.14 65.16 -39.71
C ASN B 440 10.79 65.70 -39.26
N LEU B 441 10.37 65.42 -38.04
CA LEU B 441 9.03 65.80 -37.60
C LEU B 441 9.03 66.72 -36.40
N ASP B 442 9.95 66.57 -35.45
CA ASP B 442 9.94 67.42 -34.28
C ASP B 442 10.94 68.56 -34.36
N SER B 443 11.86 68.53 -35.31
CA SER B 443 12.82 69.60 -35.48
C SER B 443 12.44 70.44 -36.68
N LYS B 444 12.84 71.71 -36.64
CA LYS B 444 12.45 72.65 -37.67
C LYS B 444 13.55 73.69 -37.83
N VAL B 445 13.61 74.29 -39.02
CA VAL B 445 14.61 75.30 -39.31
C VAL B 445 14.36 76.53 -38.44
N GLY B 446 15.42 77.01 -37.80
CA GLY B 446 15.30 77.95 -36.73
C GLY B 446 15.27 77.32 -35.36
N GLY B 447 14.81 76.07 -35.26
CA GLY B 447 14.90 75.35 -34.01
C GLY B 447 13.61 75.30 -33.22
N ASN B 448 13.12 74.09 -32.99
CA ASN B 448 11.98 73.87 -32.10
C ASN B 448 12.53 73.84 -30.68
N TYR B 449 12.07 74.79 -29.86
CA TYR B 449 12.54 74.92 -28.49
C TYR B 449 11.48 74.52 -27.48
N ASN B 450 10.49 73.74 -27.90
CA ASN B 450 9.35 73.49 -27.03
C ASN B 450 9.54 72.29 -26.12
N TYR B 451 10.67 71.61 -26.18
CA TYR B 451 10.91 70.45 -25.34
C TYR B 451 11.81 70.86 -24.20
N LEU B 452 11.31 70.71 -22.98
CA LEU B 452 12.02 71.14 -21.80
C LEU B 452 12.54 69.93 -21.06
N TYR B 453 13.70 70.08 -20.43
CA TYR B 453 14.27 69.02 -19.62
C TYR B 453 14.85 69.62 -18.36
N ARG B 454 14.77 68.86 -17.28
CA ARG B 454 15.18 69.36 -15.99
C ARG B 454 16.65 69.04 -15.77
N LEU B 455 17.34 69.93 -15.07
CA LEU B 455 18.75 69.73 -14.78
C LEU B 455 19.14 70.02 -13.36
N PHE B 456 18.28 70.63 -12.55
CA PHE B 456 18.64 71.01 -11.19
C PHE B 456 17.64 70.40 -10.23
N ARG B 457 18.15 69.61 -9.29
CA ARG B 457 17.28 69.08 -8.25
C ARG B 457 18.07 68.89 -6.98
N LYS B 458 17.39 69.02 -5.85
CA LYS B 458 18.03 68.91 -4.55
C LYS B 458 18.27 67.47 -4.14
N SER B 459 17.66 66.51 -4.83
CA SER B 459 17.86 65.11 -4.52
C SER B 459 17.60 64.31 -5.78
N ASN B 460 17.83 63.02 -5.70
CA ASN B 460 17.55 62.16 -6.83
C ASN B 460 16.09 61.75 -6.82
N LEU B 461 15.76 60.77 -7.65
CA LEU B 461 14.38 60.34 -7.77
C LEU B 461 14.21 58.85 -7.47
N LYS B 462 12.99 58.51 -7.08
CA LYS B 462 12.58 57.14 -6.96
C LYS B 462 12.39 56.54 -8.36
N PRO B 463 12.30 55.23 -8.47
CA PRO B 463 11.80 54.63 -9.71
C PRO B 463 10.38 55.08 -9.98
N PHE B 464 10.15 55.48 -11.23
CA PHE B 464 8.86 55.95 -11.74
C PHE B 464 8.32 57.16 -11.01
N GLU B 465 9.19 57.96 -10.42
CA GLU B 465 8.71 59.20 -9.84
C GLU B 465 8.48 60.22 -10.94
N ARG B 466 7.75 61.28 -10.59
CA ARG B 466 7.40 62.31 -11.56
C ARG B 466 7.36 63.66 -10.88
N ASP B 467 8.05 64.64 -11.45
CA ASP B 467 8.16 65.96 -10.84
C ASP B 467 7.85 67.00 -11.89
N ILE B 468 6.71 67.67 -11.75
CA ILE B 468 6.25 68.64 -12.73
C ILE B 468 6.31 70.05 -12.18
N SER B 469 6.94 70.24 -11.03
CA SER B 469 6.99 71.57 -10.44
C SER B 469 8.00 72.43 -11.19
N THR B 470 7.96 73.73 -10.89
CA THR B 470 8.81 74.69 -11.58
C THR B 470 9.36 75.69 -10.58
N GLU B 471 9.69 75.22 -9.39
CA GLU B 471 10.20 76.12 -8.36
C GLU B 471 11.63 76.51 -8.66
N ILE B 472 12.00 77.73 -8.28
CA ILE B 472 13.33 78.25 -8.58
C ILE B 472 14.33 77.60 -7.63
N TYR B 473 15.20 76.75 -8.19
CA TYR B 473 16.15 76.00 -7.38
C TYR B 473 17.24 76.92 -6.86
N GLN B 474 17.61 76.73 -5.60
CA GLN B 474 18.70 77.45 -4.98
C GLN B 474 19.90 76.52 -4.87
N ALA B 475 21.04 76.95 -5.41
CA ALA B 475 22.22 76.10 -5.37
C ALA B 475 23.03 76.35 -4.12
N GLY B 476 23.40 77.60 -3.87
CA GLY B 476 24.24 77.93 -2.76
C GLY B 476 23.50 77.95 -1.44
N SER B 477 24.16 78.52 -0.44
CA SER B 477 23.60 78.59 0.89
C SER B 477 22.54 79.69 1.01
N THR B 478 22.50 80.60 0.07
CA THR B 478 21.67 81.78 0.21
C THR B 478 20.31 81.55 -0.44
N PRO B 479 19.21 81.62 0.31
CA PRO B 479 17.89 81.58 -0.31
C PRO B 479 17.61 82.91 -0.97
N CYS B 480 17.30 82.88 -2.26
CA CYS B 480 17.21 84.11 -3.05
C CYS B 480 15.79 84.58 -3.30
N ASN B 481 14.80 83.70 -3.10
CA ASN B 481 13.38 84.05 -3.02
C ASN B 481 12.87 84.67 -4.34
N GLY B 482 12.79 83.82 -5.34
CA GLY B 482 12.05 84.16 -6.54
C GLY B 482 12.76 85.06 -7.52
N VAL B 483 14.03 85.37 -7.30
CA VAL B 483 14.81 86.16 -8.24
C VAL B 483 16.13 85.45 -8.48
N GLU B 484 16.40 85.07 -9.72
CA GLU B 484 17.60 84.31 -10.02
C GLU B 484 18.83 85.20 -9.99
N GLY B 485 19.97 84.58 -10.22
CA GLY B 485 21.24 85.26 -10.20
C GLY B 485 22.34 84.27 -9.86
N PHE B 486 23.19 84.68 -8.93
CA PHE B 486 24.30 83.83 -8.51
C PHE B 486 23.80 82.74 -7.59
N ASN B 487 24.09 81.49 -7.98
CA ASN B 487 23.85 80.29 -7.17
C ASN B 487 22.37 80.06 -6.88
N CYS B 488 21.49 80.58 -7.73
CA CYS B 488 20.13 80.06 -7.82
C CYS B 488 19.68 80.25 -9.27
N TYR B 489 19.16 79.17 -9.85
CA TYR B 489 18.87 79.14 -11.26
C TYR B 489 17.49 78.55 -11.48
N PHE B 490 16.98 78.79 -12.68
CA PHE B 490 15.79 78.11 -13.13
C PHE B 490 16.08 76.62 -13.28
N PRO B 491 15.12 75.75 -13.03
CA PRO B 491 15.40 74.31 -13.03
C PRO B 491 15.28 73.64 -14.37
N LEU B 492 14.83 74.33 -15.41
CA LEU B 492 14.54 73.68 -16.68
C LEU B 492 15.29 74.37 -17.81
N GLN B 493 15.90 73.58 -18.69
CA GLN B 493 16.46 74.10 -19.92
C GLN B 493 15.69 73.52 -21.09
N SER B 494 16.00 74.03 -22.27
CA SER B 494 15.30 73.63 -23.48
C SER B 494 16.30 73.06 -24.47
N TYR B 495 15.92 71.98 -25.12
CA TYR B 495 16.72 71.49 -26.22
C TYR B 495 16.54 72.41 -27.41
N GLY B 496 17.63 72.71 -28.09
CA GLY B 496 17.50 73.40 -29.36
C GLY B 496 17.58 72.43 -30.51
N PHE B 497 16.44 71.96 -31.01
CA PHE B 497 16.44 70.94 -32.03
C PHE B 497 16.50 71.60 -33.40
N GLN B 498 17.69 71.63 -33.97
CA GLN B 498 17.99 72.17 -35.27
C GLN B 498 18.17 71.02 -36.27
N PRO B 499 17.60 71.11 -37.46
CA PRO B 499 17.72 70.00 -38.41
C PRO B 499 19.12 69.84 -38.98
N THR B 500 19.95 70.87 -38.87
CA THR B 500 21.34 70.75 -39.27
C THR B 500 22.21 70.35 -38.09
N ASN B 501 21.78 69.32 -37.36
CA ASN B 501 22.54 68.80 -36.25
C ASN B 501 22.95 67.38 -36.56
N GLY B 502 24.08 67.00 -36.02
CA GLY B 502 24.46 65.60 -36.08
C GLY B 502 23.70 64.82 -35.06
N VAL B 503 23.67 63.50 -35.27
CA VAL B 503 23.00 62.62 -34.32
C VAL B 503 23.78 62.62 -33.02
N GLY B 504 23.08 62.81 -31.92
CA GLY B 504 23.70 63.21 -30.68
C GLY B 504 23.14 64.50 -30.15
N TYR B 505 22.39 65.20 -30.99
CA TYR B 505 21.51 66.26 -30.53
C TYR B 505 20.20 66.21 -31.28
N GLN B 506 19.89 65.18 -31.85
CA GLN B 506 18.69 65.07 -32.66
C GLN B 506 17.54 64.48 -31.84
N PRO B 507 16.29 64.82 -32.14
CA PRO B 507 15.17 64.37 -31.32
C PRO B 507 14.83 62.90 -31.54
N TYR B 508 14.87 62.13 -30.46
CA TYR B 508 14.46 60.74 -30.41
C TYR B 508 13.23 60.62 -29.53
N ARG B 509 12.23 59.90 -30.01
CA ARG B 509 11.00 59.68 -29.27
C ARG B 509 11.09 58.34 -28.57
N VAL B 510 10.67 58.30 -27.30
CA VAL B 510 10.92 57.19 -26.40
C VAL B 510 9.60 56.73 -25.81
N VAL B 511 9.33 55.44 -25.93
CA VAL B 511 8.15 54.79 -25.34
C VAL B 511 8.64 53.66 -24.45
N VAL B 512 8.25 53.69 -23.19
CA VAL B 512 8.67 52.68 -22.22
C VAL B 512 7.45 51.90 -21.79
N LEU B 513 7.49 50.59 -21.93
CA LEU B 513 6.40 49.78 -21.42
C LEU B 513 6.78 49.21 -20.06
N SER B 514 5.75 48.88 -19.29
CA SER B 514 5.93 48.16 -18.04
C SER B 514 4.65 47.41 -17.75
N PHE B 515 4.76 46.24 -17.16
CA PHE B 515 3.60 45.40 -16.92
C PHE B 515 3.48 45.09 -15.43
N GLU B 516 2.27 44.81 -14.99
CA GLU B 516 2.11 44.41 -13.61
C GLU B 516 1.04 43.34 -13.48
N LEU B 517 1.21 42.48 -12.49
CA LEU B 517 0.32 41.35 -12.21
C LEU B 517 0.00 41.39 -10.72
N LEU B 518 -0.91 42.29 -10.34
CA LEU B 518 -1.27 42.44 -8.93
C LEU B 518 -2.26 41.38 -8.50
N HIS B 519 -3.54 41.65 -8.67
CA HIS B 519 -4.58 40.70 -8.29
C HIS B 519 -5.77 40.68 -9.23
N ALA B 520 -5.75 41.46 -10.31
CA ALA B 520 -6.94 41.76 -11.09
C ALA B 520 -7.43 40.51 -11.84
N PRO B 521 -8.74 40.45 -12.15
CA PRO B 521 -9.27 39.25 -12.82
C PRO B 521 -8.69 38.99 -14.20
N ALA B 522 -8.86 39.92 -15.14
CA ALA B 522 -8.43 39.67 -16.51
C ALA B 522 -8.26 40.99 -17.22
N THR B 523 -7.19 41.09 -18.00
CA THR B 523 -6.91 42.29 -18.77
C THR B 523 -6.24 41.79 -20.04
N VAL B 524 -5.44 42.64 -20.68
CA VAL B 524 -4.71 42.37 -21.91
C VAL B 524 -3.90 41.09 -21.90
N CYS B 525 -4.23 40.19 -22.81
CA CYS B 525 -3.47 38.98 -23.06
C CYS B 525 -2.99 39.00 -24.50
N GLY B 526 -2.42 37.90 -24.94
CA GLY B 526 -1.98 37.80 -26.31
C GLY B 526 -3.09 37.29 -27.21
N PRO B 527 -2.79 37.23 -28.50
CA PRO B 527 -3.76 36.74 -29.49
C PRO B 527 -3.57 35.24 -29.75
N LYS B 528 -4.08 34.42 -28.83
CA LYS B 528 -3.96 32.97 -28.95
C LYS B 528 -4.17 32.49 -30.38
N LYS B 529 -3.37 31.50 -30.78
CA LYS B 529 -3.47 30.95 -32.12
C LYS B 529 -4.83 30.30 -32.35
N SER B 530 -4.87 29.34 -33.27
CA SER B 530 -6.10 28.63 -33.59
C SER B 530 -5.96 27.82 -34.87
N THR B 531 -5.68 26.53 -34.72
CA THR B 531 -5.52 25.65 -35.86
C THR B 531 -6.85 25.49 -36.60
N ASN B 532 -7.10 24.29 -37.13
CA ASN B 532 -8.34 24.03 -37.84
C ASN B 532 -9.19 22.97 -37.13
N LEU B 533 -10.42 22.80 -37.59
CA LEU B 533 -11.32 21.83 -36.99
C LEU B 533 -11.62 20.67 -37.95
N VAL B 534 -11.29 19.46 -37.51
CA VAL B 534 -11.53 18.27 -38.33
C VAL B 534 -12.76 17.57 -37.79
N LYS B 535 -13.29 16.63 -38.55
CA LYS B 535 -14.48 15.91 -38.12
C LYS B 535 -14.34 14.44 -38.45
N ASN B 536 -15.15 13.63 -37.76
CA ASN B 536 -15.27 12.20 -37.99
C ASN B 536 -13.98 11.43 -37.75
N LYS B 537 -13.14 11.91 -36.84
CA LYS B 537 -11.90 11.23 -36.47
C LYS B 537 -11.67 11.43 -34.98
N CYS B 538 -11.30 10.35 -34.29
CA CYS B 538 -10.95 10.48 -32.88
C CYS B 538 -9.79 11.46 -32.76
N VAL B 539 -10.03 12.57 -32.08
CA VAL B 539 -9.13 13.70 -32.09
C VAL B 539 -8.96 14.20 -30.66
N ASN B 540 -7.93 14.98 -30.45
CA ASN B 540 -7.64 15.60 -29.17
C ASN B 540 -7.90 17.09 -29.34
N PHE B 541 -8.95 17.60 -28.70
CA PHE B 541 -9.43 18.94 -29.00
C PHE B 541 -9.37 19.85 -27.79
N ASN B 542 -9.33 21.15 -28.08
CA ASN B 542 -9.41 22.22 -27.08
C ASN B 542 -10.26 23.33 -27.69
N PHE B 543 -11.41 23.60 -27.06
CA PHE B 543 -12.33 24.65 -27.48
C PHE B 543 -12.33 25.73 -26.41
N ASN B 544 -11.50 26.76 -26.62
CA ASN B 544 -11.28 27.88 -25.71
C ASN B 544 -11.37 27.51 -24.25
N GLY B 545 -10.69 26.43 -23.86
CA GLY B 545 -10.68 26.04 -22.47
C GLY B 545 -11.13 24.61 -22.26
N LEU B 546 -12.16 24.19 -23.01
CA LEU B 546 -12.67 22.82 -22.93
C LEU B 546 -11.65 21.88 -23.55
N THR B 547 -11.02 21.05 -22.73
CA THR B 547 -10.04 20.08 -23.20
C THR B 547 -10.71 18.71 -23.22
N GLY B 548 -10.62 18.01 -24.35
CA GLY B 548 -11.19 16.67 -24.42
C GLY B 548 -10.68 15.81 -25.55
N THR B 549 -11.28 14.63 -25.71
CA THR B 549 -10.94 13.70 -26.76
C THR B 549 -12.22 13.11 -27.33
N GLY B 550 -12.22 12.85 -28.62
CA GLY B 550 -13.36 12.18 -29.22
C GLY B 550 -13.53 12.53 -30.67
N VAL B 551 -14.58 11.98 -31.25
CA VAL B 551 -15.02 12.26 -32.60
C VAL B 551 -15.98 13.45 -32.55
N LEU B 552 -15.80 14.37 -33.49
CA LEU B 552 -16.61 15.57 -33.61
C LEU B 552 -17.56 15.37 -34.79
N THR B 553 -18.81 15.76 -34.64
CA THR B 553 -19.79 15.54 -35.69
C THR B 553 -20.75 16.73 -35.79
N GLU B 554 -21.22 17.01 -37.00
CA GLU B 554 -22.19 18.08 -37.21
C GLU B 554 -23.46 17.80 -36.42
N SER B 555 -23.97 18.82 -35.73
CA SER B 555 -25.10 18.65 -34.86
C SER B 555 -26.39 19.09 -35.55
N ASN B 556 -27.50 18.88 -34.83
CA ASN B 556 -28.78 19.44 -35.24
C ASN B 556 -29.57 19.95 -34.03
N LYS B 557 -28.90 20.18 -32.91
CA LYS B 557 -29.48 20.88 -31.77
C LYS B 557 -29.28 22.38 -31.91
N LYS B 558 -30.00 23.13 -31.08
CA LYS B 558 -29.98 24.58 -31.16
C LYS B 558 -29.81 25.15 -29.75
N PHE B 559 -28.60 25.62 -29.44
CA PHE B 559 -28.33 26.26 -28.16
C PHE B 559 -29.09 27.57 -28.06
N LEU B 560 -29.06 28.20 -26.90
CA LEU B 560 -29.47 29.59 -26.87
C LEU B 560 -28.27 30.48 -27.14
N PRO B 561 -28.44 31.64 -27.73
CA PRO B 561 -27.28 32.35 -28.27
C PRO B 561 -26.42 33.00 -27.20
N PHE B 562 -26.24 32.32 -26.10
CA PHE B 562 -25.19 32.66 -25.16
C PHE B 562 -24.57 31.42 -24.54
N GLN B 563 -24.99 30.22 -24.94
CA GLN B 563 -24.52 28.97 -24.36
C GLN B 563 -23.41 28.40 -25.22
N GLN B 564 -22.33 27.97 -24.58
CA GLN B 564 -21.14 27.49 -25.26
C GLN B 564 -21.17 25.99 -25.50
N PHE B 565 -21.36 25.20 -24.46
CA PHE B 565 -21.33 23.75 -24.60
C PHE B 565 -22.53 23.14 -23.87
N GLY B 566 -22.88 21.92 -24.26
CA GLY B 566 -23.97 21.20 -23.67
C GLY B 566 -23.49 20.00 -22.87
N ARG B 567 -24.29 19.65 -21.87
CA ARG B 567 -23.95 18.56 -20.97
C ARG B 567 -25.06 17.54 -20.97
N ASP B 568 -24.71 16.32 -20.58
CA ASP B 568 -25.67 15.23 -20.46
C ASP B 568 -26.13 15.11 -19.02
N ILE B 569 -27.10 14.23 -18.79
CA ILE B 569 -27.42 13.77 -17.45
C ILE B 569 -26.26 12.89 -17.04
N ALA B 570 -25.83 13.01 -15.78
CA ALA B 570 -24.58 12.48 -15.25
C ALA B 570 -23.42 13.40 -15.62
N ASP B 571 -23.72 14.53 -16.23
CA ASP B 571 -22.79 15.66 -16.32
C ASP B 571 -21.51 15.37 -17.10
N THR B 572 -21.63 15.04 -18.38
CA THR B 572 -20.47 14.93 -19.26
C THR B 572 -20.69 15.81 -20.48
N THR B 573 -19.66 16.54 -20.89
CA THR B 573 -19.75 17.40 -22.06
C THR B 573 -20.05 16.58 -23.30
N ASP B 574 -21.10 16.91 -24.02
CA ASP B 574 -21.45 16.15 -25.20
C ASP B 574 -21.71 17.00 -26.43
N ALA B 575 -21.73 18.32 -26.30
CA ALA B 575 -21.81 19.20 -27.45
C ALA B 575 -20.97 20.43 -27.18
N VAL B 576 -20.47 21.06 -28.23
CA VAL B 576 -19.77 22.33 -28.12
C VAL B 576 -20.24 23.24 -29.25
N ARG B 577 -19.85 24.49 -29.15
CA ARG B 577 -20.07 25.48 -30.20
C ARG B 577 -18.72 26.00 -30.64
N ASP B 578 -18.48 26.01 -31.95
CA ASP B 578 -17.19 26.46 -32.44
C ASP B 578 -17.12 27.98 -32.34
N PRO B 579 -16.15 28.54 -31.65
CA PRO B 579 -16.14 29.99 -31.44
C PRO B 579 -16.13 30.80 -32.72
N GLN B 580 -15.38 30.35 -33.73
CA GLN B 580 -15.21 31.17 -34.93
C GLN B 580 -16.44 31.13 -35.82
N THR B 581 -16.94 29.94 -36.15
CA THR B 581 -18.07 29.84 -37.05
C THR B 581 -19.41 29.73 -36.33
N LEU B 582 -19.41 29.44 -35.02
CA LEU B 582 -20.61 29.41 -34.17
C LEU B 582 -21.59 28.34 -34.62
N GLU B 583 -21.11 27.11 -34.76
CA GLU B 583 -21.96 25.98 -35.07
C GLU B 583 -21.79 24.90 -34.03
N ILE B 584 -22.86 24.18 -33.77
CA ILE B 584 -22.91 23.19 -32.71
C ILE B 584 -22.39 21.87 -33.25
N LEU B 585 -21.54 21.21 -32.49
CA LEU B 585 -20.92 19.95 -32.86
C LEU B 585 -21.03 18.97 -31.71
N ASP B 586 -21.50 17.77 -31.99
CA ASP B 586 -21.55 16.72 -30.97
C ASP B 586 -20.20 16.08 -30.77
N ILE B 587 -19.99 15.57 -29.57
CA ILE B 587 -18.74 14.97 -29.14
C ILE B 587 -19.05 13.54 -28.73
N THR B 588 -18.71 12.60 -29.57
CA THR B 588 -18.88 11.22 -29.17
C THR B 588 -17.54 10.60 -28.83
N PRO B 589 -17.46 9.70 -27.86
CA PRO B 589 -16.17 9.08 -27.57
C PRO B 589 -15.73 8.19 -28.72
N CYS B 590 -14.42 7.99 -28.81
CA CYS B 590 -13.83 7.17 -29.86
C CYS B 590 -14.47 5.78 -29.84
N SER B 591 -13.64 4.75 -29.96
CA SER B 591 -14.17 3.38 -29.94
C SER B 591 -13.26 2.47 -29.14
N PHE B 592 -13.67 2.18 -27.90
CA PHE B 592 -12.90 1.30 -27.03
C PHE B 592 -13.74 0.05 -26.85
N GLY B 593 -13.13 -1.04 -26.38
CA GLY B 593 -13.91 -2.24 -26.19
C GLY B 593 -13.07 -3.46 -25.90
N GLY B 594 -13.66 -4.50 -25.34
CA GLY B 594 -12.91 -5.70 -25.06
C GLY B 594 -12.60 -6.51 -26.30
N VAL B 595 -11.59 -7.35 -26.18
CA VAL B 595 -11.21 -8.27 -27.24
C VAL B 595 -11.33 -9.69 -26.69
N SER B 596 -12.05 -10.55 -27.40
CA SER B 596 -12.23 -11.92 -26.99
C SER B 596 -11.69 -12.84 -28.05
N VAL B 597 -11.19 -14.00 -27.62
CA VAL B 597 -10.60 -14.98 -28.51
C VAL B 597 -11.44 -16.26 -28.45
N ILE B 598 -11.86 -16.73 -29.60
CA ILE B 598 -12.69 -17.92 -29.76
C ILE B 598 -11.80 -19.03 -30.29
N THR B 599 -11.67 -20.10 -29.54
CA THR B 599 -10.81 -21.23 -29.89
C THR B 599 -11.56 -22.54 -29.76
N PRO B 600 -11.40 -23.45 -30.73
CA PRO B 600 -11.96 -24.80 -30.58
C PRO B 600 -11.24 -25.67 -29.57
N GLY B 601 -10.15 -25.20 -28.97
CA GLY B 601 -9.36 -25.98 -28.02
C GLY B 601 -8.08 -26.41 -28.69
N THR B 602 -6.96 -26.28 -27.98
CA THR B 602 -5.66 -26.54 -28.56
C THR B 602 -5.44 -28.01 -28.86
N ASN B 603 -6.32 -28.87 -28.35
CA ASN B 603 -6.31 -30.30 -28.58
C ASN B 603 -7.13 -30.66 -29.82
N THR B 604 -7.53 -29.64 -30.57
CA THR B 604 -8.33 -29.85 -31.77
C THR B 604 -7.68 -29.11 -32.93
N SER B 605 -7.15 -27.93 -32.64
CA SER B 605 -6.63 -27.02 -33.66
C SER B 605 -6.00 -25.84 -32.95
N ASN B 606 -5.24 -25.07 -33.71
CA ASN B 606 -4.64 -23.85 -33.20
C ASN B 606 -5.16 -22.62 -33.94
N GLN B 607 -6.16 -22.79 -34.78
CA GLN B 607 -6.84 -21.65 -35.37
C GLN B 607 -7.65 -20.90 -34.32
N VAL B 608 -7.98 -19.66 -34.63
CA VAL B 608 -8.57 -18.76 -33.64
C VAL B 608 -9.41 -17.74 -34.38
N ALA B 609 -10.48 -17.28 -33.73
CA ALA B 609 -11.25 -16.15 -34.21
C ALA B 609 -11.29 -15.09 -33.13
N VAL B 610 -11.56 -13.84 -33.52
CA VAL B 610 -11.40 -12.71 -32.62
C VAL B 610 -12.64 -11.83 -32.68
N LEU B 611 -13.19 -11.50 -31.52
CA LEU B 611 -14.34 -10.62 -31.40
C LEU B 611 -13.90 -9.30 -30.81
N TYR B 612 -14.14 -8.21 -31.53
CA TYR B 612 -13.97 -6.86 -31.01
C TYR B 612 -15.34 -6.39 -30.56
N GLN B 613 -15.52 -6.22 -29.25
CA GLN B 613 -16.86 -6.11 -28.71
C GLN B 613 -17.41 -4.71 -28.95
N ASP B 614 -18.63 -4.66 -29.45
CA ASP B 614 -19.38 -3.46 -29.86
C ASP B 614 -18.48 -2.38 -30.47
N VAL B 615 -17.64 -2.83 -31.39
CA VAL B 615 -16.85 -1.93 -32.22
C VAL B 615 -17.31 -2.09 -33.66
N ASN B 616 -17.48 -0.96 -34.34
CA ASN B 616 -17.84 -1.03 -35.75
C ASN B 616 -16.67 -1.60 -36.54
N CYS B 617 -16.99 -2.55 -37.41
CA CYS B 617 -15.96 -3.41 -37.96
C CYS B 617 -15.13 -2.71 -39.03
N THR B 618 -15.25 -1.40 -39.17
CA THR B 618 -14.52 -0.63 -40.18
C THR B 618 -13.33 0.11 -39.55
N GLU B 619 -13.26 0.05 -38.22
CA GLU B 619 -12.21 0.78 -37.51
C GLU B 619 -11.42 -0.17 -36.60
N VAL B 620 -11.25 -1.40 -37.05
CA VAL B 620 -10.58 -2.41 -36.24
C VAL B 620 -9.07 -2.20 -36.23
N PRO B 621 -8.39 -2.10 -37.38
CA PRO B 621 -6.95 -1.92 -37.25
C PRO B 621 -6.53 -0.46 -37.33
N SER B 640 -10.13 -12.28 -46.47
CA SER B 640 -10.43 -12.79 -45.14
C SER B 640 -11.90 -12.65 -44.79
N ASN B 641 -12.24 -12.96 -43.54
CA ASN B 641 -13.63 -12.97 -43.09
C ASN B 641 -13.82 -11.91 -42.03
N VAL B 642 -14.46 -10.81 -42.40
CA VAL B 642 -14.93 -9.82 -41.45
C VAL B 642 -16.44 -9.86 -41.48
N PHE B 643 -17.04 -10.02 -40.31
CA PHE B 643 -18.46 -10.24 -40.19
C PHE B 643 -18.96 -9.36 -39.06
N GLN B 644 -20.02 -8.62 -39.30
CA GLN B 644 -20.55 -7.68 -38.32
C GLN B 644 -21.69 -8.32 -37.56
N THR B 645 -21.65 -8.17 -36.24
CA THR B 645 -22.63 -8.74 -35.35
C THR B 645 -23.21 -7.63 -34.50
N ARG B 646 -24.38 -7.88 -33.94
CA ARG B 646 -24.91 -7.01 -32.91
C ARG B 646 -24.04 -6.98 -31.67
N ALA B 647 -23.07 -7.88 -31.57
CA ALA B 647 -22.18 -7.97 -30.41
C ALA B 647 -20.77 -7.48 -30.71
N GLY B 648 -20.50 -7.02 -31.92
CA GLY B 648 -19.19 -6.54 -32.30
C GLY B 648 -18.75 -7.06 -33.65
N CYS B 649 -17.47 -6.88 -33.93
CA CYS B 649 -16.89 -7.32 -35.20
C CYS B 649 -16.10 -8.60 -35.02
N LEU B 650 -16.45 -9.62 -35.80
CA LEU B 650 -15.86 -10.95 -35.72
C LEU B 650 -14.91 -11.14 -36.89
N ILE B 651 -13.69 -11.57 -36.61
CA ILE B 651 -12.66 -11.78 -37.62
C ILE B 651 -12.14 -13.20 -37.51
N GLY B 652 -12.11 -13.92 -38.63
CA GLY B 652 -11.55 -15.24 -38.67
C GLY B 652 -12.56 -16.37 -38.67
N ALA B 653 -13.85 -16.07 -38.80
CA ALA B 653 -14.89 -17.06 -38.91
C ALA B 653 -15.76 -16.68 -40.09
N GLU B 654 -16.24 -17.68 -40.82
CA GLU B 654 -17.14 -17.43 -41.94
C GLU B 654 -18.59 -17.61 -41.52
N HIS B 655 -19.45 -16.80 -42.10
CA HIS B 655 -20.86 -16.81 -41.81
C HIS B 655 -21.59 -17.77 -42.76
N VAL B 656 -22.29 -18.74 -42.20
CA VAL B 656 -23.06 -19.69 -42.98
C VAL B 656 -24.54 -19.41 -42.80
N ASN B 657 -25.37 -20.10 -43.59
CA ASN B 657 -26.81 -19.89 -43.58
C ASN B 657 -27.58 -21.00 -42.87
N ASN B 658 -26.91 -22.11 -42.57
CA ASN B 658 -27.50 -23.19 -41.79
C ASN B 658 -27.79 -22.72 -40.37
N SER B 659 -28.38 -23.58 -39.55
CA SER B 659 -28.57 -23.27 -38.13
C SER B 659 -28.43 -24.55 -37.34
N TYR B 660 -27.51 -24.55 -36.39
CA TYR B 660 -27.21 -25.71 -35.58
C TYR B 660 -27.56 -25.41 -34.13
N GLU B 661 -27.30 -26.38 -33.27
CA GLU B 661 -27.37 -26.15 -31.84
C GLU B 661 -26.15 -25.35 -31.40
N CYS B 662 -26.34 -24.50 -30.40
CA CYS B 662 -25.30 -23.56 -30.03
C CYS B 662 -24.09 -24.30 -29.47
N ASP B 663 -22.90 -23.85 -29.84
CA ASP B 663 -21.67 -24.47 -29.41
C ASP B 663 -20.85 -23.55 -28.53
N ILE B 664 -20.43 -22.43 -29.08
CA ILE B 664 -19.69 -21.39 -28.37
C ILE B 664 -20.53 -20.13 -28.51
N PRO B 665 -21.01 -19.57 -27.42
CA PRO B 665 -21.95 -18.46 -27.54
C PRO B 665 -21.27 -17.13 -27.79
N ILE B 666 -21.59 -16.49 -28.89
CA ILE B 666 -21.08 -15.16 -29.18
C ILE B 666 -21.97 -14.09 -28.62
N GLY B 667 -23.24 -14.12 -28.95
CA GLY B 667 -24.20 -13.19 -28.37
C GLY B 667 -25.24 -12.77 -29.38
N ALA B 668 -26.33 -12.21 -28.87
CA ALA B 668 -27.45 -11.73 -29.67
C ALA B 668 -27.94 -12.79 -30.66
N GLY B 669 -27.96 -14.04 -30.21
CA GLY B 669 -28.42 -15.13 -31.04
C GLY B 669 -27.38 -15.79 -31.91
N ILE B 670 -26.12 -15.35 -31.87
CA ILE B 670 -25.07 -15.86 -32.74
C ILE B 670 -24.19 -16.79 -31.94
N CYS B 671 -23.90 -17.97 -32.51
CA CYS B 671 -22.90 -18.87 -31.96
C CYS B 671 -21.84 -19.23 -32.99
N ALA B 672 -20.77 -19.88 -32.54
CA ALA B 672 -19.65 -20.26 -33.41
C ALA B 672 -19.34 -21.72 -33.18
N SER B 673 -18.73 -22.34 -34.18
CA SER B 673 -18.31 -23.73 -34.04
C SER B 673 -17.13 -23.98 -34.97
N TYR B 674 -16.44 -25.10 -34.73
CA TYR B 674 -15.31 -25.49 -35.56
C TYR B 674 -15.72 -26.74 -36.31
N GLN B 675 -16.25 -26.55 -37.52
CA GLN B 675 -16.69 -27.68 -38.33
C GLN B 675 -16.66 -27.36 -39.82
N THR B 676 -17.77 -26.82 -40.33
CA THR B 676 -17.86 -26.47 -41.74
C THR B 676 -16.99 -25.27 -42.07
N GLN B 690 -12.52 -27.25 -42.46
CA GLN B 690 -12.99 -26.55 -41.27
C GLN B 690 -12.29 -25.21 -41.14
N SER B 691 -13.04 -24.12 -41.03
CA SER B 691 -12.32 -22.89 -40.68
C SER B 691 -12.74 -22.30 -39.35
N ILE B 692 -13.85 -21.57 -39.30
CA ILE B 692 -14.58 -21.13 -38.11
C ILE B 692 -15.80 -20.44 -38.68
N ILE B 693 -16.97 -20.68 -38.12
CA ILE B 693 -18.21 -20.20 -38.71
C ILE B 693 -19.02 -19.46 -37.65
N ALA B 694 -19.77 -18.47 -38.12
CA ALA B 694 -20.67 -17.70 -37.29
C ALA B 694 -22.08 -17.79 -37.88
N TYR B 695 -23.05 -18.20 -37.06
CA TYR B 695 -24.39 -18.48 -37.54
C TYR B 695 -25.41 -18.02 -36.52
N THR B 696 -26.68 -17.99 -36.95
CA THR B 696 -27.80 -17.79 -36.05
C THR B 696 -28.26 -19.12 -35.47
N MET B 697 -28.31 -19.20 -34.15
CA MET B 697 -28.53 -20.49 -33.51
C MET B 697 -29.96 -20.99 -33.70
N SER B 698 -30.08 -22.30 -33.81
CA SER B 698 -31.37 -22.95 -33.91
C SER B 698 -31.86 -23.31 -32.51
N LEU B 699 -33.18 -23.27 -32.34
CA LEU B 699 -33.75 -23.54 -31.03
C LEU B 699 -34.08 -25.01 -30.83
N GLY B 700 -34.24 -25.75 -31.90
CA GLY B 700 -34.53 -27.16 -31.82
C GLY B 700 -35.29 -27.59 -33.05
N ALA B 701 -35.51 -28.90 -33.11
CA ALA B 701 -36.33 -29.44 -34.18
C ALA B 701 -37.76 -28.98 -34.02
N GLU B 702 -38.49 -28.97 -35.12
CA GLU B 702 -39.84 -28.48 -35.14
C GLU B 702 -40.79 -29.61 -35.46
N ASN B 703 -41.96 -29.60 -34.83
CA ASN B 703 -42.93 -30.61 -35.24
C ASN B 703 -44.34 -30.20 -34.86
N SER B 704 -45.25 -30.44 -35.79
CA SER B 704 -46.67 -30.33 -35.56
C SER B 704 -47.22 -31.63 -34.95
N VAL B 705 -48.00 -31.46 -33.90
CA VAL B 705 -48.74 -32.56 -33.30
C VAL B 705 -49.96 -32.83 -34.16
N ALA B 706 -50.34 -34.08 -34.27
CA ALA B 706 -51.46 -34.47 -35.12
C ALA B 706 -52.80 -34.28 -34.39
N TYR B 707 -53.05 -33.06 -33.95
CA TYR B 707 -54.24 -32.78 -33.17
C TYR B 707 -55.49 -32.86 -34.02
N SER B 708 -56.52 -33.53 -33.52
CA SER B 708 -57.86 -33.42 -34.06
C SER B 708 -58.87 -33.52 -32.93
N ASN B 709 -60.16 -33.42 -33.22
CA ASN B 709 -61.13 -33.40 -32.14
C ASN B 709 -61.61 -34.78 -31.73
N ASN B 710 -61.13 -35.86 -32.36
CA ASN B 710 -61.47 -37.18 -31.88
C ASN B 710 -60.33 -38.17 -32.04
N SER B 711 -59.08 -37.70 -31.93
CA SER B 711 -57.91 -38.55 -32.07
C SER B 711 -57.15 -38.58 -30.75
N ILE B 712 -56.57 -39.74 -30.45
CA ILE B 712 -55.79 -39.91 -29.23
C ILE B 712 -54.58 -40.78 -29.54
N ALA B 713 -53.54 -40.67 -28.70
CA ALA B 713 -52.35 -41.49 -28.81
C ALA B 713 -52.07 -42.15 -27.46
N ILE B 714 -51.96 -43.48 -27.46
CA ILE B 714 -51.78 -44.27 -26.24
C ILE B 714 -50.45 -45.00 -26.37
N PRO B 715 -49.63 -45.05 -25.32
CA PRO B 715 -48.38 -45.82 -25.38
C PRO B 715 -48.59 -47.32 -25.23
N THR B 716 -47.76 -48.08 -25.94
CA THR B 716 -47.85 -49.54 -25.89
C THR B 716 -46.64 -50.20 -25.22
N ASN B 717 -45.67 -49.40 -24.79
CA ASN B 717 -44.48 -49.92 -24.14
C ASN B 717 -43.93 -48.83 -23.24
N PHE B 718 -42.82 -49.12 -22.58
CA PHE B 718 -42.16 -48.14 -21.73
C PHE B 718 -40.67 -48.43 -21.68
N THR B 719 -39.92 -47.45 -21.20
CA THR B 719 -38.54 -47.65 -20.80
C THR B 719 -38.34 -47.21 -19.35
N ILE B 720 -37.36 -47.80 -18.70
CA ILE B 720 -36.91 -47.40 -17.37
C ILE B 720 -35.65 -46.57 -17.51
N SER B 721 -35.70 -45.33 -17.05
CA SER B 721 -34.55 -44.44 -17.11
C SER B 721 -33.93 -44.26 -15.74
N VAL B 722 -32.61 -44.04 -15.72
CA VAL B 722 -31.92 -43.55 -14.53
C VAL B 722 -31.04 -42.39 -14.94
N THR B 723 -31.12 -41.29 -14.19
CA THR B 723 -30.34 -40.10 -14.48
C THR B 723 -29.72 -39.54 -13.21
N THR B 724 -28.58 -38.88 -13.37
CA THR B 724 -27.86 -38.30 -12.25
C THR B 724 -28.23 -36.84 -12.04
N GLU B 725 -28.14 -36.42 -10.79
CA GLU B 725 -28.17 -35.02 -10.42
C GLU B 725 -27.11 -34.80 -9.36
N ILE B 726 -26.35 -33.73 -9.46
CA ILE B 726 -25.21 -33.48 -8.58
C ILE B 726 -25.39 -32.13 -7.91
N LEU B 727 -25.19 -32.09 -6.59
CA LEU B 727 -25.39 -30.87 -5.85
C LEU B 727 -24.30 -30.66 -4.81
N PRO B 728 -23.78 -29.44 -4.68
CA PRO B 728 -22.84 -29.13 -3.61
C PRO B 728 -23.53 -29.00 -2.27
N VAL B 729 -22.87 -29.43 -1.21
CA VAL B 729 -23.41 -29.23 0.14
C VAL B 729 -22.47 -28.48 1.07
N SER B 730 -21.18 -28.33 0.80
CA SER B 730 -20.32 -27.59 1.71
C SER B 730 -19.09 -27.05 1.02
N MET B 731 -18.47 -26.06 1.66
CA MET B 731 -17.16 -25.51 1.33
C MET B 731 -16.14 -25.86 2.40
N THR B 732 -14.87 -25.61 2.09
CA THR B 732 -13.80 -25.78 3.05
C THR B 732 -13.86 -24.71 4.13
N LYS B 733 -13.60 -25.13 5.36
CA LYS B 733 -13.60 -24.26 6.52
C LYS B 733 -12.22 -23.68 6.70
N THR B 734 -12.10 -22.38 6.50
CA THR B 734 -10.83 -21.71 6.66
C THR B 734 -10.97 -20.63 7.73
N SER B 735 -9.84 -20.29 8.34
CA SER B 735 -9.77 -19.26 9.36
C SER B 735 -8.49 -18.44 9.20
N VAL B 736 -8.63 -17.12 9.25
CA VAL B 736 -7.50 -16.21 9.10
C VAL B 736 -7.31 -15.49 10.41
N ASP B 737 -6.08 -15.42 10.88
CA ASP B 737 -5.71 -14.57 12.00
C ASP B 737 -5.44 -13.17 11.46
N CYS B 738 -6.37 -12.24 11.72
CA CYS B 738 -6.27 -10.89 11.19
C CYS B 738 -4.94 -10.24 11.56
N THR B 739 -4.55 -10.33 12.82
CA THR B 739 -3.33 -9.68 13.26
C THR B 739 -2.09 -10.28 12.61
N MET B 740 -2.05 -11.59 12.39
CA MET B 740 -0.86 -12.20 11.83
C MET B 740 -0.80 -12.04 10.32
N TYR B 741 -1.93 -11.85 9.65
CA TYR B 741 -1.90 -11.52 8.24
C TYR B 741 -1.46 -10.09 8.03
N ILE B 742 -2.01 -9.17 8.80
CA ILE B 742 -1.64 -7.77 8.62
C ILE B 742 -0.20 -7.56 9.06
N CYS B 743 0.00 -7.25 10.34
CA CYS B 743 1.34 -7.03 10.85
C CYS B 743 2.23 -8.21 10.45
N GLY B 744 2.16 -9.28 11.22
CA GLY B 744 2.93 -10.47 10.93
C GLY B 744 4.30 -10.45 11.58
N ASP B 745 4.35 -10.87 12.84
CA ASP B 745 5.61 -10.91 13.60
C ASP B 745 6.00 -9.56 14.20
N SER B 746 6.25 -8.58 13.35
CA SER B 746 6.64 -7.24 13.79
C SER B 746 5.82 -6.78 14.99
N THR B 747 6.37 -5.82 15.74
CA THR B 747 5.69 -5.29 16.92
C THR B 747 5.31 -3.82 16.76
N GLU B 748 5.90 -3.15 15.77
CA GLU B 748 5.60 -1.75 15.52
C GLU B 748 4.25 -1.69 14.84
N CYS B 749 3.91 -2.78 14.17
CA CYS B 749 2.64 -2.93 13.45
C CYS B 749 1.48 -3.21 14.40
N SER B 750 1.69 -4.02 15.42
CA SER B 750 0.58 -4.40 16.29
C SER B 750 0.05 -3.23 17.08
N ASN B 751 0.93 -2.38 17.60
CA ASN B 751 0.44 -1.21 18.34
C ASN B 751 -0.27 -0.21 17.45
N LEU B 752 0.18 -0.09 16.19
CA LEU B 752 -0.50 0.79 15.25
C LEU B 752 -1.87 0.23 14.86
N LEU B 753 -1.97 -1.09 14.70
CA LEU B 753 -3.23 -1.70 14.33
C LEU B 753 -4.22 -1.72 15.48
N LEU B 754 -3.73 -1.74 16.71
CA LEU B 754 -4.59 -1.61 17.88
C LEU B 754 -5.44 -0.34 17.85
N GLN B 755 -5.10 0.62 17.00
CA GLN B 755 -5.79 1.90 16.93
C GLN B 755 -7.05 1.86 16.08
N TYR B 756 -7.36 0.72 15.47
CA TYR B 756 -8.48 0.63 14.56
C TYR B 756 -9.72 0.06 15.19
N GLY B 757 -9.66 -0.35 16.45
CA GLY B 757 -10.85 -0.81 17.12
C GLY B 757 -11.06 -2.29 16.94
N SER B 758 -12.31 -2.68 16.73
CA SER B 758 -12.67 -4.09 16.64
C SER B 758 -12.85 -4.56 15.21
N PHE B 759 -12.05 -4.05 14.26
CA PHE B 759 -12.19 -4.50 12.88
C PHE B 759 -11.79 -5.96 12.72
N CYS B 760 -10.80 -6.44 13.46
CA CYS B 760 -10.34 -7.82 13.34
C CYS B 760 -11.20 -8.80 14.11
N THR B 761 -11.87 -8.38 15.17
CA THR B 761 -12.78 -9.24 15.89
C THR B 761 -14.02 -9.55 15.06
N GLN B 762 -14.52 -8.55 14.33
CA GLN B 762 -15.65 -8.76 13.44
C GLN B 762 -15.31 -9.76 12.34
N LEU B 763 -14.12 -9.68 11.76
CA LEU B 763 -13.78 -10.57 10.66
C LEU B 763 -13.65 -12.01 11.12
N ASN B 764 -13.08 -12.23 12.29
CA ASN B 764 -13.00 -13.58 12.83
C ASN B 764 -14.37 -14.13 13.19
N ARG B 765 -15.26 -13.29 13.71
CA ARG B 765 -16.62 -13.76 13.93
C ARG B 765 -17.30 -14.15 12.62
N ALA B 766 -17.11 -13.34 11.59
CA ALA B 766 -17.72 -13.63 10.30
C ALA B 766 -17.23 -14.95 9.73
N LEU B 767 -15.92 -15.19 9.80
CA LEU B 767 -15.40 -16.44 9.28
C LEU B 767 -15.78 -17.64 10.13
N THR B 768 -15.93 -17.47 11.44
CA THR B 768 -16.30 -18.60 12.28
C THR B 768 -17.76 -19.01 12.07
N GLY B 769 -18.64 -18.05 11.85
CA GLY B 769 -20.01 -18.39 11.52
C GLY B 769 -20.14 -19.23 10.26
N ILE B 770 -19.39 -18.86 9.22
CA ILE B 770 -19.34 -19.63 7.98
C ILE B 770 -18.93 -21.07 8.23
N ALA B 771 -17.88 -21.29 9.02
CA ALA B 771 -17.38 -22.62 9.29
C ALA B 771 -18.33 -23.46 10.12
N VAL B 772 -19.07 -22.83 11.03
CA VAL B 772 -20.08 -23.58 11.78
C VAL B 772 -21.27 -23.93 10.89
N GLU B 773 -21.57 -23.10 9.89
CA GLU B 773 -22.68 -23.40 8.99
C GLU B 773 -22.38 -24.59 8.06
N GLN B 774 -21.11 -24.84 7.75
CA GLN B 774 -20.77 -25.91 6.82
C GLN B 774 -21.01 -27.29 7.41
N ASP B 775 -20.96 -27.43 8.73
CA ASP B 775 -21.26 -28.72 9.34
C ASP B 775 -22.77 -28.95 9.46
N LYS B 776 -23.53 -27.90 9.66
CA LYS B 776 -24.96 -28.00 9.69
C LYS B 776 -25.55 -28.29 8.32
N ASN B 777 -24.94 -27.76 7.25
CA ASN B 777 -25.30 -28.16 5.91
C ASN B 777 -25.27 -29.68 5.74
N THR B 778 -24.17 -30.31 6.16
CA THR B 778 -23.98 -31.75 5.98
C THR B 778 -24.86 -32.55 6.91
N GLN B 779 -25.05 -32.09 8.13
CA GLN B 779 -25.96 -32.78 9.04
C GLN B 779 -27.38 -32.75 8.49
N GLU B 780 -27.79 -31.65 7.88
CA GLU B 780 -29.13 -31.57 7.34
C GLU B 780 -29.32 -32.40 6.09
N VAL B 781 -28.29 -32.58 5.27
CA VAL B 781 -28.49 -33.43 4.09
C VAL B 781 -28.43 -34.90 4.45
N PHE B 782 -27.46 -35.33 5.25
CA PHE B 782 -27.18 -36.75 5.35
C PHE B 782 -27.70 -37.44 6.60
N ALA B 783 -27.75 -36.78 7.74
CA ALA B 783 -28.19 -37.45 8.98
C ALA B 783 -29.71 -37.42 9.11
N GLN B 784 -30.36 -37.93 8.07
CA GLN B 784 -31.81 -37.96 7.96
C GLN B 784 -32.39 -39.33 8.32
N VAL B 785 -31.74 -40.06 9.21
CA VAL B 785 -32.15 -41.43 9.47
C VAL B 785 -31.89 -41.73 10.94
N LYS B 786 -32.85 -42.41 11.56
CA LYS B 786 -32.75 -42.74 12.98
C LYS B 786 -31.72 -43.83 13.22
N GLN B 787 -31.88 -44.97 12.55
CA GLN B 787 -31.07 -46.15 12.76
C GLN B 787 -30.11 -46.31 11.61
N ILE B 788 -29.12 -47.16 11.81
CA ILE B 788 -28.19 -47.51 10.74
C ILE B 788 -28.64 -48.88 10.23
N TYR B 789 -29.37 -48.87 9.13
CA TYR B 789 -29.96 -50.07 8.57
C TYR B 789 -28.96 -50.86 7.74
N LYS B 790 -29.14 -52.17 7.73
CA LYS B 790 -28.29 -53.08 6.98
C LYS B 790 -29.11 -53.94 6.03
N THR B 791 -28.54 -54.24 4.88
CA THR B 791 -29.15 -55.17 3.95
C THR B 791 -28.91 -56.61 4.40
N PRO B 792 -29.83 -57.52 4.08
CA PRO B 792 -29.62 -58.91 4.48
C PRO B 792 -28.56 -59.57 3.62
N PRO B 793 -27.95 -60.66 4.10
CA PRO B 793 -26.84 -61.28 3.36
C PRO B 793 -27.19 -61.84 1.99
N ILE B 794 -28.45 -62.24 1.76
CA ILE B 794 -28.90 -62.61 0.43
C ILE B 794 -29.09 -61.35 -0.41
N LYS B 795 -29.34 -61.51 -1.69
CA LYS B 795 -29.67 -60.37 -2.53
C LYS B 795 -30.84 -60.71 -3.44
N ASP B 796 -31.84 -61.41 -2.91
CA ASP B 796 -33.01 -61.80 -3.70
C ASP B 796 -33.96 -60.61 -3.76
N PHE B 797 -33.77 -59.76 -4.76
CA PHE B 797 -34.58 -58.55 -4.92
C PHE B 797 -35.45 -58.59 -6.18
N GLY B 798 -35.94 -59.76 -6.55
CA GLY B 798 -36.83 -59.84 -7.70
C GLY B 798 -36.15 -59.71 -9.03
N GLY B 799 -34.86 -60.01 -9.13
CA GLY B 799 -34.12 -59.83 -10.34
C GLY B 799 -33.43 -58.49 -10.45
N PHE B 800 -33.65 -57.59 -9.51
CA PHE B 800 -32.98 -56.31 -9.50
C PHE B 800 -31.63 -56.43 -8.81
N ASN B 801 -30.64 -55.74 -9.34
CA ASN B 801 -29.25 -55.92 -8.96
C ASN B 801 -28.69 -54.58 -8.54
N PHE B 802 -28.37 -54.44 -7.27
CA PHE B 802 -27.93 -53.17 -6.69
C PHE B 802 -26.45 -53.21 -6.33
N SER B 803 -25.69 -54.10 -6.92
CA SER B 803 -24.33 -54.34 -6.44
C SER B 803 -23.39 -53.18 -6.70
N GLN B 804 -23.64 -52.38 -7.72
CA GLN B 804 -22.75 -51.27 -8.00
C GLN B 804 -22.97 -50.08 -7.08
N ILE B 805 -24.02 -50.09 -6.27
CA ILE B 805 -24.30 -48.98 -5.37
C ILE B 805 -24.41 -49.41 -3.93
N LEU B 806 -24.24 -50.65 -3.63
CA LEU B 806 -24.13 -51.05 -2.24
C LEU B 806 -22.67 -51.04 -1.80
N PRO B 807 -22.42 -50.93 -0.50
CA PRO B 807 -21.03 -50.76 -0.05
C PRO B 807 -20.14 -51.96 -0.36
N ASP B 808 -18.84 -51.68 -0.50
CA ASP B 808 -17.85 -52.68 -0.86
C ASP B 808 -17.14 -53.17 0.40
N PRO B 809 -17.38 -54.41 0.85
CA PRO B 809 -16.80 -54.84 2.13
C PRO B 809 -15.29 -54.98 2.11
N SER B 810 -14.67 -55.07 0.94
CA SER B 810 -13.21 -55.18 0.84
C SER B 810 -12.55 -53.81 0.64
N LYS B 811 -12.70 -52.92 1.62
CA LYS B 811 -12.12 -51.60 1.55
C LYS B 811 -12.05 -51.02 2.96
N PRO B 812 -11.06 -50.17 3.22
CA PRO B 812 -11.07 -49.42 4.50
C PRO B 812 -12.20 -48.41 4.57
N SER B 813 -12.55 -47.79 3.44
CA SER B 813 -13.57 -46.75 3.42
C SER B 813 -14.98 -47.32 3.27
N LYS B 814 -15.11 -48.55 2.76
CA LYS B 814 -16.41 -49.21 2.58
C LYS B 814 -17.33 -48.43 1.65
N ARG B 815 -16.76 -47.74 0.67
CA ARG B 815 -17.57 -47.04 -0.30
C ARG B 815 -18.09 -48.02 -1.34
N SER B 816 -19.03 -47.56 -2.15
CA SER B 816 -19.52 -48.38 -3.24
C SER B 816 -18.67 -48.13 -4.47
N PRO B 817 -18.95 -48.90 -5.52
CA PRO B 817 -18.22 -48.80 -6.78
C PRO B 817 -18.40 -47.45 -7.45
N ILE B 818 -19.60 -46.88 -7.36
CA ILE B 818 -19.85 -45.59 -7.97
C ILE B 818 -19.37 -44.46 -7.09
N GLU B 819 -19.38 -44.64 -5.78
CA GLU B 819 -18.77 -43.69 -4.88
C GLU B 819 -17.26 -43.68 -4.96
N ASP B 820 -16.65 -44.79 -5.35
CA ASP B 820 -15.22 -44.80 -5.65
C ASP B 820 -14.91 -44.11 -6.95
N LEU B 821 -15.76 -44.27 -7.97
CA LEU B 821 -15.56 -43.51 -9.20
C LEU B 821 -15.70 -42.01 -8.96
N LEU B 822 -16.63 -41.59 -8.11
CA LEU B 822 -16.83 -40.15 -7.92
C LEU B 822 -15.69 -39.52 -7.13
N PHE B 823 -15.01 -40.27 -6.28
CA PHE B 823 -13.96 -39.67 -5.47
C PHE B 823 -12.61 -39.61 -6.17
N ASN B 824 -12.50 -40.17 -7.36
CA ASN B 824 -11.29 -40.05 -8.16
C ASN B 824 -11.42 -39.04 -9.27
N LYS B 825 -12.54 -38.33 -9.35
CA LYS B 825 -12.75 -37.34 -10.39
C LYS B 825 -12.76 -35.92 -9.87
N VAL B 826 -12.86 -35.72 -8.55
CA VAL B 826 -12.88 -34.38 -7.99
C VAL B 826 -11.66 -34.16 -7.12
N LYS B 854 0.70 -24.59 5.42
CA LYS B 854 0.71 -23.53 6.40
C LYS B 854 1.15 -22.22 5.76
N PHE B 855 0.61 -21.11 6.25
CA PHE B 855 0.82 -19.80 5.65
C PHE B 855 0.74 -18.68 6.68
N ASN B 856 0.55 -17.46 6.20
CA ASN B 856 0.60 -16.26 7.02
C ASN B 856 -0.65 -16.03 7.84
N GLY B 857 -1.00 -16.96 8.71
CA GLY B 857 -2.21 -16.87 9.50
C GLY B 857 -3.38 -17.66 8.95
N LEU B 858 -3.22 -18.36 7.84
CA LEU B 858 -4.30 -19.09 7.21
C LEU B 858 -4.35 -20.51 7.72
N THR B 859 -5.54 -21.00 8.01
CA THR B 859 -5.71 -22.37 8.50
C THR B 859 -6.98 -23.00 7.98
N VAL B 860 -6.92 -24.31 7.76
CA VAL B 860 -8.03 -25.10 7.27
C VAL B 860 -8.45 -26.07 8.38
N LEU B 861 -9.67 -25.94 8.82
CA LEU B 861 -10.20 -26.85 9.82
C LEU B 861 -10.78 -28.09 9.16
N PRO B 862 -10.75 -29.24 9.83
CA PRO B 862 -11.36 -30.44 9.26
C PRO B 862 -12.84 -30.52 9.53
N PRO B 863 -13.62 -31.15 8.65
CA PRO B 863 -15.04 -31.34 8.91
C PRO B 863 -15.30 -32.24 10.11
N LEU B 864 -16.44 -32.03 10.75
CA LEU B 864 -16.81 -32.82 11.91
C LEU B 864 -17.06 -34.28 11.53
N LEU B 865 -17.76 -34.52 10.44
CA LEU B 865 -17.97 -35.85 9.92
C LEU B 865 -16.86 -36.20 8.95
N THR B 866 -16.20 -37.32 9.20
CA THR B 866 -15.38 -37.97 8.18
C THR B 866 -16.27 -38.35 7.01
N ASP B 867 -15.67 -38.65 5.87
CA ASP B 867 -16.50 -39.14 4.79
C ASP B 867 -16.70 -40.65 4.84
N GLU B 868 -16.01 -41.35 5.71
CA GLU B 868 -16.46 -42.67 6.11
C GLU B 868 -17.82 -42.63 6.77
N MET B 869 -18.03 -41.71 7.69
CA MET B 869 -19.32 -41.49 8.30
C MET B 869 -20.39 -41.11 7.29
N ILE B 870 -20.03 -40.30 6.29
CA ILE B 870 -21.00 -39.91 5.29
C ILE B 870 -21.37 -41.10 4.41
N ALA B 871 -20.38 -41.92 4.04
CA ALA B 871 -20.69 -43.12 3.29
C ALA B 871 -21.53 -44.10 4.10
N GLN B 872 -21.35 -44.10 5.41
CA GLN B 872 -22.14 -44.95 6.28
C GLN B 872 -23.57 -44.45 6.45
N TYR B 873 -23.79 -43.13 6.41
CA TYR B 873 -25.15 -42.61 6.35
C TYR B 873 -25.83 -42.95 5.03
N THR B 874 -25.10 -42.83 3.92
CA THR B 874 -25.73 -43.08 2.63
C THR B 874 -26.06 -44.55 2.42
N SER B 875 -25.23 -45.47 2.87
CA SER B 875 -25.57 -46.87 2.72
C SER B 875 -26.76 -47.27 3.57
N ALA B 876 -26.97 -46.63 4.72
CA ALA B 876 -28.14 -46.92 5.54
C ALA B 876 -29.40 -46.35 4.94
N LEU B 877 -29.33 -45.16 4.34
CA LEU B 877 -30.45 -44.67 3.56
C LEU B 877 -30.79 -45.60 2.41
N LEU B 878 -29.78 -46.20 1.78
CA LEU B 878 -30.03 -47.13 0.68
C LEU B 878 -30.69 -48.41 1.13
N ALA B 879 -30.19 -49.03 2.20
CA ALA B 879 -30.79 -50.24 2.74
C ALA B 879 -32.18 -50.00 3.32
N GLY B 880 -32.48 -48.82 3.82
CA GLY B 880 -33.83 -48.53 4.22
C GLY B 880 -34.80 -48.55 3.07
N THR B 881 -34.41 -47.95 1.95
CA THR B 881 -35.25 -47.91 0.76
C THR B 881 -35.41 -49.26 0.09
N ILE B 882 -34.35 -50.05 -0.02
CA ILE B 882 -34.46 -51.30 -0.74
C ILE B 882 -35.23 -52.34 0.06
N THR B 883 -35.34 -52.16 1.36
CA THR B 883 -35.95 -53.15 2.22
C THR B 883 -37.32 -52.74 2.74
N SER B 884 -37.61 -51.46 2.85
CA SER B 884 -38.86 -51.03 3.45
C SER B 884 -39.62 -50.01 2.62
N GLY B 885 -39.14 -49.66 1.44
CA GLY B 885 -39.85 -48.70 0.63
C GLY B 885 -39.81 -47.30 1.21
N TRP B 886 -40.97 -46.77 1.59
CA TRP B 886 -41.05 -45.45 2.17
C TRP B 886 -41.51 -45.46 3.61
N THR B 887 -41.60 -46.62 4.25
CA THR B 887 -42.14 -46.67 5.59
C THR B 887 -41.15 -46.20 6.64
N PHE B 888 -39.86 -46.38 6.41
CA PHE B 888 -38.87 -45.95 7.38
C PHE B 888 -38.72 -44.44 7.43
N GLY B 889 -39.20 -43.71 6.43
CA GLY B 889 -39.18 -42.27 6.49
C GLY B 889 -40.32 -41.64 7.25
N ALA B 890 -41.31 -42.43 7.63
CA ALA B 890 -42.45 -41.94 8.39
C ALA B 890 -42.59 -42.59 9.75
N GLY B 891 -41.74 -43.54 10.09
CA GLY B 891 -41.81 -44.22 11.37
C GLY B 891 -40.88 -45.40 11.39
N PRO B 892 -41.36 -46.52 11.91
CA PRO B 892 -40.57 -47.74 11.98
C PRO B 892 -40.51 -48.39 10.61
N ALA B 893 -39.39 -49.01 10.27
CA ALA B 893 -39.23 -49.65 8.98
C ALA B 893 -40.04 -50.94 8.93
N LEU B 894 -40.89 -51.07 7.92
CA LEU B 894 -41.73 -52.23 7.73
C LEU B 894 -41.31 -52.91 6.45
N GLN B 895 -40.81 -54.13 6.56
CA GLN B 895 -40.32 -54.83 5.39
C GLN B 895 -41.46 -55.19 4.44
N ILE B 896 -41.12 -55.24 3.15
CA ILE B 896 -42.05 -55.59 2.09
C ILE B 896 -41.16 -56.16 0.99
N PRO B 897 -41.60 -57.16 0.21
CA PRO B 897 -40.76 -57.64 -0.89
C PRO B 897 -40.61 -56.60 -2.00
N PHE B 898 -39.44 -56.61 -2.66
CA PHE B 898 -39.10 -55.51 -3.54
C PHE B 898 -40.01 -55.42 -4.77
N PRO B 899 -40.43 -56.57 -5.29
CA PRO B 899 -41.33 -56.61 -6.44
C PRO B 899 -42.68 -55.98 -6.09
N MET B 900 -43.16 -56.21 -4.87
CA MET B 900 -44.42 -55.65 -4.43
C MET B 900 -44.33 -54.16 -4.14
N GLN B 901 -43.17 -53.70 -3.70
CA GLN B 901 -42.94 -52.28 -3.52
C GLN B 901 -42.87 -51.57 -4.86
N MET B 902 -42.23 -52.20 -5.84
CA MET B 902 -42.20 -51.70 -7.20
C MET B 902 -43.60 -51.62 -7.80
N ALA B 903 -44.45 -52.57 -7.45
CA ALA B 903 -45.83 -52.54 -7.90
C ALA B 903 -46.67 -51.46 -7.21
N TYR B 904 -46.40 -51.17 -5.93
CA TYR B 904 -47.02 -50.02 -5.29
C TYR B 904 -46.63 -48.72 -5.97
N ARG B 905 -45.37 -48.60 -6.38
CA ARG B 905 -44.91 -47.41 -7.04
C ARG B 905 -45.47 -47.26 -8.44
N PHE B 906 -45.71 -48.37 -9.15
CA PHE B 906 -46.39 -48.27 -10.44
C PHE B 906 -47.79 -47.73 -10.29
N ASN B 907 -48.47 -48.05 -9.20
CA ASN B 907 -49.76 -47.45 -8.92
C ASN B 907 -49.68 -45.95 -8.69
N GLY B 908 -48.58 -45.47 -8.12
CA GLY B 908 -48.46 -44.07 -7.80
C GLY B 908 -48.33 -43.19 -9.02
N ILE B 909 -47.85 -43.75 -10.13
CA ILE B 909 -47.80 -43.01 -11.38
C ILE B 909 -48.98 -43.32 -12.28
N GLY B 910 -49.99 -44.04 -11.80
CA GLY B 910 -51.18 -44.28 -12.57
C GLY B 910 -51.11 -45.44 -13.53
N VAL B 911 -50.24 -46.41 -13.31
CA VAL B 911 -50.22 -47.61 -14.09
C VAL B 911 -50.77 -48.73 -13.21
N THR B 912 -51.49 -49.64 -13.82
CA THR B 912 -52.11 -50.72 -13.09
C THR B 912 -51.07 -51.79 -12.79
N GLN B 913 -51.18 -52.41 -11.63
CA GLN B 913 -50.02 -53.10 -11.07
C GLN B 913 -49.76 -54.47 -11.65
N ASN B 914 -50.64 -55.04 -12.46
CA ASN B 914 -50.26 -56.22 -13.22
C ASN B 914 -49.31 -55.92 -14.36
N VAL B 915 -49.25 -54.67 -14.82
CA VAL B 915 -48.28 -54.29 -15.82
C VAL B 915 -46.88 -54.52 -15.30
N LEU B 916 -46.68 -54.43 -13.99
CA LEU B 916 -45.37 -54.74 -13.43
C LEU B 916 -45.13 -56.24 -13.32
N TYR B 917 -46.10 -56.97 -12.80
CA TYR B 917 -45.87 -58.38 -12.52
C TYR B 917 -45.77 -59.20 -13.79
N GLU B 918 -46.43 -58.78 -14.86
CA GLU B 918 -46.35 -59.48 -16.12
C GLU B 918 -45.13 -59.07 -16.94
N ASN B 919 -44.37 -58.08 -16.51
CA ASN B 919 -43.21 -57.60 -17.22
C ASN B 919 -41.99 -57.51 -16.30
N GLN B 920 -42.03 -58.19 -15.17
CA GLN B 920 -40.97 -58.11 -14.17
C GLN B 920 -39.57 -58.30 -14.73
N LYS B 921 -39.34 -59.34 -15.52
CA LYS B 921 -38.00 -59.61 -16.02
C LYS B 921 -37.51 -58.52 -16.96
N LEU B 922 -38.35 -58.07 -17.87
CA LEU B 922 -37.97 -56.99 -18.76
C LEU B 922 -37.68 -55.72 -17.98
N ILE B 923 -38.49 -55.41 -16.98
CA ILE B 923 -38.30 -54.19 -16.21
C ILE B 923 -37.00 -54.25 -15.41
N ALA B 924 -36.69 -55.41 -14.85
CA ALA B 924 -35.43 -55.60 -14.13
C ALA B 924 -34.22 -55.53 -15.03
N ASN B 925 -34.28 -56.12 -16.23
CA ASN B 925 -33.20 -55.96 -17.20
C ASN B 925 -32.99 -54.52 -17.62
N GLN B 926 -34.06 -53.76 -17.87
CA GLN B 926 -33.89 -52.35 -18.19
C GLN B 926 -33.26 -51.56 -17.07
N PHE B 927 -33.69 -51.78 -15.83
CA PHE B 927 -33.02 -51.13 -14.71
C PHE B 927 -31.53 -51.47 -14.69
N ASN B 928 -31.19 -52.75 -14.86
CA ASN B 928 -29.80 -53.18 -14.76
C ASN B 928 -28.94 -52.59 -15.86
N SER B 929 -29.45 -52.51 -17.08
CA SER B 929 -28.69 -51.87 -18.15
C SER B 929 -28.54 -50.37 -17.92
N ALA B 930 -29.59 -49.69 -17.45
CA ALA B 930 -29.45 -48.27 -17.17
C ALA B 930 -28.47 -47.99 -16.04
N ILE B 931 -28.38 -48.87 -15.06
CA ILE B 931 -27.40 -48.69 -14.00
C ILE B 931 -26.00 -48.94 -14.53
N GLY B 932 -25.85 -49.92 -15.40
CA GLY B 932 -24.57 -50.13 -16.06
C GLY B 932 -24.09 -48.99 -16.91
N LYS B 933 -25.00 -48.28 -17.58
CA LYS B 933 -24.58 -47.15 -18.39
C LYS B 933 -24.04 -45.98 -17.59
N ILE B 934 -24.36 -45.89 -16.30
CA ILE B 934 -23.98 -44.72 -15.53
C ILE B 934 -22.48 -44.71 -15.27
N GLN B 935 -21.90 -45.85 -14.92
CA GLN B 935 -20.45 -45.89 -14.74
C GLN B 935 -19.71 -45.52 -16.03
N ASP B 936 -20.11 -46.09 -17.16
CA ASP B 936 -19.50 -45.71 -18.43
C ASP B 936 -19.65 -44.23 -18.69
N SER B 937 -20.82 -43.66 -18.43
CA SER B 937 -20.98 -42.22 -18.55
C SER B 937 -20.18 -41.46 -17.51
N LEU B 938 -19.64 -42.14 -16.51
CA LEU B 938 -18.83 -41.46 -15.49
C LEU B 938 -17.34 -41.71 -15.71
N SER B 939 -16.93 -42.97 -15.75
CA SER B 939 -15.52 -43.31 -15.98
C SER B 939 -15.17 -43.27 -17.46
N ALA B 944 -19.93 -33.13 -16.20
CA ALA B 944 -20.32 -34.11 -15.19
C ALA B 944 -20.22 -33.51 -13.79
N LEU B 945 -19.06 -33.69 -13.17
CA LEU B 945 -18.81 -33.19 -11.83
C LEU B 945 -18.17 -31.82 -11.84
N GLY B 946 -18.48 -31.00 -12.84
CA GLY B 946 -17.99 -29.64 -12.87
C GLY B 946 -18.60 -28.74 -11.82
N LYS B 947 -19.79 -29.04 -11.33
CA LYS B 947 -20.38 -28.20 -10.29
C LYS B 947 -19.50 -28.20 -9.03
N LEU B 948 -19.28 -29.38 -8.48
CA LEU B 948 -18.46 -29.54 -7.29
C LEU B 948 -17.07 -28.98 -7.53
N GLN B 949 -16.53 -29.26 -8.71
CA GLN B 949 -15.21 -28.77 -9.08
C GLN B 949 -15.21 -27.27 -9.05
N ASP B 950 -16.22 -26.66 -9.67
CA ASP B 950 -16.34 -25.22 -9.69
C ASP B 950 -16.24 -24.72 -8.26
N VAL B 951 -17.07 -25.28 -7.39
CA VAL B 951 -17.04 -24.88 -5.99
C VAL B 951 -15.59 -24.91 -5.46
N VAL B 952 -15.00 -26.10 -5.43
CA VAL B 952 -13.63 -26.27 -4.96
C VAL B 952 -12.68 -25.19 -5.47
N ASN B 953 -12.68 -24.95 -6.77
CA ASN B 953 -11.79 -23.96 -7.37
C ASN B 953 -12.06 -22.53 -6.93
N GLN B 954 -13.30 -22.08 -7.07
CA GLN B 954 -13.68 -20.72 -6.70
C GLN B 954 -13.10 -20.30 -5.36
N ASN B 955 -12.80 -21.29 -4.52
CA ASN B 955 -12.27 -21.03 -3.21
C ASN B 955 -10.74 -21.01 -3.21
N ALA B 956 -10.10 -21.94 -3.91
CA ALA B 956 -8.64 -21.92 -3.95
C ALA B 956 -8.13 -20.66 -4.63
N GLN B 957 -8.78 -20.23 -5.69
CA GLN B 957 -8.38 -19.03 -6.39
C GLN B 957 -8.62 -17.77 -5.57
N ALA B 958 -9.66 -17.73 -4.75
CA ALA B 958 -9.83 -16.56 -3.88
C ALA B 958 -8.86 -16.57 -2.71
N LEU B 959 -8.37 -17.72 -2.30
CA LEU B 959 -7.36 -17.76 -1.26
C LEU B 959 -5.97 -17.48 -1.77
N ASN B 960 -5.70 -17.71 -3.06
CA ASN B 960 -4.42 -17.37 -3.65
C ASN B 960 -4.24 -15.87 -3.82
N THR B 961 -5.31 -15.14 -4.13
CA THR B 961 -5.26 -13.69 -4.25
C THR B 961 -4.94 -12.99 -2.92
N LEU B 962 -5.49 -13.47 -1.81
CA LEU B 962 -5.20 -12.89 -0.52
C LEU B 962 -3.72 -12.99 -0.17
N VAL B 963 -3.08 -14.11 -0.51
CA VAL B 963 -1.66 -14.24 -0.25
C VAL B 963 -0.85 -13.39 -1.22
N LYS B 964 -1.24 -13.33 -2.49
CA LYS B 964 -0.51 -12.50 -3.42
C LYS B 964 -0.61 -11.02 -3.10
N GLN B 965 -1.66 -10.57 -2.43
CA GLN B 965 -1.81 -9.18 -2.05
C GLN B 965 -0.85 -8.75 -0.97
N LEU B 966 -0.02 -9.64 -0.45
CA LEU B 966 0.92 -9.23 0.59
C LEU B 966 2.22 -8.69 0.03
N SER B 967 2.51 -8.94 -1.24
CA SER B 967 3.63 -8.29 -1.88
C SER B 967 3.19 -7.11 -2.72
N SER B 968 2.57 -6.11 -2.11
CA SER B 968 2.24 -4.85 -2.75
C SER B 968 2.50 -3.74 -1.74
N ASN B 969 3.07 -2.63 -2.19
CA ASN B 969 3.41 -1.58 -1.23
C ASN B 969 2.21 -0.71 -0.89
N PHE B 970 1.21 -0.66 -1.75
CA PHE B 970 0.08 0.25 -1.61
C PHE B 970 0.50 1.70 -1.52
N GLY B 971 1.64 2.03 -2.12
CA GLY B 971 2.12 3.40 -2.09
C GLY B 971 3.07 3.70 -0.95
N ALA B 972 3.71 2.69 -0.38
CA ALA B 972 4.79 2.87 0.56
C ALA B 972 6.09 2.59 -0.20
N ILE B 973 7.23 2.69 0.50
CA ILE B 973 8.48 2.46 -0.21
C ILE B 973 8.63 1.01 -0.58
N SER B 974 8.30 0.09 0.31
CA SER B 974 8.40 -1.33 0.02
C SER B 974 7.20 -2.03 0.64
N SER B 975 7.19 -3.36 0.49
CA SER B 975 6.07 -4.17 0.92
C SER B 975 6.47 -5.19 1.98
N VAL B 976 7.65 -5.03 2.58
CA VAL B 976 8.15 -5.96 3.57
C VAL B 976 8.48 -5.19 4.83
N LEU B 977 7.80 -5.53 5.92
CA LEU B 977 7.74 -4.72 7.13
C LEU B 977 9.07 -4.56 7.85
N ASN B 978 10.11 -5.26 7.43
CA ASN B 978 11.41 -5.05 8.05
C ASN B 978 12.24 -4.00 7.32
N ASP B 979 12.31 -4.09 5.99
CA ASP B 979 13.12 -3.16 5.24
C ASP B 979 12.60 -1.74 5.35
N ILE B 980 11.30 -1.57 5.52
CA ILE B 980 10.78 -0.24 5.82
C ILE B 980 11.25 0.15 7.21
N LEU B 981 11.37 -0.83 8.08
CA LEU B 981 11.63 -0.55 9.49
C LEU B 981 13.09 -0.41 9.83
N SER B 982 14.01 -0.95 9.03
CA SER B 982 15.43 -0.88 9.30
C SER B 982 16.10 0.09 8.35
N ARG B 983 15.30 0.94 7.71
CA ARG B 983 15.86 1.95 6.83
C ARG B 983 15.21 3.30 7.09
N LEU B 984 14.41 3.40 8.15
CA LEU B 984 13.87 4.68 8.57
C LEU B 984 13.72 4.66 10.08
N ASP B 985 13.57 5.85 10.67
CA ASP B 985 13.37 6.01 12.10
C ASP B 985 11.92 6.30 12.39
N PRO B 986 11.46 6.02 13.63
CA PRO B 986 10.03 5.73 13.87
C PRO B 986 9.07 6.73 13.25
N PRO B 987 9.27 8.02 13.53
CA PRO B 987 8.38 9.06 13.00
C PRO B 987 8.18 8.94 11.49
N GLU B 988 9.26 8.57 10.80
CA GLU B 988 9.26 8.40 9.36
C GLU B 988 8.65 7.08 8.93
N ALA B 989 8.81 6.02 9.73
CA ALA B 989 8.37 4.71 9.34
C ALA B 989 6.89 4.48 9.60
N GLU B 990 6.37 5.00 10.72
CA GLU B 990 4.96 4.90 11.03
C GLU B 990 4.08 5.36 9.88
N VAL B 991 4.51 6.37 9.11
CA VAL B 991 3.73 6.83 7.98
C VAL B 991 3.58 5.73 6.93
N GLN B 992 4.66 5.04 6.59
CA GLN B 992 4.58 3.98 5.59
C GLN B 992 3.85 2.75 6.12
N ILE B 993 4.06 2.44 7.40
CA ILE B 993 3.41 1.27 7.96
C ILE B 993 1.91 1.45 8.02
N ASP B 994 1.44 2.69 8.20
CA ASP B 994 0.00 2.89 8.14
C ASP B 994 -0.58 2.67 6.75
N ARG B 995 0.14 3.03 5.69
CA ARG B 995 -0.31 2.71 4.35
C ARG B 995 -0.36 1.22 4.09
N LEU B 996 0.68 0.50 4.48
CA LEU B 996 0.67 -0.96 4.39
C LEU B 996 -0.52 -1.56 5.14
N ILE B 997 -0.78 -1.08 6.35
CA ILE B 997 -1.89 -1.60 7.13
C ILE B 997 -3.20 -1.34 6.42
N THR B 998 -3.40 -0.14 5.88
CA THR B 998 -4.66 0.17 5.22
C THR B 998 -4.90 -0.75 4.03
N GLY B 999 -3.88 -0.97 3.19
CA GLY B 999 -4.06 -1.88 2.08
C GLY B 999 -4.35 -3.29 2.50
N ARG B 1000 -3.61 -3.82 3.47
CA ARG B 1000 -3.80 -5.19 3.90
C ARG B 1000 -5.11 -5.42 4.62
N LEU B 1001 -5.65 -4.41 5.27
CA LEU B 1001 -6.97 -4.56 5.86
C LEU B 1001 -8.07 -4.50 4.82
N GLN B 1002 -7.92 -3.66 3.79
CA GLN B 1002 -8.87 -3.66 2.69
C GLN B 1002 -8.93 -5.01 1.98
N SER B 1003 -7.79 -5.64 1.76
CA SER B 1003 -7.78 -6.96 1.11
C SER B 1003 -8.54 -8.00 1.90
N LEU B 1004 -8.35 -8.03 3.22
CA LEU B 1004 -9.03 -8.98 4.06
C LEU B 1004 -10.53 -8.73 4.13
N GLN B 1005 -10.95 -7.47 4.10
CA GLN B 1005 -12.39 -7.23 4.06
C GLN B 1005 -13.01 -7.68 2.76
N THR B 1006 -12.35 -7.44 1.64
CA THR B 1006 -12.83 -7.96 0.38
C THR B 1006 -12.97 -9.49 0.42
N TYR B 1007 -11.96 -10.16 0.95
CA TYR B 1007 -12.01 -11.61 1.05
C TYR B 1007 -13.19 -12.08 1.88
N VAL B 1008 -13.38 -11.50 3.06
CA VAL B 1008 -14.41 -12.00 3.96
C VAL B 1008 -15.81 -11.70 3.40
N THR B 1009 -16.01 -10.53 2.80
CA THR B 1009 -17.32 -10.23 2.23
C THR B 1009 -17.68 -11.20 1.12
N GLN B 1010 -16.72 -11.54 0.27
CA GLN B 1010 -17.03 -12.52 -0.76
C GLN B 1010 -17.23 -13.92 -0.22
N GLN B 1011 -16.54 -14.31 0.84
CA GLN B 1011 -16.85 -15.61 1.43
C GLN B 1011 -18.25 -15.64 2.03
N LEU B 1012 -18.70 -14.54 2.62
CA LEU B 1012 -20.07 -14.45 3.10
C LEU B 1012 -21.08 -14.57 1.98
N ILE B 1013 -20.82 -13.95 0.83
CA ILE B 1013 -21.77 -14.03 -0.27
C ILE B 1013 -21.74 -15.41 -0.92
N ARG B 1014 -20.57 -16.05 -0.94
CA ARG B 1014 -20.45 -17.37 -1.52
C ARG B 1014 -20.98 -18.48 -0.61
N ALA B 1015 -21.03 -18.27 0.70
CA ALA B 1015 -21.57 -19.30 1.57
C ALA B 1015 -23.08 -19.33 1.57
N ALA B 1016 -23.73 -18.20 1.38
CA ALA B 1016 -25.17 -18.15 1.25
C ALA B 1016 -25.68 -18.83 -0.01
N GLU B 1017 -24.84 -18.94 -1.03
CA GLU B 1017 -25.16 -19.69 -2.23
C GLU B 1017 -25.01 -21.19 -2.05
N ILE B 1018 -24.08 -21.60 -1.19
CA ILE B 1018 -23.88 -23.01 -0.88
C ILE B 1018 -24.98 -23.50 0.06
N ARG B 1019 -25.48 -22.61 0.89
CA ARG B 1019 -26.55 -22.96 1.80
C ARG B 1019 -27.87 -23.17 1.08
N ALA B 1020 -28.16 -22.34 0.09
CA ALA B 1020 -29.37 -22.54 -0.71
C ALA B 1020 -29.33 -23.83 -1.50
N SER B 1021 -28.13 -24.33 -1.80
CA SER B 1021 -27.96 -25.58 -2.50
C SER B 1021 -28.08 -26.79 -1.60
N ALA B 1022 -27.50 -26.72 -0.40
CA ALA B 1022 -27.70 -27.75 0.59
C ALA B 1022 -29.15 -27.84 1.07
N ASN B 1023 -29.89 -26.73 1.05
CA ASN B 1023 -31.30 -26.77 1.37
C ASN B 1023 -32.11 -27.49 0.31
N LEU B 1024 -31.79 -27.30 -0.95
CA LEU B 1024 -32.40 -28.04 -2.04
C LEU B 1024 -32.05 -29.52 -1.98
N ALA B 1025 -30.82 -29.85 -1.62
CA ALA B 1025 -30.45 -31.24 -1.41
C ALA B 1025 -31.20 -31.90 -0.28
N ALA B 1026 -31.39 -31.23 0.85
CA ALA B 1026 -32.17 -31.80 1.94
C ALA B 1026 -33.61 -32.11 1.56
N THR B 1027 -34.25 -31.21 0.82
CA THR B 1027 -35.59 -31.42 0.32
C THR B 1027 -35.64 -32.55 -0.70
N LYS B 1028 -34.65 -32.66 -1.57
CA LYS B 1028 -34.60 -33.82 -2.46
C LYS B 1028 -34.40 -35.12 -1.72
N MET B 1029 -33.56 -35.15 -0.70
CA MET B 1029 -33.36 -36.39 0.03
C MET B 1029 -34.62 -36.79 0.76
N SER B 1030 -35.39 -35.81 1.25
CA SER B 1030 -36.64 -36.13 1.92
C SER B 1030 -37.70 -36.61 0.94
N GLU B 1031 -37.81 -35.94 -0.20
CA GLU B 1031 -38.96 -36.11 -1.05
C GLU B 1031 -38.75 -37.05 -2.21
N CYS B 1032 -37.51 -37.38 -2.56
CA CYS B 1032 -37.25 -38.26 -3.69
C CYS B 1032 -36.63 -39.58 -3.28
N VAL B 1033 -36.06 -39.61 -2.08
CA VAL B 1033 -35.43 -40.81 -1.57
C VAL B 1033 -36.28 -41.45 -0.48
N LEU B 1034 -36.88 -40.65 0.38
CA LEU B 1034 -37.77 -41.14 1.42
C LEU B 1034 -39.22 -41.17 1.00
N GLY B 1035 -39.53 -40.85 -0.25
CA GLY B 1035 -40.89 -40.98 -0.72
C GLY B 1035 -40.93 -40.97 -2.22
N GLN B 1036 -42.15 -40.99 -2.76
CA GLN B 1036 -42.40 -40.84 -4.18
C GLN B 1036 -43.05 -39.48 -4.46
N SER B 1037 -42.50 -38.77 -5.43
CA SER B 1037 -42.91 -37.40 -5.70
C SER B 1037 -43.83 -37.32 -6.90
N LYS B 1038 -44.81 -36.43 -6.83
CA LYS B 1038 -45.65 -36.10 -7.96
C LYS B 1038 -45.34 -34.75 -8.55
N ARG B 1039 -44.42 -33.99 -7.95
CA ARG B 1039 -43.95 -32.73 -8.51
C ARG B 1039 -43.18 -32.97 -9.80
N VAL B 1040 -43.57 -32.28 -10.87
CA VAL B 1040 -43.04 -32.53 -12.20
C VAL B 1040 -41.60 -32.02 -12.31
N ASP B 1041 -40.70 -32.92 -12.69
CA ASP B 1041 -39.29 -32.60 -12.90
C ASP B 1041 -38.47 -32.32 -11.64
N PHE B 1042 -38.99 -32.69 -10.48
CA PHE B 1042 -38.26 -32.47 -9.24
C PHE B 1042 -37.29 -33.61 -9.01
N CYS B 1043 -37.59 -34.76 -9.59
CA CYS B 1043 -36.77 -35.94 -9.45
C CYS B 1043 -36.48 -36.59 -10.82
N GLY B 1044 -36.04 -35.79 -11.79
CA GLY B 1044 -35.74 -36.31 -13.12
C GLY B 1044 -36.82 -36.11 -14.17
N LYS B 1045 -36.61 -36.67 -15.35
CA LYS B 1045 -37.57 -36.57 -16.46
C LYS B 1045 -38.36 -37.87 -16.56
N GLY B 1046 -39.68 -37.76 -16.54
CA GLY B 1046 -40.53 -38.92 -16.57
C GLY B 1046 -41.35 -38.96 -15.31
N TYR B 1047 -42.01 -40.07 -15.07
CA TYR B 1047 -42.74 -40.27 -13.85
C TYR B 1047 -41.85 -40.90 -12.80
N HIS B 1048 -41.60 -40.16 -11.72
CA HIS B 1048 -40.67 -40.58 -10.70
C HIS B 1048 -41.08 -41.92 -10.10
N LEU B 1049 -40.19 -42.90 -10.20
CA LEU B 1049 -40.37 -44.16 -9.50
C LEU B 1049 -39.65 -44.16 -8.17
N MET B 1050 -38.33 -43.99 -8.17
CA MET B 1050 -37.58 -43.98 -6.91
C MET B 1050 -36.23 -43.33 -7.16
N SER B 1051 -35.53 -43.00 -6.08
CA SER B 1051 -34.23 -42.33 -6.18
C SER B 1051 -33.27 -42.90 -5.15
N PHE B 1052 -31.99 -42.94 -5.51
CA PHE B 1052 -30.91 -43.49 -4.68
C PHE B 1052 -29.83 -42.44 -4.46
N PRO B 1053 -29.35 -42.25 -3.23
CA PRO B 1053 -28.28 -41.28 -2.99
C PRO B 1053 -26.89 -41.90 -2.97
N GLN B 1054 -25.91 -41.10 -3.39
CA GLN B 1054 -24.50 -41.46 -3.31
C GLN B 1054 -23.74 -40.24 -2.83
N SER B 1055 -22.70 -40.44 -2.05
CA SER B 1055 -21.93 -39.32 -1.52
C SER B 1055 -20.81 -38.96 -2.48
N ALA B 1056 -20.58 -37.68 -2.67
CA ALA B 1056 -19.49 -37.21 -3.51
C ALA B 1056 -18.62 -36.34 -2.60
N PRO B 1057 -17.44 -35.88 -3.05
CA PRO B 1057 -16.67 -34.98 -2.21
C PRO B 1057 -17.27 -33.59 -2.15
N HIS B 1058 -17.73 -33.19 -0.96
CA HIS B 1058 -18.44 -31.94 -0.69
C HIS B 1058 -19.82 -31.90 -1.33
N GLY B 1059 -20.40 -33.03 -1.66
CA GLY B 1059 -21.65 -32.99 -2.36
C GLY B 1059 -22.39 -34.30 -2.32
N VAL B 1060 -23.48 -34.34 -3.08
CA VAL B 1060 -24.30 -35.54 -3.16
C VAL B 1060 -24.71 -35.74 -4.60
N VAL B 1061 -24.90 -37.01 -4.97
CA VAL B 1061 -25.37 -37.41 -6.29
C VAL B 1061 -26.67 -38.19 -6.07
N PHE B 1062 -27.68 -37.88 -6.86
CA PHE B 1062 -28.96 -38.55 -6.83
C PHE B 1062 -29.13 -39.29 -8.13
N LEU B 1063 -29.37 -40.59 -8.05
CA LEU B 1063 -29.72 -41.40 -9.20
C LEU B 1063 -31.24 -41.56 -9.20
N HIS B 1064 -31.91 -40.88 -10.10
CA HIS B 1064 -33.36 -40.92 -10.21
C HIS B 1064 -33.77 -41.99 -11.22
N VAL B 1065 -34.62 -42.91 -10.79
CA VAL B 1065 -35.28 -43.90 -11.63
C VAL B 1065 -36.68 -43.40 -11.97
N THR B 1066 -36.94 -43.26 -13.26
CA THR B 1066 -38.23 -42.82 -13.76
C THR B 1066 -38.76 -43.76 -14.83
N TYR B 1067 -40.04 -43.60 -15.12
CA TYR B 1067 -40.80 -44.38 -16.10
C TYR B 1067 -41.08 -43.48 -17.30
N VAL B 1068 -40.71 -43.92 -18.49
CA VAL B 1068 -40.89 -43.11 -19.68
C VAL B 1068 -41.75 -43.89 -20.68
N PRO B 1069 -42.91 -43.38 -21.10
CA PRO B 1069 -43.74 -44.12 -22.05
C PRO B 1069 -43.13 -44.17 -23.44
N ALA B 1070 -43.46 -45.22 -24.19
CA ALA B 1070 -42.79 -45.49 -25.46
C ALA B 1070 -43.72 -46.21 -26.42
N GLN B 1071 -43.48 -45.99 -27.72
CA GLN B 1071 -44.12 -46.70 -28.82
C GLN B 1071 -45.64 -46.52 -28.83
N GLU B 1072 -46.07 -45.29 -29.07
CA GLU B 1072 -47.50 -45.00 -29.03
C GLU B 1072 -48.17 -45.31 -30.36
N LYS B 1073 -49.45 -45.65 -30.28
CA LYS B 1073 -50.33 -45.79 -31.43
C LYS B 1073 -51.44 -44.76 -31.33
N ASN B 1074 -52.00 -44.39 -32.47
CA ASN B 1074 -53.13 -43.47 -32.50
C ASN B 1074 -54.43 -44.28 -32.60
N PHE B 1075 -55.49 -43.70 -32.06
CA PHE B 1075 -56.81 -44.31 -32.02
C PHE B 1075 -57.85 -43.20 -32.19
N THR B 1076 -59.07 -43.63 -32.44
CA THR B 1076 -60.25 -42.80 -32.39
C THR B 1076 -60.80 -42.84 -30.97
N THR B 1077 -61.41 -41.76 -30.52
CA THR B 1077 -61.83 -41.64 -29.15
C THR B 1077 -63.15 -40.89 -29.07
N ALA B 1078 -63.78 -40.94 -27.90
CA ALA B 1078 -65.08 -40.33 -27.67
C ALA B 1078 -65.21 -40.09 -26.19
N PRO B 1079 -65.93 -39.06 -25.77
CA PRO B 1079 -66.07 -38.78 -24.34
C PRO B 1079 -67.06 -39.67 -23.62
N ALA B 1080 -68.16 -40.06 -24.25
CA ALA B 1080 -69.16 -40.87 -23.59
C ALA B 1080 -69.68 -41.89 -24.60
N ILE B 1081 -70.58 -42.76 -24.15
CA ILE B 1081 -71.19 -43.75 -25.02
C ILE B 1081 -72.68 -43.82 -24.72
N CYS B 1082 -73.51 -43.81 -25.75
CA CYS B 1082 -74.94 -43.78 -25.55
C CYS B 1082 -75.53 -45.16 -25.73
N HIS B 1083 -76.34 -45.58 -24.77
CA HIS B 1083 -76.96 -46.90 -24.78
C HIS B 1083 -78.23 -46.82 -23.96
N ASP B 1084 -79.35 -47.29 -24.53
CA ASP B 1084 -80.66 -47.21 -23.94
C ASP B 1084 -81.06 -45.79 -23.58
N GLY B 1085 -80.59 -44.81 -24.32
CA GLY B 1085 -80.88 -43.44 -23.98
C GLY B 1085 -80.14 -42.93 -22.76
N LYS B 1086 -79.07 -43.60 -22.36
CA LYS B 1086 -78.27 -43.16 -21.23
C LYS B 1086 -76.83 -42.93 -21.68
N ALA B 1087 -76.17 -41.96 -21.05
CA ALA B 1087 -74.78 -41.66 -21.33
C ALA B 1087 -73.90 -42.39 -20.33
N HIS B 1088 -72.84 -43.02 -20.82
CA HIS B 1088 -71.90 -43.79 -20.02
C HIS B 1088 -70.53 -43.16 -20.13
N PHE B 1089 -69.89 -43.02 -19.05
CA PHE B 1089 -68.57 -42.46 -18.88
C PHE B 1089 -67.64 -43.49 -18.30
N PRO B 1090 -66.36 -43.49 -18.65
CA PRO B 1090 -65.46 -44.46 -18.05
C PRO B 1090 -65.16 -44.14 -16.60
N ARG B 1091 -65.03 -45.18 -15.79
CA ARG B 1091 -64.68 -45.00 -14.40
C ARG B 1091 -63.24 -44.53 -14.23
N GLU B 1092 -62.30 -45.29 -14.75
CA GLU B 1092 -60.97 -44.82 -15.08
C GLU B 1092 -60.63 -45.34 -16.46
N GLY B 1093 -59.97 -44.53 -17.26
CA GLY B 1093 -59.61 -44.92 -18.60
C GLY B 1093 -60.25 -44.02 -19.64
N VAL B 1094 -60.02 -44.36 -20.89
CA VAL B 1094 -60.60 -43.69 -22.03
C VAL B 1094 -61.22 -44.74 -22.94
N PHE B 1095 -62.32 -44.37 -23.58
CA PHE B 1095 -62.90 -45.16 -24.66
C PHE B 1095 -62.07 -44.95 -25.92
N VAL B 1096 -61.62 -46.04 -26.53
CA VAL B 1096 -60.86 -45.99 -27.77
C VAL B 1096 -61.48 -46.95 -28.77
N SER B 1097 -61.18 -46.71 -30.05
CA SER B 1097 -61.69 -47.54 -31.13
C SER B 1097 -60.52 -48.00 -31.99
N ASN B 1098 -60.47 -49.30 -32.27
CA ASN B 1098 -59.42 -49.84 -33.12
C ASN B 1098 -59.75 -49.77 -34.59
N GLY B 1099 -60.87 -49.16 -34.94
CA GLY B 1099 -61.30 -49.03 -36.31
C GLY B 1099 -62.75 -49.47 -36.46
N THR B 1100 -63.13 -50.52 -35.75
CA THR B 1100 -64.51 -51.02 -35.80
C THR B 1100 -65.12 -51.31 -34.45
N HIS B 1101 -64.33 -51.48 -33.39
CA HIS B 1101 -64.82 -51.87 -32.08
C HIS B 1101 -64.37 -50.86 -31.05
N TRP B 1102 -65.10 -50.79 -29.94
CA TRP B 1102 -64.84 -49.86 -28.87
C TRP B 1102 -64.40 -50.58 -27.61
N PHE B 1103 -63.41 -50.02 -26.91
CA PHE B 1103 -62.86 -50.58 -25.69
C PHE B 1103 -62.64 -49.47 -24.68
N VAL B 1104 -62.43 -49.85 -23.42
CA VAL B 1104 -61.88 -48.97 -22.39
C VAL B 1104 -60.45 -49.38 -22.14
N THR B 1105 -59.57 -48.40 -22.01
CA THR B 1105 -58.21 -48.68 -21.61
C THR B 1105 -57.80 -47.74 -20.49
N GLN B 1106 -56.76 -48.11 -19.76
CA GLN B 1106 -56.12 -47.17 -18.86
C GLN B 1106 -55.30 -46.17 -19.68
N ARG B 1107 -55.13 -44.98 -19.14
CA ARG B 1107 -54.68 -43.86 -19.96
C ARG B 1107 -53.20 -43.88 -20.31
N ASN B 1108 -52.37 -44.66 -19.62
CA ASN B 1108 -50.93 -44.57 -19.80
C ASN B 1108 -50.31 -45.81 -20.39
N PHE B 1109 -51.04 -46.90 -20.49
CA PHE B 1109 -50.55 -48.14 -21.06
C PHE B 1109 -51.72 -48.79 -21.79
N TYR B 1110 -51.51 -49.17 -23.04
CA TYR B 1110 -52.62 -49.66 -23.85
C TYR B 1110 -52.97 -51.09 -23.46
N GLU B 1111 -54.18 -51.26 -22.92
CA GLU B 1111 -54.65 -52.55 -22.42
C GLU B 1111 -56.16 -52.59 -22.54
N PRO B 1112 -56.67 -52.95 -23.72
CA PRO B 1112 -58.09 -52.78 -24.01
C PRO B 1112 -59.00 -53.87 -23.45
N GLN B 1113 -60.15 -53.43 -22.96
CA GLN B 1113 -61.15 -54.32 -22.39
C GLN B 1113 -62.53 -53.98 -22.93
N ILE B 1114 -63.47 -54.89 -22.78
CA ILE B 1114 -64.79 -54.64 -23.34
C ILE B 1114 -65.62 -53.85 -22.34
N ILE B 1115 -66.48 -52.98 -22.86
CA ILE B 1115 -67.19 -51.99 -22.06
C ILE B 1115 -68.38 -52.67 -21.39
N THR B 1116 -68.35 -52.70 -20.06
CA THR B 1116 -69.39 -53.31 -19.26
C THR B 1116 -69.95 -52.27 -18.30
N THR B 1117 -70.88 -52.69 -17.45
CA THR B 1117 -71.44 -51.84 -16.43
C THR B 1117 -70.56 -51.72 -15.20
N ASP B 1118 -69.44 -52.45 -15.16
CA ASP B 1118 -68.49 -52.34 -14.06
C ASP B 1118 -67.29 -51.51 -14.48
N ASN B 1119 -67.19 -51.22 -15.76
CA ASN B 1119 -66.20 -50.36 -16.35
C ASN B 1119 -66.59 -48.90 -16.33
N THR B 1120 -67.88 -48.60 -16.22
CA THR B 1120 -68.42 -47.30 -16.56
C THR B 1120 -69.34 -46.86 -15.45
N PHE B 1121 -69.80 -45.62 -15.54
CA PHE B 1121 -70.94 -45.17 -14.76
C PHE B 1121 -71.85 -44.37 -15.66
N VAL B 1122 -73.09 -44.19 -15.21
CA VAL B 1122 -74.15 -43.57 -15.98
C VAL B 1122 -74.41 -42.19 -15.42
N SER B 1123 -74.76 -41.25 -16.30
CA SER B 1123 -75.24 -39.96 -15.85
C SER B 1123 -76.00 -39.29 -16.99
N GLY B 1124 -77.28 -39.03 -16.79
CA GLY B 1124 -78.07 -38.31 -17.76
C GLY B 1124 -78.40 -39.12 -19.00
N ASN B 1125 -78.96 -38.42 -19.97
CA ASN B 1125 -79.35 -39.02 -21.24
C ASN B 1125 -78.42 -38.49 -22.33
N CYS B 1126 -78.38 -39.19 -23.46
CA CYS B 1126 -77.43 -38.85 -24.51
C CYS B 1126 -77.98 -37.78 -25.45
N ASP B 1127 -78.09 -36.56 -24.96
CA ASP B 1127 -78.54 -35.44 -25.77
C ASP B 1127 -77.70 -34.19 -25.52
N VAL B 1128 -76.88 -34.24 -24.46
CA VAL B 1128 -76.20 -33.06 -23.94
C VAL B 1128 -74.69 -33.10 -24.17
N VAL B 1129 -74.12 -34.26 -24.39
CA VAL B 1129 -72.67 -34.39 -24.53
C VAL B 1129 -72.30 -34.22 -25.99
N ILE B 1130 -71.28 -33.42 -26.26
CA ILE B 1130 -70.82 -33.14 -27.61
C ILE B 1130 -69.85 -34.25 -28.01
N GLY B 1131 -70.20 -34.99 -29.04
CA GLY B 1131 -69.36 -36.05 -29.53
C GLY B 1131 -69.68 -37.43 -29.00
N ILE B 1132 -70.88 -37.64 -28.45
CA ILE B 1132 -71.26 -38.94 -27.93
C ILE B 1132 -71.43 -39.94 -29.07
N VAL B 1133 -71.20 -41.21 -28.78
CA VAL B 1133 -71.13 -42.25 -29.79
C VAL B 1133 -72.02 -43.42 -29.36
N ASN B 1134 -72.57 -44.11 -30.34
CA ASN B 1134 -73.45 -45.25 -30.09
C ASN B 1134 -72.64 -46.53 -29.96
N ASN B 1135 -72.90 -47.29 -28.91
CA ASN B 1135 -72.34 -48.63 -28.78
C ASN B 1135 -73.15 -49.36 -27.72
N THR B 1136 -72.83 -50.62 -27.53
CA THR B 1136 -73.52 -51.47 -26.57
C THR B 1136 -72.66 -51.63 -25.33
N VAL B 1137 -73.30 -51.51 -24.17
CA VAL B 1137 -72.64 -51.66 -22.88
C VAL B 1137 -73.13 -52.95 -22.27
N TYR B 1138 -72.20 -53.85 -21.96
CA TYR B 1138 -72.53 -55.22 -21.64
C TYR B 1138 -72.76 -55.40 -20.15
N ASP B 1139 -73.82 -56.05 -19.80
CA ASP B 1139 -74.22 -56.41 -18.45
C ASP B 1139 -73.86 -57.85 -18.19
N PRO B 1140 -73.19 -58.20 -17.09
CA PRO B 1140 -72.85 -59.61 -16.86
C PRO B 1140 -73.98 -60.43 -16.26
N LEU B 1141 -74.81 -59.78 -15.45
CA LEU B 1141 -75.79 -60.50 -14.66
C LEU B 1141 -76.81 -61.21 -15.52
N GLN B 1142 -77.44 -60.49 -16.45
CA GLN B 1142 -78.53 -61.10 -17.21
C GLN B 1142 -78.08 -62.19 -18.17
N PRO B 1143 -76.87 -62.16 -18.75
CA PRO B 1143 -76.39 -63.36 -19.44
C PRO B 1143 -75.84 -64.39 -18.52
N GLU B 1144 -75.73 -64.10 -17.23
CA GLU B 1144 -75.58 -65.19 -16.27
C GLU B 1144 -76.93 -65.87 -16.03
N LEU B 1145 -78.00 -65.07 -16.03
CA LEU B 1145 -79.33 -65.61 -15.74
C LEU B 1145 -79.97 -66.26 -16.96
N ASP B 1146 -79.17 -66.56 -17.98
CA ASP B 1146 -79.65 -67.14 -19.23
C ASP B 1146 -80.86 -66.41 -19.81
N ALA C 27 -44.59 51.06 0.71
CA ALA C 27 -45.36 49.86 0.43
C ALA C 27 -44.45 48.66 0.28
N TYR C 28 -45.03 47.46 0.44
CA TYR C 28 -44.34 46.21 0.20
C TYR C 28 -45.26 45.35 -0.63
N THR C 29 -44.69 44.44 -1.41
CA THR C 29 -45.47 43.60 -2.28
C THR C 29 -44.85 42.20 -2.27
N ASN C 30 -45.55 41.26 -2.90
CA ASN C 30 -45.20 39.86 -2.90
C ASN C 30 -44.85 39.44 -4.32
N SER C 31 -43.59 39.02 -4.52
CA SER C 31 -43.21 38.34 -5.74
C SER C 31 -43.94 37.01 -5.77
N PHE C 32 -44.08 36.39 -6.92
CA PHE C 32 -44.65 35.05 -6.84
C PHE C 32 -43.61 34.02 -7.25
N THR C 33 -43.18 34.06 -8.50
CA THR C 33 -42.08 33.23 -8.99
C THR C 33 -41.30 34.13 -9.95
N ARG C 34 -40.33 34.83 -9.40
CA ARG C 34 -39.64 35.90 -10.11
C ARG C 34 -38.18 35.91 -9.73
N GLY C 35 -37.32 36.26 -10.67
CA GLY C 35 -35.91 36.38 -10.38
C GLY C 35 -35.16 35.08 -10.55
N VAL C 36 -35.47 34.35 -11.61
CA VAL C 36 -34.76 33.13 -11.98
C VAL C 36 -33.88 33.46 -13.17
N TYR C 37 -32.59 33.16 -13.06
CA TYR C 37 -31.64 33.40 -14.12
C TYR C 37 -30.89 32.12 -14.44
N TYR C 38 -30.40 32.04 -15.67
CA TYR C 38 -29.57 30.91 -16.08
C TYR C 38 -28.24 31.00 -15.35
N PRO C 39 -27.99 30.02 -14.48
CA PRO C 39 -26.76 29.99 -13.67
C PRO C 39 -25.47 30.02 -14.46
N ASP C 40 -25.53 29.83 -15.77
CA ASP C 40 -24.32 29.83 -16.58
C ASP C 40 -24.59 29.36 -18.00
N LYS C 41 -23.52 29.30 -18.79
CA LYS C 41 -23.63 28.85 -20.17
C LYS C 41 -24.02 27.38 -20.19
N VAL C 42 -23.56 26.65 -21.20
CA VAL C 42 -23.88 25.23 -21.28
C VAL C 42 -25.35 25.03 -21.63
N PHE C 43 -25.61 24.59 -22.84
CA PHE C 43 -26.98 24.35 -23.28
C PHE C 43 -27.61 23.33 -22.35
N ARG C 44 -28.83 22.91 -22.66
CA ARG C 44 -29.53 21.93 -21.84
C ARG C 44 -30.99 21.81 -22.25
N SER C 45 -31.54 20.61 -22.13
CA SER C 45 -32.94 20.36 -22.48
C SER C 45 -33.69 19.79 -21.30
N SER C 46 -34.83 19.16 -21.58
CA SER C 46 -35.66 18.57 -20.54
C SER C 46 -34.85 17.83 -19.49
N VAL C 47 -34.50 18.53 -18.42
CA VAL C 47 -33.72 17.93 -17.34
C VAL C 47 -33.87 18.67 -16.02
N LEU C 48 -34.82 18.24 -15.19
CA LEU C 48 -35.04 18.86 -13.89
C LEU C 48 -33.69 18.90 -13.17
N HIS C 49 -32.88 19.87 -13.56
CA HIS C 49 -31.53 20.05 -13.03
C HIS C 49 -31.57 20.82 -11.72
N SER C 50 -30.74 20.39 -10.76
CA SER C 50 -30.74 20.96 -9.42
C SER C 50 -29.51 21.82 -9.21
N THR C 51 -29.71 23.04 -8.69
CA THR C 51 -28.60 23.97 -8.47
C THR C 51 -28.63 24.56 -7.08
N GLN C 52 -27.44 24.95 -6.61
CA GLN C 52 -27.26 25.75 -5.42
C GLN C 52 -26.65 27.08 -5.84
N ASP C 53 -27.28 28.18 -5.49
CA ASP C 53 -26.79 29.50 -5.92
C ASP C 53 -27.48 30.58 -5.10
N LEU C 54 -27.33 31.83 -5.55
CA LEU C 54 -27.98 32.98 -4.92
C LEU C 54 -29.21 33.33 -5.72
N PHE C 55 -30.38 33.13 -5.12
CA PHE C 55 -31.65 33.36 -5.79
C PHE C 55 -32.51 34.26 -4.93
N LEU C 56 -33.59 34.75 -5.54
CA LEU C 56 -34.63 35.47 -4.83
C LEU C 56 -35.70 34.47 -4.43
N PRO C 57 -35.86 34.18 -3.13
CA PRO C 57 -36.81 33.14 -2.72
C PRO C 57 -38.22 33.39 -3.21
N PHE C 58 -38.98 32.33 -3.44
CA PHE C 58 -40.33 32.48 -3.94
C PHE C 58 -41.20 33.11 -2.88
N PHE C 59 -42.18 33.90 -3.32
CA PHE C 59 -43.12 34.57 -2.43
C PHE C 59 -42.37 35.38 -1.37
N SER C 60 -41.67 36.42 -1.82
CA SER C 60 -40.81 37.21 -0.96
C SER C 60 -41.44 38.57 -0.72
N ASN C 61 -40.76 39.34 0.13
CA ASN C 61 -41.23 40.63 0.60
C ASN C 61 -40.40 41.71 -0.09
N VAL C 62 -40.90 42.22 -1.21
CA VAL C 62 -40.13 43.15 -2.04
C VAL C 62 -40.63 44.56 -1.78
N THR C 63 -39.71 45.47 -1.49
CA THR C 63 -40.06 46.86 -1.27
C THR C 63 -40.74 47.44 -2.50
N TRP C 64 -41.52 48.49 -2.29
CA TRP C 64 -42.17 49.18 -3.38
C TRP C 64 -41.76 50.63 -3.32
N PHE C 65 -41.43 51.21 -4.47
CA PHE C 65 -41.08 52.61 -4.56
C PHE C 65 -41.90 53.27 -5.64
N HIS C 66 -42.29 54.51 -5.39
CA HIS C 66 -43.03 55.31 -6.35
C HIS C 66 -42.21 56.53 -6.71
N ALA C 67 -42.61 57.18 -7.80
CA ALA C 67 -42.02 58.43 -8.24
C ALA C 67 -42.99 59.13 -9.17
N ASN C 81 -34.45 58.74 -5.84
CA ASN C 81 -34.95 57.92 -4.74
C ASN C 81 -33.74 57.38 -3.94
N PRO C 82 -33.94 56.80 -2.76
CA PRO C 82 -32.89 56.78 -1.74
C PRO C 82 -31.77 55.77 -1.97
N VAL C 83 -30.74 55.91 -1.13
CA VAL C 83 -29.59 55.01 -1.09
C VAL C 83 -30.02 53.72 -0.43
N LEU C 84 -29.86 52.60 -1.13
CA LEU C 84 -30.23 51.29 -0.63
C LEU C 84 -28.99 50.49 -0.26
N PRO C 85 -29.13 49.32 0.35
CA PRO C 85 -27.95 48.45 0.49
C PRO C 85 -27.81 47.49 -0.69
N PHE C 86 -26.72 46.72 -0.72
CA PHE C 86 -26.52 45.67 -1.71
C PHE C 86 -26.44 44.29 -1.09
N ASN C 87 -25.43 44.07 -0.26
CA ASN C 87 -25.16 43.04 0.73
C ASN C 87 -25.07 41.62 0.16
N ASP C 88 -25.83 41.33 -0.91
CA ASP C 88 -25.65 40.13 -1.72
C ASP C 88 -26.59 40.23 -2.92
N GLY C 89 -26.12 40.73 -4.04
CA GLY C 89 -26.97 40.77 -5.21
C GLY C 89 -28.27 41.52 -5.06
N VAL C 90 -29.01 41.71 -6.15
CA VAL C 90 -30.23 42.50 -6.14
C VAL C 90 -31.10 42.07 -7.31
N TYR C 91 -32.37 41.85 -7.04
CA TYR C 91 -33.40 41.83 -8.07
C TYR C 91 -33.99 43.22 -8.22
N PHE C 92 -34.40 43.57 -9.42
CA PHE C 92 -34.85 44.93 -9.66
C PHE C 92 -35.76 44.95 -10.87
N ALA C 93 -37.06 45.12 -10.68
CA ALA C 93 -37.98 45.25 -11.80
C ALA C 93 -38.44 46.71 -11.90
N SER C 94 -39.14 47.02 -12.99
CA SER C 94 -39.59 48.38 -13.26
C SER C 94 -40.62 48.34 -14.37
N THR C 95 -41.53 49.31 -14.36
CA THR C 95 -42.66 49.32 -15.28
C THR C 95 -42.94 50.72 -15.79
N GLU C 96 -43.03 50.87 -17.12
CA GLU C 96 -43.48 52.10 -17.78
C GLU C 96 -43.51 51.96 -19.29
N LYS C 97 -44.02 52.98 -19.97
CA LYS C 97 -43.87 53.12 -21.42
C LYS C 97 -42.86 54.18 -21.81
N SER C 98 -42.88 55.34 -21.16
CA SER C 98 -41.76 56.27 -21.18
C SER C 98 -40.57 55.65 -20.48
N ASN C 99 -39.47 56.39 -20.35
CA ASN C 99 -38.28 55.83 -19.72
C ASN C 99 -37.84 56.75 -18.59
N ILE C 100 -38.35 56.49 -17.39
CA ILE C 100 -38.04 57.30 -16.22
C ILE C 100 -36.83 56.69 -15.52
N ILE C 101 -36.74 55.37 -15.54
CA ILE C 101 -35.62 54.66 -14.96
C ILE C 101 -34.46 54.69 -15.95
N ARG C 102 -33.40 55.39 -15.59
CA ARG C 102 -32.29 55.68 -16.48
C ARG C 102 -31.00 55.20 -15.82
N GLY C 103 -31.01 53.98 -15.33
CA GLY C 103 -29.81 53.37 -14.82
C GLY C 103 -29.64 53.56 -13.32
N TRP C 104 -28.58 52.95 -12.83
CA TRP C 104 -28.31 52.83 -11.41
C TRP C 104 -26.91 53.38 -11.17
N ILE C 105 -26.55 53.52 -9.90
CA ILE C 105 -25.18 53.86 -9.55
C ILE C 105 -24.82 53.00 -8.35
N PHE C 106 -23.59 52.52 -8.30
CA PHE C 106 -23.21 51.51 -7.33
C PHE C 106 -22.03 51.99 -6.51
N GLY C 107 -21.63 51.17 -5.54
CA GLY C 107 -20.38 51.40 -4.85
C GLY C 107 -20.45 51.24 -3.35
N THR C 108 -19.45 51.78 -2.65
CA THR C 108 -19.46 51.73 -1.19
C THR C 108 -19.80 53.10 -0.60
N THR C 109 -19.20 54.17 -1.13
CA THR C 109 -19.42 55.51 -0.60
C THR C 109 -20.13 56.45 -1.56
N LEU C 110 -20.21 56.11 -2.84
CA LEU C 110 -20.90 56.93 -3.84
C LEU C 110 -20.32 58.34 -3.90
N ASP C 111 -19.00 58.42 -3.77
CA ASP C 111 -18.30 59.70 -3.83
C ASP C 111 -16.85 59.45 -4.20
N SER C 112 -16.03 60.48 -4.00
CA SER C 112 -14.60 60.33 -4.14
C SER C 112 -14.02 59.62 -2.93
N LYS C 113 -12.70 59.48 -2.92
CA LYS C 113 -11.93 58.77 -1.89
C LYS C 113 -12.08 57.25 -2.01
N THR C 114 -13.03 56.78 -2.84
CA THR C 114 -13.12 55.37 -3.19
C THR C 114 -13.86 55.25 -4.51
N GLN C 115 -13.60 54.16 -5.22
CA GLN C 115 -14.08 53.97 -6.58
C GLN C 115 -15.51 53.43 -6.61
N SER C 116 -16.22 53.71 -7.70
CA SER C 116 -17.59 53.27 -7.86
C SER C 116 -17.91 53.11 -9.35
N LEU C 117 -18.99 52.40 -9.63
CA LEU C 117 -19.51 52.20 -10.98
C LEU C 117 -20.61 53.20 -11.27
N LEU C 118 -20.87 53.45 -12.54
CA LEU C 118 -21.95 54.32 -12.97
C LEU C 118 -22.51 53.83 -14.29
N ILE C 119 -23.80 53.52 -14.31
CA ILE C 119 -24.45 52.98 -15.50
C ILE C 119 -25.61 53.90 -15.86
N VAL C 120 -25.51 54.50 -17.04
CA VAL C 120 -26.40 55.60 -17.40
C VAL C 120 -26.99 55.32 -18.77
N ASN C 121 -28.09 55.97 -19.09
CA ASN C 121 -28.68 55.92 -20.42
C ASN C 121 -29.40 57.23 -20.71
N ASN C 122 -28.80 58.12 -21.50
CA ASN C 122 -29.56 59.26 -22.01
C ASN C 122 -30.41 58.77 -23.17
N ALA C 123 -31.04 59.67 -23.92
CA ALA C 123 -31.91 59.23 -25.00
C ALA C 123 -31.11 58.61 -26.15
N THR C 124 -29.78 58.50 -25.97
CA THR C 124 -28.93 57.95 -27.01
C THR C 124 -28.71 56.46 -26.84
N ASN C 125 -28.03 56.06 -25.76
CA ASN C 125 -27.71 54.68 -25.45
C ASN C 125 -26.90 54.60 -24.17
N VAL C 126 -26.67 53.37 -23.73
CA VAL C 126 -26.05 53.05 -22.45
C VAL C 126 -24.65 53.63 -22.35
N VAL C 127 -24.26 54.04 -21.15
CA VAL C 127 -22.91 54.52 -20.89
C VAL C 127 -22.38 53.92 -19.59
N ILE C 128 -21.70 52.78 -19.66
CA ILE C 128 -21.06 52.27 -18.45
C ILE C 128 -19.81 53.09 -18.21
N LYS C 129 -19.41 53.23 -16.96
CA LYS C 129 -18.27 54.06 -16.61
C LYS C 129 -17.79 53.69 -15.23
N VAL C 130 -16.48 53.69 -15.04
CA VAL C 130 -15.92 53.46 -13.71
C VAL C 130 -14.81 54.45 -13.44
N CYS C 131 -15.12 55.49 -12.67
CA CYS C 131 -14.14 56.45 -12.17
C CYS C 131 -14.29 56.58 -10.66
N GLU C 132 -13.60 57.57 -10.10
CA GLU C 132 -13.96 58.13 -8.82
C GLU C 132 -14.78 59.37 -9.08
N PHE C 133 -15.96 59.44 -8.47
CA PHE C 133 -16.90 60.49 -8.79
C PHE C 133 -17.10 61.41 -7.60
N GLN C 134 -17.92 62.44 -7.83
CA GLN C 134 -18.55 63.19 -6.76
C GLN C 134 -20.02 63.24 -7.10
N PHE C 135 -20.82 62.44 -6.40
CA PHE C 135 -22.21 62.25 -6.72
C PHE C 135 -23.07 63.22 -5.93
N CYS C 136 -24.01 63.85 -6.62
CA CYS C 136 -25.07 64.57 -5.93
C CYS C 136 -25.77 63.63 -4.95
N ASN C 137 -26.05 64.13 -3.76
CA ASN C 137 -26.79 63.31 -2.81
C ASN C 137 -28.20 63.02 -3.32
N ASP C 138 -28.73 63.84 -4.22
CA ASP C 138 -29.96 63.56 -4.94
C ASP C 138 -29.68 63.72 -6.43
N PRO C 139 -29.05 62.72 -7.05
CA PRO C 139 -28.62 62.86 -8.45
C PRO C 139 -29.70 62.38 -9.40
N PHE C 140 -29.82 63.07 -10.53
CA PHE C 140 -30.85 62.74 -11.51
C PHE C 140 -30.49 63.38 -12.84
N LEU C 141 -31.41 63.29 -13.79
CA LEU C 141 -31.27 63.95 -15.07
C LEU C 141 -32.61 64.51 -15.49
N GLY C 142 -32.57 65.65 -16.17
CA GLY C 142 -33.77 66.39 -16.52
C GLY C 142 -34.46 65.88 -17.77
N VAL C 143 -35.26 66.75 -18.37
CA VAL C 143 -35.94 66.49 -19.63
C VAL C 143 -36.53 67.81 -20.10
N MET C 153 -35.23 71.89 -25.45
CA MET C 153 -34.45 71.87 -24.21
C MET C 153 -33.85 70.49 -23.98
N GLU C 154 -34.54 69.68 -23.16
CA GLU C 154 -34.17 68.29 -22.91
C GLU C 154 -32.72 68.20 -22.43
N SER C 155 -32.36 69.07 -21.49
CA SER C 155 -31.02 69.16 -20.92
C SER C 155 -31.05 68.66 -19.47
N GLU C 156 -29.98 67.98 -19.09
CA GLU C 156 -30.07 66.98 -18.04
C GLU C 156 -28.75 66.79 -17.29
N PHE C 157 -28.63 65.65 -16.63
CA PHE C 157 -27.39 65.18 -16.02
C PHE C 157 -26.86 66.10 -14.93
N ARG C 158 -27.63 66.25 -13.86
CA ARG C 158 -27.11 66.82 -12.63
C ARG C 158 -26.63 65.69 -11.74
N VAL C 159 -26.15 64.60 -12.35
CA VAL C 159 -25.88 63.38 -11.59
C VAL C 159 -24.64 63.56 -10.72
N TYR C 160 -23.47 63.76 -11.33
CA TYR C 160 -22.26 63.95 -10.56
C TYR C 160 -21.64 65.32 -10.81
N SER C 161 -20.45 65.54 -10.26
CA SER C 161 -19.67 66.74 -10.57
C SER C 161 -18.18 66.44 -10.66
N SER C 162 -17.82 65.17 -10.86
CA SER C 162 -16.43 64.74 -10.87
C SER C 162 -16.34 63.42 -11.62
N ALA C 163 -15.24 63.27 -12.37
CA ALA C 163 -15.00 62.06 -13.17
C ALA C 163 -13.53 61.66 -13.15
N ASN C 164 -12.92 61.62 -11.97
CA ASN C 164 -11.47 61.49 -11.87
C ASN C 164 -11.02 60.03 -11.97
N ASN C 165 -9.79 59.83 -12.44
CA ASN C 165 -9.10 58.55 -12.34
C ASN C 165 -9.80 57.38 -13.02
N CYS C 166 -10.54 57.63 -14.10
CA CYS C 166 -11.36 56.60 -14.73
C CYS C 166 -10.56 55.37 -15.11
N THR C 167 -11.02 54.21 -14.68
CA THR C 167 -10.32 52.93 -14.84
C THR C 167 -11.09 52.00 -15.79
N PHE C 168 -12.19 52.48 -16.34
CA PHE C 168 -13.00 51.71 -17.27
C PHE C 168 -14.01 52.67 -17.90
N GLU C 169 -14.12 52.65 -19.22
CA GLU C 169 -15.15 53.43 -19.88
C GLU C 169 -15.91 52.51 -20.82
N TYR C 170 -17.01 53.03 -21.34
CA TYR C 170 -17.77 52.41 -22.41
C TYR C 170 -18.81 53.41 -22.86
N VAL C 171 -19.03 53.53 -24.16
CA VAL C 171 -20.17 54.30 -24.68
C VAL C 171 -20.69 53.54 -25.88
N SER C 172 -21.66 54.10 -26.57
CA SER C 172 -22.14 53.54 -27.83
C SER C 172 -22.83 54.59 -28.68
N LYS C 187 -47.72 48.11 -20.35
CA LYS C 187 -46.55 48.83 -20.86
C LYS C 187 -45.35 47.92 -21.02
N ASN C 188 -44.36 48.10 -20.16
CA ASN C 188 -43.14 47.33 -20.21
C ASN C 188 -42.78 46.87 -18.80
N LEU C 189 -42.17 45.69 -18.71
CA LEU C 189 -41.58 45.20 -17.49
C LEU C 189 -40.13 44.83 -17.78
N ARG C 190 -39.21 45.38 -17.01
CA ARG C 190 -37.78 45.24 -17.27
C ARG C 190 -37.10 44.79 -15.99
N GLU C 191 -36.78 43.50 -15.92
CA GLU C 191 -36.16 42.92 -14.75
C GLU C 191 -34.64 42.85 -14.90
N PHE C 192 -33.95 42.94 -13.77
CA PHE C 192 -32.50 42.88 -13.74
C PHE C 192 -32.05 42.18 -12.48
N VAL C 193 -30.99 41.39 -12.60
CA VAL C 193 -30.34 40.77 -11.45
C VAL C 193 -28.88 41.21 -11.47
N PHE C 194 -28.44 41.84 -10.39
CA PHE C 194 -27.08 42.34 -10.28
C PHE C 194 -26.36 41.53 -9.22
N LYS C 195 -25.17 41.04 -9.56
CA LYS C 195 -24.35 40.36 -8.56
C LYS C 195 -22.88 40.68 -8.80
N ASN C 196 -22.05 40.38 -7.82
CA ASN C 196 -20.67 40.85 -7.79
C ASN C 196 -19.79 39.81 -7.09
N ILE C 197 -19.11 38.98 -7.88
CA ILE C 197 -18.32 37.88 -7.35
C ILE C 197 -16.94 37.88 -7.98
N ASP C 198 -15.90 37.74 -7.14
CA ASP C 198 -14.51 37.64 -7.57
C ASP C 198 -14.13 38.72 -8.58
N GLY C 199 -14.41 39.97 -8.23
CA GLY C 199 -14.03 41.09 -9.08
C GLY C 199 -14.78 41.17 -10.38
N TYR C 200 -15.79 40.33 -10.58
CA TYR C 200 -16.64 40.41 -11.76
C TYR C 200 -18.00 40.89 -11.33
N PHE C 201 -18.56 41.81 -12.10
CA PHE C 201 -19.88 42.35 -11.79
C PHE C 201 -20.83 41.86 -12.88
N LYS C 202 -21.62 40.84 -12.55
CA LYS C 202 -22.50 40.19 -13.50
C LYS C 202 -23.87 40.84 -13.48
N ILE C 203 -24.49 40.89 -14.65
CA ILE C 203 -25.78 41.52 -14.86
C ILE C 203 -26.62 40.60 -15.73
N TYR C 204 -27.74 40.13 -15.20
CA TYR C 204 -28.72 39.40 -15.98
C TYR C 204 -29.91 40.30 -16.17
N SER C 205 -30.69 40.05 -17.21
CA SER C 205 -31.78 40.94 -17.52
C SER C 205 -32.82 40.22 -18.35
N LYS C 206 -34.01 40.82 -18.41
CA LYS C 206 -35.10 40.32 -19.24
C LYS C 206 -36.09 41.45 -19.43
N HIS C 207 -36.70 41.50 -20.62
CA HIS C 207 -37.69 42.52 -20.96
C HIS C 207 -38.95 41.80 -21.40
N THR C 208 -39.92 41.77 -20.52
CA THR C 208 -41.21 41.22 -20.84
C THR C 208 -42.22 42.34 -21.05
N PRO C 209 -43.18 42.16 -21.94
CA PRO C 209 -44.24 43.17 -22.07
C PRO C 209 -45.42 42.88 -21.14
N ILE C 210 -45.76 43.81 -20.26
CA ILE C 210 -46.96 43.66 -19.44
C ILE C 210 -48.17 44.09 -20.26
N ASN C 211 -49.36 43.75 -19.79
CA ASN C 211 -50.56 44.34 -20.37
C ASN C 211 -51.23 45.22 -19.32
N LEU C 212 -50.45 45.61 -18.32
CA LEU C 212 -50.78 46.65 -17.36
C LEU C 212 -49.82 47.82 -17.60
N VAL C 213 -49.88 48.82 -16.74
CA VAL C 213 -48.94 49.92 -16.87
C VAL C 213 -47.84 49.82 -15.81
N ARG C 214 -48.19 49.82 -14.51
CA ARG C 214 -47.17 49.89 -13.46
C ARG C 214 -47.44 49.08 -12.19
N ASP C 215 -47.88 47.82 -12.30
CA ASP C 215 -48.02 46.94 -11.14
C ASP C 215 -47.29 45.63 -11.41
N LEU C 216 -46.75 45.03 -10.35
CA LEU C 216 -45.97 43.80 -10.48
C LEU C 216 -46.87 42.62 -10.82
N PRO C 217 -46.70 41.99 -11.97
CA PRO C 217 -47.59 40.90 -12.37
C PRO C 217 -47.19 39.55 -11.78
N GLN C 218 -47.82 38.50 -12.28
CA GLN C 218 -47.51 37.15 -11.86
C GLN C 218 -47.11 36.33 -13.08
N GLY C 219 -46.24 35.35 -12.86
CA GLY C 219 -45.81 34.48 -13.95
C GLY C 219 -44.38 34.02 -13.82
N PHE C 220 -43.89 33.28 -14.82
CA PHE C 220 -42.53 32.76 -14.81
C PHE C 220 -41.79 33.24 -16.06
N SER C 221 -40.58 33.77 -15.85
CA SER C 221 -39.76 34.26 -16.95
C SER C 221 -38.30 34.32 -16.53
N ALA C 222 -37.46 33.45 -17.10
CA ALA C 222 -36.07 33.35 -16.69
C ALA C 222 -35.21 34.44 -17.33
N LEU C 223 -34.22 34.90 -16.59
CA LEU C 223 -33.41 36.05 -16.97
C LEU C 223 -32.08 35.58 -17.54
N GLU C 224 -31.69 36.14 -18.75
CA GLU C 224 -30.53 35.73 -19.53
C GLU C 224 -29.36 36.67 -19.31
N PRO C 225 -28.14 36.13 -19.17
CA PRO C 225 -26.98 36.98 -18.83
C PRO C 225 -26.68 37.99 -19.92
N LEU C 226 -26.28 39.18 -19.49
CA LEU C 226 -26.07 40.32 -20.40
C LEU C 226 -24.60 40.70 -20.49
N VAL C 227 -23.99 40.98 -19.35
CA VAL C 227 -22.72 41.65 -19.27
C VAL C 227 -21.84 40.88 -18.30
N ASP C 228 -20.57 41.27 -18.27
CA ASP C 228 -19.54 40.75 -17.38
C ASP C 228 -18.45 41.83 -17.31
N LEU C 229 -18.15 42.35 -16.12
CA LEU C 229 -17.15 43.41 -16.04
C LEU C 229 -16.06 43.03 -15.05
N PRO C 230 -14.83 42.81 -15.48
CA PRO C 230 -13.72 42.52 -14.54
C PRO C 230 -13.17 43.78 -13.89
N ILE C 231 -13.91 44.29 -12.91
CA ILE C 231 -13.57 45.57 -12.30
C ILE C 231 -12.66 45.37 -11.11
N GLY C 232 -13.16 44.72 -10.06
CA GLY C 232 -12.42 44.59 -8.83
C GLY C 232 -13.02 45.43 -7.71
N ILE C 233 -13.89 46.35 -8.12
CA ILE C 233 -14.62 47.28 -7.27
C ILE C 233 -15.30 46.60 -6.09
N ASN C 234 -15.29 47.24 -4.92
CA ASN C 234 -16.08 46.85 -3.77
C ASN C 234 -17.44 47.54 -3.86
N ILE C 235 -18.49 46.85 -3.43
CA ILE C 235 -19.83 47.43 -3.46
C ILE C 235 -20.54 47.16 -2.14
N THR C 236 -21.20 48.19 -1.62
CA THR C 236 -22.01 48.06 -0.41
C THR C 236 -23.32 48.84 -0.55
N ARG C 237 -23.45 49.68 -1.56
CA ARG C 237 -24.63 50.53 -1.66
C ARG C 237 -24.93 50.77 -3.14
N PHE C 238 -26.16 51.21 -3.41
CA PHE C 238 -26.55 51.53 -4.78
C PHE C 238 -27.75 52.46 -4.74
N GLN C 239 -28.08 53.03 -5.89
CA GLN C 239 -29.14 54.02 -6.03
C GLN C 239 -29.90 53.80 -7.32
N THR C 240 -30.67 54.80 -7.72
CA THR C 240 -31.38 54.80 -8.99
C THR C 240 -31.32 56.21 -9.59
N LEU C 241 -31.69 56.31 -10.87
CA LEU C 241 -31.63 57.56 -11.61
C LEU C 241 -32.94 57.74 -12.37
N LEU C 242 -33.50 58.95 -12.31
CA LEU C 242 -34.81 59.21 -12.89
C LEU C 242 -34.78 60.49 -13.71
N ALA C 243 -35.65 60.55 -14.72
CA ALA C 243 -35.78 61.70 -15.60
C ALA C 243 -36.92 62.57 -15.10
N LEU C 244 -36.58 63.79 -14.66
CA LEU C 244 -37.52 64.69 -14.00
C LEU C 244 -38.67 65.12 -14.89
N HIS C 245 -39.58 65.89 -14.30
CA HIS C 245 -40.65 66.60 -14.99
C HIS C 245 -40.29 68.07 -15.15
N ARG C 246 -40.18 68.52 -16.40
CA ARG C 246 -39.89 69.94 -16.59
C ARG C 246 -40.73 70.56 -17.71
N SER C 247 -41.25 69.74 -18.60
CA SER C 247 -42.05 70.26 -19.71
C SER C 247 -43.42 69.59 -19.78
N ALA C 264 -42.40 53.63 -10.50
CA ALA C 264 -42.72 52.37 -9.85
C ALA C 264 -41.60 51.37 -10.03
N TYR C 265 -40.99 50.95 -8.93
CA TYR C 265 -39.92 49.96 -9.01
C TYR C 265 -39.75 49.27 -7.66
N TYR C 266 -39.18 48.06 -7.72
CA TYR C 266 -39.08 47.14 -6.60
C TYR C 266 -37.62 46.77 -6.38
N VAL C 267 -37.32 46.29 -5.17
CA VAL C 267 -35.96 45.85 -4.85
C VAL C 267 -36.01 44.60 -3.99
N GLY C 268 -35.64 43.45 -4.54
CA GLY C 268 -35.46 42.24 -3.78
C GLY C 268 -33.99 42.02 -3.47
N TYR C 269 -33.73 41.02 -2.63
CA TYR C 269 -32.38 40.65 -2.30
C TYR C 269 -32.23 39.15 -2.50
N LEU C 270 -30.98 38.71 -2.66
CA LEU C 270 -30.69 37.33 -3.04
C LEU C 270 -30.02 36.62 -1.88
N GLN C 271 -30.37 35.36 -1.68
CA GLN C 271 -29.81 34.52 -0.64
C GLN C 271 -29.39 33.21 -1.23
N PRO C 272 -28.52 32.47 -0.56
CA PRO C 272 -28.14 31.15 -1.06
C PRO C 272 -29.24 30.12 -0.87
N ARG C 273 -29.88 29.76 -1.97
CA ARG C 273 -30.93 28.75 -2.00
C ARG C 273 -30.54 27.59 -2.91
N THR C 274 -31.41 26.59 -2.95
CA THR C 274 -31.29 25.42 -3.81
C THR C 274 -32.57 25.30 -4.59
N PHE C 275 -32.47 25.28 -5.92
CA PHE C 275 -33.64 25.23 -6.78
C PHE C 275 -33.60 24.02 -7.69
N LEU C 276 -34.75 23.71 -8.27
CA LEU C 276 -34.92 22.63 -9.24
C LEU C 276 -35.51 23.25 -10.50
N LEU C 277 -34.69 23.35 -11.54
CA LEU C 277 -35.10 24.01 -12.77
C LEU C 277 -35.52 22.97 -13.81
N LYS C 278 -36.64 23.24 -14.47
CA LYS C 278 -37.13 22.39 -15.53
C LYS C 278 -36.72 22.96 -16.87
N TYR C 279 -36.01 22.19 -17.66
CA TYR C 279 -35.50 22.66 -18.94
C TYR C 279 -36.36 22.13 -20.07
N ASN C 280 -36.69 23.02 -21.00
CA ASN C 280 -37.41 22.68 -22.21
C ASN C 280 -36.52 21.85 -23.14
N GLU C 281 -37.09 21.44 -24.26
CA GLU C 281 -36.31 20.75 -25.29
C GLU C 281 -35.49 21.70 -26.15
N ASN C 282 -35.85 22.97 -26.24
CA ASN C 282 -34.96 23.97 -26.82
C ASN C 282 -33.90 24.44 -25.85
N GLY C 283 -34.03 24.13 -24.57
CA GLY C 283 -33.03 24.49 -23.61
C GLY C 283 -33.35 25.68 -22.76
N THR C 284 -34.61 26.11 -22.72
CA THR C 284 -35.00 27.23 -21.88
C THR C 284 -35.65 26.74 -20.60
N ILE C 285 -35.50 27.52 -19.55
CA ILE C 285 -36.08 27.21 -18.24
C ILE C 285 -37.54 27.64 -18.28
N THR C 286 -38.44 26.69 -18.12
CA THR C 286 -39.87 26.98 -18.21
C THR C 286 -40.54 26.98 -16.84
N ASP C 287 -40.02 26.22 -15.89
CA ASP C 287 -40.58 26.16 -14.55
C ASP C 287 -39.47 25.93 -13.54
N ALA C 288 -39.78 26.13 -12.27
CA ALA C 288 -38.81 25.92 -11.22
C ALA C 288 -39.51 25.53 -9.93
N VAL C 289 -38.72 25.03 -8.99
CA VAL C 289 -39.20 24.67 -7.65
C VAL C 289 -38.19 25.21 -6.65
N ASP C 290 -38.67 25.99 -5.69
CA ASP C 290 -37.89 26.45 -4.56
C ASP C 290 -38.02 25.39 -3.47
N CYS C 291 -36.90 24.80 -3.06
CA CYS C 291 -36.93 23.55 -2.31
C CYS C 291 -36.90 23.79 -0.81
N ALA C 292 -37.23 25.01 -0.41
CA ALA C 292 -37.20 25.35 1.01
C ALA C 292 -38.45 26.15 1.36
N LEU C 293 -39.39 26.20 0.44
CA LEU C 293 -40.66 26.85 0.73
C LEU C 293 -41.48 26.04 1.75
N ASP C 294 -41.88 24.83 1.38
CA ASP C 294 -42.82 24.07 2.19
C ASP C 294 -42.48 22.59 2.10
N PRO C 295 -43.16 21.71 2.86
CA PRO C 295 -42.83 20.28 2.77
C PRO C 295 -43.03 19.67 1.40
N LEU C 296 -44.08 20.07 0.68
CA LEU C 296 -44.27 19.54 -0.67
C LEU C 296 -43.09 19.84 -1.58
N SER C 297 -42.51 21.03 -1.50
CA SER C 297 -41.40 21.39 -2.36
C SER C 297 -40.14 20.64 -1.98
N GLU C 298 -39.90 20.47 -0.70
CA GLU C 298 -38.78 19.65 -0.26
C GLU C 298 -38.92 18.19 -0.70
N THR C 299 -40.15 17.67 -0.74
CA THR C 299 -40.35 16.34 -1.28
C THR C 299 -40.06 16.29 -2.78
N LYS C 300 -40.58 17.27 -3.53
CA LYS C 300 -40.31 17.31 -4.97
C LYS C 300 -38.82 17.38 -5.24
N CYS C 301 -38.09 18.10 -4.39
CA CYS C 301 -36.64 18.19 -4.57
C CYS C 301 -35.96 16.89 -4.22
N THR C 302 -36.41 16.22 -3.16
CA THR C 302 -35.83 14.93 -2.79
C THR C 302 -36.04 13.87 -3.85
N LEU C 303 -37.21 13.86 -4.51
CA LEU C 303 -37.48 12.90 -5.57
C LEU C 303 -36.96 13.32 -6.93
N LYS C 304 -36.63 14.60 -7.11
CA LYS C 304 -36.24 15.16 -8.41
C LYS C 304 -37.36 15.00 -9.44
N SER C 305 -38.53 15.54 -9.10
CA SER C 305 -39.67 15.44 -9.98
C SER C 305 -40.63 16.58 -9.67
N PHE C 306 -41.61 16.74 -10.56
CA PHE C 306 -42.64 17.74 -10.38
C PHE C 306 -43.99 17.11 -10.02
N THR C 307 -44.10 15.79 -10.09
CA THR C 307 -45.30 15.09 -9.64
C THR C 307 -44.88 13.99 -8.69
N VAL C 308 -45.33 14.08 -7.45
CA VAL C 308 -45.15 13.04 -6.45
C VAL C 308 -46.44 12.23 -6.35
N GLU C 309 -46.31 10.92 -6.40
CA GLU C 309 -47.43 10.01 -6.20
C GLU C 309 -47.60 9.72 -4.72
N LYS C 310 -48.80 9.27 -4.36
CA LYS C 310 -49.15 8.95 -2.99
C LYS C 310 -48.09 8.09 -2.32
N GLY C 311 -47.79 8.39 -1.06
CA GLY C 311 -46.81 7.61 -0.34
C GLY C 311 -46.42 8.32 0.92
N ILE C 312 -45.26 7.98 1.43
CA ILE C 312 -44.65 8.70 2.53
C ILE C 312 -43.16 8.71 2.28
N TYR C 313 -42.56 9.88 2.39
CA TYR C 313 -41.21 10.11 1.93
C TYR C 313 -40.39 10.73 3.04
N GLN C 314 -39.18 10.21 3.24
CA GLN C 314 -38.24 10.80 4.16
C GLN C 314 -37.55 11.95 3.46
N THR C 315 -37.58 13.12 4.08
CA THR C 315 -37.28 14.33 3.35
C THR C 315 -36.07 15.04 3.94
N SER C 316 -35.89 14.95 5.26
CA SER C 316 -34.74 15.58 5.89
C SER C 316 -34.58 15.12 7.33
N ASN C 317 -34.04 15.98 8.17
CA ASN C 317 -33.84 15.66 9.58
C ASN C 317 -34.21 16.82 10.50
N PHE C 318 -34.64 16.49 11.70
CA PHE C 318 -35.01 17.50 12.68
C PHE C 318 -33.88 17.67 13.68
N ARG C 319 -34.00 18.64 14.57
CA ARG C 319 -32.96 18.86 15.57
C ARG C 319 -33.19 20.15 16.36
N VAL C 320 -33.36 20.00 17.67
CA VAL C 320 -33.57 21.15 18.53
C VAL C 320 -32.28 21.95 18.67
N GLN C 321 -32.40 23.26 18.62
CA GLN C 321 -31.24 24.14 18.73
C GLN C 321 -30.95 24.50 20.19
N PRO C 322 -29.62 24.67 20.52
CA PRO C 322 -29.39 25.01 21.94
C PRO C 322 -29.83 26.43 22.26
N THR C 323 -30.31 26.65 23.49
CA THR C 323 -30.77 27.96 23.90
C THR C 323 -29.78 28.65 24.85
N GLU C 324 -28.77 29.29 24.29
CA GLU C 324 -27.78 29.99 25.09
C GLU C 324 -26.78 29.03 25.73
N SER C 325 -25.50 29.42 25.71
CA SER C 325 -24.45 28.61 26.30
C SER C 325 -24.18 29.02 27.73
N ILE C 326 -23.55 28.15 28.50
CA ILE C 326 -23.25 28.44 29.90
C ILE C 326 -21.89 27.90 30.33
N VAL C 327 -20.90 28.80 30.36
CA VAL C 327 -19.55 28.42 30.77
C VAL C 327 -19.51 28.29 32.29
N ARG C 328 -18.82 27.26 32.77
CA ARG C 328 -18.72 27.02 34.21
C ARG C 328 -17.29 26.66 34.62
N PHE C 329 -16.36 27.56 34.36
CA PHE C 329 -14.96 27.34 34.70
C PHE C 329 -14.77 27.21 36.21
N PRO C 330 -13.55 27.41 36.68
CA PRO C 330 -13.25 27.31 38.11
C PRO C 330 -13.27 28.66 38.79
N ASN C 331 -12.48 28.82 39.84
CA ASN C 331 -12.41 30.08 40.58
C ASN C 331 -11.00 30.39 41.06
N ILE C 332 -10.58 31.63 40.88
CA ILE C 332 -9.26 32.07 41.30
C ILE C 332 -9.11 33.59 41.23
N THR C 333 -8.50 34.17 42.25
CA THR C 333 -8.31 35.62 42.29
C THR C 333 -7.02 36.02 41.58
N ASN C 334 -5.95 35.29 41.83
CA ASN C 334 -4.66 35.55 41.22
C ASN C 334 -4.71 35.45 39.70
N LEU C 335 -3.53 35.40 39.08
CA LEU C 335 -3.44 35.30 37.62
C LEU C 335 -2.14 34.62 37.21
N CYS C 336 -1.58 33.82 38.10
CA CYS C 336 -0.33 33.12 37.82
C CYS C 336 0.88 34.03 38.01
N PRO C 337 2.07 33.45 38.00
CA PRO C 337 3.30 34.22 38.17
C PRO C 337 3.94 34.56 36.82
N PHE C 338 3.12 34.73 35.78
CA PHE C 338 3.63 35.06 34.47
C PHE C 338 4.44 36.35 34.50
N GLY C 339 5.68 36.26 34.96
CA GLY C 339 6.54 37.42 35.04
C GLY C 339 7.87 37.23 35.76
N GLU C 340 8.15 36.03 36.25
CA GLU C 340 9.49 35.71 36.71
C GLU C 340 10.10 34.52 36.02
N VAL C 341 9.35 33.81 35.17
CA VAL C 341 9.98 32.79 34.36
C VAL C 341 10.43 33.38 33.03
N PHE C 342 9.88 34.52 32.63
CA PHE C 342 10.35 35.20 31.43
C PHE C 342 11.21 36.41 31.74
N ASN C 343 11.21 36.87 32.98
CA ASN C 343 11.91 38.11 33.31
C ASN C 343 12.91 37.87 34.43
N ALA C 344 13.37 36.64 34.59
CA ALA C 344 14.33 36.34 35.63
C ALA C 344 15.67 36.99 35.31
N THR C 345 16.40 37.31 36.36
CA THR C 345 17.65 38.04 36.18
C THR C 345 18.74 37.18 35.56
N ARG C 346 18.65 35.86 35.71
CA ARG C 346 19.72 34.98 35.29
C ARG C 346 19.13 33.61 35.05
N PHE C 347 19.11 33.17 33.80
CA PHE C 347 18.50 31.88 33.47
C PHE C 347 19.46 30.75 33.81
N ALA C 348 19.09 29.55 33.40
CA ALA C 348 19.90 28.37 33.63
C ALA C 348 20.73 28.06 32.40
N SER C 349 21.78 27.29 32.60
CA SER C 349 22.48 26.73 31.45
C SER C 349 21.66 25.59 30.88
N VAL C 350 22.08 25.08 29.73
CA VAL C 350 21.20 24.14 29.04
C VAL C 350 21.33 22.74 29.63
N TYR C 351 22.53 22.31 30.03
CA TYR C 351 22.73 20.92 30.43
C TYR C 351 22.12 20.62 31.77
N ALA C 352 21.91 21.63 32.61
CA ALA C 352 21.13 21.49 33.83
C ALA C 352 20.00 22.49 33.71
N TRP C 353 19.00 22.16 32.90
CA TRP C 353 18.01 23.13 32.52
C TRP C 353 16.96 23.25 33.60
N ASN C 354 16.42 24.46 33.74
CA ASN C 354 15.47 24.67 34.81
C ASN C 354 14.14 24.04 34.45
N ARG C 355 13.31 23.79 35.46
CA ARG C 355 11.99 23.21 35.21
C ARG C 355 11.04 23.67 36.29
N LYS C 356 10.15 24.59 35.96
CA LYS C 356 9.13 25.06 36.87
C LYS C 356 7.84 24.30 36.60
N ARG C 357 7.03 24.14 37.64
CA ARG C 357 5.74 23.48 37.53
C ARG C 357 4.70 24.47 38.03
N ILE C 358 3.77 24.86 37.17
CA ILE C 358 2.76 25.83 37.55
C ILE C 358 1.54 25.10 38.09
N SER C 359 0.85 25.74 39.03
CA SER C 359 -0.38 25.19 39.59
C SER C 359 -1.50 26.20 39.44
N ASN C 360 -2.60 25.97 40.17
CA ASN C 360 -3.87 26.68 40.05
C ASN C 360 -3.73 28.19 39.99
N CYS C 361 -4.12 28.75 38.85
CA CYS C 361 -3.84 30.14 38.51
C CYS C 361 -4.73 30.52 37.33
N VAL C 362 -4.61 31.78 36.91
CA VAL C 362 -5.33 32.28 35.75
C VAL C 362 -4.27 32.74 34.76
N ALA C 363 -3.97 31.89 33.78
CA ALA C 363 -2.92 32.16 32.81
C ALA C 363 -3.52 32.60 31.49
N ASP C 364 -3.26 33.83 31.11
CA ASP C 364 -3.73 34.39 29.85
C ASP C 364 -2.62 34.23 28.83
N TYR C 365 -2.83 33.37 27.86
CA TYR C 365 -1.79 33.07 26.89
C TYR C 365 -1.66 34.15 25.84
N SER C 366 -2.74 34.85 25.51
CA SER C 366 -2.65 35.89 24.49
C SER C 366 -1.85 37.08 25.00
N VAL C 367 -1.92 37.36 26.30
CA VAL C 367 -1.13 38.45 26.87
C VAL C 367 0.34 38.07 26.88
N LEU C 368 0.64 36.80 27.10
CA LEU C 368 2.00 36.32 26.94
C LEU C 368 2.45 36.39 25.49
N TYR C 369 1.52 36.26 24.55
CA TYR C 369 1.88 36.18 23.14
C TYR C 369 2.40 37.52 22.62
N ASN C 370 1.85 38.63 23.10
CA ASN C 370 2.29 39.93 22.61
C ASN C 370 3.03 40.72 23.68
N SER C 371 3.98 40.09 24.38
CA SER C 371 4.95 40.85 25.14
C SER C 371 6.01 41.50 24.27
N ALA C 372 6.02 41.20 22.96
CA ALA C 372 6.56 42.06 21.90
C ALA C 372 8.07 42.14 21.88
N SER C 373 8.74 41.03 22.09
CA SER C 373 10.17 41.01 21.87
C SER C 373 10.68 39.70 21.30
N PHE C 374 9.82 38.75 20.98
CA PHE C 374 10.25 37.38 20.78
C PHE C 374 10.86 37.19 19.41
N SER C 375 11.43 36.01 19.21
CA SER C 375 12.03 35.66 17.94
C SER C 375 11.66 34.28 17.46
N THR C 376 10.89 33.54 18.26
CA THR C 376 10.31 32.26 17.87
C THR C 376 9.17 31.99 18.82
N PHE C 377 7.97 31.80 18.29
CA PHE C 377 6.80 31.48 19.09
C PHE C 377 6.07 30.42 18.30
N LYS C 378 6.40 29.16 18.53
CA LYS C 378 5.93 28.10 17.65
C LYS C 378 5.37 26.98 18.50
N CYS C 379 4.10 26.64 18.28
CA CYS C 379 3.54 25.44 18.88
C CYS C 379 2.90 24.51 17.90
N TYR C 380 2.91 23.25 18.30
CA TYR C 380 2.57 22.12 17.48
C TYR C 380 1.24 21.50 17.82
N GLY C 381 0.95 21.32 19.11
CA GLY C 381 -0.28 20.69 19.48
C GLY C 381 -1.51 21.56 19.32
N VAL C 382 -1.33 22.87 19.30
CA VAL C 382 -2.46 23.76 19.48
C VAL C 382 -2.03 25.17 19.08
N SER C 383 -2.97 25.91 18.50
CA SER C 383 -2.77 27.33 18.28
C SER C 383 -2.76 28.07 19.61
N PRO C 384 -1.97 29.14 19.74
CA PRO C 384 -1.88 29.81 21.04
C PRO C 384 -3.13 30.57 21.43
N THR C 385 -3.87 31.11 20.46
CA THR C 385 -5.04 31.89 20.83
C THR C 385 -6.20 31.03 21.29
N LYS C 386 -6.19 29.76 20.89
CA LYS C 386 -7.23 28.83 21.28
C LYS C 386 -6.96 28.28 22.69
N LEU C 387 -5.76 28.52 23.21
CA LEU C 387 -5.41 28.04 24.53
C LEU C 387 -6.02 28.90 25.61
N ASN C 388 -6.63 30.02 25.24
CA ASN C 388 -7.26 30.91 26.19
C ASN C 388 -8.63 30.43 26.64
N ASP C 389 -9.05 29.24 26.21
CA ASP C 389 -10.31 28.69 26.69
C ASP C 389 -10.22 27.20 26.96
N LEU C 390 -9.06 26.68 27.29
CA LEU C 390 -8.93 25.30 27.75
C LEU C 390 -8.55 25.30 29.22
N CYS C 391 -8.28 24.12 29.75
CA CYS C 391 -7.88 23.98 31.14
C CYS C 391 -7.10 22.70 31.28
N PHE C 392 -6.13 22.69 32.19
CA PHE C 392 -5.21 21.58 32.32
C PHE C 392 -5.09 21.16 33.77
N THR C 393 -4.23 20.17 33.98
CA THR C 393 -3.90 19.68 35.31
C THR C 393 -2.53 20.14 35.78
N ASN C 394 -1.57 20.23 34.88
CA ASN C 394 -0.23 20.66 35.24
C ASN C 394 0.48 21.20 34.01
N VAL C 395 1.24 22.27 34.22
CA VAL C 395 1.99 22.95 33.17
C VAL C 395 3.45 22.93 33.57
N TYR C 396 4.29 22.39 32.73
CA TYR C 396 5.72 22.45 32.95
C TYR C 396 6.32 23.50 32.04
N ALA C 397 7.19 24.33 32.60
CA ALA C 397 7.88 25.35 31.84
C ALA C 397 9.37 25.16 32.06
N ASP C 398 10.07 24.69 31.05
CA ASP C 398 11.51 24.56 31.13
C ASP C 398 12.15 25.82 30.57
N SER C 399 13.34 26.13 31.06
CA SER C 399 14.01 27.33 30.57
C SER C 399 15.50 27.12 30.59
N PHE C 400 16.17 27.68 29.57
CA PHE C 400 17.62 27.66 29.49
C PHE C 400 18.08 28.69 28.47
N VAL C 401 19.35 28.58 28.06
CA VAL C 401 20.03 29.57 27.21
C VAL C 401 20.91 28.83 26.22
N ILE C 402 20.74 29.09 24.93
CA ILE C 402 21.55 28.46 23.90
C ILE C 402 22.01 29.46 22.86
N ARG C 403 22.62 28.98 21.78
CA ARG C 403 23.16 29.82 20.71
C ARG C 403 22.05 30.37 19.84
N GLY C 404 22.42 30.86 18.66
CA GLY C 404 21.44 31.31 17.72
C GLY C 404 21.09 30.26 16.71
N ASP C 405 22.10 29.55 16.23
CA ASP C 405 21.93 28.53 15.20
C ASP C 405 21.46 27.16 15.73
N GLU C 406 21.15 27.08 17.00
CA GLU C 406 20.68 25.84 17.58
C GLU C 406 19.22 25.90 17.97
N VAL C 407 18.52 26.97 17.61
CA VAL C 407 17.10 27.04 17.90
C VAL C 407 16.34 26.11 16.96
N ARG C 408 16.95 25.71 15.85
CA ARG C 408 16.30 24.72 15.01
C ARG C 408 16.36 23.32 15.58
N GLN C 409 17.15 23.10 16.63
CA GLN C 409 17.19 21.80 17.25
C GLN C 409 16.14 21.60 18.32
N ILE C 410 15.52 22.67 18.78
CA ILE C 410 14.45 22.55 19.77
C ILE C 410 13.16 22.44 18.97
N ALA C 411 12.89 21.22 18.50
CA ALA C 411 11.76 20.90 17.64
C ALA C 411 11.58 19.40 17.70
N PRO C 412 10.37 18.89 17.49
CA PRO C 412 10.16 17.44 17.54
C PRO C 412 10.88 16.73 16.40
N GLY C 413 11.67 15.74 16.76
CA GLY C 413 12.40 14.96 15.77
C GLY C 413 13.53 15.72 15.12
N GLN C 414 14.60 15.99 15.85
CA GLN C 414 15.76 16.67 15.31
C GLN C 414 17.01 15.87 15.57
N THR C 415 18.14 16.41 15.12
CA THR C 415 19.45 15.85 15.38
C THR C 415 20.40 16.98 15.77
N GLY C 416 21.59 16.61 16.19
CA GLY C 416 22.55 17.60 16.64
C GLY C 416 22.70 17.57 18.15
N LYS C 417 23.87 18.02 18.60
CA LYS C 417 24.20 18.06 20.02
C LYS C 417 23.01 18.34 20.92
N ILE C 418 22.69 19.62 21.07
CA ILE C 418 21.57 20.08 21.91
C ILE C 418 20.38 19.13 21.92
N ALA C 419 19.53 19.24 20.90
CA ALA C 419 18.34 18.41 20.81
C ALA C 419 18.70 16.93 20.82
N ASP C 420 19.75 16.59 21.55
CA ASP C 420 20.18 15.20 21.63
C ASP C 420 21.08 14.99 22.84
N TYR C 421 21.43 16.08 23.51
CA TYR C 421 22.29 15.99 24.68
C TYR C 421 21.74 16.74 25.89
N ASN C 422 21.46 18.03 25.75
CA ASN C 422 20.95 18.76 26.89
C ASN C 422 19.44 18.97 26.85
N TYR C 423 18.76 18.26 25.95
CA TYR C 423 17.31 18.39 25.84
C TYR C 423 16.77 17.60 24.67
N LYS C 424 15.65 16.89 24.87
CA LYS C 424 15.06 16.12 23.79
C LYS C 424 13.55 16.19 23.86
N LEU C 425 12.94 16.51 22.77
CA LEU C 425 11.51 16.56 22.76
C LEU C 425 10.92 15.28 22.19
N PRO C 426 9.76 14.84 22.69
CA PRO C 426 9.09 13.70 22.09
C PRO C 426 8.42 14.08 20.79
N ASP C 427 8.11 13.06 19.99
CA ASP C 427 7.59 13.30 18.65
C ASP C 427 6.13 13.70 18.63
N ASP C 428 5.42 13.57 19.75
CA ASP C 428 4.02 13.96 19.79
C ASP C 428 3.83 15.13 20.72
N PHE C 429 4.71 16.12 20.59
CA PHE C 429 4.74 17.29 21.45
C PHE C 429 3.46 18.10 21.32
N THR C 430 3.18 18.92 22.34
CA THR C 430 1.98 19.74 22.31
C THR C 430 2.16 21.19 22.76
N GLY C 431 3.23 21.55 23.46
CA GLY C 431 3.36 22.88 23.99
C GLY C 431 3.97 23.84 23.00
N CYS C 432 4.25 25.05 23.47
CA CYS C 432 4.88 26.06 22.64
C CYS C 432 6.33 26.25 23.02
N VAL C 433 7.17 26.35 22.00
CA VAL C 433 8.56 26.69 22.13
C VAL C 433 8.66 28.19 21.91
N ILE C 434 9.24 28.90 22.86
CA ILE C 434 9.41 30.34 22.79
C ILE C 434 10.89 30.63 22.92
N ALA C 435 11.38 31.57 22.11
CA ALA C 435 12.79 31.91 22.18
C ALA C 435 12.98 33.33 21.73
N TRP C 436 13.89 34.02 22.41
CA TRP C 436 14.16 35.40 22.02
C TRP C 436 15.62 35.72 22.27
N ASN C 437 16.02 36.89 21.81
CA ASN C 437 17.42 37.28 21.87
C ASN C 437 17.69 38.11 23.11
N SER C 438 18.82 37.83 23.75
CA SER C 438 19.22 38.52 24.97
C SER C 438 20.70 38.80 24.91
N ASN C 439 21.16 39.28 23.76
CA ASN C 439 22.58 39.55 23.59
C ASN C 439 23.03 40.72 24.43
N ASN C 440 22.16 41.70 24.63
CA ASN C 440 22.51 42.88 25.40
C ASN C 440 22.53 42.61 26.90
N LEU C 441 22.11 41.45 27.35
CA LEU C 441 22.01 41.18 28.78
C LEU C 441 22.85 40.03 29.26
N ASP C 442 23.02 38.97 28.47
CA ASP C 442 23.79 37.84 28.93
C ASP C 442 25.21 37.84 28.39
N SER C 443 25.51 38.66 27.40
CA SER C 443 26.85 38.75 26.86
C SER C 443 27.53 40.02 27.35
N LYS C 444 28.85 39.98 27.43
CA LYS C 444 29.61 41.09 27.98
C LYS C 444 30.97 41.14 27.30
N VAL C 445 31.57 42.33 27.31
CA VAL C 445 32.86 42.54 26.69
C VAL C 445 33.92 41.76 27.46
N GLY C 446 34.73 41.01 26.73
CA GLY C 446 35.56 39.99 27.30
C GLY C 446 34.94 38.61 27.27
N GLY C 447 33.62 38.53 27.29
CA GLY C 447 32.96 37.25 27.12
C GLY C 447 32.45 36.63 28.39
N ASN C 448 31.14 36.41 28.46
CA ASN C 448 30.53 35.65 29.55
C ASN C 448 30.69 34.17 29.22
N TYR C 449 31.40 33.46 30.07
CA TYR C 449 31.68 32.05 29.87
C TYR C 449 30.93 31.16 30.84
N ASN C 450 29.86 31.66 31.44
CA ASN C 450 29.20 30.94 32.51
C ASN C 450 28.15 29.96 32.04
N TYR C 451 27.91 29.87 30.74
CA TYR C 451 26.89 28.96 30.22
C TYR C 451 27.58 27.74 29.66
N LEU C 452 27.26 26.58 30.24
CA LEU C 452 27.90 25.33 29.89
C LEU C 452 26.94 24.50 29.06
N TYR C 453 27.48 23.74 28.12
CA TYR C 453 26.67 22.83 27.33
C TYR C 453 27.42 21.53 27.16
N ARG C 454 26.68 20.44 27.11
CA ARG C 454 27.28 19.12 27.07
C ARG C 454 27.49 18.71 25.63
N LEU C 455 28.56 17.97 25.38
CA LEU C 455 28.85 17.50 24.03
C LEU C 455 29.25 16.04 23.95
N PRO C 491 33.20 16.42 29.73
CA PRO C 491 31.96 16.34 28.97
C PRO C 491 31.30 17.67 28.67
N LEU C 492 31.80 18.78 29.20
CA LEU C 492 31.11 20.04 29.08
C LEU C 492 32.02 21.10 28.48
N GLN C 493 31.51 21.86 27.53
CA GLN C 493 32.20 23.04 27.03
C GLN C 493 31.40 24.28 27.38
N SER C 494 32.00 25.42 27.14
CA SER C 494 31.39 26.69 27.48
C SER C 494 31.22 27.53 26.23
N TYR C 495 30.07 28.18 26.12
CA TYR C 495 29.90 29.17 25.07
C TYR C 495 30.72 30.39 25.41
N GLY C 496 31.39 30.95 24.42
CA GLY C 496 32.00 32.24 24.61
C GLY C 496 31.12 33.34 24.06
N PHE C 497 30.30 33.96 24.89
CA PHE C 497 29.34 34.94 24.41
C PHE C 497 30.00 36.31 24.40
N GLN C 498 30.45 36.73 23.23
CA GLN C 498 31.07 38.01 22.98
C GLN C 498 30.07 38.93 22.29
N PRO C 499 29.97 40.19 22.68
CA PRO C 499 28.97 41.07 22.07
C PRO C 499 29.33 41.46 20.65
N THR C 500 30.57 41.29 20.24
CA THR C 500 30.95 41.51 18.86
C THR C 500 30.87 40.21 18.07
N ASN C 501 29.76 39.51 18.20
CA ASN C 501 29.52 38.29 17.44
C ASN C 501 28.34 38.50 16.53
N GLY C 502 28.37 37.82 15.42
CA GLY C 502 27.20 37.78 14.58
C GLY C 502 26.18 36.83 15.14
N VAL C 503 24.94 36.99 14.70
CA VAL C 503 23.87 36.10 15.13
C VAL C 503 24.14 34.71 14.57
N GLY C 504 24.06 33.72 15.42
CA GLY C 504 24.63 32.42 15.14
C GLY C 504 25.64 32.02 16.18
N TYR C 505 26.05 32.97 17.01
CA TYR C 505 26.73 32.65 18.25
C TYR C 505 26.23 33.56 19.37
N GLN C 506 25.15 34.13 19.21
CA GLN C 506 24.64 35.07 20.20
C GLN C 506 23.67 34.38 21.15
N PRO C 507 23.57 34.85 22.40
CA PRO C 507 22.74 34.15 23.38
C PRO C 507 21.25 34.36 23.17
N TYR C 508 20.54 33.26 23.00
CA TYR C 508 19.09 33.20 22.91
C TYR C 508 18.53 32.47 24.11
N ARG C 509 17.51 33.06 24.73
CA ARG C 509 16.88 32.46 25.89
C ARG C 509 15.64 31.71 25.43
N VAL C 510 15.46 30.51 25.97
CA VAL C 510 14.48 29.54 25.46
C VAL C 510 13.58 29.10 26.60
N VAL C 511 12.27 29.20 26.39
CA VAL C 511 11.25 28.75 27.33
C VAL C 511 10.36 27.76 26.60
N VAL C 512 10.23 26.56 27.13
CA VAL C 512 9.43 25.51 26.52
C VAL C 512 8.27 25.19 27.43
N LEU C 513 7.05 25.29 26.92
CA LEU C 513 5.92 24.88 27.71
C LEU C 513 5.49 23.48 27.35
N SER C 514 4.82 22.83 28.29
CA SER C 514 4.20 21.54 28.02
C SER C 514 3.05 21.38 28.99
N PHE C 515 1.98 20.74 28.55
CA PHE C 515 0.79 20.61 29.36
C PHE C 515 0.44 19.14 29.56
N GLU C 516 -0.26 18.85 30.65
CA GLU C 516 -0.66 17.48 30.96
C GLU C 516 -2.07 17.42 31.55
N LEU C 517 -2.83 16.41 31.13
CA LEU C 517 -4.20 16.20 31.61
C LEU C 517 -4.29 14.76 32.12
N LEU C 518 -3.77 14.53 33.31
CA LEU C 518 -3.76 13.19 33.89
C LEU C 518 -5.11 12.84 34.48
N HIS C 519 -5.30 13.19 35.74
CA HIS C 519 -6.56 12.92 36.43
C HIS C 519 -6.72 13.83 37.63
N ALA C 520 -6.24 15.06 37.52
CA ALA C 520 -6.37 16.00 38.63
C ALA C 520 -7.68 16.75 38.57
N PRO C 521 -8.21 17.22 39.71
CA PRO C 521 -9.51 17.91 39.70
C PRO C 521 -9.55 19.19 38.90
N ALA C 522 -8.73 20.18 39.25
CA ALA C 522 -8.79 21.48 38.60
C ALA C 522 -7.48 22.21 38.81
N THR C 523 -7.01 22.85 37.76
CA THR C 523 -5.78 23.63 37.81
C THR C 523 -6.01 24.79 36.85
N VAL C 524 -4.92 25.36 36.33
CA VAL C 524 -4.90 26.48 35.40
C VAL C 524 -5.83 26.32 34.20
N CYS C 525 -6.77 27.23 34.08
CA CYS C 525 -7.64 27.34 32.92
C CYS C 525 -7.45 28.72 32.30
N GLY C 526 -8.26 29.04 31.33
CA GLY C 526 -8.20 30.34 30.71
C GLY C 526 -9.05 31.35 31.45
N PRO C 527 -8.97 32.60 31.00
CA PRO C 527 -9.73 33.69 31.60
C PRO C 527 -11.09 33.84 30.94
N LYS C 528 -12.11 33.19 31.51
CA LYS C 528 -13.45 33.26 30.96
C LYS C 528 -14.37 34.09 31.84
N LYS C 529 -15.67 33.84 31.72
CA LYS C 529 -16.65 34.59 32.51
C LYS C 529 -17.32 33.69 33.55
N SER C 530 -17.15 32.37 33.40
CA SER C 530 -17.72 31.41 34.32
C SER C 530 -19.13 31.76 34.74
N THR C 531 -20.06 31.76 33.79
CA THR C 531 -21.46 32.08 34.06
C THR C 531 -22.12 31.00 34.92
N ASN C 532 -23.40 30.76 34.70
CA ASN C 532 -24.15 29.76 35.45
C ASN C 532 -24.72 28.65 34.57
N LEU C 533 -25.32 27.65 35.20
CA LEU C 533 -25.92 26.53 34.46
C LEU C 533 -27.41 26.74 34.20
N VAL C 534 -28.12 25.66 33.95
CA VAL C 534 -29.55 25.71 33.68
C VAL C 534 -30.20 24.36 33.99
N LYS C 535 -31.19 23.95 33.20
CA LYS C 535 -31.85 22.68 33.44
C LYS C 535 -33.09 22.49 32.56
N ASN C 536 -33.09 21.43 31.77
CA ASN C 536 -34.21 21.11 30.90
C ASN C 536 -34.27 21.93 29.61
N LYS C 537 -33.27 22.78 29.39
CA LYS C 537 -33.22 23.61 28.20
C LYS C 537 -32.01 23.27 27.34
N CYS C 538 -32.25 22.55 26.24
CA CYS C 538 -31.17 22.17 25.34
C CYS C 538 -30.20 23.33 25.25
N VAL C 539 -28.96 23.09 25.67
CA VAL C 539 -27.99 24.15 25.89
C VAL C 539 -26.66 23.70 25.29
N ASN C 540 -25.78 24.66 25.09
CA ASN C 540 -24.43 24.42 24.59
C ASN C 540 -23.49 24.70 25.75
N PHE C 541 -22.86 23.66 26.26
CA PHE C 541 -22.14 23.77 27.53
C PHE C 541 -20.65 23.46 27.37
N ASN C 542 -19.88 23.99 28.32
CA ASN C 542 -18.46 23.72 28.45
C ASN C 542 -18.16 23.61 29.95
N PHE C 543 -17.74 22.43 30.39
CA PHE C 543 -17.37 22.16 31.78
C PHE C 543 -15.87 21.93 31.84
N ASN C 544 -15.12 22.99 32.14
CA ASN C 544 -13.67 23.03 32.21
C ASN C 544 -13.00 22.11 31.19
N GLY C 545 -13.43 22.20 29.93
CA GLY C 545 -12.81 21.40 28.90
C GLY C 545 -13.80 20.53 28.15
N LEU C 546 -14.75 19.95 28.86
CA LEU C 546 -15.79 19.12 28.25
C LEU C 546 -16.74 20.01 27.47
N THR C 547 -16.70 19.90 26.15
CA THR C 547 -17.59 20.68 25.29
C THR C 547 -18.72 19.77 24.81
N GLY C 548 -19.96 20.22 24.97
CA GLY C 548 -21.08 19.43 24.50
C GLY C 548 -22.38 20.18 24.32
N THR C 549 -23.45 19.43 24.02
CA THR C 549 -24.78 19.99 23.85
C THR C 549 -25.79 19.06 24.50
N GLY C 550 -26.83 19.63 25.08
CA GLY C 550 -27.89 18.81 25.62
C GLY C 550 -28.60 19.49 26.76
N VAL C 551 -29.55 18.77 27.31
CA VAL C 551 -30.30 19.14 28.50
C VAL C 551 -29.54 18.67 29.72
N LEU C 552 -29.44 19.53 30.72
CA LEU C 552 -28.77 19.24 31.99
C LEU C 552 -29.84 19.00 33.05
N THR C 553 -29.64 17.99 33.88
CA THR C 553 -30.64 17.65 34.88
C THR C 553 -29.97 17.24 36.19
N GLU C 554 -30.65 17.52 37.31
CA GLU C 554 -30.14 17.11 38.61
C GLU C 554 -30.02 15.60 38.69
N SER C 555 -28.90 15.13 39.20
CA SER C 555 -28.63 13.70 39.22
C SER C 555 -28.96 13.10 40.59
N ASN C 556 -28.80 11.78 40.65
CA ASN C 556 -28.86 11.07 41.93
C ASN C 556 -27.82 9.97 41.99
N LYS C 557 -26.81 10.05 41.13
CA LYS C 557 -25.73 9.06 41.09
C LYS C 557 -24.58 9.53 41.96
N LYS C 558 -24.27 8.75 43.00
CA LYS C 558 -23.21 9.09 43.93
C LYS C 558 -21.80 9.05 43.34
N PHE C 559 -21.40 10.14 42.71
CA PHE C 559 -20.06 10.24 42.13
C PHE C 559 -19.03 10.14 43.24
N LEU C 560 -18.36 9.00 43.34
CA LEU C 560 -17.35 8.81 44.38
C LEU C 560 -16.43 10.02 44.53
N PRO C 561 -16.22 10.44 45.84
CA PRO C 561 -15.35 11.62 45.96
C PRO C 561 -13.98 11.49 45.30
N PHE C 562 -13.94 11.55 43.97
CA PHE C 562 -12.70 11.46 43.21
C PHE C 562 -13.00 11.18 41.74
N GLN C 563 -14.28 11.05 41.41
CA GLN C 563 -14.71 10.79 40.05
C GLN C 563 -15.11 12.09 39.37
N GLN C 564 -14.33 12.51 38.38
CA GLN C 564 -14.61 13.74 37.65
C GLN C 564 -15.92 13.72 36.88
N PHE C 565 -16.17 12.64 36.12
CA PHE C 565 -17.39 12.46 35.28
C PHE C 565 -17.97 11.03 35.19
N GLY C 566 -19.10 10.85 34.45
CA GLY C 566 -19.79 9.57 34.26
C GLY C 566 -19.53 9.00 32.85
N ARG C 567 -19.09 7.74 32.73
CA ARG C 567 -18.85 7.11 31.41
C ARG C 567 -19.95 6.04 31.12
N ASP C 568 -20.54 6.07 29.91
CA ASP C 568 -21.60 5.13 29.49
C ASP C 568 -21.12 4.09 28.43
N ILE C 569 -21.66 2.86 28.47
CA ILE C 569 -21.18 1.80 27.60
C ILE C 569 -21.38 2.30 26.19
N ALA C 570 -20.39 2.06 25.32
CA ALA C 570 -20.24 2.70 24.01
C ALA C 570 -19.63 4.08 24.14
N ASP C 571 -19.23 4.44 25.36
CA ASP C 571 -18.33 5.56 25.60
C ASP C 571 -18.85 6.92 25.17
N THR C 572 -19.95 7.38 25.75
CA THR C 572 -20.42 8.75 25.56
C THR C 572 -20.60 9.40 26.92
N THR C 573 -20.18 10.65 27.03
CA THR C 573 -20.32 11.39 28.28
C THR C 573 -21.79 11.55 28.63
N ASP C 574 -22.18 11.11 29.82
CA ASP C 574 -23.57 11.22 30.21
C ASP C 574 -23.79 11.84 31.58
N ALA C 575 -22.74 12.12 32.33
CA ALA C 575 -22.85 12.87 33.56
C ALA C 575 -21.62 13.75 33.71
N VAL C 576 -21.78 14.87 34.42
CA VAL C 576 -20.66 15.73 34.77
C VAL C 576 -20.80 16.15 36.22
N ARG C 577 -19.75 16.76 36.74
CA ARG C 577 -19.75 17.36 38.05
C ARG C 577 -19.44 18.84 37.89
N ASP C 578 -20.25 19.69 38.50
CA ASP C 578 -20.03 21.12 38.36
C ASP C 578 -18.85 21.53 39.21
N PRO C 579 -17.82 22.15 38.62
CA PRO C 579 -16.61 22.44 39.40
C PRO C 579 -16.86 23.31 40.62
N GLN C 580 -17.73 24.30 40.51
CA GLN C 580 -17.89 25.26 41.60
C GLN C 580 -18.70 24.68 42.75
N THR C 581 -19.86 24.12 42.47
CA THR C 581 -20.71 23.60 43.55
C THR C 581 -20.51 22.11 43.80
N LEU C 582 -19.87 21.39 42.88
CA LEU C 582 -19.53 19.96 43.03
C LEU C 582 -20.77 19.08 43.16
N GLU C 583 -21.68 19.22 42.22
CA GLU C 583 -22.86 18.38 42.15
C GLU C 583 -22.95 17.70 40.79
N ILE C 584 -23.47 16.49 40.80
CA ILE C 584 -23.52 15.66 39.60
C ILE C 584 -24.78 16.00 38.82
N LEU C 585 -24.62 16.14 37.51
CA LEU C 585 -25.71 16.50 36.61
C LEU C 585 -25.68 15.57 35.42
N ASP C 586 -26.84 15.00 35.08
CA ASP C 586 -26.94 14.17 33.89
C ASP C 586 -27.10 15.01 32.64
N ILE C 587 -26.58 14.49 31.53
CA ILE C 587 -26.63 15.19 30.27
C ILE C 587 -27.46 14.44 29.23
N THR C 588 -28.76 14.67 29.24
CA THR C 588 -29.65 14.03 28.29
C THR C 588 -29.47 14.70 26.93
N PRO C 589 -29.68 13.94 25.86
CA PRO C 589 -29.49 14.47 24.51
C PRO C 589 -30.68 15.24 23.97
N CYS C 590 -30.42 16.30 23.22
CA CYS C 590 -31.49 17.10 22.64
C CYS C 590 -32.39 16.20 21.83
N SER C 591 -33.40 16.79 21.19
CA SER C 591 -34.33 16.02 20.38
C SER C 591 -33.96 16.06 18.90
N PHE C 592 -33.83 14.87 18.31
CA PHE C 592 -33.51 14.75 16.89
C PHE C 592 -34.40 13.66 16.30
N GLY C 593 -34.48 13.60 14.98
CA GLY C 593 -35.31 12.61 14.32
C GLY C 593 -35.61 12.94 12.89
N GLY C 594 -36.03 11.97 12.10
CA GLY C 594 -36.35 12.24 10.72
C GLY C 594 -37.68 12.96 10.56
N VAL C 595 -37.83 13.59 9.40
CA VAL C 595 -39.07 14.25 9.03
C VAL C 595 -39.57 13.62 7.75
N SER C 596 -40.83 13.19 7.77
CA SER C 596 -41.44 12.58 6.61
C SER C 596 -42.63 13.39 6.17
N VAL C 597 -42.90 13.37 4.87
CA VAL C 597 -43.99 14.12 4.27
C VAL C 597 -44.97 13.14 3.65
N ILE C 598 -46.24 13.25 4.03
CA ILE C 598 -47.33 12.40 3.56
C ILE C 598 -48.15 13.22 2.58
N THR C 599 -48.23 12.74 1.35
CA THR C 599 -48.94 13.43 0.29
C THR C 599 -49.88 12.49 -0.45
N PRO C 600 -51.11 12.93 -0.74
CA PRO C 600 -52.00 12.12 -1.59
C PRO C 600 -51.59 12.06 -3.05
N GLY C 601 -50.55 12.77 -3.46
CA GLY C 601 -50.12 12.83 -4.84
C GLY C 601 -50.52 14.16 -5.44
N THR C 602 -49.59 14.77 -6.17
CA THR C 602 -49.81 16.12 -6.69
C THR C 602 -50.89 16.17 -7.76
N ASN C 603 -51.29 15.02 -8.26
CA ASN C 603 -52.36 14.87 -9.24
C ASN C 603 -53.71 14.71 -8.56
N THR C 604 -53.74 14.94 -7.25
CA THR C 604 -54.97 14.83 -6.48
C THR C 604 -55.18 16.08 -5.67
N SER C 605 -54.08 16.62 -5.14
CA SER C 605 -54.11 17.72 -4.21
C SER C 605 -52.67 18.14 -3.93
N ASN C 606 -52.53 19.31 -3.32
CA ASN C 606 -51.22 19.80 -2.91
C ASN C 606 -51.14 19.96 -1.39
N GLN C 607 -52.15 19.49 -0.67
CA GLN C 607 -52.06 19.43 0.78
C GLN C 607 -51.06 18.36 1.21
N VAL C 608 -50.62 18.47 2.45
CA VAL C 608 -49.51 17.66 2.93
C VAL C 608 -49.65 17.51 4.43
N ALA C 609 -49.19 16.37 4.95
CA ALA C 609 -49.06 16.17 6.38
C ALA C 609 -47.62 15.81 6.69
N VAL C 610 -47.21 16.00 7.94
CA VAL C 610 -45.80 15.92 8.30
C VAL C 610 -45.65 15.07 9.55
N LEU C 611 -44.76 14.09 9.50
CA LEU C 611 -44.45 13.22 10.63
C LEU C 611 -43.06 13.56 11.15
N TYR C 612 -42.98 13.92 12.42
CA TYR C 612 -41.72 14.06 13.13
C TYR C 612 -41.50 12.76 13.89
N GLN C 613 -40.48 12.01 13.48
CA GLN C 613 -40.39 10.62 13.91
C GLN C 613 -39.86 10.54 15.32
N ASP C 614 -40.54 9.76 16.15
CA ASP C 614 -40.30 9.55 17.59
C ASP C 614 -39.82 10.82 18.29
N VAL C 615 -40.53 11.91 18.02
CA VAL C 615 -40.35 13.15 18.74
C VAL C 615 -41.64 13.44 19.50
N ASN C 616 -41.48 13.87 20.75
CA ASN C 616 -42.64 14.24 21.53
C ASN C 616 -43.25 15.51 20.95
N CYS C 617 -44.57 15.49 20.78
CA CYS C 617 -45.21 16.47 19.93
C CYS C 617 -45.31 17.84 20.58
N THR C 618 -44.63 18.06 21.71
CA THR C 618 -44.68 19.32 22.43
C THR C 618 -43.42 20.15 22.17
N GLU C 619 -42.47 19.56 21.46
CA GLU C 619 -41.20 20.22 21.21
C GLU C 619 -40.90 20.27 19.72
N VAL C 620 -41.95 20.40 18.91
CA VAL C 620 -41.80 20.38 17.46
C VAL C 620 -41.23 21.68 16.94
N PRO C 621 -41.81 22.86 17.27
CA PRO C 621 -41.19 24.05 16.69
C PRO C 621 -40.22 24.72 17.64
N SER C 640 -55.27 23.93 14.61
CA SER C 640 -54.71 22.92 13.73
C SER C 640 -54.77 21.52 14.33
N ASN C 641 -54.16 20.56 13.66
CA ASN C 641 -54.23 19.16 14.04
C ASN C 641 -52.84 18.67 14.44
N VAL C 642 -52.62 18.54 15.74
CA VAL C 642 -51.44 17.85 16.24
C VAL C 642 -51.92 16.58 16.92
N PHE C 643 -51.34 15.45 16.51
CA PHE C 643 -51.79 14.14 16.91
C PHE C 643 -50.56 13.34 17.27
N GLN C 644 -50.59 12.70 18.43
CA GLN C 644 -49.43 11.94 18.91
C GLN C 644 -49.60 10.48 18.58
N THR C 645 -48.54 9.88 18.06
CA THR C 645 -48.52 8.50 17.63
C THR C 645 -47.37 7.82 18.33
N ARG C 646 -47.45 6.49 18.41
CA ARG C 646 -46.31 5.70 18.81
C ARG C 646 -45.14 5.82 17.85
N ALA C 647 -45.35 6.43 16.69
CA ALA C 647 -44.31 6.59 15.68
C ALA C 647 -43.82 8.03 15.56
N GLY C 648 -44.35 8.95 16.36
CA GLY C 648 -43.95 10.33 16.31
C GLY C 648 -45.13 11.28 16.37
N CYS C 649 -44.86 12.54 16.06
CA CYS C 649 -45.89 13.56 16.06
C CYS C 649 -46.34 13.91 14.65
N LEU C 650 -47.63 13.80 14.42
CA LEU C 650 -48.24 14.01 13.11
C LEU C 650 -48.94 15.35 13.09
N ILE C 651 -48.65 16.16 12.07
CA ILE C 651 -49.23 17.50 11.94
C ILE C 651 -49.88 17.61 10.58
N GLY C 652 -51.13 18.06 10.55
CA GLY C 652 -51.83 18.29 9.31
C GLY C 652 -52.82 17.22 8.90
N ALA C 653 -53.08 16.25 9.77
CA ALA C 653 -54.09 15.24 9.54
C ALA C 653 -54.96 15.16 10.79
N GLU C 654 -56.25 14.92 10.58
CA GLU C 654 -57.17 14.77 11.70
C GLU C 654 -57.39 13.29 12.01
N HIS C 655 -57.55 13.00 13.29
CA HIS C 655 -57.75 11.65 13.78
C HIS C 655 -59.24 11.33 13.82
N VAL C 656 -59.64 10.27 13.14
CA VAL C 656 -61.02 9.82 13.12
C VAL C 656 -61.14 8.53 13.93
N ASN C 657 -62.38 8.09 14.14
CA ASN C 657 -62.64 6.90 14.93
C ASN C 657 -63.04 5.69 14.10
N ASN C 658 -63.32 5.88 12.82
CA ASN C 658 -63.59 4.80 11.89
C ASN C 658 -62.34 3.94 11.70
N SER C 659 -62.45 2.87 10.93
CA SER C 659 -61.28 2.07 10.58
C SER C 659 -61.46 1.55 9.17
N TYR C 660 -60.50 1.85 8.31
CA TYR C 660 -60.55 1.49 6.91
C TYR C 660 -59.41 0.54 6.61
N GLU C 661 -59.31 0.14 5.35
CA GLU C 661 -58.14 -0.58 4.88
C GLU C 661 -56.98 0.39 4.74
N CYS C 662 -55.78 -0.11 4.99
CA CYS C 662 -54.64 0.78 5.06
C CYS C 662 -54.33 1.37 3.69
N ASP C 663 -53.98 2.65 3.69
CA ASP C 663 -53.72 3.37 2.45
C ASP C 663 -52.26 3.81 2.36
N ILE C 664 -51.84 4.65 3.29
CA ILE C 664 -50.47 5.12 3.41
C ILE C 664 -50.03 4.72 4.81
N PRO C 665 -49.02 3.88 4.94
CA PRO C 665 -48.67 3.35 6.26
C PRO C 665 -47.84 4.31 7.08
N ILE C 666 -48.34 4.72 8.23
CA ILE C 666 -47.58 5.55 9.15
C ILE C 666 -46.75 4.71 10.09
N GLY C 667 -47.37 3.78 10.80
CA GLY C 667 -46.65 2.88 11.65
C GLY C 667 -47.42 2.57 12.92
N ALA C 668 -47.00 1.50 13.59
CA ALA C 668 -47.61 1.03 14.84
C ALA C 668 -49.13 0.92 14.72
N GLY C 669 -49.60 0.44 13.57
CA GLY C 669 -51.00 0.25 13.34
C GLY C 669 -51.76 1.43 12.78
N ILE C 670 -51.09 2.55 12.53
CA ILE C 670 -51.74 3.78 12.08
C ILE C 670 -51.48 3.96 10.60
N CYS C 671 -52.54 4.25 9.85
CA CYS C 671 -52.43 4.66 8.45
C CYS C 671 -53.11 6.01 8.20
N ALA C 672 -52.87 6.57 7.01
CA ALA C 672 -53.42 7.86 6.64
C ALA C 672 -54.07 7.74 5.28
N SER C 673 -55.03 8.63 5.01
CA SER C 673 -55.66 8.66 3.71
C SER C 673 -56.16 10.06 3.42
N TYR C 674 -56.44 10.33 2.15
CA TYR C 674 -56.99 11.60 1.72
C TYR C 674 -58.48 11.43 1.49
N GLN C 675 -59.26 11.48 2.56
CA GLN C 675 -60.66 11.12 2.37
C GLN C 675 -61.66 12.12 2.90
N THR C 676 -61.47 12.54 4.15
CA THR C 676 -62.52 13.19 4.91
C THR C 676 -62.08 14.57 5.37
N GLN C 690 -61.33 15.35 0.67
CA GLN C 690 -61.36 16.75 1.08
C GLN C 690 -60.49 17.02 2.29
N SER C 691 -59.54 16.11 2.54
CA SER C 691 -58.64 16.24 3.68
C SER C 691 -57.85 14.96 3.92
N ILE C 692 -56.81 15.06 4.75
CA ILE C 692 -55.99 13.91 5.08
C ILE C 692 -56.37 13.46 6.49
N ILE C 693 -56.11 12.21 6.84
CA ILE C 693 -56.49 11.74 8.17
C ILE C 693 -55.81 10.44 8.56
N ALA C 694 -55.72 10.19 9.87
CA ALA C 694 -55.09 8.99 10.40
C ALA C 694 -56.14 8.02 10.95
N TYR C 695 -55.75 6.78 11.13
CA TYR C 695 -56.67 5.76 11.63
C TYR C 695 -55.94 4.44 11.80
N THR C 696 -56.56 3.51 12.53
CA THR C 696 -55.98 2.19 12.75
C THR C 696 -56.46 1.25 11.67
N MET C 697 -55.68 1.07 10.61
CA MET C 697 -56.09 0.19 9.54
C MET C 697 -56.92 -1.01 9.98
N SER C 698 -57.78 -1.48 9.08
CA SER C 698 -58.63 -2.64 9.32
C SER C 698 -58.03 -3.85 8.65
N LEU C 699 -58.17 -5.00 9.31
CA LEU C 699 -57.66 -6.24 8.77
C LEU C 699 -58.60 -6.88 7.77
N GLY C 700 -59.88 -6.65 7.92
CA GLY C 700 -60.86 -7.19 6.99
C GLY C 700 -62.21 -7.23 7.65
N ALA C 701 -63.19 -7.68 6.88
CA ALA C 701 -64.55 -7.78 7.39
C ALA C 701 -64.70 -9.03 8.24
N GLU C 702 -65.54 -8.93 9.27
CA GLU C 702 -65.70 -10.05 10.18
C GLU C 702 -66.71 -11.05 9.65
N ASN C 703 -66.61 -12.28 10.16
CA ASN C 703 -67.32 -13.40 9.59
C ASN C 703 -67.40 -14.51 10.62
N SER C 704 -68.61 -14.85 11.04
CA SER C 704 -68.84 -16.04 11.81
C SER C 704 -69.36 -17.12 10.88
N VAL C 705 -68.79 -18.30 11.00
CA VAL C 705 -69.19 -19.45 10.20
C VAL C 705 -70.23 -20.22 10.97
N ALA C 706 -71.31 -20.61 10.29
CA ALA C 706 -72.43 -21.26 10.94
C ALA C 706 -72.06 -22.72 11.28
N TYR C 707 -71.09 -22.87 12.16
CA TYR C 707 -70.65 -24.19 12.55
C TYR C 707 -71.65 -24.85 13.49
N SER C 708 -72.00 -26.08 13.19
CA SER C 708 -72.63 -26.99 14.13
C SER C 708 -72.16 -28.40 13.81
N ASN C 709 -72.60 -29.36 14.60
CA ASN C 709 -72.08 -30.71 14.47
C ASN C 709 -72.88 -31.60 13.54
N ASN C 710 -73.88 -31.09 12.83
CA ASN C 710 -74.48 -31.88 11.77
C ASN C 710 -74.87 -31.02 10.57
N SER C 711 -74.18 -29.92 10.35
CA SER C 711 -74.45 -29.03 9.23
C SER C 711 -73.29 -29.03 8.25
N ILE C 712 -73.61 -28.97 6.97
CA ILE C 712 -72.59 -28.93 5.94
C ILE C 712 -73.02 -28.00 4.82
N ALA C 713 -72.06 -27.32 4.20
CA ALA C 713 -72.31 -26.44 3.08
C ALA C 713 -71.68 -27.02 1.83
N ILE C 714 -72.47 -27.18 0.78
CA ILE C 714 -72.01 -27.80 -0.45
C ILE C 714 -72.31 -26.91 -1.64
N PRO C 715 -71.34 -26.64 -2.50
CA PRO C 715 -71.55 -25.69 -3.59
C PRO C 715 -72.33 -26.28 -4.74
N THR C 716 -73.14 -25.43 -5.37
CA THR C 716 -74.00 -25.85 -6.46
C THR C 716 -73.56 -25.31 -7.81
N ASN C 717 -72.50 -24.52 -7.87
CA ASN C 717 -72.06 -23.93 -9.12
C ASN C 717 -70.57 -23.68 -9.00
N PHE C 718 -69.96 -23.12 -10.03
CA PHE C 718 -68.54 -22.82 -9.97
C PHE C 718 -68.26 -21.65 -10.89
N THR C 719 -67.09 -21.07 -10.73
CA THR C 719 -66.55 -20.11 -11.68
C THR C 719 -65.18 -20.57 -12.14
N ILE C 720 -64.84 -20.21 -13.37
CA ILE C 720 -63.49 -20.34 -13.90
C ILE C 720 -62.78 -19.02 -13.69
N SER C 721 -61.64 -19.06 -13.02
CA SER C 721 -60.86 -17.86 -12.74
C SER C 721 -59.53 -17.91 -13.47
N VAL C 722 -59.08 -16.76 -13.98
CA VAL C 722 -57.76 -16.63 -14.57
C VAL C 722 -57.07 -15.45 -13.91
N THR C 723 -55.89 -15.67 -13.36
CA THR C 723 -55.12 -14.61 -12.73
C THR C 723 -53.68 -14.64 -13.20
N THR C 724 -53.00 -13.50 -13.05
CA THR C 724 -51.64 -13.36 -13.53
C THR C 724 -50.63 -13.39 -12.38
N GLU C 725 -49.40 -13.75 -12.72
CA GLU C 725 -48.30 -13.75 -11.78
C GLU C 725 -47.04 -13.36 -12.52
N ILE C 726 -46.30 -12.40 -12.01
CA ILE C 726 -45.18 -11.79 -12.72
C ILE C 726 -43.89 -12.06 -11.97
N LEU C 727 -42.84 -12.46 -12.69
CA LEU C 727 -41.58 -12.80 -12.04
C LEU C 727 -40.36 -12.30 -12.82
N PRO C 728 -39.45 -11.60 -12.16
CA PRO C 728 -38.19 -11.23 -12.83
C PRO C 728 -37.24 -12.41 -12.99
N VAL C 729 -36.71 -12.54 -14.20
CA VAL C 729 -35.82 -13.63 -14.53
C VAL C 729 -34.38 -13.17 -14.66
N SER C 730 -34.14 -11.94 -15.08
CA SER C 730 -32.84 -11.54 -15.60
C SER C 730 -32.62 -10.08 -15.29
N MET C 731 -31.37 -9.64 -15.36
CA MET C 731 -31.11 -8.22 -15.30
C MET C 731 -30.09 -7.80 -16.35
N THR C 732 -29.76 -6.53 -16.41
CA THR C 732 -28.90 -5.99 -17.45
C THR C 732 -27.45 -6.38 -17.20
N LYS C 733 -26.80 -6.89 -18.24
CA LYS C 733 -25.39 -7.26 -18.16
C LYS C 733 -24.54 -6.03 -18.42
N THR C 734 -23.75 -5.63 -17.43
CA THR C 734 -22.91 -4.45 -17.56
C THR C 734 -21.49 -4.83 -17.18
N SER C 735 -20.55 -4.18 -17.84
CA SER C 735 -19.15 -4.30 -17.45
C SER C 735 -18.56 -2.92 -17.28
N VAL C 736 -17.57 -2.83 -16.41
CA VAL C 736 -16.81 -1.61 -16.22
C VAL C 736 -15.35 -1.97 -16.34
N ASP C 737 -14.62 -1.26 -17.18
CA ASP C 737 -13.17 -1.35 -17.13
C ASP C 737 -12.67 -0.59 -15.91
N CYS C 738 -12.08 -1.30 -14.96
CA CYS C 738 -11.66 -0.69 -13.72
C CYS C 738 -10.59 0.37 -13.95
N THR C 739 -9.72 0.17 -14.94
CA THR C 739 -8.64 1.11 -15.16
C THR C 739 -9.13 2.40 -15.81
N MET C 740 -10.01 2.28 -16.79
CA MET C 740 -10.50 3.48 -17.46
C MET C 740 -11.46 4.28 -16.59
N TYR C 741 -12.12 3.65 -15.63
CA TYR C 741 -12.97 4.40 -14.71
C TYR C 741 -12.12 5.25 -13.78
N ILE C 742 -11.06 4.69 -13.25
CA ILE C 742 -10.26 5.37 -12.23
C ILE C 742 -9.32 6.38 -12.87
N CYS C 743 -8.59 5.96 -13.89
CA CYS C 743 -7.58 6.82 -14.50
C CYS C 743 -8.10 7.48 -15.77
N GLY C 744 -8.66 6.69 -16.67
CA GLY C 744 -9.23 7.24 -17.88
C GLY C 744 -8.23 7.77 -18.88
N ASP C 745 -7.39 6.91 -19.44
CA ASP C 745 -6.40 7.32 -20.44
C ASP C 745 -5.41 8.30 -19.84
N SER C 746 -4.68 7.87 -18.82
CA SER C 746 -3.60 8.66 -18.24
C SER C 746 -2.55 7.71 -17.69
N THR C 747 -1.34 7.76 -18.24
CA THR C 747 -0.30 6.83 -17.82
C THR C 747 0.27 7.16 -16.44
N GLU C 748 0.27 8.43 -16.04
CA GLU C 748 0.73 8.75 -14.70
C GLU C 748 -0.12 8.06 -13.64
N CYS C 749 -1.44 8.01 -13.86
CA CYS C 749 -2.33 7.39 -12.91
C CYS C 749 -2.24 5.87 -12.97
N SER C 750 -2.02 5.34 -14.17
CA SER C 750 -2.04 3.89 -14.36
C SER C 750 -0.91 3.19 -13.63
N ASN C 751 0.28 3.81 -13.60
CA ASN C 751 1.41 3.17 -12.94
C ASN C 751 1.29 3.25 -11.44
N LEU C 752 0.65 4.30 -10.92
CA LEU C 752 0.33 4.35 -9.51
C LEU C 752 -0.75 3.38 -9.12
N LEU C 753 -1.68 3.07 -10.04
CA LEU C 753 -2.69 2.08 -9.77
C LEU C 753 -2.11 0.68 -9.65
N LEU C 754 -0.93 0.45 -10.19
CA LEU C 754 -0.31 -0.86 -10.12
C LEU C 754 0.19 -1.19 -8.73
N GLN C 755 0.22 -0.23 -7.82
CA GLN C 755 0.72 -0.46 -6.48
C GLN C 755 -0.32 -1.04 -5.55
N TYR C 756 -1.52 -1.31 -6.04
CA TYR C 756 -2.57 -1.92 -5.23
C TYR C 756 -2.80 -3.37 -5.57
N GLY C 757 -2.13 -3.89 -6.60
CA GLY C 757 -2.20 -5.30 -6.90
C GLY C 757 -3.34 -5.65 -7.82
N SER C 758 -4.13 -6.63 -7.41
CA SER C 758 -5.14 -7.24 -8.27
C SER C 758 -6.54 -6.79 -7.92
N PHE C 759 -6.75 -5.51 -7.61
CA PHE C 759 -8.09 -5.04 -7.30
C PHE C 759 -8.97 -4.99 -8.55
N CYS C 760 -8.41 -4.52 -9.67
CA CYS C 760 -9.22 -4.39 -10.87
C CYS C 760 -9.47 -5.74 -11.54
N THR C 761 -8.52 -6.67 -11.43
CA THR C 761 -8.75 -8.01 -11.92
C THR C 761 -9.88 -8.67 -11.14
N GLN C 762 -9.87 -8.49 -9.83
CA GLN C 762 -10.95 -9.00 -9.00
C GLN C 762 -12.28 -8.40 -9.37
N LEU C 763 -12.32 -7.08 -9.58
CA LEU C 763 -13.59 -6.43 -9.89
C LEU C 763 -14.14 -6.89 -11.23
N ASN C 764 -13.29 -6.98 -12.26
CA ASN C 764 -13.79 -7.47 -13.54
C ASN C 764 -14.24 -8.92 -13.45
N ARG C 765 -13.52 -9.75 -12.69
CA ARG C 765 -13.93 -11.14 -12.52
C ARG C 765 -15.26 -11.26 -11.81
N ALA C 766 -15.53 -10.41 -10.82
CA ALA C 766 -16.82 -10.43 -10.15
C ALA C 766 -17.93 -10.00 -11.08
N LEU C 767 -17.73 -8.94 -11.84
CA LEU C 767 -18.79 -8.45 -12.72
C LEU C 767 -19.07 -9.36 -13.89
N THR C 768 -18.07 -10.11 -14.37
CA THR C 768 -18.28 -11.01 -15.50
C THR C 768 -19.02 -12.27 -15.10
N GLY C 769 -18.78 -12.76 -13.88
CA GLY C 769 -19.46 -13.92 -13.40
C GLY C 769 -20.95 -13.72 -13.21
N ILE C 770 -21.39 -12.50 -12.97
CA ILE C 770 -22.81 -12.23 -12.84
C ILE C 770 -23.43 -11.84 -14.17
N ALA C 771 -22.64 -11.59 -15.20
CA ALA C 771 -23.16 -11.47 -16.54
C ALA C 771 -23.33 -12.84 -17.19
N VAL C 772 -22.50 -13.80 -16.79
CA VAL C 772 -22.70 -15.16 -17.28
C VAL C 772 -23.91 -15.81 -16.63
N GLU C 773 -24.17 -15.50 -15.36
CA GLU C 773 -25.31 -16.06 -14.64
C GLU C 773 -26.64 -15.63 -15.25
N GLN C 774 -26.68 -14.48 -15.92
CA GLN C 774 -27.94 -13.97 -16.43
C GLN C 774 -28.45 -14.76 -17.62
N ASP C 775 -27.55 -15.30 -18.44
CA ASP C 775 -27.98 -16.12 -19.56
C ASP C 775 -28.42 -17.51 -19.10
N LYS C 776 -27.75 -18.05 -18.11
CA LYS C 776 -28.19 -19.26 -17.43
C LYS C 776 -29.57 -19.12 -16.81
N ASN C 777 -29.85 -17.95 -16.24
CA ASN C 777 -31.16 -17.68 -15.67
C ASN C 777 -32.28 -17.86 -16.67
N THR C 778 -32.12 -17.35 -17.89
CA THR C 778 -33.23 -17.43 -18.83
C THR C 778 -33.22 -18.72 -19.63
N GLN C 779 -32.06 -19.35 -19.78
CA GLN C 779 -32.04 -20.72 -20.27
C GLN C 779 -32.78 -21.67 -19.34
N GLU C 780 -32.69 -21.48 -18.03
CA GLU C 780 -33.35 -22.38 -17.11
C GLU C 780 -34.85 -22.19 -17.03
N VAL C 781 -35.37 -21.02 -17.41
CA VAL C 781 -36.80 -20.79 -17.40
C VAL C 781 -37.43 -21.16 -18.74
N PHE C 782 -36.82 -20.76 -19.86
CA PHE C 782 -37.57 -20.86 -21.10
C PHE C 782 -37.25 -22.09 -21.94
N ALA C 783 -36.01 -22.55 -21.95
CA ALA C 783 -35.64 -23.70 -22.78
C ALA C 783 -35.90 -25.01 -22.03
N GLN C 784 -37.17 -25.21 -21.72
CA GLN C 784 -37.64 -26.40 -21.00
C GLN C 784 -38.35 -27.36 -21.92
N VAL C 785 -38.17 -27.19 -23.22
CA VAL C 785 -38.88 -27.98 -24.22
C VAL C 785 -37.89 -28.41 -25.28
N LYS C 786 -38.01 -29.65 -25.73
CA LYS C 786 -37.05 -30.21 -26.68
C LYS C 786 -37.36 -29.84 -28.12
N GLN C 787 -38.62 -29.94 -28.51
CA GLN C 787 -39.07 -29.61 -29.86
C GLN C 787 -39.77 -28.27 -29.86
N ILE C 788 -39.86 -27.68 -31.04
CA ILE C 788 -40.66 -26.50 -31.25
C ILE C 788 -42.01 -26.96 -31.80
N TYR C 789 -42.99 -27.09 -30.92
CA TYR C 789 -44.32 -27.53 -31.31
C TYR C 789 -45.11 -26.40 -31.93
N LYS C 790 -45.96 -26.75 -32.90
CA LYS C 790 -46.86 -25.82 -33.56
C LYS C 790 -48.30 -26.26 -33.38
N THR C 791 -49.21 -25.28 -33.33
CA THR C 791 -50.62 -25.58 -33.31
C THR C 791 -51.14 -25.85 -34.73
N PRO C 792 -52.23 -26.58 -34.87
CA PRO C 792 -52.80 -26.82 -36.19
C PRO C 792 -53.40 -25.54 -36.74
N PRO C 793 -53.60 -25.46 -38.05
CA PRO C 793 -54.31 -24.30 -38.60
C PRO C 793 -55.78 -24.25 -38.21
N ILE C 794 -56.42 -25.40 -38.05
CA ILE C 794 -57.82 -25.47 -37.68
C ILE C 794 -57.91 -25.60 -36.16
N LYS C 795 -58.41 -24.56 -35.51
CA LYS C 795 -58.35 -24.45 -34.06
C LYS C 795 -59.67 -24.87 -33.41
N ASP C 796 -59.94 -26.17 -33.43
CA ASP C 796 -61.14 -26.73 -32.82
C ASP C 796 -60.80 -27.20 -31.42
N PHE C 797 -61.11 -26.39 -30.42
CA PHE C 797 -60.73 -26.70 -29.04
C PHE C 797 -61.95 -26.75 -28.12
N GLY C 798 -63.03 -27.36 -28.58
CA GLY C 798 -64.21 -27.52 -27.76
C GLY C 798 -64.92 -26.25 -27.42
N GLY C 799 -64.59 -25.14 -28.07
CA GLY C 799 -65.18 -23.86 -27.79
C GLY C 799 -64.24 -22.87 -27.15
N PHE C 800 -63.11 -23.32 -26.63
CA PHE C 800 -62.16 -22.46 -25.93
C PHE C 800 -61.36 -21.65 -26.95
N ASN C 801 -61.28 -20.35 -26.73
CA ASN C 801 -60.68 -19.41 -27.66
C ASN C 801 -59.35 -18.93 -27.09
N PHE C 802 -58.24 -19.30 -27.74
CA PHE C 802 -56.89 -19.02 -27.26
C PHE C 802 -56.18 -17.96 -28.09
N SER C 803 -56.92 -17.09 -28.76
CA SER C 803 -56.30 -16.30 -29.82
C SER C 803 -55.52 -15.10 -29.30
N GLN C 804 -55.82 -14.59 -28.11
CA GLN C 804 -55.09 -13.48 -27.54
C GLN C 804 -53.76 -13.88 -26.92
N ILE C 805 -53.51 -15.17 -26.75
CA ILE C 805 -52.25 -15.64 -26.19
C ILE C 805 -51.45 -16.48 -27.18
N LEU C 806 -51.92 -16.68 -28.36
CA LEU C 806 -51.22 -17.38 -29.40
C LEU C 806 -50.46 -16.38 -30.26
N PRO C 807 -49.36 -16.78 -30.89
CA PRO C 807 -48.60 -15.84 -31.70
C PRO C 807 -49.46 -15.27 -32.82
N ASP C 808 -49.21 -14.00 -33.13
CA ASP C 808 -49.89 -13.33 -34.23
C ASP C 808 -48.88 -13.07 -35.33
N PRO C 809 -48.88 -13.95 -36.34
CA PRO C 809 -47.93 -13.91 -37.46
C PRO C 809 -48.05 -12.70 -38.38
N SER C 810 -48.00 -11.50 -37.82
CA SER C 810 -48.07 -10.31 -38.67
C SER C 810 -47.83 -9.04 -37.88
N LYS C 811 -46.89 -9.11 -36.94
CA LYS C 811 -46.56 -7.95 -36.10
C LYS C 811 -45.07 -7.96 -35.72
N PRO C 812 -44.71 -7.20 -34.69
CA PRO C 812 -43.31 -7.18 -34.26
C PRO C 812 -42.78 -8.61 -34.04
N SER C 813 -42.05 -9.14 -35.02
CA SER C 813 -41.52 -10.49 -34.90
C SER C 813 -42.64 -11.53 -34.93
N LYS C 814 -43.24 -11.79 -33.78
CA LYS C 814 -44.32 -12.76 -33.66
C LYS C 814 -44.69 -13.00 -32.21
N ARG C 815 -45.39 -12.03 -31.61
CA ARG C 815 -45.80 -12.14 -30.23
C ARG C 815 -47.31 -12.22 -30.18
N SER C 816 -47.82 -12.78 -29.11
CA SER C 816 -49.24 -12.77 -28.90
C SER C 816 -49.72 -11.34 -28.70
N PRO C 817 -51.03 -11.19 -28.63
CA PRO C 817 -51.64 -9.88 -28.39
C PRO C 817 -51.36 -9.44 -26.94
N ILE C 818 -51.24 -10.40 -26.02
CA ILE C 818 -50.96 -10.08 -24.63
C ILE C 818 -49.50 -9.71 -24.43
N GLU C 819 -48.59 -10.33 -25.16
CA GLU C 819 -47.18 -10.01 -25.00
C GLU C 819 -46.83 -8.61 -25.47
N ASP C 820 -47.60 -8.09 -26.43
CA ASP C 820 -47.37 -6.72 -26.91
C ASP C 820 -47.75 -5.67 -25.89
N LEU C 821 -48.87 -5.83 -25.20
CA LEU C 821 -49.15 -4.94 -24.10
C LEU C 821 -48.07 -4.99 -23.04
N LEU C 822 -47.49 -6.15 -22.77
CA LEU C 822 -46.48 -6.25 -21.74
C LEU C 822 -45.17 -5.61 -22.17
N PHE C 823 -44.84 -5.69 -23.45
CA PHE C 823 -43.63 -5.04 -23.93
C PHE C 823 -43.81 -3.56 -24.19
N ASN C 824 -45.05 -3.08 -24.23
CA ASN C 824 -45.29 -1.65 -24.23
C ASN C 824 -45.50 -1.06 -22.84
N LYS C 825 -45.76 -1.89 -21.84
CA LYS C 825 -45.98 -1.37 -20.50
C LYS C 825 -44.69 -1.02 -19.78
N VAL C 826 -43.63 -1.79 -19.98
CA VAL C 826 -42.36 -1.54 -19.33
C VAL C 826 -41.46 -0.66 -20.18
N LYS C 854 -22.46 4.38 -22.66
CA LYS C 854 -21.04 4.25 -22.99
C LYS C 854 -20.33 5.55 -22.73
N PHE C 855 -19.80 5.73 -21.52
CA PHE C 855 -19.14 7.00 -21.22
C PHE C 855 -17.68 6.84 -20.89
N ASN C 856 -17.36 6.11 -19.82
CA ASN C 856 -15.96 5.93 -19.46
C ASN C 856 -15.82 4.58 -18.74
N GLY C 857 -15.57 3.54 -19.52
CA GLY C 857 -15.44 2.19 -19.02
C GLY C 857 -16.74 1.42 -18.98
N LEU C 858 -17.88 2.06 -19.09
CA LEU C 858 -19.16 1.42 -18.84
C LEU C 858 -19.74 0.85 -20.13
N THR C 859 -20.11 -0.42 -20.10
CA THR C 859 -20.67 -1.06 -21.27
C THR C 859 -21.74 -2.07 -20.93
N VAL C 860 -22.73 -2.17 -21.80
CA VAL C 860 -23.84 -3.09 -21.67
C VAL C 860 -23.70 -4.17 -22.74
N LEU C 861 -23.64 -5.42 -22.30
CA LEU C 861 -23.59 -6.55 -23.21
C LEU C 861 -25.01 -7.01 -23.56
N PRO C 862 -25.25 -7.46 -24.78
CA PRO C 862 -26.58 -7.93 -25.14
C PRO C 862 -26.82 -9.33 -24.63
N PRO C 863 -28.04 -9.65 -24.23
CA PRO C 863 -28.37 -11.03 -23.89
C PRO C 863 -28.16 -11.95 -25.09
N LEU C 864 -27.88 -13.22 -24.79
CA LEU C 864 -27.61 -14.19 -25.83
C LEU C 864 -28.86 -14.51 -26.63
N LEU C 865 -29.96 -14.82 -25.96
CA LEU C 865 -31.22 -15.04 -26.64
C LEU C 865 -31.90 -13.71 -26.91
N THR C 866 -32.30 -13.49 -28.15
CA THR C 866 -33.09 -12.33 -28.47
C THR C 866 -34.52 -12.51 -27.96
N ASP C 867 -35.29 -11.43 -27.98
CA ASP C 867 -36.67 -11.52 -27.55
C ASP C 867 -37.54 -12.24 -28.55
N GLU C 868 -37.16 -12.22 -29.82
CA GLU C 868 -37.83 -13.06 -30.80
C GLU C 868 -37.61 -14.53 -30.53
N MET C 869 -36.50 -14.90 -29.88
CA MET C 869 -36.27 -16.30 -29.56
C MET C 869 -37.02 -16.73 -28.31
N ILE C 870 -37.15 -15.84 -27.34
CA ILE C 870 -37.91 -16.15 -26.14
C ILE C 870 -39.40 -16.23 -26.47
N ALA C 871 -39.90 -15.38 -27.36
CA ALA C 871 -41.29 -15.54 -27.80
C ALA C 871 -41.51 -16.88 -28.47
N GLN C 872 -40.55 -17.36 -29.23
CA GLN C 872 -40.67 -18.63 -29.90
C GLN C 872 -40.57 -19.82 -28.95
N TYR C 873 -39.86 -19.69 -27.84
CA TYR C 873 -39.90 -20.73 -26.81
C TYR C 873 -41.25 -20.77 -26.12
N THR C 874 -41.77 -19.61 -25.69
CA THR C 874 -43.06 -19.63 -25.03
C THR C 874 -44.18 -20.03 -25.95
N SER C 875 -44.06 -19.85 -27.27
CA SER C 875 -45.12 -20.32 -28.14
C SER C 875 -45.13 -21.83 -28.31
N ALA C 876 -43.98 -22.48 -28.26
CA ALA C 876 -43.92 -23.93 -28.29
C ALA C 876 -44.35 -24.56 -26.98
N LEU C 877 -44.11 -23.91 -25.84
CA LEU C 877 -44.68 -24.41 -24.59
C LEU C 877 -46.20 -24.37 -24.59
N LEU C 878 -46.77 -23.29 -25.11
CA LEU C 878 -48.21 -23.14 -25.25
C LEU C 878 -48.81 -24.12 -26.21
N ALA C 879 -48.22 -24.31 -27.37
CA ALA C 879 -48.70 -25.30 -28.29
C ALA C 879 -48.58 -26.72 -27.76
N GLY C 880 -47.55 -27.02 -26.98
CA GLY C 880 -47.45 -28.30 -26.36
C GLY C 880 -48.52 -28.56 -25.32
N THR C 881 -48.90 -27.56 -24.55
CA THR C 881 -49.88 -27.83 -23.53
C THR C 881 -51.31 -27.87 -24.04
N ILE C 882 -51.59 -27.28 -25.19
CA ILE C 882 -52.96 -27.20 -25.70
C ILE C 882 -53.31 -28.42 -26.53
N THR C 883 -52.34 -29.07 -27.16
CA THR C 883 -52.64 -30.21 -28.00
C THR C 883 -52.35 -31.52 -27.30
N SER C 884 -51.51 -31.50 -26.28
CA SER C 884 -50.92 -32.69 -25.73
C SER C 884 -51.10 -32.86 -24.24
N GLY C 885 -51.73 -31.92 -23.56
CA GLY C 885 -51.89 -32.04 -22.14
C GLY C 885 -50.57 -31.94 -21.41
N TRP C 886 -50.30 -32.91 -20.55
CA TRP C 886 -49.10 -32.95 -19.74
C TRP C 886 -48.13 -34.04 -20.17
N THR C 887 -48.25 -34.53 -21.39
CA THR C 887 -47.44 -35.64 -21.84
C THR C 887 -46.14 -35.21 -22.49
N PHE C 888 -46.09 -34.03 -23.08
CA PHE C 888 -44.86 -33.57 -23.70
C PHE C 888 -43.79 -33.24 -22.67
N GLY C 889 -44.18 -33.07 -21.41
CA GLY C 889 -43.22 -32.80 -20.37
C GLY C 889 -42.73 -34.05 -19.66
N ALA C 890 -43.09 -35.23 -20.17
CA ALA C 890 -42.68 -36.47 -19.54
C ALA C 890 -42.23 -37.48 -20.59
N GLY C 891 -42.05 -37.01 -21.82
CA GLY C 891 -41.70 -37.87 -22.92
C GLY C 891 -42.10 -37.27 -24.24
N PRO C 892 -42.75 -38.07 -25.08
CA PRO C 892 -43.20 -37.61 -26.40
C PRO C 892 -44.62 -37.06 -26.31
N ALA C 893 -44.88 -35.99 -27.04
CA ALA C 893 -46.19 -35.37 -27.04
C ALA C 893 -47.22 -36.31 -27.65
N LEU C 894 -48.25 -36.65 -26.89
CA LEU C 894 -49.35 -37.48 -27.37
C LEU C 894 -50.60 -36.65 -27.45
N GLN C 895 -51.23 -36.61 -28.62
CA GLN C 895 -52.40 -35.77 -28.80
C GLN C 895 -53.60 -36.32 -28.06
N ILE C 896 -54.49 -35.43 -27.66
CA ILE C 896 -55.75 -35.74 -27.00
C ILE C 896 -56.66 -34.56 -27.30
N PRO C 897 -57.96 -34.73 -27.48
CA PRO C 897 -58.83 -33.56 -27.69
C PRO C 897 -58.94 -32.72 -26.42
N PHE C 898 -59.17 -31.42 -26.62
CA PHE C 898 -58.96 -30.49 -25.52
C PHE C 898 -60.05 -30.60 -24.45
N PRO C 899 -61.27 -30.90 -24.86
CA PRO C 899 -62.36 -31.09 -23.90
C PRO C 899 -62.03 -32.29 -23.01
N MET C 900 -61.46 -33.35 -23.61
CA MET C 900 -61.09 -34.54 -22.87
C MET C 900 -59.89 -34.30 -21.95
N GLN C 901 -59.02 -33.35 -22.28
CA GLN C 901 -57.95 -32.95 -21.38
C GLN C 901 -58.50 -32.16 -20.20
N MET C 902 -59.45 -31.29 -20.48
CA MET C 902 -60.15 -30.55 -19.44
C MET C 902 -60.90 -31.48 -18.49
N ALA C 903 -61.41 -32.59 -18.98
CA ALA C 903 -62.08 -33.53 -18.09
C ALA C 903 -61.11 -34.28 -17.19
N TYR C 904 -59.95 -34.70 -17.70
CA TYR C 904 -58.89 -35.23 -16.86
C TYR C 904 -58.53 -34.25 -15.77
N ARG C 905 -58.39 -32.99 -16.13
CA ARG C 905 -58.02 -32.00 -15.14
C ARG C 905 -59.11 -31.75 -14.11
N PHE C 906 -60.39 -31.81 -14.48
CA PHE C 906 -61.45 -31.79 -13.48
C PHE C 906 -61.38 -33.00 -12.54
N ASN C 907 -61.08 -34.18 -13.08
CA ASN C 907 -60.84 -35.32 -12.22
C ASN C 907 -59.72 -35.07 -11.22
N GLY C 908 -58.66 -34.39 -11.65
CA GLY C 908 -57.53 -34.14 -10.78
C GLY C 908 -57.80 -33.19 -9.63
N ILE C 909 -58.96 -32.56 -9.57
CA ILE C 909 -59.32 -31.75 -8.41
C ILE C 909 -60.50 -32.32 -7.66
N GLY C 910 -61.01 -33.48 -8.04
CA GLY C 910 -62.06 -34.12 -7.30
C GLY C 910 -63.47 -33.99 -7.82
N VAL C 911 -63.65 -33.55 -9.05
CA VAL C 911 -64.96 -33.42 -9.66
C VAL C 911 -65.08 -34.47 -10.75
N THR C 912 -66.23 -35.12 -10.84
CA THR C 912 -66.39 -36.10 -11.90
C THR C 912 -66.46 -35.41 -13.25
N GLN C 913 -66.19 -36.16 -14.30
CA GLN C 913 -66.00 -35.53 -15.59
C GLN C 913 -67.28 -35.29 -16.34
N ASN C 914 -68.36 -35.97 -15.98
CA ASN C 914 -69.66 -35.59 -16.47
C ASN C 914 -70.02 -34.15 -16.13
N VAL C 915 -69.51 -33.61 -15.02
CA VAL C 915 -69.75 -32.22 -14.68
C VAL C 915 -69.09 -31.29 -15.69
N LEU C 916 -68.00 -31.72 -16.32
CA LEU C 916 -67.44 -30.91 -17.39
C LEU C 916 -68.21 -31.10 -18.69
N TYR C 917 -68.48 -32.35 -19.06
CA TYR C 917 -69.13 -32.57 -20.35
C TYR C 917 -70.54 -32.03 -20.41
N GLU C 918 -71.24 -31.95 -19.29
CA GLU C 918 -72.59 -31.42 -19.28
C GLU C 918 -72.65 -29.91 -19.11
N ASN C 919 -71.51 -29.24 -19.04
CA ASN C 919 -71.43 -27.80 -18.86
C ASN C 919 -70.44 -27.16 -19.81
N GLN C 920 -69.92 -27.94 -20.75
CA GLN C 920 -68.85 -27.52 -21.64
C GLN C 920 -69.02 -26.09 -22.16
N LYS C 921 -70.22 -25.74 -22.64
CA LYS C 921 -70.40 -24.43 -23.24
C LYS C 921 -70.31 -23.31 -22.23
N LEU C 922 -70.88 -23.50 -21.04
CA LEU C 922 -70.76 -22.49 -20.00
C LEU C 922 -69.33 -22.35 -19.53
N ILE C 923 -68.63 -23.48 -19.36
CA ILE C 923 -67.26 -23.43 -18.90
C ILE C 923 -66.38 -22.71 -19.91
N ALA C 924 -66.62 -22.92 -21.20
CA ALA C 924 -65.83 -22.23 -22.21
C ALA C 924 -66.18 -20.75 -22.29
N ASN C 925 -67.46 -20.39 -22.19
CA ASN C 925 -67.83 -18.98 -22.07
C ASN C 925 -67.14 -18.30 -20.91
N GLN C 926 -67.07 -18.95 -19.76
CA GLN C 926 -66.45 -18.35 -18.59
C GLN C 926 -64.96 -18.18 -18.77
N PHE C 927 -64.29 -19.17 -19.35
CA PHE C 927 -62.87 -19.02 -19.64
C PHE C 927 -62.62 -17.88 -20.62
N ASN C 928 -63.48 -17.73 -21.62
CA ASN C 928 -63.26 -16.68 -22.61
C ASN C 928 -63.47 -15.29 -22.03
N SER C 929 -64.50 -15.11 -21.22
CA SER C 929 -64.66 -13.82 -20.55
C SER C 929 -63.51 -13.54 -19.59
N ALA C 930 -63.02 -14.55 -18.89
CA ALA C 930 -61.92 -14.33 -17.98
C ALA C 930 -60.64 -13.94 -18.71
N ILE C 931 -60.39 -14.51 -19.88
CA ILE C 931 -59.20 -14.12 -20.64
C ILE C 931 -59.38 -12.74 -21.25
N GLY C 932 -60.61 -12.40 -21.65
CA GLY C 932 -60.85 -11.07 -22.18
C GLY C 932 -60.79 -9.97 -21.15
N LYS C 933 -60.94 -10.31 -19.88
CA LYS C 933 -60.77 -9.35 -18.81
C LYS C 933 -59.33 -9.04 -18.47
N ILE C 934 -58.39 -9.90 -18.84
CA ILE C 934 -56.98 -9.68 -18.50
C ILE C 934 -56.37 -8.61 -19.38
N GLN C 935 -56.66 -8.67 -20.68
CA GLN C 935 -56.16 -7.68 -21.60
C GLN C 935 -56.79 -6.32 -21.38
N ASP C 936 -57.98 -6.30 -20.79
CA ASP C 936 -58.60 -5.02 -20.45
C ASP C 936 -57.88 -4.36 -19.29
N SER C 937 -57.53 -5.14 -18.28
CA SER C 937 -56.74 -4.61 -17.19
C SER C 937 -55.31 -4.29 -17.61
N LEU C 938 -54.82 -4.92 -18.67
CA LEU C 938 -53.46 -4.61 -19.12
C LEU C 938 -53.39 -3.41 -20.04
N SER C 939 -54.35 -3.24 -20.95
CA SER C 939 -54.35 -2.07 -21.80
C SER C 939 -55.28 -0.99 -21.24
N ALA C 944 -49.25 -2.82 -12.18
CA ALA C 944 -49.19 -4.11 -12.86
C ALA C 944 -47.78 -4.67 -12.91
N LEU C 945 -46.95 -4.06 -13.75
CA LEU C 945 -45.60 -4.54 -14.01
C LEU C 945 -44.55 -3.83 -13.16
N GLY C 946 -44.91 -3.39 -11.96
CA GLY C 946 -43.96 -2.73 -11.08
C GLY C 946 -42.88 -3.63 -10.56
N LYS C 947 -43.07 -4.93 -10.48
CA LYS C 947 -41.98 -5.77 -10.03
C LYS C 947 -40.81 -5.58 -11.00
N LEU C 948 -41.09 -5.85 -12.28
CA LEU C 948 -40.11 -5.70 -13.34
C LEU C 948 -39.57 -4.28 -13.40
N GLN C 949 -40.46 -3.31 -13.24
CA GLN C 949 -40.07 -1.91 -13.27
C GLN C 949 -39.12 -1.61 -12.12
N ASP C 950 -39.47 -2.05 -10.93
CA ASP C 950 -38.63 -1.83 -9.77
C ASP C 950 -37.25 -2.39 -10.08
N VAL C 951 -37.21 -3.57 -10.68
CA VAL C 951 -35.93 -4.19 -11.02
C VAL C 951 -35.13 -3.29 -11.96
N VAL C 952 -35.73 -2.94 -13.09
CA VAL C 952 -35.06 -2.08 -14.08
C VAL C 952 -34.65 -0.72 -13.53
N ASN C 953 -35.27 -0.29 -12.43
CA ASN C 953 -34.96 1.00 -11.84
C ASN C 953 -33.83 0.93 -10.83
N GLN C 954 -33.77 -0.15 -10.05
CA GLN C 954 -32.73 -0.29 -9.05
C GLN C 954 -31.32 -0.32 -9.65
N ASN C 955 -31.21 -0.72 -10.90
CA ASN C 955 -29.94 -0.80 -11.59
C ASN C 955 -29.54 0.54 -12.20
N ALA C 956 -30.48 1.27 -12.79
CA ALA C 956 -30.14 2.59 -13.30
C ALA C 956 -29.72 3.54 -12.18
N GLN C 957 -30.37 3.43 -11.02
CA GLN C 957 -30.03 4.28 -9.90
C GLN C 957 -28.65 3.96 -9.33
N ALA C 958 -28.18 2.73 -9.49
CA ALA C 958 -26.82 2.44 -9.07
C ALA C 958 -25.78 2.93 -10.08
N LEU C 959 -26.03 2.74 -11.38
CA LEU C 959 -25.09 3.23 -12.36
C LEU C 959 -24.98 4.74 -12.35
N ASN C 960 -26.06 5.44 -12.06
CA ASN C 960 -26.00 6.89 -12.00
C ASN C 960 -25.11 7.37 -10.85
N THR C 961 -25.20 6.73 -9.70
CA THR C 961 -24.35 7.09 -8.58
C THR C 961 -22.89 6.81 -8.89
N LEU C 962 -22.61 5.70 -9.55
CA LEU C 962 -21.23 5.41 -9.92
C LEU C 962 -20.69 6.46 -10.87
N VAL C 963 -21.46 6.85 -11.88
CA VAL C 963 -21.04 7.92 -12.78
C VAL C 963 -20.81 9.22 -12.02
N LYS C 964 -21.71 9.58 -11.13
CA LYS C 964 -21.64 10.89 -10.51
C LYS C 964 -20.54 11.01 -9.46
N GLN C 965 -20.07 9.90 -8.91
CA GLN C 965 -18.95 10.00 -7.99
C GLN C 965 -17.65 10.36 -8.68
N LEU C 966 -17.63 10.50 -9.99
CA LEU C 966 -16.43 10.91 -10.70
C LEU C 966 -16.20 12.41 -10.68
N SER C 967 -16.93 13.14 -9.83
CA SER C 967 -16.79 14.57 -9.77
C SER C 967 -16.63 15.05 -8.34
N SER C 968 -16.20 14.17 -7.46
CA SER C 968 -15.80 14.51 -6.10
C SER C 968 -14.29 14.62 -6.04
N ASN C 969 -13.81 15.53 -5.20
CA ASN C 969 -12.38 15.73 -5.01
C ASN C 969 -11.76 14.72 -4.07
N PHE C 970 -12.54 14.19 -3.14
CA PHE C 970 -12.03 13.32 -2.08
C PHE C 970 -10.87 13.97 -1.35
N GLY C 971 -10.89 15.30 -1.28
CA GLY C 971 -9.84 16.02 -0.60
C GLY C 971 -8.64 16.39 -1.43
N ALA C 972 -8.79 16.49 -2.74
CA ALA C 972 -7.73 16.92 -3.63
C ALA C 972 -8.06 18.34 -4.09
N ILE C 973 -7.21 18.89 -4.95
CA ILE C 973 -7.40 20.25 -5.42
C ILE C 973 -8.41 20.32 -6.56
N SER C 974 -8.45 19.34 -7.44
CA SER C 974 -9.37 19.33 -8.55
C SER C 974 -10.02 17.96 -8.59
N SER C 975 -11.16 17.90 -9.26
CA SER C 975 -11.82 16.64 -9.53
C SER C 975 -11.39 16.02 -10.83
N VAL C 976 -10.83 16.80 -11.74
CA VAL C 976 -10.37 16.32 -13.04
C VAL C 976 -8.87 16.11 -12.97
N LEU C 977 -8.42 14.95 -13.43
CA LEU C 977 -7.03 14.56 -13.35
C LEU C 977 -6.12 15.38 -14.25
N ASN C 978 -6.62 15.84 -15.39
CA ASN C 978 -5.82 16.64 -16.30
C ASN C 978 -5.48 18.01 -15.73
N ASP C 979 -6.31 18.55 -14.84
CA ASP C 979 -6.00 19.82 -14.22
C ASP C 979 -5.08 19.68 -13.02
N ILE C 980 -4.83 18.45 -12.58
CA ILE C 980 -3.74 18.23 -11.65
C ILE C 980 -2.46 17.98 -12.43
N LEU C 981 -2.56 17.26 -13.53
CA LEU C 981 -1.39 16.99 -14.36
C LEU C 981 -0.86 18.23 -15.06
N SER C 982 -1.73 19.17 -15.43
CA SER C 982 -1.29 20.29 -16.23
C SER C 982 -0.57 21.34 -15.39
N ARG C 983 -1.02 21.59 -14.17
CA ARG C 983 -0.44 22.63 -13.36
C ARG C 983 0.23 22.09 -12.10
N LEU C 984 0.82 20.90 -12.20
CA LEU C 984 1.64 20.36 -11.13
C LEU C 984 2.68 19.45 -11.73
N ASP C 985 3.78 19.26 -11.02
CA ASP C 985 4.88 18.43 -11.45
C ASP C 985 4.90 17.13 -10.66
N PRO C 986 5.53 16.07 -11.20
CA PRO C 986 5.27 14.70 -10.72
C PRO C 986 5.28 14.54 -9.21
N PRO C 987 6.27 15.12 -8.48
CA PRO C 987 6.30 14.88 -7.03
C PRO C 987 5.05 15.31 -6.28
N GLU C 988 4.43 16.42 -6.70
CA GLU C 988 3.22 16.88 -6.03
C GLU C 988 1.95 16.55 -6.79
N ALA C 989 2.06 16.19 -8.06
CA ALA C 989 0.92 15.60 -8.74
C ALA C 989 0.55 14.27 -8.11
N GLU C 990 1.55 13.53 -7.64
CA GLU C 990 1.34 12.19 -7.13
C GLU C 990 0.50 12.18 -5.87
N VAL C 991 0.75 13.09 -4.95
CA VAL C 991 0.00 13.14 -3.69
C VAL C 991 -1.46 13.47 -3.91
N GLN C 992 -1.78 14.32 -4.87
CA GLN C 992 -3.15 14.61 -5.24
C GLN C 992 -3.81 13.50 -6.05
N ILE C 993 -3.04 12.80 -6.89
CA ILE C 993 -3.60 11.72 -7.67
C ILE C 993 -3.96 10.54 -6.78
N ASP C 994 -3.20 10.35 -5.70
CA ASP C 994 -3.48 9.21 -4.84
C ASP C 994 -4.81 9.32 -4.10
N ARG C 995 -5.24 10.53 -3.74
CA ARG C 995 -6.55 10.67 -3.09
C ARG C 995 -7.69 10.38 -4.06
N LEU C 996 -7.54 10.79 -5.32
CA LEU C 996 -8.53 10.44 -6.32
C LEU C 996 -8.59 8.94 -6.56
N ILE C 997 -7.42 8.29 -6.61
CA ILE C 997 -7.41 6.84 -6.77
C ILE C 997 -8.09 6.17 -5.60
N THR C 998 -7.77 6.58 -4.39
CA THR C 998 -8.41 6.02 -3.21
C THR C 998 -9.93 6.18 -3.22
N GLY C 999 -10.44 7.37 -3.54
CA GLY C 999 -11.88 7.55 -3.55
C GLY C 999 -12.60 6.77 -4.63
N ARG C 1000 -12.04 6.76 -5.84
CA ARG C 1000 -12.70 6.09 -6.94
C ARG C 1000 -12.67 4.57 -6.80
N LEU C 1001 -11.58 4.01 -6.25
CA LEU C 1001 -11.56 2.60 -5.96
C LEU C 1001 -12.68 2.18 -5.01
N GLN C 1002 -12.88 2.93 -3.95
CA GLN C 1002 -13.95 2.64 -3.00
C GLN C 1002 -15.32 2.77 -3.62
N SER C 1003 -15.55 3.79 -4.43
CA SER C 1003 -16.79 3.87 -5.19
C SER C 1003 -17.06 2.60 -5.99
N LEU C 1004 -16.08 2.16 -6.76
CA LEU C 1004 -16.23 0.99 -7.61
C LEU C 1004 -16.49 -0.28 -6.81
N GLN C 1005 -15.81 -0.44 -5.68
CA GLN C 1005 -16.02 -1.60 -4.85
C GLN C 1005 -17.42 -1.63 -4.25
N THR C 1006 -17.95 -0.48 -3.83
CA THR C 1006 -19.32 -0.46 -3.34
C THR C 1006 -20.31 -0.86 -4.44
N TYR C 1007 -20.09 -0.37 -5.66
CA TYR C 1007 -20.97 -0.76 -6.76
C TYR C 1007 -20.93 -2.27 -6.99
N VAL C 1008 -19.74 -2.86 -7.00
CA VAL C 1008 -19.66 -4.29 -7.30
C VAL C 1008 -20.25 -5.15 -6.18
N THR C 1009 -20.06 -4.77 -4.91
CA THR C 1009 -20.66 -5.55 -3.84
C THR C 1009 -22.17 -5.49 -3.89
N GLN C 1010 -22.73 -4.32 -4.17
CA GLN C 1010 -24.17 -4.26 -4.22
C GLN C 1010 -24.76 -4.90 -5.46
N GLN C 1011 -24.00 -5.03 -6.53
CA GLN C 1011 -24.46 -5.86 -7.64
C GLN C 1011 -24.43 -7.34 -7.32
N LEU C 1012 -23.44 -7.79 -6.56
CA LEU C 1012 -23.39 -9.20 -6.20
C LEU C 1012 -24.53 -9.58 -5.27
N ILE C 1013 -24.97 -8.66 -4.41
CA ILE C 1013 -26.05 -8.99 -3.50
C ILE C 1013 -27.39 -9.02 -4.24
N ARG C 1014 -27.52 -8.22 -5.28
CA ARG C 1014 -28.75 -8.12 -6.07
C ARG C 1014 -28.88 -9.24 -7.11
N ALA C 1015 -27.77 -9.69 -7.68
CA ALA C 1015 -27.81 -10.83 -8.56
C ALA C 1015 -28.24 -12.11 -7.84
N ALA C 1016 -27.92 -12.26 -6.57
CA ALA C 1016 -28.34 -13.40 -5.80
C ALA C 1016 -29.83 -13.39 -5.50
N GLU C 1017 -30.44 -12.23 -5.48
CA GLU C 1017 -31.87 -12.12 -5.34
C GLU C 1017 -32.59 -12.40 -6.64
N ILE C 1018 -31.98 -12.00 -7.75
CA ILE C 1018 -32.54 -12.33 -9.06
C ILE C 1018 -32.46 -13.82 -9.34
N ARG C 1019 -31.41 -14.49 -8.85
CA ARG C 1019 -31.29 -15.92 -9.06
C ARG C 1019 -32.35 -16.72 -8.31
N ALA C 1020 -32.70 -16.31 -7.10
CA ALA C 1020 -33.76 -16.99 -6.38
C ALA C 1020 -35.10 -16.85 -7.11
N SER C 1021 -35.39 -15.69 -7.65
CA SER C 1021 -36.58 -15.46 -8.46
C SER C 1021 -36.61 -16.31 -9.71
N ALA C 1022 -35.51 -16.40 -10.43
CA ALA C 1022 -35.45 -17.24 -11.61
C ALA C 1022 -35.52 -18.72 -11.31
N ASN C 1023 -35.01 -19.17 -10.16
CA ASN C 1023 -35.23 -20.55 -9.77
C ASN C 1023 -36.68 -20.84 -9.44
N LEU C 1024 -37.33 -19.91 -8.74
CA LEU C 1024 -38.76 -20.08 -8.49
C LEU C 1024 -39.57 -20.08 -9.78
N ALA C 1025 -39.19 -19.26 -10.76
CA ALA C 1025 -39.93 -19.24 -12.02
C ALA C 1025 -39.70 -20.51 -12.84
N ALA C 1026 -38.48 -21.05 -12.81
CA ALA C 1026 -38.26 -22.37 -13.39
C ALA C 1026 -39.11 -23.44 -12.73
N THR C 1027 -39.23 -23.41 -11.41
CA THR C 1027 -40.04 -24.43 -10.73
C THR C 1027 -41.52 -24.30 -11.04
N LYS C 1028 -42.03 -23.07 -11.17
CA LYS C 1028 -43.40 -22.87 -11.61
C LYS C 1028 -43.63 -23.26 -13.05
N MET C 1029 -42.67 -23.04 -13.93
CA MET C 1029 -42.81 -23.52 -15.29
C MET C 1029 -42.92 -25.03 -15.36
N SER C 1030 -42.14 -25.75 -14.55
CA SER C 1030 -42.23 -27.20 -14.56
C SER C 1030 -43.49 -27.72 -13.91
N GLU C 1031 -43.93 -27.09 -12.83
CA GLU C 1031 -44.98 -27.65 -12.02
C GLU C 1031 -46.37 -27.09 -12.31
N CYS C 1032 -46.42 -25.94 -12.99
CA CYS C 1032 -47.70 -25.31 -13.31
C CYS C 1032 -48.06 -25.31 -14.79
N VAL C 1033 -47.06 -25.35 -15.67
CA VAL C 1033 -47.33 -25.34 -17.10
C VAL C 1033 -47.17 -26.74 -17.68
N LEU C 1034 -46.22 -27.51 -17.19
CA LEU C 1034 -46.02 -28.87 -17.69
C LEU C 1034 -46.69 -29.91 -16.81
N GLY C 1035 -47.51 -29.49 -15.86
CA GLY C 1035 -48.29 -30.42 -15.08
C GLY C 1035 -49.44 -29.73 -14.40
N GLN C 1036 -50.15 -30.49 -13.58
CA GLN C 1036 -51.18 -29.96 -12.70
C GLN C 1036 -50.72 -30.12 -11.26
N SER C 1037 -50.75 -29.05 -10.49
CA SER C 1037 -50.20 -29.06 -9.15
C SER C 1037 -51.30 -29.23 -8.11
N LYS C 1038 -50.93 -29.85 -7.00
CA LYS C 1038 -51.79 -29.95 -5.83
C LYS C 1038 -51.33 -29.07 -4.67
N ARG C 1039 -50.17 -28.44 -4.78
CA ARG C 1039 -49.70 -27.53 -3.75
C ARG C 1039 -50.60 -26.31 -3.66
N VAL C 1040 -51.14 -26.06 -2.48
CA VAL C 1040 -52.12 -24.98 -2.31
C VAL C 1040 -51.43 -23.63 -2.51
N ASP C 1041 -52.05 -22.79 -3.34
CA ASP C 1041 -51.56 -21.44 -3.61
C ASP C 1041 -50.31 -21.34 -4.47
N PHE C 1042 -49.75 -22.47 -4.89
CA PHE C 1042 -48.54 -22.43 -5.71
C PHE C 1042 -48.82 -21.90 -7.11
N CYS C 1043 -49.98 -22.25 -7.65
CA CYS C 1043 -50.34 -21.82 -9.00
C CYS C 1043 -51.66 -21.06 -9.01
N GLY C 1044 -51.75 -19.99 -8.22
CA GLY C 1044 -52.96 -19.18 -8.16
C GLY C 1044 -53.88 -19.56 -7.01
N LYS C 1045 -54.92 -18.77 -6.78
CA LYS C 1045 -55.88 -19.02 -5.72
C LYS C 1045 -57.06 -19.84 -6.21
N GLY C 1046 -57.23 -21.04 -5.66
CA GLY C 1046 -58.29 -21.94 -6.05
C GLY C 1046 -57.67 -23.25 -6.48
N TYR C 1047 -58.47 -24.18 -6.97
CA TYR C 1047 -57.95 -25.47 -7.42
C TYR C 1047 -57.35 -25.34 -8.81
N HIS C 1048 -56.03 -25.48 -8.90
CA HIS C 1048 -55.32 -25.30 -10.16
C HIS C 1048 -55.88 -26.22 -11.25
N LEU C 1049 -56.19 -25.65 -12.40
CA LEU C 1049 -56.48 -26.43 -13.58
C LEU C 1049 -55.33 -26.38 -14.58
N MET C 1050 -54.92 -25.20 -15.03
CA MET C 1050 -53.78 -25.16 -15.94
C MET C 1050 -53.15 -23.77 -15.91
N SER C 1051 -52.01 -23.64 -16.57
CA SER C 1051 -51.26 -22.39 -16.62
C SER C 1051 -50.68 -22.21 -18.00
N PHE C 1052 -50.54 -20.95 -18.42
CA PHE C 1052 -49.95 -20.58 -19.70
C PHE C 1052 -48.85 -19.53 -19.46
N PRO C 1053 -47.68 -19.70 -20.06
CA PRO C 1053 -46.62 -18.69 -19.96
C PRO C 1053 -46.66 -17.62 -21.03
N GLN C 1054 -46.17 -16.43 -20.67
CA GLN C 1054 -46.01 -15.31 -21.58
C GLN C 1054 -44.70 -14.64 -21.26
N SER C 1055 -44.03 -14.13 -22.28
CA SER C 1055 -42.75 -13.48 -22.04
C SER C 1055 -42.94 -12.00 -21.78
N ALA C 1056 -42.08 -11.46 -20.93
CA ALA C 1056 -42.08 -10.06 -20.56
C ALA C 1056 -40.67 -9.53 -20.77
N PRO C 1057 -40.46 -8.22 -20.68
CA PRO C 1057 -39.12 -7.66 -20.96
C PRO C 1057 -37.94 -8.27 -20.22
N HIS C 1058 -38.02 -8.53 -18.92
CA HIS C 1058 -36.93 -9.26 -18.26
C HIS C 1058 -37.51 -10.31 -17.33
N GLY C 1059 -38.62 -10.90 -17.70
CA GLY C 1059 -39.35 -11.74 -16.80
C GLY C 1059 -40.32 -12.62 -17.51
N VAL C 1060 -41.30 -13.08 -16.76
CA VAL C 1060 -42.28 -14.01 -17.30
C VAL C 1060 -43.59 -13.75 -16.57
N VAL C 1061 -44.70 -13.87 -17.30
CA VAL C 1061 -46.04 -13.76 -16.75
C VAL C 1061 -46.73 -15.11 -16.89
N PHE C 1062 -47.20 -15.67 -15.79
CA PHE C 1062 -48.00 -16.88 -15.80
C PHE C 1062 -49.47 -16.50 -15.70
N LEU C 1063 -50.27 -17.07 -16.58
CA LEU C 1063 -51.73 -17.00 -16.53
C LEU C 1063 -52.24 -18.31 -15.94
N HIS C 1064 -52.77 -18.24 -14.74
CA HIS C 1064 -53.25 -19.41 -14.00
C HIS C 1064 -54.76 -19.52 -14.15
N VAL C 1065 -55.23 -20.68 -14.61
CA VAL C 1065 -56.64 -21.03 -14.68
C VAL C 1065 -56.97 -21.95 -13.52
N THR C 1066 -57.90 -21.52 -12.67
CA THR C 1066 -58.32 -22.24 -11.49
C THR C 1066 -59.84 -22.38 -11.47
N TYR C 1067 -60.28 -23.32 -10.65
CA TYR C 1067 -61.68 -23.62 -10.42
C TYR C 1067 -62.06 -23.06 -9.05
N VAL C 1068 -63.14 -22.30 -8.99
CA VAL C 1068 -63.56 -21.68 -7.73
C VAL C 1068 -65.02 -22.07 -7.47
N PRO C 1069 -65.32 -22.82 -6.42
CA PRO C 1069 -66.71 -23.21 -6.18
C PRO C 1069 -67.59 -22.06 -5.72
N ALA C 1070 -68.88 -22.15 -6.04
CA ALA C 1070 -69.80 -21.02 -5.91
C ALA C 1070 -71.20 -21.48 -5.53
N GLN C 1071 -71.93 -20.60 -4.87
CA GLN C 1071 -73.36 -20.74 -4.55
C GLN C 1071 -73.64 -21.98 -3.70
N GLU C 1072 -73.09 -21.94 -2.49
CA GLU C 1072 -73.20 -23.05 -1.56
C GLU C 1072 -74.58 -23.08 -0.90
N LYS C 1073 -75.05 -24.28 -0.61
CA LYS C 1073 -76.28 -24.48 0.13
C LYS C 1073 -76.02 -25.26 1.40
N ASN C 1074 -76.95 -25.14 2.34
CA ASN C 1074 -76.96 -25.80 3.64
C ASN C 1074 -77.62 -27.17 3.56
N PHE C 1075 -77.08 -28.13 4.30
CA PHE C 1075 -77.65 -29.46 4.41
C PHE C 1075 -77.35 -30.03 5.77
N THR C 1076 -78.04 -31.10 6.11
CA THR C 1076 -77.80 -31.92 7.29
C THR C 1076 -76.94 -33.12 6.90
N THR C 1077 -75.96 -33.46 7.73
CA THR C 1077 -75.05 -34.55 7.46
C THR C 1077 -75.14 -35.62 8.53
N ALA C 1078 -74.56 -36.78 8.22
CA ALA C 1078 -74.38 -37.88 9.14
C ALA C 1078 -73.11 -38.62 8.75
N PRO C 1079 -72.36 -39.12 9.73
CA PRO C 1079 -71.17 -39.92 9.41
C PRO C 1079 -71.48 -41.22 8.72
N ALA C 1080 -72.52 -41.93 9.15
CA ALA C 1080 -72.81 -43.26 8.64
C ALA C 1080 -74.31 -43.45 8.63
N ILE C 1081 -74.76 -44.45 7.88
CA ILE C 1081 -76.16 -44.85 7.86
C ILE C 1081 -76.26 -46.17 8.61
N CYS C 1082 -77.37 -46.39 9.30
CA CYS C 1082 -77.61 -47.69 9.92
C CYS C 1082 -78.75 -48.40 9.20
N HIS C 1083 -78.48 -49.62 8.78
CA HIS C 1083 -79.48 -50.42 8.09
C HIS C 1083 -79.22 -51.89 8.37
N ASP C 1084 -80.25 -52.59 8.84
CA ASP C 1084 -80.14 -54.01 9.19
C ASP C 1084 -79.08 -54.27 10.24
N GLY C 1085 -78.96 -53.36 11.20
CA GLY C 1085 -77.90 -53.50 12.19
C GLY C 1085 -76.51 -53.39 11.64
N LYS C 1086 -76.31 -52.67 10.55
CA LYS C 1086 -75.00 -52.49 9.94
C LYS C 1086 -74.74 -51.02 9.72
N ALA C 1087 -73.46 -50.63 9.80
CA ALA C 1087 -73.04 -49.27 9.56
C ALA C 1087 -72.52 -49.13 8.14
N HIS C 1088 -73.02 -48.14 7.41
CA HIS C 1088 -72.68 -47.93 6.02
C HIS C 1088 -71.98 -46.59 5.89
N PHE C 1089 -70.89 -46.58 5.16
CA PHE C 1089 -70.09 -45.41 4.90
C PHE C 1089 -70.04 -45.13 3.42
N PRO C 1090 -69.96 -43.87 3.01
CA PRO C 1090 -69.88 -43.58 1.58
C PRO C 1090 -68.53 -43.94 1.00
N ARG C 1091 -68.56 -44.42 -0.24
CA ARG C 1091 -67.31 -44.74 -0.93
C ARG C 1091 -66.52 -43.49 -1.27
N GLU C 1092 -67.19 -42.49 -1.87
CA GLU C 1092 -66.55 -41.22 -2.16
C GLU C 1092 -67.64 -40.15 -2.16
N GLY C 1093 -67.82 -39.48 -1.05
CA GLY C 1093 -68.83 -38.46 -0.97
C GLY C 1093 -69.27 -38.26 0.46
N VAL C 1094 -70.43 -37.65 0.59
CA VAL C 1094 -71.04 -37.40 1.88
C VAL C 1094 -72.52 -37.72 1.80
N PHE C 1095 -73.07 -38.16 2.91
CA PHE C 1095 -74.50 -38.30 3.10
C PHE C 1095 -75.08 -36.94 3.44
N VAL C 1096 -76.10 -36.51 2.70
CA VAL C 1096 -76.74 -35.23 2.94
C VAL C 1096 -78.25 -35.42 2.96
N SER C 1097 -78.93 -34.54 3.69
CA SER C 1097 -80.37 -34.57 3.75
C SER C 1097 -80.93 -33.24 3.29
N ASN C 1098 -81.96 -33.27 2.45
CA ASN C 1098 -82.64 -32.04 2.06
C ASN C 1098 -83.73 -31.64 3.04
N GLY C 1099 -83.80 -32.30 4.19
CA GLY C 1099 -84.89 -32.13 5.13
C GLY C 1099 -85.73 -33.37 5.34
N THR C 1100 -85.93 -34.19 4.32
CA THR C 1100 -86.78 -35.37 4.45
C THR C 1100 -86.15 -36.62 3.87
N HIS C 1101 -85.18 -36.46 2.96
CA HIS C 1101 -84.62 -37.57 2.23
C HIS C 1101 -83.09 -37.52 2.31
N TRP C 1102 -82.47 -38.70 2.28
CA TRP C 1102 -81.03 -38.84 2.38
C TRP C 1102 -80.44 -39.24 1.04
N PHE C 1103 -79.32 -38.59 0.67
CA PHE C 1103 -78.64 -38.81 -0.58
C PHE C 1103 -77.15 -38.94 -0.31
N VAL C 1104 -76.41 -39.40 -1.31
CA VAL C 1104 -74.95 -39.28 -1.35
C VAL C 1104 -74.63 -38.27 -2.42
N THR C 1105 -73.63 -37.44 -2.17
CA THR C 1105 -73.16 -36.49 -3.15
C THR C 1105 -71.64 -36.45 -3.11
N GLN C 1106 -71.04 -36.06 -4.22
CA GLN C 1106 -69.63 -35.74 -4.21
C GLN C 1106 -69.40 -34.41 -3.52
N ARG C 1107 -68.22 -34.26 -2.94
CA ARG C 1107 -68.03 -33.23 -1.93
C ARG C 1107 -67.86 -31.83 -2.48
N ASN C 1108 -67.59 -31.65 -3.77
CA ASN C 1108 -67.30 -30.34 -4.31
C ASN C 1108 -68.39 -29.82 -5.23
N PHE C 1109 -69.32 -30.65 -5.62
CA PHE C 1109 -70.40 -30.25 -6.52
C PHE C 1109 -71.64 -30.96 -6.02
N TYR C 1110 -72.75 -30.27 -5.92
CA TYR C 1110 -73.96 -30.90 -5.41
C TYR C 1110 -74.63 -31.67 -6.53
N GLU C 1111 -74.73 -32.98 -6.35
CA GLU C 1111 -75.30 -33.86 -7.35
C GLU C 1111 -75.85 -35.09 -6.64
N PRO C 1112 -77.05 -34.98 -6.07
CA PRO C 1112 -77.52 -36.01 -5.14
C PRO C 1112 -77.98 -37.29 -5.81
N GLN C 1113 -77.65 -38.42 -5.19
CA GLN C 1113 -78.02 -39.73 -5.70
C GLN C 1113 -78.54 -40.60 -4.58
N ILE C 1114 -79.21 -41.68 -4.96
CA ILE C 1114 -79.76 -42.62 -4.00
C ILE C 1114 -78.64 -43.38 -3.30
N ILE C 1115 -78.85 -43.71 -2.03
CA ILE C 1115 -77.92 -44.52 -1.27
C ILE C 1115 -78.18 -45.97 -1.57
N THR C 1116 -77.24 -46.63 -2.25
CA THR C 1116 -77.36 -48.03 -2.59
C THR C 1116 -76.14 -48.79 -2.07
N THR C 1117 -76.12 -50.09 -2.30
CA THR C 1117 -74.99 -50.91 -1.91
C THR C 1117 -73.83 -50.80 -2.88
N ASP C 1118 -73.92 -49.93 -3.89
CA ASP C 1118 -72.87 -49.72 -4.85
C ASP C 1118 -72.08 -48.44 -4.60
N ASN C 1119 -72.61 -47.51 -3.82
CA ASN C 1119 -71.84 -46.32 -3.48
C ASN C 1119 -71.49 -46.27 -1.99
N THR C 1120 -71.73 -47.34 -1.24
CA THR C 1120 -71.39 -47.41 0.16
C THR C 1120 -70.57 -48.66 0.40
N PHE C 1121 -70.00 -48.77 1.59
CA PHE C 1121 -69.43 -50.02 2.11
C PHE C 1121 -69.82 -50.18 3.56
N VAL C 1122 -69.69 -51.40 4.07
CA VAL C 1122 -70.14 -51.75 5.40
C VAL C 1122 -68.95 -51.97 6.31
N SER C 1123 -69.07 -51.56 7.57
CA SER C 1123 -68.07 -51.90 8.57
C SER C 1123 -68.71 -51.80 9.96
N GLY C 1124 -69.07 -52.94 10.53
CA GLY C 1124 -69.44 -53.02 11.93
C GLY C 1124 -70.93 -52.93 12.19
N ASN C 1125 -71.25 -52.61 13.44
CA ASN C 1125 -72.59 -52.35 13.92
C ASN C 1125 -72.85 -50.85 13.97
N CYS C 1126 -74.13 -50.50 14.08
CA CYS C 1126 -74.49 -49.09 14.26
C CYS C 1126 -74.67 -48.78 15.74
N ASP C 1127 -73.63 -49.06 16.51
CA ASP C 1127 -73.68 -48.75 17.94
C ASP C 1127 -72.35 -48.25 18.48
N VAL C 1128 -71.41 -47.93 17.60
CA VAL C 1128 -70.08 -47.53 18.03
C VAL C 1128 -69.74 -46.13 17.51
N VAL C 1129 -70.30 -45.77 16.37
CA VAL C 1129 -69.98 -44.50 15.75
C VAL C 1129 -70.95 -43.44 16.25
N ILE C 1130 -70.44 -42.25 16.50
CA ILE C 1130 -71.18 -41.17 17.14
C ILE C 1130 -71.90 -40.36 16.06
N GLY C 1131 -73.19 -40.54 15.93
CA GLY C 1131 -73.97 -39.79 14.98
C GLY C 1131 -74.61 -40.57 13.85
N ILE C 1132 -74.65 -41.91 13.92
CA ILE C 1132 -75.36 -42.72 12.94
C ILE C 1132 -76.81 -42.27 12.86
N VAL C 1133 -77.37 -42.28 11.66
CA VAL C 1133 -78.81 -42.10 11.48
C VAL C 1133 -79.37 -43.33 10.79
N ASN C 1134 -80.66 -43.55 11.00
CA ASN C 1134 -81.36 -44.69 10.43
C ASN C 1134 -81.99 -44.38 9.08
N ASN C 1135 -81.65 -45.17 8.08
CA ASN C 1135 -82.20 -45.00 6.75
C ASN C 1135 -81.99 -46.30 6.00
N THR C 1136 -82.54 -46.39 4.81
CA THR C 1136 -82.52 -47.63 4.06
C THR C 1136 -81.50 -47.56 2.94
N VAL C 1137 -80.78 -48.66 2.74
CA VAL C 1137 -79.78 -48.77 1.70
C VAL C 1137 -80.34 -49.71 0.65
N TYR C 1138 -80.63 -49.17 -0.52
CA TYR C 1138 -81.36 -49.90 -1.53
C TYR C 1138 -80.42 -50.85 -2.26
N ASP C 1139 -80.80 -52.11 -2.37
CA ASP C 1139 -80.04 -53.10 -3.11
C ASP C 1139 -80.68 -53.29 -4.49
N PRO C 1140 -79.95 -53.07 -5.58
CA PRO C 1140 -80.55 -53.18 -6.91
C PRO C 1140 -80.89 -54.60 -7.34
N LEU C 1141 -80.06 -55.54 -6.90
CA LEU C 1141 -80.20 -56.92 -7.34
C LEU C 1141 -81.55 -57.51 -7.00
N GLN C 1142 -82.12 -57.14 -5.87
CA GLN C 1142 -83.34 -57.81 -5.44
C GLN C 1142 -84.50 -57.46 -6.38
N PRO C 1143 -84.81 -56.19 -6.62
CA PRO C 1143 -85.81 -55.90 -7.65
C PRO C 1143 -85.35 -56.30 -9.05
N GLU C 1144 -84.05 -56.57 -9.24
CA GLU C 1144 -83.63 -57.14 -10.52
C GLU C 1144 -84.18 -58.54 -10.71
N LEU C 1145 -83.79 -59.46 -9.83
CA LEU C 1145 -84.22 -60.85 -9.95
C LEU C 1145 -85.57 -61.11 -9.32
N ASP C 1146 -86.17 -60.12 -8.67
CA ASP C 1146 -87.44 -60.27 -7.98
C ASP C 1146 -87.35 -61.37 -6.91
N VAL D 2 77.09 -9.18 29.16
CA VAL D 2 75.65 -9.40 29.18
C VAL D 2 75.12 -9.28 30.59
N GLN D 3 75.73 -8.41 31.38
CA GLN D 3 75.41 -8.31 32.79
C GLN D 3 74.98 -6.89 33.14
N LEU D 4 74.18 -6.81 34.20
CA LEU D 4 73.60 -5.57 34.69
C LEU D 4 73.84 -5.49 36.19
N VAL D 5 74.53 -4.44 36.64
CA VAL D 5 74.71 -4.20 38.06
C VAL D 5 74.14 -2.84 38.39
N GLU D 6 73.78 -2.66 39.66
CA GLU D 6 73.27 -1.38 40.12
C GLU D 6 74.02 -0.98 41.39
N SER D 7 73.80 0.27 41.78
CA SER D 7 74.36 0.82 43.01
C SER D 7 73.60 2.09 43.35
N GLY D 8 73.72 2.51 44.60
CA GLY D 8 73.24 3.80 45.03
C GLY D 8 72.16 3.78 46.09
N GLY D 9 71.69 2.62 46.56
CA GLY D 9 70.62 2.57 47.52
C GLY D 9 71.08 2.94 48.91
N GLY D 10 70.15 2.79 49.85
CA GLY D 10 70.44 3.13 51.22
C GLY D 10 69.20 3.68 51.88
N VAL D 11 69.41 4.41 52.97
CA VAL D 11 68.34 4.92 53.81
C VAL D 11 68.43 6.44 53.80
N VAL D 12 67.35 7.10 53.42
CA VAL D 12 67.22 8.54 53.57
C VAL D 12 65.88 8.86 54.24
N GLN D 13 65.81 9.96 54.95
CA GLN D 13 64.56 10.41 55.54
C GLN D 13 63.64 10.94 54.44
N PRO D 14 62.33 10.99 54.68
CA PRO D 14 61.43 11.60 53.70
C PRO D 14 61.72 13.08 53.51
N GLY D 15 61.86 13.47 52.25
CA GLY D 15 62.28 14.80 51.87
C GLY D 15 63.65 14.86 51.22
N GLY D 16 64.42 13.79 51.28
CA GLY D 16 65.79 13.79 50.78
C GLY D 16 65.86 13.58 49.28
N SER D 17 67.00 13.02 48.85
CA SER D 17 67.22 12.76 47.44
C SER D 17 68.24 11.65 47.28
N LEU D 18 68.22 11.00 46.12
CA LEU D 18 69.12 9.90 45.84
C LEU D 18 69.51 9.91 44.38
N ARG D 19 70.53 9.11 44.07
CA ARG D 19 71.02 8.95 42.71
C ARG D 19 71.33 7.47 42.52
N LEU D 20 70.47 6.76 41.81
CA LEU D 20 70.71 5.36 41.50
C LEU D 20 71.46 5.26 40.20
N SER D 21 72.34 4.27 40.10
CA SER D 21 73.11 4.07 38.89
C SER D 21 73.13 2.60 38.52
N CYS D 22 73.24 2.33 37.22
CA CYS D 22 73.23 0.97 36.72
C CYS D 22 74.20 0.83 35.58
N ALA D 23 75.16 -0.08 35.70
CA ALA D 23 76.20 -0.28 34.71
C ALA D 23 75.98 -1.60 34.00
N ALA D 24 76.16 -1.60 32.68
CA ALA D 24 75.91 -2.77 31.86
C ALA D 24 77.19 -3.21 31.16
N SER D 25 77.17 -4.46 30.70
CA SER D 25 78.34 -5.02 30.05
C SER D 25 77.89 -6.05 29.02
N GLY D 26 78.50 -6.01 27.84
CA GLY D 26 78.32 -7.06 26.86
C GLY D 26 77.60 -6.67 25.59
N PHE D 27 77.15 -5.43 25.46
CA PHE D 27 76.50 -4.99 24.24
C PHE D 27 76.67 -3.48 24.15
N ARG D 28 76.21 -2.92 23.04
CA ARG D 28 76.21 -1.48 22.94
C ARG D 28 74.91 -0.92 23.51
N PHE D 29 74.95 0.35 23.90
CA PHE D 29 73.75 1.02 24.36
C PHE D 29 72.95 1.67 23.27
N ASP D 30 73.48 1.78 22.08
CA ASP D 30 72.70 2.42 21.04
C ASP D 30 71.84 1.44 20.28
N ASP D 31 71.56 0.27 20.85
CA ASP D 31 70.61 -0.65 20.26
C ASP D 31 69.54 -1.11 21.23
N HIS D 32 69.46 -0.53 22.42
CA HIS D 32 68.49 -1.04 23.38
C HIS D 32 67.93 0.08 24.23
N ALA D 33 66.66 -0.04 24.58
CA ALA D 33 66.06 0.89 25.51
C ALA D 33 66.26 0.36 26.92
N MET D 34 66.11 1.24 27.91
CA MET D 34 66.34 0.83 29.28
C MET D 34 65.14 1.16 30.15
N HIS D 35 64.92 0.35 31.17
CA HIS D 35 63.79 0.49 32.07
C HIS D 35 64.27 0.49 33.51
N TRP D 36 63.63 1.30 34.33
CA TRP D 36 63.72 1.18 35.78
C TRP D 36 62.38 0.68 36.27
N VAL D 37 62.39 -0.44 37.00
CA VAL D 37 61.18 -1.09 37.47
C VAL D 37 61.34 -1.34 38.96
N ARG D 38 60.43 -0.81 39.76
CA ARG D 38 60.53 -1.02 41.19
C ARG D 38 59.56 -2.09 41.63
N GLN D 39 59.81 -2.63 42.82
CA GLN D 39 58.93 -3.64 43.40
C GLN D 39 58.99 -3.55 44.91
N ALA D 40 57.85 -3.30 45.53
CA ALA D 40 57.74 -3.32 46.97
C ALA D 40 57.94 -4.74 47.48
N PRO D 41 58.50 -4.91 48.68
CA PRO D 41 58.80 -6.27 49.19
C PRO D 41 57.52 -7.05 49.49
N GLY D 42 57.42 -8.21 48.86
CA GLY D 42 56.27 -9.07 49.01
C GLY D 42 55.15 -8.82 48.03
N LYS D 43 55.23 -7.79 47.21
CA LYS D 43 54.16 -7.39 46.32
C LYS D 43 54.59 -7.52 44.87
N GLY D 44 53.69 -7.13 43.97
CA GLY D 44 53.94 -7.25 42.55
C GLY D 44 54.80 -6.14 42.03
N LEU D 45 55.12 -6.23 40.74
CA LEU D 45 56.00 -5.27 40.14
C LEU D 45 55.25 -3.99 39.83
N GLU D 46 56.00 -2.95 39.51
CA GLU D 46 55.43 -1.65 39.18
C GLU D 46 56.44 -0.91 38.32
N TRP D 47 56.06 -0.62 37.08
CA TRP D 47 56.98 0.03 36.17
C TRP D 47 57.17 1.47 36.59
N VAL D 48 58.40 1.96 36.51
CA VAL D 48 58.67 3.33 36.92
C VAL D 48 58.99 4.18 35.71
N SER D 49 60.03 3.82 34.95
CA SER D 49 60.39 4.71 33.85
C SER D 49 61.09 3.94 32.75
N VAL D 50 61.13 4.56 31.57
CA VAL D 50 61.83 4.03 30.41
C VAL D 50 62.54 5.17 29.71
N ILE D 51 63.73 4.92 29.22
CA ILE D 51 64.35 5.79 28.25
C ILE D 51 64.62 4.97 27.01
N SER D 52 64.44 5.58 25.84
CA SER D 52 64.72 4.89 24.61
C SER D 52 66.21 4.86 24.36
N GLY D 53 66.61 3.98 23.47
CA GLY D 53 67.92 4.11 22.90
C GLY D 53 67.95 5.29 21.95
N ASP D 54 69.16 5.62 21.51
CA ASP D 54 69.44 6.73 20.59
C ASP D 54 68.91 8.05 21.16
N GLY D 55 69.51 8.48 22.24
CA GLY D 55 69.18 9.77 22.77
C GLY D 55 68.03 9.73 23.74
N GLY D 56 67.13 10.68 23.62
CA GLY D 56 66.12 10.83 24.63
C GLY D 56 64.69 10.88 24.13
N SER D 57 63.88 9.98 24.67
CA SER D 57 62.42 10.12 24.65
C SER D 57 61.93 9.32 25.86
N THR D 58 61.74 10.02 26.97
CA THR D 58 61.50 9.37 28.24
C THR D 58 60.03 9.44 28.64
N TYR D 59 59.66 8.55 29.56
CA TYR D 59 58.31 8.45 30.06
C TYR D 59 58.38 8.01 31.52
N TYR D 60 57.51 8.55 32.36
CA TYR D 60 57.45 8.10 33.73
C TYR D 60 56.05 7.61 34.05
N ALA D 61 55.95 6.81 35.11
CA ALA D 61 54.64 6.45 35.61
C ALA D 61 54.00 7.67 36.28
N ASP D 62 52.68 7.61 36.40
CA ASP D 62 51.92 8.81 36.75
C ASP D 62 52.11 9.21 38.21
N SER D 63 52.27 8.23 39.09
CA SER D 63 52.47 8.55 40.49
C SER D 63 53.85 9.10 40.77
N VAL D 64 54.78 8.96 39.83
CA VAL D 64 56.14 9.42 40.00
C VAL D 64 56.43 10.58 39.05
N LYS D 65 55.38 11.22 38.55
CA LYS D 65 55.57 12.26 37.56
C LYS D 65 56.12 13.52 38.20
N GLY D 66 57.14 14.11 37.58
CA GLY D 66 57.74 15.33 38.02
C GLY D 66 58.78 15.18 39.11
N ARG D 67 58.69 14.13 39.94
CA ARG D 67 59.63 13.98 41.03
C ARG D 67 60.95 13.40 40.59
N PHE D 68 60.96 12.59 39.54
CA PHE D 68 62.13 11.79 39.17
C PHE D 68 62.75 12.32 37.90
N SER D 69 63.95 11.82 37.61
CA SER D 69 64.58 12.11 36.34
C SER D 69 65.46 10.93 35.98
N ILE D 70 65.67 10.72 34.68
CA ILE D 70 66.41 9.57 34.21
C ILE D 70 67.26 9.96 33.02
N SER D 71 68.52 9.53 33.02
CA SER D 71 69.36 9.71 31.85
C SER D 71 70.23 8.49 31.66
N ARG D 72 70.87 8.45 30.50
CA ARG D 72 71.83 7.40 30.18
C ARG D 72 73.14 8.05 29.79
N ASP D 73 74.19 7.23 29.74
CA ASP D 73 75.49 7.69 29.28
C ASP D 73 76.16 6.52 28.59
N ASP D 74 76.26 6.61 27.27
CA ASP D 74 76.92 5.58 26.49
C ASP D 74 78.41 5.81 26.35
N SER D 75 78.91 6.94 26.85
CA SER D 75 80.36 7.07 27.02
C SER D 75 80.86 6.21 28.17
N LYS D 76 80.03 6.01 29.18
CA LYS D 76 80.40 5.23 30.36
C LYS D 76 79.62 3.93 30.51
N ASN D 77 78.63 3.70 29.64
CA ASN D 77 77.71 2.56 29.71
C ASN D 77 76.99 2.51 31.05
N SER D 78 76.15 3.51 31.28
CA SER D 78 75.50 3.66 32.56
C SER D 78 74.12 4.27 32.42
N LEU D 79 73.30 4.02 33.43
CA LEU D 79 72.03 4.68 33.65
C LEU D 79 72.05 5.42 34.98
N TYR D 80 71.46 6.61 34.99
CA TYR D 80 71.29 7.37 36.22
C TYR D 80 69.81 7.63 36.41
N LEU D 81 69.34 7.42 37.64
CA LEU D 81 67.96 7.73 38.02
C LEU D 81 68.03 8.62 39.25
N GLN D 82 67.73 9.90 39.07
CA GLN D 82 67.80 10.86 40.15
C GLN D 82 66.43 10.98 40.78
N MET D 83 66.37 10.79 42.10
CA MET D 83 65.12 10.77 42.84
C MET D 83 65.10 11.95 43.79
N ASN D 84 64.06 12.77 43.69
CA ASN D 84 63.94 13.95 44.52
C ASN D 84 62.61 13.92 45.25
N SER D 85 62.64 14.32 46.52
CA SER D 85 61.47 14.52 47.39
C SER D 85 60.65 13.22 47.51
N LEU D 86 61.29 12.24 48.11
CA LEU D 86 60.70 10.92 48.26
C LEU D 86 59.56 10.96 49.26
N ARG D 87 58.69 9.98 49.15
CA ARG D 87 57.63 9.74 50.12
C ARG D 87 57.81 8.35 50.69
N THR D 88 57.02 8.04 51.72
CA THR D 88 57.23 6.80 52.47
C THR D 88 56.76 5.56 51.74
N GLU D 89 56.14 5.69 50.57
CA GLU D 89 55.67 4.55 49.80
C GLU D 89 56.65 4.15 48.72
N ASP D 90 57.92 4.53 48.85
CA ASP D 90 58.92 4.21 47.85
C ASP D 90 59.94 3.22 48.38
N THR D 91 59.64 2.55 49.49
CA THR D 91 60.53 1.53 50.03
C THR D 91 60.42 0.30 49.14
N ALA D 92 61.42 0.05 48.32
CA ALA D 92 61.30 -1.01 47.33
C ALA D 92 62.68 -1.48 46.91
N LEU D 93 62.69 -2.64 46.24
CA LEU D 93 63.79 -2.98 45.36
C LEU D 93 63.63 -2.25 44.05
N TYR D 94 64.75 -1.89 43.44
CA TYR D 94 64.74 -1.24 42.15
C TYR D 94 65.57 -2.06 41.19
N TYR D 95 65.00 -2.38 40.03
CA TYR D 95 65.59 -3.24 39.03
C TYR D 95 65.90 -2.44 37.78
N CYS D 96 67.07 -2.69 37.21
CA CYS D 96 67.52 -2.07 35.98
C CYS D 96 67.40 -3.09 34.86
N ALA D 97 66.40 -2.92 34.00
CA ALA D 97 66.10 -3.92 32.99
C ALA D 97 66.40 -3.41 31.60
N LYS D 98 66.81 -4.31 30.72
CA LYS D 98 67.13 -3.97 29.35
C LYS D 98 65.98 -4.36 28.44
N ASP D 99 65.58 -3.43 27.60
CA ASP D 99 64.51 -3.61 26.64
C ASP D 99 65.18 -3.81 25.28
N ARG D 100 65.03 -5.00 24.72
CA ARG D 100 65.45 -5.24 23.36
C ARG D 100 64.55 -4.48 22.42
N SER D 101 65.13 -4.03 21.29
CA SER D 101 64.44 -3.27 20.25
C SER D 101 63.86 -1.98 20.81
N TYR D 102 64.77 -1.02 20.98
CA TYR D 102 64.48 0.29 21.56
C TYR D 102 63.28 1.01 21.00
N GLY D 103 63.31 2.34 21.06
CA GLY D 103 62.19 3.13 20.61
C GLY D 103 61.15 2.94 21.68
N PRO D 104 60.60 4.02 22.24
CA PRO D 104 59.60 3.84 23.31
C PRO D 104 58.51 2.87 22.84
N PRO D 105 58.01 2.01 23.71
CA PRO D 105 56.94 1.08 23.30
C PRO D 105 55.82 1.84 22.60
N ASP D 106 55.90 3.17 22.63
CA ASP D 106 54.92 4.04 22.01
C ASP D 106 54.97 3.95 20.50
N VAL D 107 56.17 3.95 19.93
CA VAL D 107 56.32 3.88 18.48
C VAL D 107 56.61 2.47 18.01
N PHE D 108 57.58 1.77 18.60
CA PHE D 108 57.92 0.43 18.14
C PHE D 108 57.05 -0.54 18.91
N ASN D 109 55.82 -0.67 18.44
CA ASN D 109 54.88 -1.59 19.05
C ASN D 109 55.23 -3.03 18.71
N TYR D 110 54.40 -3.95 19.17
CA TYR D 110 54.33 -5.34 18.73
C TYR D 110 55.53 -6.19 19.13
N GLU D 111 56.64 -5.58 19.51
CA GLU D 111 57.80 -6.36 19.93
C GLU D 111 58.66 -5.45 20.80
N TYR D 112 58.47 -5.53 22.10
CA TYR D 112 59.38 -4.86 23.02
C TYR D 112 60.09 -5.81 23.99
N GLY D 113 59.38 -6.52 24.85
CA GLY D 113 60.05 -7.37 25.82
C GLY D 113 60.95 -6.70 26.84
N MET D 114 61.51 -7.48 27.76
CA MET D 114 62.54 -7.04 28.70
C MET D 114 63.35 -8.30 29.03
N ASP D 115 64.45 -8.49 28.33
CA ASP D 115 65.07 -9.82 28.34
C ASP D 115 65.97 -10.02 29.55
N VAL D 116 66.95 -9.15 29.77
CA VAL D 116 67.91 -9.35 30.84
C VAL D 116 67.66 -8.34 31.94
N TRP D 117 67.90 -8.77 33.17
CA TRP D 117 67.56 -8.00 34.35
C TRP D 117 68.77 -7.91 35.25
N GLY D 118 68.75 -6.92 36.12
CA GLY D 118 69.80 -6.75 37.11
C GLY D 118 69.48 -7.52 38.36
N GLN D 119 70.22 -7.19 39.42
CA GLN D 119 70.00 -7.83 40.70
C GLN D 119 69.28 -6.94 41.70
N GLY D 120 69.02 -5.69 41.34
CA GLY D 120 68.20 -4.86 42.17
C GLY D 120 68.98 -4.18 43.27
N THR D 121 68.38 -3.14 43.82
CA THR D 121 68.98 -2.35 44.89
C THR D 121 67.87 -1.91 45.83
N THR D 122 68.09 -2.14 47.11
CA THR D 122 67.08 -1.84 48.13
C THR D 122 67.16 -0.38 48.52
N VAL D 123 66.02 0.27 48.62
CA VAL D 123 65.95 1.64 49.11
C VAL D 123 64.74 1.76 50.03
N THR D 124 64.95 2.32 51.22
CA THR D 124 63.88 2.50 52.18
C THR D 124 63.95 3.89 52.78
N VAL D 125 62.79 4.44 53.14
CA VAL D 125 62.74 5.77 53.70
C VAL D 125 62.01 5.81 55.04
N SER D 126 62.41 6.74 55.90
CA SER D 126 61.80 6.90 57.20
C SER D 126 62.63 7.83 58.07
N SER D 127 62.06 8.24 59.20
CA SER D 127 62.75 9.13 60.12
C SER D 127 63.23 8.36 61.35
N ALA D 128 62.74 7.14 61.50
CA ALA D 128 63.11 6.30 62.63
C ALA D 128 64.62 6.33 62.87
N SER D 129 65.36 6.73 61.84
CA SER D 129 66.81 6.79 61.94
C SER D 129 67.39 5.40 62.13
N THR D 130 68.55 5.33 62.77
CA THR D 130 69.22 4.05 63.01
C THR D 130 69.27 3.76 64.50
N LYS D 131 69.19 2.48 64.85
CA LYS D 131 69.22 2.07 66.23
C LYS D 131 69.78 0.66 66.36
N GLY D 132 70.39 0.39 67.51
CA GLY D 132 71.00 -0.88 67.78
C GLY D 132 70.04 -1.88 68.34
N PRO D 133 70.37 -3.17 68.21
CA PRO D 133 69.43 -4.20 68.65
C PRO D 133 69.50 -4.45 70.15
N SER D 134 68.37 -4.85 70.72
CA SER D 134 68.30 -5.32 72.09
C SER D 134 68.13 -6.84 72.08
N VAL D 135 68.97 -7.54 72.84
CA VAL D 135 69.06 -8.99 72.76
C VAL D 135 68.60 -9.60 74.08
N PHE D 136 67.82 -10.68 73.98
CA PHE D 136 67.46 -11.55 75.08
C PHE D 136 67.72 -12.99 74.69
N PRO D 137 68.10 -13.86 75.64
CA PRO D 137 68.18 -15.29 75.34
C PRO D 137 66.87 -15.99 75.69
N LEU D 138 66.32 -16.74 74.73
CA LEU D 138 65.14 -17.57 74.99
C LEU D 138 65.65 -18.95 75.38
N ALA D 139 65.53 -19.25 76.65
CA ALA D 139 66.09 -20.41 77.33
C ALA D 139 65.44 -21.70 76.82
N PRO D 140 66.18 -22.80 76.79
CA PRO D 140 65.55 -24.09 76.55
C PRO D 140 64.71 -24.50 77.75
N SER D 141 63.51 -25.00 77.47
CA SER D 141 62.57 -25.33 78.53
C SER D 141 61.87 -26.63 78.20
N SER D 142 61.27 -27.24 79.23
CA SER D 142 60.48 -28.45 79.02
C SER D 142 59.28 -28.20 78.14
N LYS D 143 58.74 -26.97 78.14
CA LYS D 143 57.67 -26.63 77.20
C LYS D 143 58.19 -26.57 75.77
N SER D 144 59.49 -26.36 75.59
CA SER D 144 60.12 -26.52 74.29
C SER D 144 60.73 -27.91 74.12
N THR D 145 60.97 -28.63 75.21
CA THR D 145 61.57 -29.95 75.14
C THR D 145 60.51 -30.98 74.75
N SER D 146 60.92 -31.95 73.91
CA SER D 146 60.06 -33.06 73.50
C SER D 146 60.96 -34.26 73.18
N GLY D 147 61.02 -35.21 74.11
CA GLY D 147 61.74 -36.44 73.85
C GLY D 147 63.24 -36.22 73.78
N GLY D 148 63.80 -36.40 72.59
CA GLY D 148 65.25 -36.41 72.43
C GLY D 148 65.88 -35.05 72.25
N THR D 149 65.09 -34.03 71.91
CA THR D 149 65.63 -32.72 71.58
C THR D 149 64.89 -31.61 72.33
N ALA D 150 65.56 -30.46 72.44
CA ALA D 150 64.98 -29.26 73.03
C ALA D 150 65.58 -28.05 72.33
N ALA D 151 64.79 -26.99 72.22
CA ALA D 151 65.14 -25.82 71.41
C ALA D 151 65.47 -24.63 72.30
N LEU D 152 66.46 -23.85 71.89
CA LEU D 152 66.84 -22.61 72.55
C LEU D 152 67.24 -21.59 71.49
N GLY D 153 67.18 -20.31 71.85
CA GLY D 153 67.47 -19.30 70.84
C GLY D 153 67.77 -17.95 71.42
N CYS D 154 67.81 -16.95 70.52
CA CYS D 154 68.11 -15.58 70.88
C CYS D 154 67.15 -14.65 70.15
N LEU D 155 66.58 -13.71 70.90
CA LEU D 155 65.64 -12.73 70.38
C LEU D 155 66.36 -11.39 70.26
N VAL D 156 66.50 -10.89 69.05
CA VAL D 156 67.18 -9.64 68.77
C VAL D 156 66.14 -8.70 68.17
N LYS D 157 65.81 -7.63 68.88
CA LYS D 157 64.66 -6.81 68.55
C LYS D 157 65.00 -5.34 68.49
N ASP D 158 64.03 -4.55 68.03
CA ASP D 158 64.08 -3.09 67.99
C ASP D 158 65.35 -2.54 67.36
N TYR D 159 65.51 -2.72 66.06
CA TYR D 159 66.58 -2.08 65.32
C TYR D 159 66.04 -1.60 63.97
N PHE D 160 66.48 -0.43 63.52
CA PHE D 160 66.12 0.02 62.18
C PHE D 160 67.01 -0.53 61.08
N PRO D 161 68.34 -0.50 61.19
CA PRO D 161 69.18 -0.76 60.03
C PRO D 161 69.17 -2.22 59.60
N GLU D 162 68.23 -2.54 58.71
CA GLU D 162 67.74 -3.85 58.30
C GLU D 162 68.79 -4.96 58.33
N PRO D 163 69.95 -4.83 57.69
CA PRO D 163 70.89 -5.95 57.70
C PRO D 163 71.50 -6.18 59.07
N VAL D 164 71.11 -7.27 59.72
CA VAL D 164 71.62 -7.66 61.03
C VAL D 164 71.83 -9.16 61.01
N THR D 165 72.81 -9.66 61.76
CA THR D 165 73.06 -11.09 61.71
C THR D 165 73.25 -11.62 63.11
N VAL D 166 72.79 -12.85 63.32
CA VAL D 166 73.01 -13.59 64.55
C VAL D 166 73.52 -14.97 64.17
N SER D 167 74.69 -15.32 64.69
CA SER D 167 75.25 -16.64 64.49
C SER D 167 75.21 -17.42 65.79
N TRP D 168 75.44 -18.72 65.70
CA TRP D 168 75.50 -19.57 66.88
C TRP D 168 76.92 -20.09 67.08
N ASN D 169 77.51 -19.72 68.21
CA ASN D 169 78.84 -20.18 68.59
C ASN D 169 79.86 -19.83 67.51
N SER D 170 79.90 -18.54 67.17
CA SER D 170 80.86 -18.00 66.20
C SER D 170 80.80 -18.72 64.85
N GLY D 171 79.62 -19.25 64.52
CA GLY D 171 79.46 -19.98 63.28
C GLY D 171 79.64 -21.47 63.37
N ALA D 172 79.69 -22.04 64.58
CA ALA D 172 79.94 -23.46 64.73
C ALA D 172 78.73 -24.33 64.40
N LEU D 173 77.59 -24.10 65.04
CA LEU D 173 76.41 -24.96 64.89
C LEU D 173 75.67 -24.57 63.62
N THR D 174 75.49 -25.54 62.73
CA THR D 174 74.73 -25.33 61.50
C THR D 174 73.51 -26.26 61.49
N SER D 175 73.41 -27.13 62.49
CA SER D 175 72.31 -28.05 62.62
C SER D 175 71.22 -27.44 63.48
N GLY D 176 70.01 -27.34 62.93
CA GLY D 176 68.87 -26.80 63.64
C GLY D 176 68.84 -25.29 63.76
N VAL D 177 69.94 -24.61 63.45
CA VAL D 177 70.00 -23.16 63.52
C VAL D 177 69.13 -22.59 62.40
N HIS D 178 68.08 -21.87 62.79
CA HIS D 178 67.18 -21.24 61.83
C HIS D 178 66.77 -19.83 62.26
N THR D 179 67.22 -18.83 61.51
CA THR D 179 66.90 -17.44 61.81
C THR D 179 65.64 -17.08 61.03
N PHE D 180 64.66 -16.57 61.73
CA PHE D 180 63.40 -16.30 61.09
C PHE D 180 63.39 -14.89 60.50
N PRO D 181 62.59 -14.66 59.46
CA PRO D 181 62.57 -13.33 58.85
C PRO D 181 62.22 -12.26 59.88
N ALA D 182 62.93 -11.14 59.79
CA ALA D 182 62.69 -10.05 60.69
C ALA D 182 61.28 -9.51 60.49
N VAL D 183 60.69 -9.00 61.56
CA VAL D 183 59.35 -8.46 61.50
C VAL D 183 59.44 -6.96 61.74
N LEU D 184 58.61 -6.22 61.02
CA LEU D 184 58.56 -4.77 61.11
C LEU D 184 57.36 -4.38 61.95
N GLN D 185 57.62 -3.78 63.11
CA GLN D 185 56.57 -3.43 64.04
C GLN D 185 55.91 -2.11 63.65
N SER D 186 54.87 -1.75 64.40
CA SER D 186 54.24 -0.45 64.20
C SER D 186 55.15 0.67 64.64
N SER D 187 56.03 0.41 65.62
CA SER D 187 56.99 1.41 66.05
C SER D 187 57.94 1.82 64.94
N GLY D 188 58.02 1.05 63.87
CA GLY D 188 58.93 1.33 62.78
C GLY D 188 60.24 0.59 62.85
N LEU D 189 60.49 -0.18 63.90
CA LEU D 189 61.75 -0.89 64.07
C LEU D 189 61.55 -2.38 63.82
N TYR D 190 62.62 -3.02 63.37
CA TYR D 190 62.56 -4.43 63.07
C TYR D 190 62.79 -5.27 64.32
N SER D 191 62.52 -6.56 64.20
CA SER D 191 62.76 -7.52 65.26
C SER D 191 62.77 -8.91 64.66
N LEU D 192 63.57 -9.80 65.26
CA LEU D 192 63.62 -11.18 64.81
C LEU D 192 64.09 -12.05 65.97
N SER D 193 64.03 -13.36 65.75
CA SER D 193 64.44 -14.37 66.72
C SER D 193 64.99 -15.58 65.98
N SER D 194 66.17 -16.04 66.39
CA SER D 194 66.80 -17.20 65.76
C SER D 194 66.89 -18.32 66.77
N VAL D 195 66.44 -19.51 66.38
CA VAL D 195 66.33 -20.63 67.30
C VAL D 195 67.02 -21.86 66.71
N VAL D 196 67.54 -22.69 67.59
CA VAL D 196 68.21 -23.93 67.23
C VAL D 196 67.84 -25.01 68.24
N THR D 197 67.61 -26.22 67.72
CA THR D 197 67.32 -27.38 68.55
C THR D 197 68.60 -28.16 68.80
N VAL D 198 68.68 -28.83 69.94
CA VAL D 198 69.88 -29.51 70.39
C VAL D 198 69.42 -30.62 71.33
N PRO D 199 70.06 -31.79 71.34
CA PRO D 199 69.57 -32.91 72.16
C PRO D 199 69.27 -32.50 73.60
N SER D 200 68.14 -33.00 74.10
CA SER D 200 67.71 -32.62 75.44
C SER D 200 68.65 -33.12 76.52
N SER D 201 69.49 -34.12 76.20
CA SER D 201 70.55 -34.49 77.12
C SER D 201 71.59 -33.39 77.24
N SER D 202 71.62 -32.47 76.28
CA SER D 202 72.61 -31.42 76.20
C SER D 202 72.04 -30.03 76.46
N LEU D 203 71.17 -29.88 77.45
CA LEU D 203 70.58 -28.57 77.74
C LEU D 203 71.63 -27.52 78.03
N GLY D 204 72.38 -27.69 79.12
CA GLY D 204 73.40 -26.72 79.45
C GLY D 204 74.81 -27.20 79.15
N THR D 205 74.94 -28.45 78.72
CA THR D 205 76.24 -29.13 78.69
C THR D 205 77.28 -28.38 77.87
N GLN D 206 76.98 -28.07 76.61
CA GLN D 206 77.97 -27.47 75.74
C GLN D 206 77.72 -25.97 75.61
N THR D 207 78.49 -25.33 74.73
CA THR D 207 78.39 -23.88 74.55
C THR D 207 77.36 -23.55 73.49
N TYR D 208 76.46 -22.64 73.83
CA TYR D 208 75.48 -22.11 72.88
C TYR D 208 75.41 -20.62 73.08
N ILE D 209 76.29 -19.88 72.39
CA ILE D 209 76.36 -18.43 72.51
C ILE D 209 76.03 -17.83 71.17
N CYS D 210 74.99 -17.00 71.14
CA CYS D 210 74.59 -16.29 69.94
C CYS D 210 75.43 -15.02 69.79
N ASN D 211 76.03 -14.87 68.62
CA ASN D 211 76.90 -13.76 68.28
C ASN D 211 76.08 -12.81 67.42
N VAL D 212 75.74 -11.66 68.00
CA VAL D 212 74.91 -10.66 67.35
C VAL D 212 75.83 -9.58 66.78
N ASN D 213 75.75 -9.37 65.46
CA ASN D 213 76.49 -8.33 64.80
C ASN D 213 75.56 -7.46 63.97
N HIS D 214 75.70 -6.14 64.15
CA HIS D 214 74.91 -5.12 63.47
C HIS D 214 75.90 -4.30 62.64
N LYS D 215 75.85 -4.50 61.32
CA LYS D 215 76.87 -3.95 60.41
C LYS D 215 76.71 -2.47 60.09
N PRO D 216 75.50 -1.93 59.90
CA PRO D 216 75.41 -0.47 59.76
C PRO D 216 75.90 0.27 60.99
N SER D 217 75.53 -0.18 62.18
CA SER D 217 76.21 0.26 63.40
C SER D 217 77.43 -0.63 63.57
N ASN D 218 78.02 -0.63 64.77
CA ASN D 218 79.15 -1.50 65.08
C ASN D 218 78.90 -2.31 66.34
N THR D 219 77.72 -2.91 66.43
CA THR D 219 77.35 -3.68 67.61
C THR D 219 77.75 -5.14 67.44
N LYS D 220 78.41 -5.67 68.46
CA LYS D 220 78.85 -7.06 68.51
C LYS D 220 78.73 -7.55 69.95
N VAL D 221 77.78 -8.45 70.20
CA VAL D 221 77.53 -8.95 71.55
C VAL D 221 77.27 -10.46 71.50
N ASP D 222 77.87 -11.19 72.44
CA ASP D 222 77.67 -12.63 72.55
C ASP D 222 76.81 -12.91 73.78
N LYS D 223 75.71 -13.63 73.59
CA LYS D 223 74.77 -13.95 74.66
C LYS D 223 74.63 -15.46 74.80
N LYS D 224 74.81 -15.95 76.02
CA LYS D 224 74.68 -17.39 76.30
C LYS D 224 73.24 -17.71 76.67
N VAL D 225 72.75 -18.84 76.18
CA VAL D 225 71.40 -19.32 76.47
C VAL D 225 71.50 -20.57 77.31
N GLU D 226 70.86 -20.55 78.48
CA GLU D 226 70.90 -21.64 79.42
C GLU D 226 69.48 -21.98 79.85
N PRO D 227 69.24 -23.22 80.30
CA PRO D 227 67.88 -23.58 80.75
C PRO D 227 67.38 -22.64 81.84
N LYS D 228 66.06 -22.57 81.96
CA LYS D 228 65.43 -21.67 82.90
C LYS D 228 65.79 -22.07 84.33
N SER D 229 65.94 -21.05 85.19
CA SER D 229 66.36 -21.22 86.57
C SER D 229 65.45 -22.17 87.35
N SER E 2 43.46 0.06 32.39
CA SER E 2 44.84 0.22 32.82
C SER E 2 45.09 -0.54 34.10
N VAL E 3 44.35 -1.63 34.30
CA VAL E 3 44.42 -2.35 35.56
C VAL E 3 44.96 -3.77 35.37
N LEU E 4 44.65 -4.40 34.24
CA LEU E 4 45.12 -5.73 33.84
C LEU E 4 44.75 -6.79 34.90
N THR E 5 43.44 -7.00 35.03
CA THR E 5 42.94 -7.93 36.02
C THR E 5 43.33 -9.35 35.67
N GLN E 6 43.91 -10.05 36.63
CA GLN E 6 44.29 -11.45 36.46
C GLN E 6 44.08 -12.14 37.79
N PRO E 7 43.87 -13.47 37.79
CA PRO E 7 43.59 -14.17 39.05
C PRO E 7 44.81 -14.14 39.96
N PRO E 8 44.59 -14.15 41.28
CA PRO E 8 45.72 -14.01 42.20
C PRO E 8 46.49 -15.31 42.43
N SER E 9 45.86 -16.47 42.28
CA SER E 9 46.57 -17.72 42.44
C SER E 9 45.85 -18.81 41.68
N ALA E 10 46.63 -19.73 41.10
CA ALA E 10 46.10 -20.87 40.36
C ALA E 10 46.68 -22.15 40.94
N SER E 11 46.16 -23.27 40.47
CA SER E 11 46.49 -24.55 41.07
C SER E 11 46.51 -25.65 40.02
N GLY E 12 46.95 -26.82 40.43
CA GLY E 12 46.94 -27.97 39.55
C GLY E 12 47.91 -29.07 39.95
N THR E 13 47.55 -30.31 39.65
CA THR E 13 48.42 -31.44 39.89
C THR E 13 49.58 -31.43 38.89
N PRO E 14 50.75 -31.89 39.29
CA PRO E 14 51.91 -31.93 38.38
C PRO E 14 51.71 -32.91 37.24
N GLY E 15 51.69 -32.39 36.01
CA GLY E 15 51.60 -33.23 34.83
C GLY E 15 50.38 -32.99 33.97
N GLN E 16 49.86 -31.76 33.94
CA GLN E 16 48.72 -31.45 33.09
C GLN E 16 48.71 -29.96 32.79
N ARG E 17 47.85 -29.59 31.86
CA ARG E 17 47.85 -28.23 31.32
C ARG E 17 47.12 -27.28 32.25
N VAL E 18 47.76 -26.17 32.57
CA VAL E 18 47.20 -25.13 33.41
C VAL E 18 47.25 -23.82 32.65
N THR E 19 46.11 -23.14 32.55
CA THR E 19 46.06 -21.85 31.87
C THR E 19 46.10 -20.72 32.88
N ILE E 20 46.54 -19.56 32.40
CA ILE E 20 46.62 -18.34 33.21
C ILE E 20 46.14 -17.20 32.33
N SER E 21 45.11 -16.49 32.78
CA SER E 21 44.49 -15.49 31.94
C SER E 21 44.84 -14.08 32.39
N CYS E 22 44.71 -13.15 31.45
CA CYS E 22 44.74 -11.72 31.74
C CYS E 22 43.68 -11.04 30.90
N SER E 23 43.14 -9.95 31.41
CA SER E 23 42.06 -9.24 30.74
C SER E 23 42.31 -7.75 30.82
N GLY E 24 42.69 -7.15 29.70
CA GLY E 24 42.89 -5.72 29.62
C GLY E 24 41.89 -5.13 28.65
N SER E 25 41.73 -3.82 28.63
CA SER E 25 40.58 -3.31 27.91
C SER E 25 40.78 -3.08 26.42
N SER E 26 41.34 -1.94 26.09
CA SER E 26 41.41 -1.53 24.69
C SER E 26 42.69 -0.80 24.32
N SER E 27 43.35 -0.23 25.32
CA SER E 27 44.61 0.46 25.14
C SER E 27 45.71 -0.46 25.65
N ASN E 28 45.31 -1.46 26.42
CA ASN E 28 46.23 -2.43 26.99
C ASN E 28 46.52 -3.53 25.98
N ILE E 29 45.51 -4.34 25.70
CA ILE E 29 45.66 -5.49 24.82
C ILE E 29 45.04 -5.23 23.47
N GLY E 30 44.32 -4.12 23.32
CA GLY E 30 43.66 -3.80 22.07
C GLY E 30 44.64 -3.56 20.95
N SER E 31 45.40 -2.47 21.08
CA SER E 31 46.42 -2.10 20.11
C SER E 31 47.79 -2.09 20.79
N ASN E 32 48.34 -3.29 20.98
CA ASN E 32 49.63 -3.49 21.64
C ASN E 32 49.88 -5.00 21.65
N THR E 33 50.91 -5.40 22.38
CA THR E 33 51.27 -6.81 22.52
C THR E 33 51.52 -7.13 24.00
N VAL E 34 51.44 -8.41 24.36
CA VAL E 34 51.64 -8.83 25.73
C VAL E 34 53.01 -9.49 25.88
N ASN E 35 53.55 -9.40 27.08
CA ASN E 35 54.69 -10.20 27.52
C ASN E 35 54.28 -10.98 28.74
N TRP E 36 55.02 -12.04 29.01
CA TRP E 36 54.81 -12.82 30.21
C TRP E 36 56.13 -12.98 30.95
N TYR E 37 56.10 -12.76 32.26
CA TYR E 37 57.31 -12.81 33.06
C TYR E 37 57.14 -13.76 34.22
N GLN E 38 58.11 -14.64 34.40
CA GLN E 38 58.14 -15.57 35.51
C GLN E 38 59.12 -15.07 36.56
N GLN E 39 58.69 -15.11 37.82
CA GLN E 39 59.49 -14.69 38.96
C GLN E 39 59.54 -15.85 39.96
N LEU E 40 60.63 -16.61 39.89
CA LEU E 40 60.94 -17.59 40.93
C LEU E 40 61.22 -16.84 42.24
N PRO E 41 61.00 -17.48 43.41
CA PRO E 41 61.14 -16.75 44.67
C PRO E 41 62.56 -16.30 44.99
N GLY E 42 62.79 -14.99 44.96
CA GLY E 42 64.04 -14.40 45.37
C GLY E 42 64.86 -13.84 44.23
N THR E 43 64.75 -14.41 43.06
CA THR E 43 65.64 -14.06 41.96
C THR E 43 65.10 -12.86 41.20
N ALA E 44 65.75 -12.55 40.09
CA ALA E 44 65.27 -11.57 39.13
C ALA E 44 64.26 -12.24 38.21
N PRO E 45 63.29 -11.48 37.69
CA PRO E 45 62.28 -12.08 36.81
C PRO E 45 62.85 -12.46 35.46
N LYS E 46 62.33 -13.53 34.91
CA LYS E 46 62.71 -14.02 33.59
C LYS E 46 61.69 -13.55 32.58
N LEU E 47 62.08 -13.53 31.32
CA LEU E 47 61.13 -13.33 30.23
C LEU E 47 60.67 -14.68 29.72
N LEU E 48 59.38 -14.80 29.48
CA LEU E 48 58.82 -16.05 28.98
C LEU E 48 58.28 -15.93 27.57
N ILE E 49 57.39 -14.99 27.30
CA ILE E 49 56.74 -14.86 26.00
C ILE E 49 56.70 -13.39 25.64
N TYR E 50 57.18 -13.05 24.45
CA TYR E 50 56.98 -11.72 23.91
C TYR E 50 56.23 -11.84 22.59
N SER E 51 55.60 -10.72 22.21
CA SER E 51 54.81 -10.61 20.98
C SER E 51 53.74 -11.69 20.88
N ASN E 52 53.11 -11.96 22.02
CA ASN E 52 51.94 -12.80 22.28
C ASN E 52 52.16 -14.30 22.12
N ASN E 53 53.12 -14.72 21.28
CA ASN E 53 53.58 -16.10 21.26
C ASN E 53 54.94 -16.12 20.54
N GLN E 54 56.00 -15.94 21.30
CA GLN E 54 57.35 -16.15 20.79
C GLN E 54 58.25 -16.33 22.01
N ARG E 55 58.58 -17.54 22.30
CA ARG E 55 59.53 -17.69 23.39
C ARG E 55 60.94 -17.43 22.86
N PRO E 56 61.77 -16.77 23.62
CA PRO E 56 63.15 -16.54 23.21
C PRO E 56 63.98 -17.79 23.44
N SER E 57 65.27 -17.68 23.16
CA SER E 57 66.18 -18.80 23.33
C SER E 57 66.37 -19.12 24.80
N GLY E 58 66.17 -20.36 25.17
CA GLY E 58 66.32 -20.79 26.54
C GLY E 58 65.03 -21.13 27.24
N VAL E 59 63.90 -20.73 26.67
CA VAL E 59 62.61 -21.09 27.23
C VAL E 59 62.21 -22.43 26.63
N PRO E 60 61.88 -23.43 27.44
CA PRO E 60 61.57 -24.75 26.90
C PRO E 60 60.20 -24.76 26.23
N ASP E 61 59.95 -25.83 25.49
CA ASP E 61 58.69 -25.96 24.75
C ASP E 61 57.59 -26.55 25.61
N ARG E 62 57.31 -25.91 26.73
CA ARG E 62 56.13 -26.22 27.51
C ARG E 62 55.23 -25.01 27.65
N PHE E 63 55.72 -23.84 27.31
CA PHE E 63 54.99 -22.59 27.43
C PHE E 63 54.56 -22.13 26.05
N SER E 64 53.36 -21.57 25.98
CA SER E 64 52.78 -21.11 24.72
C SER E 64 52.26 -19.71 24.99
N GLY E 65 51.37 -19.24 24.13
CA GLY E 65 50.80 -17.94 24.37
C GLY E 65 49.66 -17.63 23.43
N SER E 66 48.60 -17.04 23.95
CA SER E 66 47.44 -16.72 23.12
C SER E 66 46.98 -15.31 23.42
N LYS E 67 46.56 -14.61 22.39
CA LYS E 67 45.94 -13.30 22.54
C LYS E 67 44.69 -13.29 21.68
N SER E 68 43.54 -13.13 22.33
CA SER E 68 42.25 -13.17 21.65
C SER E 68 41.52 -11.87 21.94
N GLY E 69 41.62 -10.93 21.01
CA GLY E 69 40.82 -9.73 21.01
C GLY E 69 41.21 -8.75 22.09
N THR E 70 40.91 -9.08 23.33
CA THR E 70 41.27 -8.25 24.46
C THR E 70 41.69 -9.08 25.67
N SER E 71 41.76 -10.39 25.56
CA SER E 71 42.27 -11.22 26.62
C SER E 71 43.56 -11.88 26.18
N ALA E 72 44.35 -12.31 27.14
CA ALA E 72 45.56 -13.05 26.85
C ALA E 72 45.64 -14.24 27.76
N SER E 73 46.47 -15.21 27.38
CA SER E 73 46.54 -16.45 28.14
C SER E 73 47.89 -17.11 27.97
N LEU E 74 48.58 -17.30 29.09
CA LEU E 74 49.64 -18.29 29.16
C LEU E 74 49.03 -19.68 29.31
N ALA E 75 49.76 -20.68 28.85
CA ALA E 75 49.27 -22.06 28.92
C ALA E 75 50.45 -22.97 29.19
N ILE E 76 50.67 -23.28 30.47
CA ILE E 76 51.74 -24.20 30.84
C ILE E 76 51.25 -25.63 30.60
N SER E 77 51.95 -26.34 29.74
CA SER E 77 51.57 -27.71 29.37
C SER E 77 52.37 -28.67 30.24
N GLY E 78 51.80 -29.05 31.37
CA GLY E 78 52.43 -30.03 32.23
C GLY E 78 53.32 -29.40 33.27
N LEU E 79 52.85 -29.32 34.50
CA LEU E 79 53.62 -28.70 35.57
C LEU E 79 54.79 -29.58 35.97
N GLN E 80 55.74 -28.98 36.68
CA GLN E 80 56.87 -29.72 37.21
C GLN E 80 57.32 -29.07 38.51
N SER E 81 58.37 -29.63 39.10
CA SER E 81 58.81 -29.26 40.43
C SER E 81 59.58 -27.96 40.47
N GLU E 82 59.82 -27.34 39.32
CA GLU E 82 60.58 -26.10 39.26
C GLU E 82 59.75 -24.93 38.76
N ASP E 83 58.46 -25.15 38.48
CA ASP E 83 57.56 -24.09 38.06
C ASP E 83 56.58 -23.84 39.20
N GLU E 84 57.04 -23.09 40.20
CA GLU E 84 56.20 -22.65 41.31
C GLU E 84 56.64 -21.21 41.53
N ALA E 85 55.95 -20.29 40.89
CA ALA E 85 56.50 -18.95 40.77
C ALA E 85 55.37 -17.96 40.54
N ASP E 86 55.74 -16.70 40.46
CA ASP E 86 54.79 -15.69 40.07
C ASP E 86 54.82 -15.52 38.56
N TYR E 87 53.68 -15.18 37.98
CA TYR E 87 53.63 -14.93 36.55
C TYR E 87 52.87 -13.65 36.31
N TYR E 88 53.46 -12.75 35.54
CA TYR E 88 52.90 -11.43 35.29
C TYR E 88 52.71 -11.25 33.80
N CYS E 89 51.63 -10.58 33.43
CA CYS E 89 51.43 -10.18 32.04
C CYS E 89 51.65 -8.68 31.94
N ALA E 90 52.19 -8.24 30.82
CA ALA E 90 52.46 -6.83 30.59
C ALA E 90 51.76 -6.35 29.34
N ALA E 91 51.69 -5.04 29.18
CA ALA E 91 51.08 -4.41 28.03
C ALA E 91 51.77 -3.08 27.81
N TRP E 92 51.13 -2.16 27.13
CA TRP E 92 51.70 -0.83 27.06
C TRP E 92 50.75 0.31 27.37
N ASP E 93 49.46 0.12 27.09
CA ASP E 93 48.45 1.13 27.37
C ASP E 93 48.79 2.48 26.75
N ASP E 94 48.04 2.84 25.72
CA ASP E 94 48.25 4.11 25.04
C ASP E 94 48.20 5.26 26.03
N SER E 95 47.71 4.96 27.24
CA SER E 95 47.62 5.98 28.28
C SER E 95 48.98 6.60 28.54
N LEU E 96 50.00 6.03 27.92
CA LEU E 96 51.38 6.52 28.05
C LEU E 96 52.10 5.96 29.27
N ASN E 97 51.73 4.75 29.68
CA ASN E 97 52.36 4.10 30.83
C ASN E 97 52.30 2.60 30.73
N TRP E 98 53.45 1.94 30.88
CA TRP E 98 53.50 0.48 30.97
C TRP E 98 52.72 0.01 32.17
N VAL E 99 51.91 -1.03 31.99
CA VAL E 99 51.11 -1.58 33.07
C VAL E 99 51.55 -3.01 33.31
N PHE E 100 51.34 -3.48 34.52
CA PHE E 100 51.77 -4.82 34.90
C PHE E 100 50.57 -5.59 35.43
N GLY E 101 50.72 -6.90 35.47
CA GLY E 101 49.70 -7.77 36.01
C GLY E 101 49.74 -7.78 37.52
N GLY E 102 48.84 -8.58 38.09
CA GLY E 102 48.79 -8.71 39.54
C GLY E 102 49.59 -9.88 40.02
N GLY E 103 50.03 -10.72 39.11
CA GLY E 103 50.80 -11.87 39.56
C GLY E 103 49.91 -13.05 39.91
N THR E 104 50.49 -14.24 39.83
CA THR E 104 49.75 -15.45 40.11
C THR E 104 50.73 -16.50 40.60
N LYS E 105 50.51 -17.03 41.79
CA LYS E 105 51.38 -18.07 42.30
C LYS E 105 51.01 -19.41 41.68
N LEU E 106 51.88 -20.39 41.91
CA LEU E 106 51.59 -21.77 41.53
C LEU E 106 51.72 -22.68 42.73
N THR E 107 50.85 -23.68 42.78
CA THR E 107 50.62 -24.52 43.94
C THR E 107 50.58 -25.98 43.53
N VAL E 108 51.70 -26.45 42.98
CA VAL E 108 51.84 -27.83 42.52
C VAL E 108 51.05 -28.81 43.37
N LEU E 109 50.80 -28.45 44.62
CA LEU E 109 50.06 -29.32 45.53
C LEU E 109 50.57 -30.76 45.45
N GLY E 110 51.81 -30.97 45.87
CA GLY E 110 52.41 -32.28 45.85
C GLY E 110 52.67 -32.84 47.24
N GLN E 111 53.57 -32.18 47.96
CA GLN E 111 53.92 -32.60 49.31
C GLN E 111 52.68 -32.94 50.13
N PRO E 112 52.75 -34.03 50.89
CA PRO E 112 51.61 -34.44 51.73
C PRO E 112 51.32 -33.34 52.74
N LYS E 113 50.33 -33.54 53.61
CA LYS E 113 50.00 -32.53 54.61
C LYS E 113 50.83 -32.72 55.88
N ALA E 114 51.71 -31.78 56.15
CA ALA E 114 52.55 -31.84 57.34
C ALA E 114 51.83 -31.17 58.48
N ALA E 115 52.42 -31.31 59.67
CA ALA E 115 51.83 -30.79 60.88
C ALA E 115 52.59 -29.55 61.32
N PRO E 116 51.93 -28.44 61.53
CA PRO E 116 52.66 -27.24 61.95
C PRO E 116 53.20 -27.39 63.36
N SER E 117 54.50 -27.64 63.47
CA SER E 117 55.12 -27.68 64.78
C SER E 117 55.15 -26.29 65.39
N VAL E 118 54.59 -26.14 66.57
CA VAL E 118 54.45 -24.87 67.25
C VAL E 118 55.37 -24.86 68.46
N THR E 119 55.91 -23.70 68.79
CA THR E 119 56.76 -23.53 69.95
C THR E 119 56.58 -22.13 70.51
N LEU E 120 56.35 -22.03 71.81
CA LEU E 120 55.99 -20.75 72.42
C LEU E 120 57.00 -20.44 73.53
N PHE E 121 57.36 -19.18 73.64
CA PHE E 121 58.32 -18.70 74.63
C PHE E 121 57.79 -17.46 75.34
N PRO E 122 57.92 -17.40 76.66
CA PRO E 122 57.51 -16.20 77.39
C PRO E 122 58.65 -15.19 77.46
N PRO E 123 58.37 -13.95 77.86
CA PRO E 123 59.44 -12.95 77.96
C PRO E 123 60.52 -13.38 78.94
N SER E 124 61.76 -13.28 78.50
CA SER E 124 62.89 -13.66 79.35
C SER E 124 63.04 -12.73 80.53
N SER E 125 63.90 -13.10 81.46
CA SER E 125 64.05 -12.35 82.71
C SER E 125 64.64 -10.97 82.47
N GLU E 126 65.69 -10.87 81.67
CA GLU E 126 66.29 -9.57 81.39
C GLU E 126 65.27 -8.62 80.78
N GLU E 127 64.38 -9.15 79.94
CA GLU E 127 63.33 -8.30 79.37
C GLU E 127 62.35 -7.86 80.43
N LEU E 128 62.05 -8.73 81.40
CA LEU E 128 61.23 -8.31 82.54
C LEU E 128 61.88 -7.16 83.28
N GLN E 129 63.19 -7.27 83.54
CA GLN E 129 63.91 -6.15 84.14
C GLN E 129 63.98 -4.95 83.22
N ALA E 130 63.79 -5.15 81.91
CA ALA E 130 63.85 -4.07 80.93
C ALA E 130 62.52 -3.35 80.77
N ASN E 131 61.57 -3.58 81.69
CA ASN E 131 60.31 -2.85 81.72
C ASN E 131 59.46 -3.13 80.48
N LYS E 132 59.64 -4.31 79.90
CA LYS E 132 58.86 -4.71 78.74
C LYS E 132 58.72 -6.24 78.73
N ALA E 133 57.95 -6.73 77.76
CA ALA E 133 57.62 -8.15 77.70
C ALA E 133 57.18 -8.49 76.29
N THR E 134 57.61 -9.64 75.79
CA THR E 134 57.24 -10.09 74.45
C THR E 134 57.08 -11.60 74.46
N LEU E 135 55.92 -12.05 74.00
CA LEU E 135 55.67 -13.47 73.78
C LEU E 135 56.09 -13.84 72.37
N VAL E 136 56.65 -15.04 72.21
CA VAL E 136 57.26 -15.46 70.95
C VAL E 136 56.62 -16.77 70.52
N CYS E 137 55.91 -16.76 69.40
CA CYS E 137 55.25 -17.96 68.88
C CYS E 137 55.87 -18.31 67.53
N LEU E 138 56.53 -19.46 67.46
CA LEU E 138 57.20 -19.91 66.26
C LEU E 138 56.44 -21.09 65.66
N ILE E 139 56.27 -21.08 64.35
CA ILE E 139 55.58 -22.14 63.62
C ILE E 139 56.56 -22.66 62.58
N SER E 140 56.59 -23.98 62.37
CA SER E 140 57.54 -24.51 61.42
C SER E 140 57.02 -25.80 60.82
N ASP E 141 57.54 -26.12 59.64
CA ASP E 141 57.28 -27.40 58.97
C ASP E 141 55.80 -27.68 58.75
N PHE E 142 55.13 -26.87 57.96
CA PHE E 142 53.69 -27.03 57.76
C PHE E 142 53.31 -26.96 56.29
N TYR E 143 53.94 -27.78 55.46
CA TYR E 143 54.12 -27.57 54.03
C TYR E 143 53.04 -26.75 53.32
N PRO E 144 51.75 -27.08 53.42
CA PRO E 144 50.76 -26.16 52.85
C PRO E 144 50.64 -24.92 53.71
N GLY E 145 50.90 -23.76 53.10
CA GLY E 145 51.23 -22.57 53.86
C GLY E 145 50.12 -21.67 54.39
N ALA E 146 48.87 -22.13 54.41
CA ALA E 146 47.77 -21.26 54.80
C ALA E 146 47.56 -21.19 56.30
N VAL E 147 48.61 -20.91 57.07
CA VAL E 147 48.49 -20.86 58.52
C VAL E 147 47.86 -19.55 58.93
N THR E 148 47.13 -19.55 60.04
CA THR E 148 46.75 -18.32 60.73
C THR E 148 46.87 -18.52 62.23
N VAL E 149 46.91 -17.42 62.98
CA VAL E 149 47.26 -17.42 64.39
C VAL E 149 46.24 -16.60 65.17
N ALA E 150 45.99 -17.01 66.42
CA ALA E 150 45.21 -16.22 67.36
C ALA E 150 45.84 -16.30 68.74
N TRP E 151 45.77 -15.19 69.47
CA TRP E 151 46.44 -15.05 70.76
C TRP E 151 45.42 -14.97 71.88
N LYS E 152 45.77 -15.57 73.02
CA LYS E 152 44.84 -15.76 74.12
C LYS E 152 45.45 -15.28 75.43
N ALA E 153 44.74 -14.39 76.11
CA ALA E 153 44.91 -14.14 77.53
C ALA E 153 44.01 -15.12 78.27
N ASP E 154 44.13 -15.19 79.60
CA ASP E 154 43.71 -16.35 80.38
C ASP E 154 42.51 -17.08 79.82
N SER E 155 41.48 -16.34 79.38
CA SER E 155 40.33 -16.94 78.75
C SER E 155 39.89 -16.20 77.49
N SER E 156 40.36 -15.01 77.25
CA SER E 156 39.81 -14.27 76.15
C SER E 156 40.80 -14.15 74.99
N PRO E 157 40.33 -13.88 73.78
CA PRO E 157 41.26 -13.57 72.70
C PRO E 157 41.71 -12.13 72.78
N VAL E 158 42.90 -11.87 72.22
CA VAL E 158 43.48 -10.54 72.20
C VAL E 158 43.82 -10.19 70.75
N LYS E 159 43.73 -8.91 70.40
CA LYS E 159 44.03 -8.46 69.04
C LYS E 159 44.90 -7.20 69.00
N ALA E 160 45.68 -6.92 70.04
CA ALA E 160 46.53 -5.74 70.08
C ALA E 160 47.93 -6.12 70.53
N GLY E 161 48.94 -5.59 69.85
CA GLY E 161 50.32 -5.86 70.18
C GLY E 161 50.91 -7.09 69.56
N VAL E 162 50.29 -7.62 68.51
CA VAL E 162 50.77 -8.85 67.88
C VAL E 162 51.21 -8.56 66.46
N GLU E 163 52.34 -9.16 66.07
CA GLU E 163 52.88 -9.04 64.72
C GLU E 163 53.11 -10.44 64.18
N THR E 164 52.78 -10.64 62.91
CA THR E 164 52.79 -11.97 62.31
C THR E 164 53.57 -11.95 61.00
N THR E 165 54.61 -12.76 60.93
CA THR E 165 55.37 -12.90 59.69
C THR E 165 54.53 -13.64 58.65
N THR E 166 54.74 -13.29 57.39
CA THR E 166 54.20 -14.11 56.32
C THR E 166 55.00 -15.39 56.23
N PRO E 167 54.41 -16.50 55.79
CA PRO E 167 55.14 -17.75 55.72
C PRO E 167 56.31 -17.66 54.76
N SER E 168 57.42 -18.29 55.17
CA SER E 168 58.65 -18.27 54.40
C SER E 168 59.11 -19.70 54.14
N LYS E 169 59.57 -19.95 52.92
CA LYS E 169 59.97 -21.29 52.54
C LYS E 169 61.38 -21.61 53.04
N GLN E 170 61.53 -22.80 53.59
CA GLN E 170 62.81 -23.27 54.10
C GLN E 170 63.56 -24.03 53.02
N SER E 171 64.62 -24.74 53.41
CA SER E 171 65.34 -25.58 52.47
C SER E 171 64.53 -26.80 52.07
N ASN E 172 63.92 -27.48 53.04
CA ASN E 172 63.09 -28.64 52.78
C ASN E 172 61.80 -28.29 52.05
N ASN E 173 61.67 -27.05 51.61
CA ASN E 173 60.55 -26.62 50.77
C ASN E 173 59.23 -26.72 51.52
N LYS E 174 59.28 -26.73 52.84
CA LYS E 174 58.11 -26.37 53.61
C LYS E 174 58.30 -24.98 54.21
N TYR E 175 57.35 -24.56 55.04
CA TYR E 175 57.26 -23.17 55.44
C TYR E 175 57.55 -23.00 56.93
N ALA E 176 57.67 -21.74 57.32
CA ALA E 176 57.92 -21.34 58.69
C ALA E 176 57.36 -19.94 58.88
N ALA E 177 56.99 -19.62 60.11
CA ALA E 177 56.42 -18.32 60.42
C ALA E 177 56.66 -18.01 61.89
N SER E 178 56.36 -16.77 62.26
CA SER E 178 56.61 -16.31 63.62
C SER E 178 55.66 -15.17 63.94
N SER E 179 55.34 -15.04 65.22
CA SER E 179 54.48 -13.96 65.71
C SER E 179 54.96 -13.51 67.08
N TYR E 180 54.79 -12.23 67.34
CA TYR E 180 55.28 -11.58 68.54
C TYR E 180 54.12 -10.88 69.23
N LEU E 181 54.12 -10.92 70.54
CA LEU E 181 53.09 -10.28 71.36
C LEU E 181 53.77 -9.29 72.29
N SER E 182 53.32 -8.03 72.22
CA SER E 182 53.88 -6.97 73.05
C SER E 182 53.06 -6.84 74.33
N LEU E 183 53.75 -6.75 75.46
CA LEU E 183 53.11 -6.70 76.77
C LEU E 183 53.95 -5.88 77.73
N THR E 184 53.29 -5.10 78.57
CA THR E 184 53.98 -4.58 79.72
C THR E 184 54.06 -5.65 80.81
N PRO E 185 55.18 -5.75 81.53
CA PRO E 185 55.33 -6.84 82.50
C PRO E 185 54.22 -6.88 83.54
N GLU E 186 53.62 -5.74 83.86
CA GLU E 186 52.49 -5.76 84.79
C GLU E 186 51.28 -6.46 84.18
N GLN E 187 51.09 -6.32 82.86
CA GLN E 187 50.07 -7.13 82.18
C GLN E 187 50.52 -8.56 82.04
N TRP E 188 51.84 -8.79 81.96
CA TRP E 188 52.36 -10.15 81.89
C TRP E 188 52.00 -10.93 83.15
N LYS E 189 52.15 -10.31 84.33
CA LYS E 189 51.75 -10.96 85.56
C LYS E 189 50.29 -10.75 85.89
N SER E 190 49.61 -9.82 85.21
CA SER E 190 48.19 -9.63 85.42
C SER E 190 47.41 -10.89 85.11
N HIS E 191 47.50 -11.38 83.88
CA HIS E 191 46.81 -12.60 83.50
C HIS E 191 47.65 -13.82 83.85
N ARG E 192 46.97 -14.87 84.31
CA ARG E 192 47.69 -16.01 84.86
C ARG E 192 48.36 -16.85 83.78
N SER E 193 47.90 -16.77 82.53
CA SER E 193 48.56 -17.51 81.48
C SER E 193 48.09 -17.01 80.13
N TYR E 194 48.95 -17.13 79.13
CA TYR E 194 48.63 -16.80 77.75
C TYR E 194 48.86 -18.02 76.88
N SER E 195 48.40 -17.92 75.64
CA SER E 195 48.61 -19.00 74.70
C SER E 195 48.59 -18.48 73.26
N CYS E 196 49.26 -19.24 72.39
CA CYS E 196 49.26 -19.01 70.96
C CYS E 196 48.61 -20.22 70.31
N GLN E 197 47.56 -19.99 69.51
CA GLN E 197 46.92 -21.06 68.77
C GLN E 197 47.13 -20.80 67.28
N VAL E 198 47.27 -21.86 66.50
CA VAL E 198 47.47 -21.77 65.06
C VAL E 198 46.44 -22.70 64.42
N THR E 199 45.78 -22.21 63.38
CA THR E 199 44.84 -22.99 62.61
C THR E 199 45.38 -23.18 61.21
N HIS E 200 45.14 -24.37 60.66
CA HIS E 200 45.80 -24.83 59.45
C HIS E 200 44.95 -25.94 58.87
N GLU E 201 44.31 -25.68 57.72
CA GLU E 201 43.43 -26.65 57.06
C GLU E 201 42.33 -27.15 57.99
N GLY E 202 41.64 -26.24 58.68
CA GLY E 202 40.62 -26.65 59.62
C GLY E 202 41.21 -27.09 60.95
N SER E 203 42.24 -27.92 60.89
CA SER E 203 42.92 -28.39 62.09
C SER E 203 43.47 -27.21 62.87
N THR E 204 43.72 -27.44 64.15
CA THR E 204 44.24 -26.43 65.05
C THR E 204 45.16 -27.07 66.07
N VAL E 205 46.27 -26.41 66.38
CA VAL E 205 47.10 -26.78 67.51
C VAL E 205 47.44 -25.52 68.26
N GLU E 206 47.43 -25.61 69.59
CA GLU E 206 47.68 -24.47 70.45
C GLU E 206 48.71 -24.86 71.49
N LYS E 207 49.48 -23.85 71.92
CA LYS E 207 50.49 -23.97 72.96
C LYS E 207 50.05 -22.97 74.04
N THR E 208 50.56 -23.13 75.25
CA THR E 208 50.20 -22.23 76.35
C THR E 208 51.35 -22.12 77.32
N VAL E 209 51.54 -20.93 77.89
CA VAL E 209 52.53 -20.71 78.93
C VAL E 209 51.93 -19.82 80.00
N ALA E 210 52.28 -20.10 81.25
CA ALA E 210 51.84 -19.31 82.38
C ALA E 210 53.06 -18.63 83.00
N PRO E 211 52.91 -17.38 83.44
CA PRO E 211 54.00 -16.72 84.15
C PRO E 211 54.45 -17.50 85.37
N THR E 212 55.67 -18.03 85.30
CA THR E 212 56.30 -18.80 86.37
C THR E 212 55.37 -19.81 87.02
N VAL F 2 32.84 59.39 -49.83
CA VAL F 2 32.20 58.15 -49.43
C VAL F 2 33.15 56.98 -49.55
N GLN F 3 34.42 57.25 -49.30
CA GLN F 3 35.46 56.25 -49.51
C GLN F 3 36.25 56.01 -48.23
N LEU F 4 36.81 54.81 -48.15
CA LEU F 4 37.55 54.33 -47.00
C LEU F 4 38.87 53.75 -47.50
N VAL F 5 39.98 54.29 -47.02
CA VAL F 5 41.29 53.73 -47.33
C VAL F 5 41.97 53.36 -46.03
N GLU F 6 42.92 52.43 -46.11
CA GLU F 6 43.69 52.02 -44.95
C GLU F 6 45.17 52.05 -45.30
N SER F 7 45.98 51.92 -44.26
CA SER F 7 47.42 51.85 -44.41
C SER F 7 48.00 51.31 -43.11
N GLY F 8 49.24 50.82 -43.19
CA GLY F 8 49.99 50.46 -42.02
C GLY F 8 50.40 49.00 -41.91
N GLY F 9 50.03 48.14 -42.85
CA GLY F 9 50.36 46.74 -42.74
C GLY F 9 51.80 46.44 -43.05
N GLY F 10 52.11 45.16 -43.08
CA GLY F 10 53.46 44.73 -43.32
C GLY F 10 53.76 43.48 -42.55
N VAL F 11 55.05 43.23 -42.36
CA VAL F 11 55.53 42.00 -41.73
C VAL F 11 56.28 42.39 -40.46
N VAL F 12 55.87 41.85 -39.32
CA VAL F 12 56.63 41.95 -38.08
C VAL F 12 56.77 40.57 -37.47
N GLN F 13 57.84 40.37 -36.71
CA GLN F 13 58.01 39.13 -35.98
C GLN F 13 57.04 39.06 -34.81
N PRO F 14 56.75 37.86 -34.30
CA PRO F 14 55.90 37.76 -33.10
C PRO F 14 56.56 38.42 -31.90
N GLY F 15 55.82 39.28 -31.24
CA GLY F 15 56.31 40.11 -30.15
C GLY F 15 56.36 41.59 -30.47
N GLY F 16 56.20 41.96 -31.73
CA GLY F 16 56.34 43.36 -32.13
C GLY F 16 55.09 44.17 -31.89
N SER F 17 54.93 45.21 -32.70
CA SER F 17 53.79 46.10 -32.58
C SER F 17 53.54 46.79 -33.91
N LEU F 18 52.30 47.26 -34.09
CA LEU F 18 51.92 47.92 -35.32
C LEU F 18 50.92 49.02 -35.04
N ARG F 19 50.70 49.85 -36.04
CA ARG F 19 49.74 50.95 -35.98
C ARG F 19 49.01 51.00 -37.31
N LEU F 20 47.77 50.51 -37.34
CA LEU F 20 46.96 50.58 -38.54
C LEU F 20 46.18 51.88 -38.54
N SER F 21 45.98 52.44 -39.72
CA SER F 21 45.23 53.68 -39.84
C SER F 21 44.25 53.59 -40.99
N CYS F 22 43.15 54.31 -40.87
CA CYS F 22 42.10 54.29 -41.88
C CYS F 22 41.51 55.68 -42.05
N ALA F 23 41.55 56.20 -43.26
CA ALA F 23 41.09 57.54 -43.57
C ALA F 23 39.82 57.47 -44.38
N ALA F 24 38.85 58.32 -44.05
CA ALA F 24 37.54 58.32 -44.69
C ALA F 24 37.28 59.64 -45.38
N SER F 25 36.33 59.61 -46.30
CA SER F 25 36.00 60.80 -47.07
C SER F 25 34.53 60.77 -47.44
N GLY F 26 33.85 61.90 -47.30
CA GLY F 26 32.52 62.06 -47.83
C GLY F 26 31.42 62.23 -46.80
N PHE F 27 31.73 62.19 -45.51
CA PHE F 27 30.71 62.38 -44.48
C PHE F 27 31.42 62.89 -43.24
N ARG F 28 30.63 63.22 -42.23
CA ARG F 28 31.25 63.57 -40.97
C ARG F 28 31.44 62.31 -40.13
N PHE F 29 32.36 62.41 -39.18
CA PHE F 29 32.58 61.31 -38.25
C PHE F 29 31.71 61.38 -37.01
N ASP F 30 31.04 62.47 -36.78
CA ASP F 30 30.21 62.51 -35.59
C ASP F 30 28.82 62.01 -35.83
N ASP F 31 28.60 61.23 -36.89
CA ASP F 31 27.32 60.58 -37.10
C ASP F 31 27.46 59.09 -37.35
N HIS F 32 28.64 58.50 -37.19
CA HIS F 32 28.76 57.09 -37.53
C HIS F 32 29.75 56.42 -36.59
N ALA F 33 29.48 55.15 -36.27
CA ALA F 33 30.42 54.36 -35.52
C ALA F 33 31.35 53.66 -36.48
N MET F 34 32.48 53.19 -35.97
CA MET F 34 33.47 52.57 -36.85
C MET F 34 33.84 51.20 -36.32
N HIS F 35 34.17 50.29 -37.25
CA HIS F 35 34.51 48.92 -36.93
C HIS F 35 35.83 48.54 -37.57
N TRP F 36 36.61 47.75 -36.87
CA TRP F 36 37.74 47.04 -37.46
C TRP F 36 37.36 45.57 -37.48
N VAL F 37 37.41 44.96 -38.66
CA VAL F 37 36.99 43.59 -38.85
C VAL F 37 38.10 42.87 -39.59
N ARG F 38 38.64 41.81 -39.02
CA ARG F 38 39.70 41.08 -39.68
C ARG F 38 39.17 39.82 -40.34
N GLN F 39 39.94 39.29 -41.26
CA GLN F 39 39.58 38.06 -41.94
C GLN F 39 40.83 37.31 -42.35
N ALA F 40 41.00 36.10 -41.85
CA ALA F 40 42.08 35.24 -42.27
C ALA F 40 41.89 34.83 -43.72
N PRO F 41 42.98 34.62 -44.47
CA PRO F 41 42.85 34.31 -45.91
C PRO F 41 42.21 32.95 -46.14
N GLY F 42 41.12 32.95 -46.90
CA GLY F 42 40.40 31.75 -47.20
C GLY F 42 39.29 31.41 -46.23
N LYS F 43 39.18 32.13 -45.12
CA LYS F 43 38.23 31.80 -44.06
C LYS F 43 37.19 32.90 -43.90
N GLY F 44 36.33 32.72 -42.91
CA GLY F 44 35.24 33.65 -42.68
C GLY F 44 35.69 34.87 -41.93
N LEU F 45 34.76 35.80 -41.75
CA LEU F 45 35.09 37.05 -41.10
C LEU F 45 35.15 36.86 -39.61
N GLU F 46 35.70 37.86 -38.93
CA GLU F 46 35.82 37.83 -37.48
C GLU F 46 35.89 39.27 -37.00
N TRP F 47 34.90 39.68 -36.22
CA TRP F 47 34.85 41.05 -35.75
C TRP F 47 35.95 41.29 -34.72
N VAL F 48 36.59 42.44 -34.80
CA VAL F 48 37.67 42.73 -33.87
C VAL F 48 37.25 43.80 -32.89
N SER F 49 36.89 44.99 -33.40
CA SER F 49 36.59 46.05 -32.46
C SER F 49 35.63 47.06 -33.06
N VAL F 50 34.99 47.85 -32.19
CA VAL F 50 34.10 48.92 -32.58
C VAL F 50 34.38 50.12 -31.67
N ILE F 51 34.33 51.32 -32.24
CA ILE F 51 34.23 52.52 -31.45
C ILE F 51 32.96 53.23 -31.89
N SER F 52 32.26 53.82 -30.93
CA SER F 52 31.07 54.58 -31.25
C SER F 52 31.45 55.92 -31.82
N GLY F 53 30.49 56.54 -32.47
CA GLY F 53 30.61 57.95 -32.72
C GLY F 53 30.43 58.71 -31.44
N ASP F 54 30.72 60.01 -31.51
CA ASP F 54 30.63 60.96 -30.40
C ASP F 54 31.48 60.50 -29.23
N GLY F 55 32.78 60.50 -29.45
CA GLY F 55 33.69 60.23 -28.36
C GLY F 55 33.98 58.76 -28.22
N GLY F 56 33.97 58.28 -26.99
CA GLY F 56 34.45 56.94 -26.76
C GLY F 56 33.53 56.04 -25.97
N SER F 57 33.21 54.90 -26.56
CA SER F 57 32.69 53.74 -25.83
C SER F 57 33.07 52.54 -26.69
N THR F 58 34.19 51.93 -26.35
CA THR F 58 34.80 50.92 -27.20
C THR F 58 34.57 49.52 -26.66
N TYR F 59 34.73 48.55 -27.54
CA TYR F 59 34.55 47.14 -27.22
C TYR F 59 35.52 46.34 -28.08
N TYR F 60 36.08 45.28 -27.50
CA TYR F 60 36.94 44.41 -28.29
C TYR F 60 36.41 42.99 -28.23
N ALA F 61 36.83 42.18 -29.20
CA ALA F 61 36.54 40.77 -29.11
C ALA F 61 37.39 40.13 -28.03
N ASP F 62 36.94 38.98 -27.55
CA ASP F 62 37.47 38.41 -26.31
C ASP F 62 38.89 37.88 -26.50
N SER F 63 39.20 37.33 -27.68
CA SER F 63 40.54 36.82 -27.93
C SER F 63 41.55 37.92 -28.11
N VAL F 64 41.11 39.15 -28.34
CA VAL F 64 41.99 40.27 -28.56
C VAL F 64 41.91 41.26 -27.39
N LYS F 65 41.42 40.80 -26.25
CA LYS F 65 41.19 41.69 -25.12
C LYS F 65 42.51 42.06 -24.47
N GLY F 66 42.70 43.35 -24.22
CA GLY F 66 43.87 43.86 -23.55
C GLY F 66 45.06 44.11 -24.45
N ARG F 67 45.17 43.37 -25.55
CA ARG F 67 46.33 43.52 -26.42
C ARG F 67 46.23 44.73 -27.33
N PHE F 68 45.02 45.14 -27.69
CA PHE F 68 44.82 46.12 -28.75
C PHE F 68 44.30 47.42 -28.17
N SER F 69 44.30 48.45 -29.01
CA SER F 69 43.69 49.71 -28.63
C SER F 69 43.19 50.38 -29.89
N ILE F 70 42.15 51.20 -29.76
CA ILE F 70 41.52 51.81 -30.91
C ILE F 70 41.10 53.23 -30.56
N SER F 71 41.40 54.18 -31.44
CA SER F 71 40.89 55.52 -31.28
C SER F 71 40.49 56.09 -32.63
N ARG F 72 39.82 57.22 -32.58
CA ARG F 72 39.44 57.96 -33.77
C ARG F 72 39.96 59.39 -33.64
N ASP F 73 39.94 60.09 -34.76
CA ASP F 73 40.31 61.51 -34.76
C ASP F 73 39.46 62.19 -35.83
N ASP F 74 38.51 62.98 -35.40
CA ASP F 74 37.66 63.73 -36.31
C ASP F 74 38.25 65.07 -36.69
N SER F 75 39.37 65.46 -36.09
CA SER F 75 40.14 66.58 -36.63
C SER F 75 40.83 66.21 -37.92
N LYS F 76 41.21 64.93 -38.07
CA LYS F 76 41.91 64.45 -39.25
C LYS F 76 41.11 63.47 -40.08
N ASN F 77 39.93 63.07 -39.61
CA ASN F 77 39.08 62.04 -40.22
C ASN F 77 39.84 60.72 -40.37
N SER F 78 40.16 60.12 -39.23
CA SER F 78 40.98 58.93 -39.24
C SER F 78 40.62 58.00 -38.10
N LEU F 79 40.98 56.74 -38.28
CA LEU F 79 40.97 55.71 -37.25
C LEU F 79 42.37 55.18 -37.03
N TYR F 80 42.72 54.93 -35.78
CA TYR F 80 43.98 54.29 -35.44
C TYR F 80 43.67 53.03 -34.66
N LEU F 81 44.35 51.95 -35.01
CA LEU F 81 44.27 50.68 -34.30
C LEU F 81 45.68 50.26 -33.95
N GLN F 82 46.03 50.38 -32.68
CA GLN F 82 47.36 50.05 -32.21
C GLN F 82 47.38 48.62 -31.74
N MET F 83 48.30 47.84 -32.27
CA MET F 83 48.39 46.41 -32.01
C MET F 83 49.69 46.14 -31.27
N ASN F 84 49.59 45.51 -30.11
CA ASN F 84 50.76 45.20 -29.29
C ASN F 84 50.80 43.71 -29.01
N SER F 85 52.01 43.15 -29.06
CA SER F 85 52.32 41.78 -28.68
C SER F 85 51.49 40.77 -29.48
N LEU F 86 51.74 40.78 -30.78
CA LEU F 86 51.00 39.93 -31.71
C LEU F 86 51.36 38.47 -31.50
N ARG F 87 50.47 37.61 -31.95
CA ARG F 87 50.71 36.18 -32.02
C ARG F 87 50.57 35.73 -33.46
N THR F 88 50.92 34.48 -33.72
CA THR F 88 51.01 33.99 -35.08
C THR F 88 49.66 33.73 -35.72
N GLU F 89 48.56 33.87 -34.99
CA GLU F 89 47.24 33.66 -35.55
C GLU F 89 46.57 34.96 -35.96
N ASP F 90 47.35 36.01 -36.19
CA ASP F 90 46.80 37.29 -36.58
C ASP F 90 47.16 37.64 -38.02
N THR F 91 47.59 36.67 -38.80
CA THR F 91 47.88 36.91 -40.21
C THR F 91 46.56 37.04 -40.95
N ALA F 92 46.19 38.25 -41.32
CA ALA F 92 44.86 38.44 -41.87
C ALA F 92 44.83 39.70 -42.72
N LEU F 93 43.77 39.83 -43.51
CA LEU F 93 43.35 41.13 -43.99
C LEU F 93 42.59 41.85 -42.90
N TYR F 94 42.72 43.16 -42.88
CA TYR F 94 42.01 43.98 -41.90
C TYR F 94 41.18 45.01 -42.67
N TYR F 95 39.90 45.09 -42.33
CA TYR F 95 38.93 45.93 -43.01
C TYR F 95 38.45 47.02 -42.07
N CYS F 96 38.34 48.22 -42.60
CA CYS F 96 37.84 49.37 -41.87
C CYS F 96 36.42 49.65 -42.35
N ALA F 97 35.43 49.33 -41.53
CA ALA F 97 34.05 49.41 -41.96
C ALA F 97 33.32 50.52 -41.20
N LYS F 98 32.35 51.13 -41.88
CA LYS F 98 31.56 52.19 -41.30
C LYS F 98 30.20 51.65 -40.88
N ASP F 99 29.82 51.96 -39.65
CA ASP F 99 28.56 51.56 -39.07
C ASP F 99 27.66 52.78 -39.10
N ARG F 100 26.60 52.71 -39.88
CA ARG F 100 25.58 53.74 -39.84
C ARG F 100 24.84 53.66 -38.52
N SER F 101 24.38 54.82 -38.04
CA SER F 101 23.66 54.97 -36.78
C SER F 101 24.49 54.46 -35.60
N TYR F 102 25.43 55.32 -35.21
CA TYR F 102 26.40 55.05 -34.16
C TYR F 102 25.82 54.50 -32.86
N GLY F 103 26.52 54.76 -31.76
CA GLY F 103 26.10 54.26 -30.47
C GLY F 103 26.45 52.79 -30.54
N PRO F 104 27.18 52.26 -29.57
CA PRO F 104 27.54 50.84 -29.62
C PRO F 104 26.29 50.00 -29.86
N PRO F 105 26.36 48.95 -30.66
CA PRO F 105 25.19 48.10 -30.87
C PRO F 105 24.56 47.70 -29.54
N ASP F 106 25.25 48.03 -28.45
CA ASP F 106 24.78 47.72 -27.11
C ASP F 106 23.57 48.55 -26.74
N VAL F 107 23.58 49.84 -27.06
CA VAL F 107 22.47 50.72 -26.74
C VAL F 107 21.55 50.93 -27.93
N PHE F 108 22.05 51.26 -29.11
CA PHE F 108 21.19 51.50 -30.26
C PHE F 108 21.00 50.18 -30.95
N ASN F 109 20.08 49.40 -30.43
CA ASN F 109 19.76 48.11 -31.00
C ASN F 109 18.95 48.29 -32.27
N TYR F 110 18.56 47.16 -32.86
CA TYR F 110 17.52 47.05 -33.88
C TYR F 110 17.90 47.65 -35.23
N GLU F 111 18.92 48.49 -35.29
CA GLU F 111 19.33 49.05 -36.56
C GLU F 111 20.79 49.48 -36.42
N TYR F 112 21.71 48.62 -36.82
CA TYR F 112 23.11 49.01 -36.90
C TYR F 112 23.69 48.89 -38.29
N GLY F 113 23.75 47.69 -38.88
CA GLY F 113 24.39 47.55 -40.18
C GLY F 113 25.87 47.90 -40.29
N MET F 114 26.44 47.70 -41.48
CA MET F 114 27.79 48.14 -41.82
C MET F 114 27.78 48.36 -43.34
N ASP F 115 27.56 49.60 -43.74
CA ASP F 115 27.18 49.83 -45.14
C ASP F 115 28.39 49.89 -46.07
N VAL F 116 29.36 50.75 -45.78
CA VAL F 116 30.49 50.92 -46.70
C VAL F 116 31.74 50.34 -46.05
N TRP F 117 32.59 49.80 -46.90
CA TRP F 117 33.75 49.04 -46.47
C TRP F 117 34.99 49.59 -47.17
N GLY F 118 36.13 49.31 -46.58
CA GLY F 118 37.40 49.67 -47.17
C GLY F 118 37.90 48.60 -48.09
N GLN F 119 39.18 48.70 -48.44
CA GLN F 119 39.81 47.70 -49.29
C GLN F 119 40.73 46.78 -48.53
N GLY F 120 40.93 47.00 -47.25
CA GLY F 120 41.66 46.06 -46.45
C GLY F 120 43.17 46.25 -46.54
N THR F 121 43.85 45.67 -45.56
CA THR F 121 45.30 45.77 -45.47
C THR F 121 45.82 44.46 -44.92
N THR F 122 46.82 43.89 -45.59
CA THR F 122 47.35 42.60 -45.24
C THR F 122 48.39 42.75 -44.14
N VAL F 123 48.33 41.90 -43.14
CA VAL F 123 49.33 41.86 -42.08
C VAL F 123 49.65 40.40 -41.76
N THR F 124 50.93 40.06 -41.74
CA THR F 124 51.35 38.70 -41.44
C THR F 124 52.51 38.74 -40.47
N VAL F 125 52.60 37.71 -39.63
CA VAL F 125 53.66 37.64 -38.63
C VAL F 125 54.44 36.34 -38.72
N SER F 126 55.71 36.40 -38.34
CA SER F 126 56.59 35.23 -38.35
C SER F 126 58.03 35.65 -38.17
N SER F 127 58.90 34.67 -37.94
CA SER F 127 60.32 34.92 -37.74
C SER F 127 61.10 34.52 -38.97
N ALA F 128 60.45 33.76 -39.87
CA ALA F 128 61.09 33.30 -41.08
C ALA F 128 61.88 34.42 -41.76
N SER F 129 61.55 35.66 -41.41
CA SER F 129 62.23 36.81 -41.99
C SER F 129 61.94 36.91 -43.48
N THR F 130 62.87 37.50 -44.22
CA THR F 130 62.72 37.66 -45.66
C THR F 130 63.77 36.83 -46.40
N LYS F 131 63.40 36.31 -47.56
CA LYS F 131 64.33 35.52 -48.35
C LYS F 131 63.98 35.62 -49.83
N GLY F 132 65.00 35.45 -50.66
CA GLY F 132 64.85 35.56 -52.09
C GLY F 132 64.44 34.25 -52.72
N PRO F 133 63.87 34.33 -53.92
CA PRO F 133 63.35 33.11 -54.55
C PRO F 133 64.44 32.32 -55.25
N SER F 134 64.25 31.01 -55.30
CA SER F 134 65.08 30.12 -56.10
C SER F 134 64.28 29.67 -57.32
N VAL F 135 64.88 29.81 -58.51
CA VAL F 135 64.17 29.62 -59.76
C VAL F 135 64.73 28.42 -60.49
N PHE F 136 63.85 27.62 -61.06
CA PHE F 136 64.16 26.55 -62.01
C PHE F 136 63.26 26.67 -63.23
N PRO F 137 63.75 26.30 -64.42
CA PRO F 137 62.86 26.24 -65.58
C PRO F 137 62.30 24.82 -65.75
N LEU F 138 60.98 24.72 -65.86
CA LEU F 138 60.32 23.45 -66.16
C LEU F 138 60.17 23.37 -67.67
N ALA F 139 60.99 22.53 -68.28
CA ALA F 139 61.19 22.39 -69.71
C ALA F 139 59.93 21.87 -70.38
N PRO F 140 59.68 22.27 -71.62
CA PRO F 140 58.62 21.60 -72.40
C PRO F 140 59.05 20.19 -72.75
N SER F 141 58.11 19.25 -72.61
CA SER F 141 58.43 17.85 -72.83
C SER F 141 57.28 17.17 -73.56
N SER F 142 57.56 16.01 -74.13
CA SER F 142 56.52 15.23 -74.78
C SER F 142 55.46 14.76 -73.79
N LYS F 143 55.84 14.57 -72.52
CA LYS F 143 54.85 14.27 -71.50
C LYS F 143 53.95 15.46 -71.23
N SER F 144 54.41 16.67 -71.52
CA SER F 144 53.56 17.84 -71.53
C SER F 144 53.00 18.15 -72.92
N THR F 145 53.63 17.62 -73.97
CA THR F 145 53.17 17.88 -75.32
C THR F 145 51.96 17.00 -75.65
N SER F 146 51.00 17.58 -76.39
CA SER F 146 49.82 16.86 -76.86
C SER F 146 49.35 17.53 -78.15
N GLY F 147 49.66 16.89 -79.27
CA GLY F 147 49.15 17.36 -80.55
C GLY F 147 49.79 18.67 -80.96
N GLY F 148 48.98 19.73 -80.99
CA GLY F 148 49.42 21.00 -81.54
C GLY F 148 50.17 21.90 -80.59
N THR F 149 50.08 21.64 -79.28
CA THR F 149 50.65 22.53 -78.28
C THR F 149 51.46 21.75 -77.25
N ALA F 150 52.37 22.48 -76.58
CA ALA F 150 53.18 21.94 -75.50
C ALA F 150 53.44 23.06 -74.50
N ALA F 151 53.53 22.69 -73.22
CA ALA F 151 53.58 23.65 -72.13
C ALA F 151 54.99 23.69 -71.52
N LEU F 152 55.42 24.89 -71.13
CA LEU F 152 56.68 25.10 -70.43
C LEU F 152 56.49 26.20 -69.40
N GLY F 153 57.35 26.24 -68.39
CA GLY F 153 57.15 27.21 -67.34
C GLY F 153 58.36 27.43 -66.47
N CYS F 154 58.14 28.14 -65.37
CA CYS F 154 59.19 28.49 -64.43
C CYS F 154 58.69 28.29 -63.01
N LEU F 155 59.48 27.61 -62.20
CA LEU F 155 59.18 27.31 -60.81
C LEU F 155 60.00 28.24 -59.93
N VAL F 156 59.33 29.11 -59.18
CA VAL F 156 59.98 30.07 -58.31
C VAL F 156 59.54 29.73 -56.89
N LYS F 157 60.48 29.30 -56.06
CA LYS F 157 60.14 28.70 -54.77
C LYS F 157 60.94 29.32 -53.63
N ASP F 158 60.57 28.94 -52.41
CA ASP F 158 61.25 29.31 -51.17
C ASP F 158 61.52 30.79 -51.04
N TYR F 159 60.46 31.57 -50.86
CA TYR F 159 60.60 32.98 -50.52
C TYR F 159 59.56 33.36 -49.48
N PHE F 160 59.92 34.21 -48.52
CA PHE F 160 58.95 34.72 -47.57
C PHE F 160 58.16 35.92 -48.07
N PRO F 161 58.79 36.95 -48.63
CA PRO F 161 58.07 38.21 -48.84
C PRO F 161 57.04 38.13 -49.95
N GLU F 162 55.82 37.76 -49.56
CA GLU F 162 54.68 37.31 -50.36
C GLU F 162 54.58 37.92 -51.76
N PRO F 163 54.60 39.24 -51.93
CA PRO F 163 54.45 39.77 -53.29
C PRO F 163 55.67 39.50 -54.15
N VAL F 164 55.51 38.60 -55.12
CA VAL F 164 56.55 38.24 -56.07
C VAL F 164 55.90 38.13 -57.44
N THR F 165 56.64 38.42 -58.51
CA THR F 165 56.02 38.36 -59.81
C THR F 165 56.96 37.66 -60.78
N VAL F 166 56.35 36.92 -61.72
CA VAL F 166 57.06 36.29 -62.82
C VAL F 166 56.30 36.62 -64.09
N SER F 167 57.01 37.23 -65.05
CA SER F 167 56.44 37.53 -66.34
C SER F 167 57.08 36.64 -67.39
N TRP F 168 56.50 36.61 -68.57
CA TRP F 168 57.04 35.86 -69.68
C TRP F 168 57.50 36.80 -70.78
N ASN F 169 58.80 36.76 -71.06
CA ASN F 169 59.41 37.56 -72.11
C ASN F 169 59.13 39.05 -71.91
N SER F 170 59.48 39.53 -70.72
CA SER F 170 59.35 40.95 -70.36
C SER F 170 57.92 41.46 -70.53
N GLY F 171 56.94 40.56 -70.40
CA GLY F 171 55.56 40.93 -70.57
C GLY F 171 55.00 40.74 -71.94
N ALA F 172 55.69 40.01 -72.82
CA ALA F 172 55.24 39.84 -74.20
C ALA F 172 54.10 38.84 -74.34
N LEU F 173 54.26 37.61 -73.86
CA LEU F 173 53.28 36.55 -74.06
C LEU F 173 52.17 36.69 -73.03
N THR F 174 50.93 36.82 -73.51
CA THR F 174 49.77 36.88 -72.64
C THR F 174 48.85 35.71 -72.92
N SER F 175 49.18 34.92 -73.93
CA SER F 175 48.41 33.75 -74.31
C SER F 175 48.95 32.52 -73.60
N GLY F 176 48.09 31.84 -72.84
CA GLY F 176 48.46 30.64 -72.12
C GLY F 176 49.26 30.87 -70.85
N VAL F 177 49.77 32.08 -70.63
CA VAL F 177 50.53 32.39 -69.43
C VAL F 177 49.58 32.38 -68.24
N HIS F 178 49.82 31.46 -67.30
CA HIS F 178 49.00 31.36 -66.10
C HIS F 178 49.85 31.09 -64.85
N THR F 179 49.91 32.08 -63.95
CA THR F 179 50.68 31.94 -62.73
C THR F 179 49.74 31.39 -61.66
N PHE F 180 50.16 30.32 -61.03
CA PHE F 180 49.28 29.69 -60.07
C PHE F 180 49.49 30.28 -58.68
N PRO F 181 48.46 30.23 -57.83
CA PRO F 181 48.60 30.80 -56.49
C PRO F 181 49.78 30.20 -55.76
N ALA F 182 50.51 31.06 -55.07
CA ALA F 182 51.65 30.60 -54.30
C ALA F 182 51.19 29.67 -53.20
N VAL F 183 52.05 28.72 -52.85
CA VAL F 183 51.74 27.77 -51.81
C VAL F 183 52.67 28.01 -50.63
N LEU F 184 52.12 27.87 -49.43
CA LEU F 184 52.86 28.08 -48.20
C LEU F 184 53.24 26.73 -47.62
N GLN F 185 54.54 26.46 -47.58
CA GLN F 185 55.04 25.17 -47.12
C GLN F 185 55.09 25.11 -45.61
N SER F 186 55.43 23.93 -45.10
CA SER F 186 55.65 23.79 -43.66
C SER F 186 56.89 24.54 -43.22
N SER F 187 57.87 24.68 -44.11
CA SER F 187 59.08 25.45 -43.78
C SER F 187 58.77 26.90 -43.48
N GLY F 188 57.58 27.38 -43.85
CA GLY F 188 57.21 28.76 -43.65
C GLY F 188 57.43 29.66 -44.84
N LEU F 189 57.99 29.13 -45.93
CA LEU F 189 58.28 29.93 -47.11
C LEU F 189 57.31 29.60 -48.22
N TYR F 190 57.06 30.58 -49.09
CA TYR F 190 56.14 30.40 -50.18
C TYR F 190 56.81 29.75 -51.37
N SER F 191 56.00 29.32 -52.33
CA SER F 191 56.49 28.75 -53.57
C SER F 191 55.35 28.79 -54.59
N LEU F 192 55.72 28.94 -55.86
CA LEU F 192 54.74 28.95 -56.93
C LEU F 192 55.41 28.53 -58.22
N SER F 193 54.59 28.32 -59.25
CA SER F 193 55.05 27.94 -60.58
C SER F 193 54.11 28.54 -61.63
N SER F 194 54.67 29.19 -62.64
CA SER F 194 53.87 29.81 -63.70
C SER F 194 54.17 29.09 -65.00
N VAL F 195 53.12 28.70 -65.71
CA VAL F 195 53.27 27.88 -66.91
C VAL F 195 52.50 28.52 -68.06
N VAL F 196 53.00 28.29 -69.27
CA VAL F 196 52.39 28.78 -70.50
C VAL F 196 52.53 27.72 -71.57
N THR F 197 51.46 27.55 -72.35
CA THR F 197 51.46 26.63 -73.48
C THR F 197 51.78 27.40 -74.77
N VAL F 198 52.39 26.71 -75.71
CA VAL F 198 52.90 27.32 -76.94
C VAL F 198 52.93 26.20 -77.98
N PRO F 199 52.63 26.49 -79.26
CA PRO F 199 52.55 25.41 -80.26
C PRO F 199 53.76 24.48 -80.22
N SER F 200 53.49 23.19 -80.36
CA SER F 200 54.54 22.19 -80.25
C SER F 200 55.54 22.30 -81.40
N SER F 201 55.15 22.95 -82.51
CA SER F 201 56.11 23.25 -83.55
C SER F 201 57.13 24.28 -83.08
N SER F 202 56.82 25.00 -82.01
CA SER F 202 57.64 26.07 -81.49
C SER F 202 58.28 25.76 -80.14
N LEU F 203 58.79 24.54 -79.97
CA LEU F 203 59.41 24.16 -78.69
C LEU F 203 60.55 25.10 -78.31
N GLY F 204 61.62 25.10 -79.10
CA GLY F 204 62.76 25.97 -78.80
C GLY F 204 62.83 27.18 -79.70
N THR F 205 61.94 27.26 -80.70
CA THR F 205 62.11 28.19 -81.81
C THR F 205 62.23 29.64 -81.35
N GLN F 206 61.26 30.13 -80.57
CA GLN F 206 61.25 31.53 -80.20
C GLN F 206 61.76 31.70 -78.77
N THR F 207 61.68 32.94 -78.27
CA THR F 207 62.18 33.25 -76.93
C THR F 207 61.09 33.04 -75.89
N TYR F 208 61.43 32.30 -74.85
CA TYR F 208 60.56 32.12 -73.70
C TYR F 208 61.41 32.27 -72.45
N ILE F 209 61.54 33.50 -71.98
CA ILE F 209 62.36 33.80 -70.80
C ILE F 209 61.45 34.37 -69.73
N CYS F 210 61.42 33.70 -68.58
CA CYS F 210 60.65 34.17 -67.44
C CYS F 210 61.46 35.19 -66.66
N ASN F 211 60.84 36.33 -66.41
CA ASN F 211 61.44 37.46 -65.72
C ASN F 211 60.90 37.43 -64.30
N VAL F 212 61.76 37.09 -63.36
CA VAL F 212 61.40 36.97 -61.96
C VAL F 212 61.82 38.24 -61.24
N ASN F 213 60.86 38.91 -60.62
CA ASN F 213 61.11 40.11 -59.83
C ASN F 213 60.51 39.97 -58.44
N HIS F 214 61.32 40.25 -57.43
CA HIS F 214 60.96 40.18 -56.02
C HIS F 214 61.08 41.60 -55.47
N LYS F 215 59.94 42.23 -55.22
CA LYS F 215 59.87 43.65 -54.89
C LYS F 215 60.27 44.00 -53.45
N PRO F 216 59.90 43.21 -52.44
CA PRO F 216 60.44 43.53 -51.11
C PRO F 216 61.95 43.43 -51.05
N SER F 217 62.54 42.40 -51.65
CA SER F 217 63.96 42.40 -51.94
C SER F 217 64.17 43.12 -53.25
N ASN F 218 65.33 42.97 -53.87
CA ASN F 218 65.61 43.55 -55.18
C ASN F 218 66.13 42.50 -56.15
N THR F 219 65.45 41.37 -56.21
CA THR F 219 65.86 40.27 -57.07
C THR F 219 65.20 40.39 -58.45
N LYS F 220 66.02 40.28 -59.49
CA LYS F 220 65.57 40.32 -60.87
C LYS F 220 66.42 39.36 -61.68
N VAL F 221 65.82 38.26 -62.15
CA VAL F 221 66.55 37.23 -62.88
C VAL F 221 65.70 36.75 -64.04
N ASP F 222 66.32 36.58 -65.21
CA ASP F 222 65.65 36.05 -66.39
C ASP F 222 66.15 34.64 -66.66
N LYS F 223 65.23 33.69 -66.75
CA LYS F 223 65.56 32.28 -66.96
C LYS F 223 64.90 31.78 -68.24
N LYS F 224 65.69 31.16 -69.11
CA LYS F 224 65.18 30.62 -70.37
C LYS F 224 64.75 29.17 -70.17
N VAL F 225 63.64 28.80 -70.78
CA VAL F 225 63.12 27.44 -70.70
C VAL F 225 63.22 26.81 -72.09
N GLU F 226 63.91 25.67 -72.17
CA GLU F 226 64.15 24.97 -73.41
C GLU F 226 63.77 23.50 -73.24
N PRO F 227 63.44 22.82 -74.33
CA PRO F 227 63.09 21.39 -74.22
C PRO F 227 64.20 20.60 -73.55
N LYS F 228 63.81 19.45 -72.98
CA LYS F 228 64.74 18.63 -72.24
C LYS F 228 65.81 18.07 -73.16
N SER F 229 67.02 17.95 -72.61
CA SER F 229 68.20 17.53 -73.36
C SER F 229 68.01 16.17 -74.03
N SER G 2 26.58 31.97 -28.95
CA SER G 2 27.54 32.92 -29.52
C SER G 2 28.29 32.28 -30.66
N VAL G 3 27.64 31.35 -31.35
CA VAL G 3 28.32 30.58 -32.39
C VAL G 3 27.71 30.84 -33.77
N LEU G 4 26.39 31.05 -33.82
CA LEU G 4 25.65 31.36 -35.05
C LEU G 4 25.83 30.29 -36.12
N THR G 5 25.32 29.10 -35.80
CA THR G 5 25.46 27.96 -36.69
C THR G 5 24.66 28.17 -37.97
N GLN G 6 25.32 28.00 -39.10
CA GLN G 6 24.67 28.11 -40.40
C GLN G 6 25.30 27.08 -41.31
N PRO G 7 24.59 26.63 -42.36
CA PRO G 7 25.15 25.60 -43.23
C PRO G 7 26.35 26.11 -43.99
N PRO G 8 27.31 25.23 -44.32
CA PRO G 8 28.54 25.70 -44.95
C PRO G 8 28.41 25.94 -46.45
N SER G 9 27.49 25.26 -47.14
CA SER G 9 27.31 25.50 -48.56
C SER G 9 25.90 25.09 -48.96
N ALA G 10 25.31 25.85 -49.88
CA ALA G 10 23.99 25.57 -50.41
C ALA G 10 24.07 25.47 -51.93
N SER G 11 22.96 25.06 -52.53
CA SER G 11 22.97 24.76 -53.95
C SER G 11 21.62 25.10 -54.57
N GLY G 12 21.55 25.00 -55.89
CA GLY G 12 20.32 25.23 -56.60
C GLY G 12 20.49 25.57 -58.06
N THR G 13 19.52 25.18 -58.88
CA THR G 13 19.52 25.54 -60.28
C THR G 13 19.19 27.02 -60.45
N PRO G 14 19.74 27.68 -61.46
CA PRO G 14 19.46 29.10 -61.68
C PRO G 14 18.02 29.35 -62.09
N GLY G 15 17.29 30.09 -61.26
CA GLY G 15 15.93 30.47 -61.57
C GLY G 15 14.88 29.97 -60.60
N GLN G 16 15.24 29.81 -59.33
CA GLN G 16 14.27 29.40 -58.33
C GLN G 16 14.74 29.85 -56.95
N ARG G 17 13.84 29.73 -55.98
CA ARG G 17 14.06 30.29 -54.66
C ARG G 17 14.95 29.39 -53.83
N VAL G 18 15.99 29.98 -53.25
CA VAL G 18 16.93 29.29 -52.38
C VAL G 18 16.96 30.01 -51.04
N THR G 19 16.75 29.28 -49.96
CA THR G 19 16.81 29.85 -48.63
C THR G 19 18.16 29.58 -47.98
N ILE G 20 18.52 30.43 -47.02
CA ILE G 20 19.76 30.32 -46.27
C ILE G 20 19.42 30.63 -44.82
N SER G 21 19.70 29.70 -43.92
CA SER G 21 19.27 29.84 -42.55
C SER G 21 20.43 30.19 -41.64
N CYS G 22 20.09 30.76 -40.48
CA CYS G 22 21.00 30.93 -39.36
C CYS G 22 20.24 30.66 -38.09
N SER G 23 20.95 30.17 -37.08
CA SER G 23 20.33 29.78 -35.82
C SER G 23 21.20 30.25 -34.67
N GLY G 24 20.75 31.28 -33.98
CA GLY G 24 21.44 31.79 -32.81
C GLY G 24 20.56 31.61 -31.60
N SER G 25 21.11 31.76 -30.40
CA SER G 25 20.33 31.30 -29.26
C SER G 25 19.34 32.30 -28.69
N SER G 26 19.84 33.19 -27.84
CA SER G 26 18.96 34.07 -27.09
C SER G 26 19.51 35.46 -26.88
N SER G 27 20.82 35.63 -26.87
CA SER G 27 21.40 36.95 -26.90
C SER G 27 21.79 37.34 -28.30
N ASN G 28 21.89 36.36 -29.18
CA ASN G 28 22.23 36.61 -30.56
C ASN G 28 21.03 37.16 -31.33
N ILE G 29 20.02 36.32 -31.52
CA ILE G 29 18.85 36.67 -32.28
C ILE G 29 17.66 36.92 -31.39
N GLY G 30 17.79 36.65 -30.09
CA GLY G 30 16.70 36.83 -29.16
C GLY G 30 16.33 38.29 -29.02
N SER G 31 17.23 39.07 -28.44
CA SER G 31 17.03 40.51 -28.25
C SER G 31 18.12 41.26 -29.02
N ASN G 32 17.92 41.37 -30.33
CA ASN G 32 18.84 42.02 -31.25
C ASN G 32 18.24 41.92 -32.64
N THR G 33 19.03 42.29 -33.65
CA THR G 33 18.61 42.22 -35.04
C THR G 33 19.71 41.57 -35.87
N VAL G 34 19.37 41.05 -37.04
CA VAL G 34 20.33 40.40 -37.91
C VAL G 34 20.66 41.30 -39.08
N ASN G 35 21.88 41.13 -39.61
CA ASN G 35 22.28 41.66 -40.89
C ASN G 35 22.73 40.52 -41.77
N TRP G 36 22.72 40.76 -43.07
CA TRP G 36 23.21 39.79 -44.02
C TRP G 36 24.23 40.44 -44.93
N TYR G 37 25.36 39.77 -45.14
CA TYR G 37 26.45 40.33 -45.92
C TYR G 37 26.85 39.38 -47.03
N GLN G 38 26.95 39.90 -48.24
CA GLN G 38 27.40 39.14 -49.39
C GLN G 38 28.85 39.48 -49.69
N GLN G 39 29.65 38.44 -49.93
CA GLN G 39 31.06 38.58 -50.26
C GLN G 39 31.31 37.86 -51.59
N LEU G 40 31.33 38.63 -52.67
CA LEU G 40 31.81 38.13 -53.95
C LEU G 40 33.30 37.82 -53.83
N PRO G 41 33.84 36.89 -54.65
CA PRO G 41 35.24 36.48 -54.45
C PRO G 41 36.26 37.56 -54.78
N GLY G 42 36.94 38.03 -53.74
CA GLY G 42 38.04 38.97 -53.87
C GLY G 42 37.73 40.37 -53.38
N THR G 43 36.47 40.78 -53.47
CA THR G 43 36.15 42.17 -53.20
C THR G 43 35.89 42.37 -51.71
N ALA G 44 35.42 43.56 -51.36
CA ALA G 44 34.94 43.88 -50.04
C ALA G 44 33.50 43.41 -49.91
N PRO G 45 33.07 43.04 -48.70
CA PRO G 45 31.69 42.56 -48.53
C PRO G 45 30.68 43.67 -48.67
N LYS G 46 29.53 43.31 -49.20
CA LYS G 46 28.41 44.22 -49.37
C LYS G 46 27.43 44.02 -48.23
N LEU G 47 26.59 45.01 -47.99
CA LEU G 47 25.47 44.85 -47.08
C LEU G 47 24.24 44.48 -47.90
N LEU G 48 23.49 43.52 -47.39
CA LEU G 48 22.28 43.07 -48.08
C LEU G 48 21.01 43.41 -47.31
N ILE G 49 20.90 43.01 -46.05
CA ILE G 49 19.68 43.19 -45.28
C ILE G 49 20.07 43.67 -43.90
N TYR G 50 19.49 44.76 -43.44
CA TYR G 50 19.61 45.15 -42.04
C TYR G 50 18.23 45.21 -41.42
N SER G 51 18.21 45.13 -40.09
CA SER G 51 16.98 45.17 -39.28
C SER G 51 15.97 44.11 -39.74
N ASN G 52 16.49 42.93 -40.06
CA ASN G 52 15.84 41.66 -40.37
C ASN G 52 15.10 41.62 -41.70
N ASN G 53 14.62 42.76 -42.19
CA ASN G 53 14.12 42.86 -43.56
C ASN G 53 14.07 44.36 -43.91
N GLN G 54 15.18 44.87 -44.45
CA GLN G 54 15.20 46.20 -45.03
C GLN G 54 16.43 46.25 -45.92
N ARG G 55 16.22 46.11 -47.19
CA ARG G 55 17.37 46.29 -48.05
C ARG G 55 17.63 47.77 -48.25
N PRO G 56 18.88 48.20 -48.27
CA PRO G 56 19.20 49.59 -48.52
C PRO G 56 19.11 49.89 -50.01
N SER G 57 19.45 51.12 -50.35
CA SER G 57 19.40 51.54 -51.75
C SER G 57 20.50 50.86 -52.54
N GLY G 58 20.11 50.23 -53.64
CA GLY G 58 21.06 49.54 -54.50
C GLY G 58 20.94 48.04 -54.46
N VAL G 59 20.24 47.50 -53.48
CA VAL G 59 20.00 46.06 -53.42
C VAL G 59 18.74 45.78 -54.21
N PRO G 60 18.77 44.88 -55.19
CA PRO G 60 17.59 44.62 -56.01
C PRO G 60 16.53 43.86 -55.26
N ASP G 61 15.34 43.83 -55.83
CA ASP G 61 14.20 43.17 -55.20
C ASP G 61 14.16 41.67 -55.51
N ARG G 62 15.24 40.98 -55.19
CA ARG G 62 15.25 39.54 -55.21
C ARG G 62 15.58 38.97 -53.85
N PHE G 63 16.06 39.81 -52.93
CA PHE G 63 16.46 39.40 -51.60
C PHE G 63 15.42 39.87 -50.60
N SER G 64 15.16 39.03 -49.61
CA SER G 64 14.16 39.33 -48.58
C SER G 64 14.83 39.05 -47.26
N GLY G 65 14.03 38.88 -46.22
CA GLY G 65 14.61 38.55 -44.93
C GLY G 65 13.57 38.17 -43.91
N SER G 66 13.85 37.14 -43.12
CA SER G 66 12.89 36.70 -42.11
C SER G 66 13.61 36.46 -40.81
N LYS G 67 12.97 36.81 -39.71
CA LYS G 67 13.45 36.49 -38.38
C LYS G 67 12.30 35.92 -37.59
N SER G 68 12.44 34.67 -37.17
CA SER G 68 11.37 33.96 -36.46
C SER G 68 11.93 33.48 -35.13
N GLY G 69 11.68 34.25 -34.09
CA GLY G 69 11.94 33.84 -32.73
C GLY G 69 13.41 33.80 -32.38
N THR G 70 14.11 32.81 -32.92
CA THR G 70 15.54 32.69 -32.72
C THR G 70 16.27 32.21 -33.97
N SER G 71 15.58 32.06 -35.09
CA SER G 71 16.22 31.73 -36.34
C SER G 71 16.07 32.90 -37.29
N ALA G 72 16.94 32.94 -38.29
CA ALA G 72 16.82 33.94 -39.33
C ALA G 72 17.02 33.27 -40.68
N SER G 73 16.59 33.96 -41.73
CA SER G 73 16.62 33.35 -43.05
C SER G 73 16.70 34.41 -44.13
N LEU G 74 17.76 34.35 -44.92
CA LEU G 74 17.76 34.96 -46.24
C LEU G 74 16.98 34.10 -47.21
N ALA G 75 16.44 34.73 -48.24
CA ALA G 75 15.64 34.02 -49.22
C ALA G 75 15.89 34.65 -50.59
N ILE G 76 16.84 34.09 -51.33
CA ILE G 76 17.11 34.56 -52.69
C ILE G 76 16.05 34.00 -53.62
N SER G 77 15.31 34.90 -54.27
CA SER G 77 14.23 34.50 -55.16
C SER G 77 14.77 34.49 -56.59
N GLY G 78 15.26 33.34 -57.03
CA GLY G 78 15.72 33.19 -58.39
C GLY G 78 17.19 33.51 -58.53
N LEU G 79 18.01 32.47 -58.66
CA LEU G 79 19.44 32.67 -58.77
C LEU G 79 19.81 33.23 -60.13
N GLN G 80 21.02 33.75 -60.24
CA GLN G 80 21.53 34.26 -61.49
C GLN G 80 23.04 34.07 -61.53
N SER G 81 23.65 34.50 -62.62
CA SER G 81 25.05 34.22 -62.90
C SER G 81 26.00 35.11 -62.12
N GLU G 82 25.48 36.05 -61.33
CA GLU G 82 26.32 36.97 -60.56
C GLU G 82 26.15 36.78 -59.07
N ASP G 83 25.32 35.83 -58.64
CA ASP G 83 25.15 35.54 -57.22
C ASP G 83 25.77 34.17 -56.95
N GLU G 84 27.09 34.17 -56.81
CA GLU G 84 27.86 32.98 -56.43
C GLU G 84 28.88 33.52 -55.45
N ALA G 85 28.54 33.50 -54.17
CA ALA G 85 29.30 34.29 -53.21
C ALA G 85 29.14 33.69 -51.84
N ASP G 86 29.82 34.29 -50.89
CA ASP G 86 29.62 33.93 -49.49
C ASP G 86 28.53 34.80 -48.90
N TYR G 87 27.78 34.23 -47.96
CA TYR G 87 26.75 35.00 -47.29
C TYR G 87 26.87 34.77 -45.79
N TYR G 88 26.92 35.86 -45.04
CA TYR G 88 27.13 35.80 -43.60
C TYR G 88 25.97 36.48 -42.90
N CYS G 89 25.56 35.94 -41.77
CA CYS G 89 24.60 36.59 -40.92
C CYS G 89 25.30 37.14 -39.69
N ALA G 90 24.83 38.26 -39.20
CA ALA G 90 25.43 38.89 -38.04
C ALA G 90 24.39 39.08 -36.95
N ALA G 91 24.87 39.39 -35.75
CA ALA G 91 24.01 39.63 -34.60
C ALA G 91 24.75 40.59 -33.69
N TRP G 92 24.40 40.61 -32.42
CA TRP G 92 25.18 41.40 -31.50
C TRP G 92 25.60 40.68 -30.22
N ASP G 93 24.79 39.73 -29.76
CA ASP G 93 25.09 38.96 -28.56
C ASP G 93 25.37 39.85 -27.36
N ASP G 94 24.44 39.86 -26.42
CA ASP G 94 24.58 40.67 -25.21
C ASP G 94 25.90 40.32 -24.51
N SER G 95 26.52 39.22 -24.93
CA SER G 95 27.78 38.80 -24.35
C SER G 95 28.82 39.90 -24.46
N LEU G 96 28.46 40.97 -25.18
CA LEU G 96 29.32 42.12 -25.38
C LEU G 96 30.31 41.95 -26.54
N ASN G 97 29.92 41.17 -27.54
CA ASN G 97 30.76 40.95 -28.70
C ASN G 97 29.95 40.64 -29.95
N TRP G 98 30.20 41.36 -31.03
CA TRP G 98 29.60 41.06 -32.31
C TRP G 98 30.02 39.68 -32.78
N VAL G 99 29.07 38.90 -33.27
CA VAL G 99 29.34 37.56 -33.75
C VAL G 99 29.03 37.50 -35.22
N PHE G 100 29.68 36.59 -35.92
CA PHE G 100 29.50 36.45 -37.35
C PHE G 100 29.10 35.02 -37.68
N GLY G 101 28.57 34.86 -38.87
CA GLY G 101 28.18 33.55 -39.36
C GLY G 101 29.38 32.77 -39.86
N GLY G 102 29.10 31.57 -40.34
CA GLY G 102 30.16 30.73 -40.86
C GLY G 102 30.31 30.89 -42.36
N GLY G 103 29.36 31.56 -42.98
CA GLY G 103 29.47 31.71 -44.42
C GLY G 103 28.84 30.56 -45.16
N THR G 104 28.43 30.83 -46.40
CA THR G 104 27.78 29.82 -47.21
C THR G 104 28.07 30.15 -48.67
N LYS G 105 28.67 29.22 -49.39
CA LYS G 105 28.92 29.45 -50.81
C LYS G 105 27.65 29.21 -51.61
N LEU G 106 27.70 29.58 -52.89
CA LEU G 106 26.64 29.27 -53.82
C LEU G 106 27.21 28.55 -55.03
N THR G 107 26.43 27.60 -55.53
CA THR G 107 26.85 26.61 -56.52
C THR G 107 25.82 26.50 -57.63
N VAL G 108 25.60 27.62 -58.32
CA VAL G 108 24.65 27.70 -59.42
C VAL G 108 24.53 26.39 -60.20
N LEU G 109 25.59 25.59 -60.17
CA LEU G 109 25.60 24.32 -60.89
C LEU G 109 25.07 24.48 -62.30
N GLY G 110 25.79 25.23 -63.12
CA GLY G 110 25.38 25.47 -64.50
C GLY G 110 26.31 24.83 -65.50
N GLN G 111 27.55 25.31 -65.54
CA GLN G 111 28.56 24.79 -66.47
C GLN G 111 28.54 23.27 -66.49
N PRO G 112 28.66 22.70 -67.69
CA PRO G 112 28.69 21.23 -67.82
C PRO G 112 29.89 20.69 -67.06
N LYS G 113 30.09 19.37 -67.09
CA LYS G 113 31.23 18.77 -66.40
C LYS G 113 32.46 18.73 -67.30
N ALA G 114 33.48 19.51 -66.95
CA ALA G 114 34.70 19.56 -67.71
C ALA G 114 35.65 18.49 -67.20
N ALA G 115 36.74 18.32 -67.93
CA ALA G 115 37.72 17.29 -67.61
C ALA G 115 38.94 17.94 -67.00
N PRO G 116 39.38 17.53 -65.83
CA PRO G 116 40.56 18.15 -65.25
C PRO G 116 41.82 17.81 -66.02
N SER G 117 42.30 18.76 -66.81
CA SER G 117 43.56 18.56 -67.51
C SER G 117 44.70 18.56 -66.52
N VAL G 118 45.48 17.48 -66.53
CA VAL G 118 46.58 17.28 -65.58
C VAL G 118 47.89 17.40 -66.33
N THR G 119 48.92 17.90 -65.66
CA THR G 119 50.24 18.02 -66.23
C THR G 119 51.28 17.87 -65.13
N LEU G 120 52.26 17.00 -65.35
CA LEU G 120 53.21 16.65 -64.30
C LEU G 120 54.62 16.94 -64.79
N PHE G 121 55.46 17.44 -63.89
CA PHE G 121 56.84 17.80 -64.19
C PHE G 121 57.76 17.25 -63.12
N PRO G 122 58.90 16.66 -63.52
CA PRO G 122 59.88 16.18 -62.55
C PRO G 122 60.85 17.30 -62.19
N PRO G 123 61.65 17.11 -61.13
CA PRO G 123 62.61 18.15 -60.75
C PRO G 123 63.62 18.41 -61.87
N SER G 124 63.81 19.70 -62.17
CA SER G 124 64.72 20.09 -63.23
C SER G 124 66.17 19.77 -62.84
N SER G 125 67.06 19.91 -63.82
CA SER G 125 68.45 19.52 -63.62
C SER G 125 69.16 20.42 -62.61
N GLU G 126 68.98 21.74 -62.71
CA GLU G 126 69.61 22.65 -61.76
C GLU G 126 69.18 22.33 -60.33
N GLU G 127 67.93 21.93 -60.16
CA GLU G 127 67.45 21.55 -58.84
C GLU G 127 68.12 20.27 -58.36
N LEU G 128 68.36 19.33 -59.28
CA LEU G 128 69.13 18.14 -58.94
C LEU G 128 70.52 18.51 -58.45
N GLN G 129 71.18 19.43 -59.16
CA GLN G 129 72.47 19.93 -58.69
C GLN G 129 72.34 20.72 -57.41
N ALA G 130 71.14 21.22 -57.10
CA ALA G 130 70.90 22.02 -55.90
C ALA G 130 70.60 21.16 -54.69
N ASN G 131 70.84 19.86 -54.77
CA ASN G 131 70.71 18.95 -53.63
C ASN G 131 69.26 18.85 -53.14
N LYS G 132 68.32 19.07 -54.04
CA LYS G 132 66.91 18.96 -53.71
C LYS G 132 66.12 18.53 -54.95
N ALA G 133 64.83 18.31 -54.74
CA ALA G 133 63.98 17.78 -55.80
C ALA G 133 62.53 18.11 -55.48
N THR G 134 61.76 18.49 -56.49
CA THR G 134 60.36 18.80 -56.32
C THR G 134 59.58 18.35 -57.54
N LEU G 135 58.55 17.55 -57.31
CA LEU G 135 57.60 17.17 -58.35
C LEU G 135 56.48 18.19 -58.40
N VAL G 136 56.01 18.48 -59.61
CA VAL G 136 55.05 19.56 -59.84
C VAL G 136 53.84 18.99 -60.56
N CYS G 137 52.68 19.02 -59.92
CA CYS G 137 51.45 18.51 -60.50
C CYS G 137 50.46 19.66 -60.65
N LEU G 138 50.11 19.99 -61.88
CA LEU G 138 49.21 21.10 -62.18
C LEU G 138 47.89 20.54 -62.69
N ILE G 139 46.79 21.09 -62.20
CA ILE G 139 45.44 20.71 -62.60
C ILE G 139 44.76 21.96 -63.13
N SER G 140 43.99 21.82 -64.20
CA SER G 140 43.36 22.99 -64.77
C SER G 140 42.07 22.62 -65.47
N ASP G 141 41.18 23.61 -65.60
CA ASP G 141 39.95 23.50 -66.37
C ASP G 141 39.07 22.34 -65.94
N PHE G 142 38.56 22.37 -64.72
CA PHE G 142 37.77 21.26 -64.21
C PHE G 142 36.50 21.74 -63.53
N TYR G 143 35.70 22.53 -64.23
CA TYR G 143 34.73 23.49 -63.69
C TYR G 143 34.13 23.15 -62.33
N PRO G 144 33.57 21.97 -62.10
CA PRO G 144 33.15 21.65 -60.73
C PRO G 144 34.38 21.35 -59.88
N GLY G 145 34.54 22.13 -58.81
CA GLY G 145 35.83 22.24 -58.16
C GLY G 145 36.25 21.24 -57.09
N ALA G 146 35.56 20.11 -56.98
CA ALA G 146 35.84 19.18 -55.89
C ALA G 146 36.98 18.21 -56.21
N VAL G 147 38.13 18.73 -56.64
CA VAL G 147 39.24 17.87 -57.00
C VAL G 147 39.96 17.40 -55.73
N THR G 148 40.54 16.21 -55.77
CA THR G 148 41.53 15.79 -54.77
C THR G 148 42.66 15.05 -55.45
N VAL G 149 43.78 14.91 -54.75
CA VAL G 149 45.03 14.45 -55.35
C VAL G 149 45.64 13.37 -54.46
N ALA G 150 46.33 12.41 -55.08
CA ALA G 150 47.13 11.42 -54.38
C ALA G 150 48.43 11.19 -55.13
N TRP G 151 49.51 10.99 -54.37
CA TRP G 151 50.84 10.87 -54.94
C TRP G 151 51.38 9.45 -54.79
N LYS G 152 52.13 9.02 -55.80
CA LYS G 152 52.54 7.63 -55.91
C LYS G 152 54.04 7.53 -56.16
N ALA G 153 54.72 6.76 -55.31
CA ALA G 153 56.02 6.21 -55.61
C ALA G 153 55.79 4.86 -56.29
N ASP G 154 56.86 4.24 -56.81
CA ASP G 154 56.75 3.24 -57.88
C ASP G 154 55.48 2.40 -57.82
N SER G 155 55.10 1.95 -56.64
CA SER G 155 53.86 1.21 -56.47
C SER G 155 53.04 1.67 -55.28
N SER G 156 53.61 2.43 -54.37
CA SER G 156 52.87 2.72 -53.16
C SER G 156 52.41 4.18 -53.13
N PRO G 157 51.40 4.49 -52.33
CA PRO G 157 51.05 5.90 -52.11
C PRO G 157 51.98 6.52 -51.09
N VAL G 158 52.13 7.84 -51.20
CA VAL G 158 52.97 8.61 -50.28
C VAL G 158 52.12 9.73 -49.69
N LYS G 159 52.42 10.11 -48.44
CA LYS G 159 51.67 11.17 -47.77
C LYS G 159 52.58 12.16 -47.03
N ALA G 160 53.83 12.31 -47.43
CA ALA G 160 54.76 13.23 -46.79
C ALA G 160 55.49 14.06 -47.83
N GLY G 161 55.59 15.36 -47.59
CA GLY G 161 56.27 16.26 -48.50
C GLY G 161 55.43 16.83 -49.61
N VAL G 162 54.11 16.77 -49.48
CA VAL G 162 53.21 17.23 -50.55
C VAL G 162 52.40 18.42 -50.04
N GLU G 163 52.26 19.43 -50.90
CA GLU G 163 51.46 20.61 -50.61
C GLU G 163 50.46 20.80 -51.74
N THR G 164 49.24 21.17 -51.38
CA THR G 164 48.14 21.22 -52.34
C THR G 164 47.41 22.55 -52.24
N THR G 165 47.39 23.29 -53.35
CA THR G 165 46.64 24.54 -53.41
C THR G 165 45.14 24.25 -53.36
N THR G 166 44.39 25.16 -52.76
CA THR G 166 42.95 25.13 -52.90
C THR G 166 42.59 25.56 -54.31
N PRO G 167 41.48 25.08 -54.86
CA PRO G 167 41.13 25.46 -56.23
C PRO G 167 40.88 26.95 -56.35
N SER G 168 41.33 27.51 -57.46
CA SER G 168 41.21 28.94 -57.73
C SER G 168 40.51 29.15 -59.05
N LYS G 169 39.62 30.13 -59.09
CA LYS G 169 38.83 30.39 -60.29
C LYS G 169 39.62 31.20 -61.30
N GLN G 170 39.56 30.79 -62.56
CA GLN G 170 40.25 31.48 -63.64
C GLN G 170 39.31 32.51 -64.27
N SER G 171 39.71 33.03 -65.44
CA SER G 171 38.85 33.94 -66.17
C SER G 171 37.64 33.23 -66.76
N ASN G 172 37.84 32.08 -67.38
CA ASN G 172 36.76 31.29 -67.95
C ASN G 172 35.84 30.69 -66.89
N ASN G 173 36.03 31.08 -65.64
CA ASN G 173 35.14 30.70 -64.55
C ASN G 173 35.16 29.20 -64.31
N LYS G 174 36.22 28.54 -64.74
CA LYS G 174 36.53 27.23 -64.19
C LYS G 174 37.75 27.35 -63.26
N TYR G 175 38.22 26.22 -62.77
CA TYR G 175 39.17 26.22 -61.67
C TYR G 175 40.53 25.72 -62.10
N ALA G 176 41.49 25.85 -61.19
CA ALA G 176 42.86 25.42 -61.37
C ALA G 176 43.45 25.15 -60.00
N ALA G 177 44.42 24.26 -59.95
CA ALA G 177 45.06 23.89 -58.70
C ALA G 177 46.46 23.37 -58.98
N SER G 178 47.22 23.19 -57.91
CA SER G 178 48.60 22.76 -58.04
C SER G 178 49.04 22.04 -56.78
N SER G 179 49.98 21.13 -56.92
CA SER G 179 50.54 20.39 -55.80
C SER G 179 52.02 20.14 -56.02
N TYR G 180 52.76 20.13 -54.93
CA TYR G 180 54.21 20.03 -54.95
C TYR G 180 54.63 18.85 -54.08
N LEU G 181 55.66 18.15 -54.52
CA LEU G 181 56.18 17.00 -53.80
C LEU G 181 57.66 17.27 -53.51
N SER G 182 58.04 17.20 -52.24
CA SER G 182 59.41 17.43 -51.81
C SER G 182 60.16 16.11 -51.76
N LEU G 183 61.37 16.08 -52.31
CA LEU G 183 62.17 14.87 -52.41
C LEU G 183 63.63 15.22 -52.35
N THR G 184 64.40 14.39 -51.67
CA THR G 184 65.84 14.46 -51.87
C THR G 184 66.22 13.72 -53.14
N PRO G 185 67.17 14.25 -53.92
CA PRO G 185 67.49 13.61 -55.22
C PRO G 185 67.86 12.15 -55.11
N GLU G 186 68.41 11.71 -53.98
CA GLU G 186 68.68 10.29 -53.82
C GLU G 186 67.40 9.48 -53.72
N GLN G 187 66.35 10.05 -53.12
CA GLN G 187 65.04 9.42 -53.18
C GLN G 187 64.42 9.56 -54.56
N TRP G 188 64.76 10.64 -55.26
CA TRP G 188 64.28 10.81 -56.63
C TRP G 188 64.76 9.69 -57.53
N LYS G 189 66.03 9.32 -57.43
CA LYS G 189 66.54 8.21 -58.21
C LYS G 189 66.33 6.86 -57.51
N SER G 190 65.97 6.86 -56.23
CA SER G 190 65.67 5.62 -55.53
C SER G 190 64.52 4.88 -56.20
N HIS G 191 63.36 5.53 -56.27
CA HIS G 191 62.20 4.91 -56.91
C HIS G 191 62.24 5.15 -58.42
N ARG G 192 61.83 4.13 -59.17
CA ARG G 192 62.00 4.18 -60.62
C ARG G 192 61.02 5.15 -61.28
N SER G 193 59.89 5.44 -60.64
CA SER G 193 58.97 6.40 -61.22
C SER G 193 57.96 6.83 -60.18
N TYR G 194 57.45 8.05 -60.33
CA TYR G 194 56.40 8.59 -59.50
C TYR G 194 55.22 8.98 -60.36
N SER G 195 54.10 9.29 -59.71
CA SER G 195 52.93 9.74 -60.43
C SER G 195 52.05 10.60 -59.54
N CYS G 196 51.27 11.45 -60.19
CA CYS G 196 50.24 12.26 -59.55
C CYS G 196 48.89 11.83 -60.12
N GLN G 197 47.97 11.44 -59.25
CA GLN G 197 46.62 11.09 -59.66
C GLN G 197 45.66 12.10 -59.07
N VAL G 198 44.59 12.40 -59.79
CA VAL G 198 43.58 13.35 -59.35
C VAL G 198 42.23 12.67 -59.52
N THR G 199 41.39 12.78 -58.51
CA THR G 199 40.03 12.25 -58.56
C THR G 199 39.05 13.41 -58.51
N HIS G 200 37.97 13.26 -59.26
CA HIS G 200 37.05 14.35 -59.56
C HIS G 200 35.73 13.72 -59.98
N GLU G 201 34.70 13.86 -59.14
CA GLU G 201 33.38 13.29 -59.39
C GLU G 201 33.44 11.79 -59.65
N GLY G 202 34.15 11.05 -58.80
CA GLY G 202 34.29 9.63 -59.01
C GLY G 202 35.35 9.31 -60.04
N SER G 203 35.32 10.01 -61.17
CA SER G 203 36.31 9.85 -62.22
C SER G 203 37.70 10.12 -61.68
N THR G 204 38.71 9.60 -62.38
CA THR G 204 40.09 9.74 -62.00
C THR G 204 40.96 9.83 -63.25
N VAL G 205 41.94 10.71 -63.22
CA VAL G 205 42.99 10.72 -64.25
C VAL G 205 44.32 10.86 -63.55
N GLU G 206 45.31 10.12 -64.02
CA GLU G 206 46.63 10.11 -63.42
C GLU G 206 47.68 10.32 -64.50
N LYS G 207 48.79 10.93 -64.09
CA LYS G 207 49.94 11.18 -64.92
C LYS G 207 51.11 10.46 -64.22
N THR G 208 52.18 10.19 -64.94
CA THR G 208 53.33 9.49 -64.37
C THR G 208 54.60 9.95 -65.05
N VAL G 209 55.69 10.05 -64.28
CA VAL G 209 57.01 10.35 -64.83
C VAL G 209 58.03 9.47 -64.13
N ALA G 210 59.02 9.03 -64.91
CA ALA G 210 60.12 8.24 -64.41
C ALA G 210 61.40 9.05 -64.52
N PRO G 211 62.28 8.95 -63.52
CA PRO G 211 63.59 9.61 -63.62
C PRO G 211 64.35 9.17 -64.86
N THR G 212 64.52 10.09 -65.80
CA THR G 212 65.25 9.88 -67.05
C THR G 212 64.92 8.55 -67.73
C1 NAG H . 35.17 -25.38 1.48
C2 NAG H . 35.14 -26.46 0.42
C3 NAG H . 35.04 -27.84 1.06
C4 NAG H . 36.15 -28.02 2.08
C5 NAG H . 36.13 -26.86 3.07
C6 NAG H . 37.28 -26.88 4.04
C7 NAG H . 34.04 -26.72 -1.76
C8 NAG H . 32.81 -26.39 -2.57
N2 NAG H . 34.04 -26.24 -0.51
O3 NAG H . 35.13 -28.84 0.06
O4 NAG H . 35.97 -29.23 2.80
O5 NAG H . 36.23 -25.62 2.37
O6 NAG H . 37.47 -25.61 4.63
O7 NAG H . 34.96 -27.38 -2.21
C1 NAG H . 36.31 -30.68 2.67
C2 NAG H . 36.88 -31.65 3.70
C3 NAG H . 37.23 -32.97 3.03
C4 NAG H . 36.00 -33.54 2.34
C5 NAG H . 35.46 -32.53 1.34
C6 NAG H . 34.17 -32.97 0.69
C7 NAG H . 38.08 -30.89 5.70
C8 NAG H . 39.36 -30.33 6.25
N2 NAG H . 38.04 -31.10 4.38
O3 NAG H . 37.73 -33.89 4.00
O4 NAG H . 36.34 -34.75 1.65
O5 NAG H . 35.18 -31.28 2.02
O6 NAG H . 34.29 -32.99 -0.73
O7 NAG H . 37.12 -31.13 6.42
C1 NAG I . 56.05 -14.56 3.28
C2 NAG I . 54.64 -14.75 3.77
C3 NAG I . 54.61 -15.62 5.02
C4 NAG I . 55.42 -16.91 4.84
C5 NAG I . 56.79 -16.61 4.26
C6 NAG I . 57.56 -17.85 3.86
C7 NAG I . 52.73 -13.22 4.00
C8 NAG I . 52.30 -11.82 4.32
N2 NAG I . 54.05 -13.44 4.05
O3 NAG I . 53.25 -15.95 5.30
O4 NAG I . 55.62 -17.53 6.10
O5 NAG I . 56.64 -15.82 3.06
O6 NAG I . 56.78 -18.72 3.06
O7 NAG I . 51.93 -14.10 3.71
C1 NAG I . 54.74 -18.66 6.26
C2 NAG I . 55.49 -19.85 6.85
C3 NAG I . 54.53 -21.00 7.10
C4 NAG I . 53.35 -20.55 7.95
C5 NAG I . 52.69 -19.32 7.33
C6 NAG I . 51.61 -18.73 8.20
C7 NAG I . 57.70 -20.83 6.43
C8 NAG I . 58.71 -21.19 5.37
N2 NAG I . 56.58 -20.26 5.97
O3 NAG I . 55.20 -22.07 7.75
O4 NAG I . 52.40 -21.59 8.08
O5 NAG I . 53.66 -18.29 7.12
O6 NAG I . 51.63 -19.30 9.51
O7 NAG I . 57.90 -21.05 7.61
C1 NAG J . -53.74 -48.89 20.69
C2 NAG J . -54.37 -50.01 21.51
C3 NAG J . -55.13 -49.41 22.70
C4 NAG J . -54.22 -48.49 23.51
C5 NAG J . -53.59 -47.45 22.60
C6 NAG J . -52.55 -46.61 23.30
C7 NAG J . -54.96 -52.08 20.36
C8 NAG J . -55.98 -52.79 19.53
N2 NAG J . -55.25 -50.83 20.71
O3 NAG J . -55.61 -50.46 23.52
O4 NAG J . -55.00 -47.82 24.50
O5 NAG J . -52.91 -48.10 21.52
O6 NAG J . -52.16 -45.50 22.50
O7 NAG J . -53.91 -52.61 20.69
C1 NAG J . -54.39 -47.86 25.82
C2 NAG J . -54.90 -46.68 26.65
C3 NAG J . -54.36 -46.74 28.07
C4 NAG J . -54.57 -48.13 28.68
C5 NAG J . -54.07 -49.21 27.74
C6 NAG J . -54.41 -50.60 28.22
C7 NAG J . -55.43 -44.45 25.76
C8 NAG J . -54.88 -43.20 25.15
N2 NAG J . -54.55 -45.41 26.05
O3 NAG J . -55.05 -45.78 28.86
O4 NAG J . -53.84 -48.22 29.91
O5 NAG J . -54.71 -49.07 26.47
O6 NAG J . -55.77 -50.91 27.93
O7 NAG J . -56.63 -44.60 25.98
C1 NAG K . -59.81 -28.42 27.60
C2 NAG K . -61.02 -28.61 28.49
C3 NAG K . -60.98 -27.60 29.64
C4 NAG K . -59.65 -27.69 30.39
C5 NAG K . -58.47 -27.63 29.43
C6 NAG K . -57.16 -27.96 30.09
C7 NAG K . -63.26 -29.33 27.82
C8 NAG K . -64.46 -29.04 26.99
N2 NAG K . -62.26 -28.45 27.73
O3 NAG K . -62.06 -27.85 30.53
O4 NAG K . -59.60 -26.55 31.24
O5 NAG K . -58.63 -28.59 28.36
O6 NAG K . -56.10 -27.16 29.59
O7 NAG K . -63.20 -30.32 28.55
C1 NAG K . -59.13 -26.71 32.61
C2 NAG K . -59.64 -25.50 33.38
C3 NAG K . -59.18 -25.54 34.83
C4 NAG K . -59.60 -26.87 35.46
C5 NAG K . -59.13 -28.05 34.61
C6 NAG K . -59.65 -29.38 35.10
C7 NAG K . -58.15 -23.65 32.47
C8 NAG K . -56.92 -24.42 32.86
N2 NAG K . -59.35 -24.22 32.74
O3 NAG K . -59.74 -24.46 35.56
O4 NAG K . -59.01 -26.99 36.76
O5 NAG K . -59.59 -27.92 33.24
O6 NAG K . -61.05 -29.30 35.37
O7 NAG K . -58.08 -22.56 31.92
C1 NAG L . -40.84 -60.55 11.98
C2 NAG L . -40.73 -60.07 13.41
C3 NAG L . -39.25 -59.95 13.80
C4 NAG L . -38.43 -61.17 13.42
C5 NAG L . -38.81 -61.72 12.04
C6 NAG L . -38.25 -63.10 11.76
C7 NAG L . -42.47 -58.56 14.30
C8 NAG L . -43.00 -57.16 14.29
N2 NAG L . -41.39 -58.77 13.54
O3 NAG L . -39.17 -59.73 15.21
O4 NAG L . -37.07 -60.78 13.33
O5 NAG L . -40.24 -61.80 11.88
O6 NAG L . -38.06 -63.84 12.96
O7 NAG L . -43.00 -59.45 14.93
C1 NAG L . -36.19 -61.58 14.16
C2 NAG L . -34.73 -61.21 13.86
C3 NAG L . -33.76 -61.93 14.80
C4 NAG L . -34.15 -61.68 16.24
C5 NAG L . -35.61 -62.05 16.46
C6 NAG L . -36.10 -61.69 17.84
C7 NAG L . -34.29 -62.49 11.69
C8 NAG L . -34.68 -63.79 12.35
N2 NAG L . -34.36 -61.37 12.45
O3 NAG L . -32.44 -61.46 14.57
O4 NAG L . -33.33 -62.45 17.10
O5 NAG L . -36.46 -61.33 15.54
O6 NAG L . -36.36 -60.30 17.95
O7 NAG L . -33.96 -62.44 10.53
C1 NAG M . -56.43 -67.29 11.08
C2 NAG M . -56.24 -68.21 12.27
C3 NAG M . -57.37 -69.22 12.32
C4 NAG M . -58.74 -68.53 12.26
C5 NAG M . -58.79 -67.49 11.15
C6 NAG M . -60.01 -66.58 11.25
C7 NAG M . -53.94 -68.57 13.03
C8 NAG M . -52.68 -69.36 12.83
N2 NAG M . -54.96 -68.88 12.22
O3 NAG M . -57.27 -69.99 13.51
O4 NAG M . -59.71 -69.54 11.98
O5 NAG M . -57.65 -66.63 11.19
O6 NAG M . -60.82 -66.66 10.09
O7 NAG M . -54.04 -67.69 13.88
C1 NAG M . -60.90 -69.45 12.77
C2 NAG M . -61.73 -70.70 12.50
C3 NAG M . -63.00 -70.69 13.34
C4 NAG M . -62.65 -70.52 14.81
C5 NAG M . -61.75 -69.31 15.02
C6 NAG M . -61.22 -69.20 16.43
C7 NAG M . -62.79 -69.98 10.38
C8 NAG M . -62.98 -70.34 8.94
N2 NAG M . -62.04 -70.85 11.08
O3 NAG M . -63.68 -71.93 13.15
O4 NAG M . -63.84 -70.34 15.57
O5 NAG M . -60.60 -69.39 14.16
O6 NAG M . -60.04 -69.97 16.60
O7 NAG M . -63.26 -68.97 10.87
C1 NAG N . -52.19 -74.71 -7.90
C2 NAG N . -51.05 -75.72 -7.77
C3 NAG N . -50.74 -76.34 -9.12
C4 NAG N . -51.99 -76.99 -9.68
C5 NAG N . -53.09 -75.94 -9.79
C6 NAG N . -54.40 -76.51 -10.27
C7 NAG N . -49.30 -75.55 -6.09
C8 NAG N . -48.06 -74.84 -5.63
N2 NAG N . -49.86 -75.11 -7.21
O3 NAG N . -49.70 -77.31 -8.97
O4 NAG N . -51.71 -77.52 -10.98
O5 NAG N . -53.33 -75.36 -8.50
O6 NAG N . -55.16 -77.06 -9.21
O7 NAG N . -49.76 -76.50 -5.46
C1 NAG N . -51.59 -78.95 -10.92
C2 NAG N . -51.60 -79.46 -12.35
C3 NAG N . -51.44 -80.98 -12.37
C4 NAG N . -50.20 -81.39 -11.59
C5 NAG N . -50.22 -80.79 -10.19
C6 NAG N . -48.94 -81.04 -9.42
C7 NAG N . -52.86 -77.95 -13.78
C8 NAG N . -54.18 -77.66 -14.43
N2 NAG N . -52.81 -79.05 -13.04
O3 NAG N . -51.34 -81.41 -13.72
O4 NAG N . -50.16 -82.81 -11.49
O5 NAG N . -50.39 -79.37 -10.26
O6 NAG N . -47.85 -80.30 -9.95
O7 NAG N . -51.89 -77.22 -13.94
C1 NAG O . -15.32 35.53 -37.97
C2 NAG O . -16.75 35.93 -38.23
C3 NAG O . -17.21 35.38 -39.58
C4 NAG O . -16.24 35.81 -40.69
C5 NAG O . -14.83 35.40 -40.30
C6 NAG O . -13.78 35.91 -41.26
C7 NAG O . -18.80 36.04 -36.89
C8 NAG O . -19.57 35.44 -35.76
N2 NAG O . -17.63 35.47 -37.17
O3 NAG O . -18.52 35.86 -39.88
O4 NAG O . -16.58 35.17 -41.91
O5 NAG O . -14.49 35.96 -39.02
O6 NAG O . -12.49 35.89 -40.66
O7 NAG O . -19.23 37.00 -37.53
C1 NAG O . -17.34 36.03 -42.77
C2 NAG O . -16.78 35.94 -44.19
C3 NAG O . -17.61 36.81 -45.13
C4 NAG O . -19.07 36.40 -45.07
C5 NAG O . -19.56 36.48 -43.63
C6 NAG O . -20.98 35.98 -43.46
C7 NAG O . -14.42 35.47 -44.63
C8 NAG O . -13.03 36.02 -44.65
N2 NAG O . -15.38 36.31 -44.24
O3 NAG O . -17.11 36.68 -46.46
O4 NAG O . -19.86 37.24 -45.89
O5 NAG O . -18.74 35.68 -42.77
O6 NAG O . -21.83 36.97 -42.90
O7 NAG O . -14.67 34.32 -44.95
C1 NAG P . 1.63 54.78 -37.74
C2 NAG P . 1.39 53.32 -37.45
C3 NAG P . 1.95 52.45 -38.59
C4 NAG P . 1.51 52.95 -39.96
C5 NAG P . 1.73 54.45 -40.09
C6 NAG P . 1.14 55.03 -41.35
C7 NAG P . 1.54 51.95 -35.43
C8 NAG P . 2.29 51.71 -34.15
N2 NAG P . 1.99 52.96 -36.19
O3 NAG P . 1.48 51.13 -38.39
O4 NAG P . 2.29 52.32 -40.97
O5 NAG P . 1.10 55.13 -38.99
O6 NAG P . -0.22 54.63 -41.53
O7 NAG P . 0.59 51.26 -35.75
C1 NAG P . 1.53 51.27 -41.61
C2 NAG P . 1.73 51.33 -43.12
C3 NAG P . 1.01 50.16 -43.79
C4 NAG P . 1.43 48.84 -43.18
C5 NAG P . 1.26 48.88 -41.66
C6 NAG P . 1.80 47.65 -40.98
C7 NAG P . 1.79 53.17 -44.75
C8 NAG P . 1.19 54.48 -45.15
N2 NAG P . 1.27 52.59 -43.66
O3 NAG P . 1.27 50.14 -45.19
O4 NAG P . 0.65 47.78 -43.71
O5 NAG P . 1.96 50.01 -41.11
O6 NAG P . 2.56 46.86 -41.87
O7 NAG P . 2.70 52.65 -45.39
C1 NAG Q . -64.75 -32.38 -35.37
C2 NAG Q . -66.22 -32.54 -35.05
C3 NAG Q . -66.98 -33.02 -36.28
C4 NAG Q . -66.71 -32.09 -37.46
C5 NAG Q . -65.20 -31.90 -37.66
C6 NAG Q . -64.88 -30.86 -38.70
C7 NAG Q . -67.06 -33.09 -32.82
C8 NAG Q . -67.13 -34.14 -31.74
N2 NAG Q . -66.41 -33.44 -33.93
O3 NAG Q . -68.37 -33.06 -36.00
O4 NAG Q . -67.24 -32.66 -38.65
O5 NAG Q . -64.59 -31.47 -36.43
O6 NAG Q . -63.54 -31.00 -39.17
O7 NAG Q . -67.55 -31.98 -32.68
C1 NAG Q . -68.36 -31.89 -39.14
C2 NAG Q . -68.53 -32.11 -40.65
C3 NAG Q . -69.76 -31.38 -41.17
C4 NAG Q . -70.99 -31.74 -40.33
C5 NAG Q . -70.69 -31.47 -38.87
C6 NAG Q . -71.84 -31.84 -37.94
C7 NAG Q . -66.39 -32.53 -41.79
C8 NAG Q . -65.25 -31.91 -42.54
N2 NAG Q . -67.34 -31.69 -41.38
O3 NAG Q . -69.98 -31.70 -42.53
O4 NAG Q . -72.11 -30.95 -40.73
O5 NAG Q . -69.56 -32.25 -38.46
O6 NAG Q . -71.77 -31.10 -36.74
O7 NAG Q . -66.45 -33.74 -41.59
C1 NAG R . -40.99 -53.25 -25.43
C2 NAG R . -41.02 -54.21 -26.59
C3 NAG R . -40.12 -55.38 -26.31
C4 NAG R . -38.70 -54.88 -26.15
C5 NAG R . -38.63 -53.80 -25.07
C6 NAG R . -37.31 -53.08 -25.07
C7 NAG R . -43.15 -55.40 -26.19
C8 NAG R . -44.50 -55.69 -26.73
N2 NAG R . -42.37 -54.63 -26.94
O3 NAG R . -40.17 -56.34 -27.37
O4 NAG R . -37.85 -55.97 -25.80
O5 NAG R . -39.64 -52.79 -25.24
O6 NAG R . -37.08 -52.39 -23.83
O7 NAG R . -42.79 -55.83 -25.10
C1 NAG R . -36.76 -56.17 -26.72
C2 NAG R . -35.71 -57.01 -26.00
C3 NAG R . -34.56 -57.35 -26.95
C4 NAG R . -35.08 -57.97 -28.23
C5 NAG R . -36.13 -57.07 -28.85
C6 NAG R . -36.78 -57.67 -30.07
C7 NAG R . -35.30 -56.82 -23.59
C8 NAG R . -34.73 -55.98 -22.49
N2 NAG R . -35.21 -56.31 -24.82
O3 NAG R . -33.64 -58.24 -26.31
O4 NAG R . -34.02 -58.16 -29.16
O5 NAG R . -37.18 -56.84 -27.89
O6 NAG R . -37.56 -58.81 -29.73
O7 NAG R . -35.82 -57.91 -23.38
C1 NAG S . -24.84 -57.37 -10.75
C2 NAG S . -24.58 -58.87 -10.79
C3 NAG S . -23.09 -59.14 -10.81
C4 NAG S . -22.44 -58.40 -11.97
C5 NAG S . -22.79 -56.91 -11.92
C6 NAG S . -22.33 -56.15 -13.14
C7 NAG S . -25.85 -60.70 -9.77
C8 NAG S . -26.42 -61.26 -8.50
N2 NAG S . -25.20 -59.55 -9.66
O3 NAG S . -22.88 -60.54 -10.95
O4 NAG S . -21.02 -58.55 -11.86
O5 NAG S . -24.22 -56.76 -11.86
O6 NAG S . -22.12 -54.77 -12.86
O7 NAG S . -25.97 -61.28 -10.84
C1 NAG S . -20.41 -58.90 -13.12
C2 NAG S . -18.93 -59.06 -12.85
C3 NAG S . -18.21 -59.45 -14.13
C4 NAG S . -18.84 -60.69 -14.74
C5 NAG S . -20.34 -60.48 -14.90
C6 NAG S . -21.07 -61.73 -15.38
C7 NAG S . -17.96 -57.77 -11.01
C8 NAG S . -18.11 -59.01 -10.18
N2 NAG S . -18.35 -57.86 -12.28
O3 NAG S . -16.83 -59.71 -13.85
O4 NAG S . -18.27 -60.96 -16.01
O5 NAG S . -20.93 -60.12 -13.65
O6 NAG S . -22.46 -61.65 -15.11
O7 NAG S . -17.48 -56.74 -10.55
C1 NAG T . -60.45 -54.72 -33.52
C2 NAG T . -60.10 -55.31 -34.87
C3 NAG T . -61.00 -56.49 -35.19
C4 NAG T . -61.14 -57.46 -34.02
C5 NAG T . -61.28 -56.75 -32.67
C6 NAG T . -61.05 -57.67 -31.50
C7 NAG T . -59.15 -53.72 -36.50
C8 NAG T . -59.46 -52.75 -37.59
N2 NAG T . -60.20 -54.31 -35.92
O3 NAG T . -60.48 -57.17 -36.32
O4 NAG T . -62.35 -58.15 -34.27
O5 NAG T . -60.32 -55.69 -32.54
O6 NAG T . -62.15 -57.68 -30.61
O7 NAG T . -58.00 -53.96 -36.15
C1 NAG T . -62.51 -59.59 -34.26
C2 NAG T . -61.27 -60.42 -33.88
C3 NAG T . -61.65 -61.89 -33.69
C4 NAG T . -62.80 -62.02 -32.70
C5 NAG T . -63.97 -61.14 -33.13
C6 NAG T . -65.09 -61.13 -32.13
C7 NAG T . -60.26 -60.78 -36.10
C8 NAG T . -59.04 -60.54 -36.95
N2 NAG T . -60.20 -60.30 -34.86
O3 NAG T . -60.51 -62.62 -33.25
O4 NAG T . -63.24 -63.38 -32.66
O5 NAG T . -63.53 -59.79 -33.28
O6 NAG T . -65.06 -59.94 -31.34
O7 NAG T . -61.25 -61.37 -36.54
C1 NAG U . -77.35 -43.26 -32.05
C2 NAG U . -77.59 -42.45 -33.32
C3 NAG U . -78.79 -41.55 -33.12
C4 NAG U . -80.00 -42.37 -32.71
C5 NAG U . -79.66 -43.18 -31.46
C6 NAG U . -80.76 -44.11 -31.02
C7 NAG U . -75.82 -41.74 -34.87
C8 NAG U . -74.61 -40.89 -35.05
N2 NAG U . -76.40 -41.68 -33.67
O3 NAG U . -79.04 -40.85 -34.34
O4 NAG U . -81.11 -41.52 -32.43
O5 NAG U . -78.51 -44.01 -31.73
O6 NAG U . -81.66 -44.43 -32.08
O7 NAG U . -76.25 -42.47 -35.76
C1 NAG U . -81.94 -41.46 -33.60
C2 NAG U . -83.39 -41.19 -33.21
C3 NAG U . -84.26 -41.01 -34.46
C4 NAG U . -83.65 -40.01 -35.42
C5 NAG U . -82.19 -40.36 -35.70
C6 NAG U . -81.49 -39.34 -36.57
C7 NAG U . -84.27 -42.07 -31.10
C8 NAG U . -84.79 -43.29 -30.40
N2 NAG U . -83.91 -42.26 -32.37
O3 NAG U . -85.55 -40.56 -34.05
O4 NAG U . -84.38 -40.02 -36.64
O5 NAG U . -81.47 -40.43 -34.47
O6 NAG U . -80.81 -38.37 -35.77
O7 NAG U . -84.17 -41.00 -30.55
C1 NAG V . -14.35 27.32 44.05
C2 NAG V . -14.17 26.07 44.89
C3 NAG V . -15.53 25.61 45.44
C4 NAG V . -16.22 26.74 46.17
C5 NAG V . -16.29 27.96 45.27
C6 NAG V . -16.84 29.18 45.97
C7 NAG V . -12.87 24.01 44.68
C8 NAG V . -12.28 23.02 43.73
N2 NAG V . -13.54 25.01 44.12
O3 NAG V . -15.35 24.49 46.30
O4 NAG V . -17.54 26.37 46.54
O5 NAG V . -14.98 28.32 44.82
O6 NAG V . -16.50 30.37 45.25
O7 NAG V . -12.74 23.91 45.89
C1 NAG V . -17.61 25.94 47.91
C2 NAG V . -18.83 26.57 48.56
C3 NAG V . -18.96 26.09 50.00
C4 NAG V . -19.04 24.57 50.03
C5 NAG V . -17.81 23.99 49.34
C6 NAG V . -17.85 22.49 49.23
C7 NAG V . -19.69 28.75 47.88
C8 NAG V . -19.50 30.25 47.93
N2 NAG V . -18.78 28.02 48.51
O3 NAG V . -20.12 26.65 50.60
O4 NAG V . -19.08 24.10 51.38
O5 NAG V . -17.70 24.49 48.00
O6 NAG V . -16.72 21.87 49.85
O7 NAG V . -20.63 28.25 47.27
C1 NAG W . 9.09 41.85 31.80
C2 NAG W . 7.64 41.54 31.56
C3 NAG W . 7.02 42.55 30.59
C4 NAG W . 7.35 43.99 31.00
C5 NAG W . 8.83 44.14 31.30
C6 NAG W . 9.18 45.49 31.90
C7 NAG W . 6.39 39.45 31.21
C8 NAG W . 6.41 38.10 30.59
N2 NAG W . 7.48 40.19 31.03
O3 NAG W . 5.62 42.37 30.59
O4 NAG W . 7.04 44.88 29.92
O5 NAG W . 9.23 43.16 32.26
O6 NAG W . 8.33 45.82 32.99
O7 NAG W . 5.40 39.88 31.81
C1 NAG W . 5.80 45.57 30.18
C2 NAG W . 5.93 47.04 29.82
C3 NAG W . 4.60 47.75 30.01
C4 NAG W . 3.51 47.05 29.23
C5 NAG W . 3.46 45.56 29.61
C6 NAG W . 2.50 44.77 28.75
C7 NAG W . 7.70 48.71 30.20
C8 NAG W . 8.72 49.23 31.17
N2 NAG W . 6.97 47.68 30.62
O3 NAG W . 4.69 49.11 29.57
O4 NAG W . 2.24 47.64 29.51
O5 NAG W . 4.75 44.97 29.41
O6 NAG W . 2.03 45.54 27.65
O7 NAG W . 7.53 49.22 29.09
C1 NAG X . -74.68 -32.20 18.16
C2 NAG X . -74.85 -33.44 19.03
C3 NAG X . -76.30 -33.60 19.45
C4 NAG X . -76.78 -32.31 20.12
C5 NAG X . -76.51 -31.11 19.19
C6 NAG X . -76.91 -29.79 19.80
C7 NAG X . -74.56 -35.24 17.25
C8 NAG X . -75.66 -34.63 16.40
N2 NAG X . -74.29 -34.65 18.44
O3 NAG X . -76.42 -34.68 20.35
O4 NAG X . -78.16 -32.36 20.44
O5 NAG X . -75.12 -31.05 18.88
O6 NAG X . -75.79 -29.16 20.44
O7 NAG X . -73.98 -36.24 16.90
C1 NAG X . -78.22 -32.51 21.87
C2 NAG X . -79.53 -31.93 22.41
C3 NAG X . -79.63 -32.18 23.90
C4 NAG X . -79.48 -33.66 24.19
C5 NAG X . -78.18 -34.18 23.59
C6 NAG X . -78.00 -35.67 23.73
C7 NAG X . -80.69 -29.96 21.52
C8 NAG X . -80.63 -28.48 21.29
N2 NAG X . -79.64 -30.51 22.11
O3 NAG X . -80.89 -31.72 24.38
O4 NAG X . -79.46 -33.89 25.60
O5 NAG X . -78.16 -33.90 22.19
O6 NAG X . -78.05 -36.30 22.45
O7 NAG X . -81.66 -30.63 21.18
C1 NAG Y . -74.13 -21.05 -12.57
C2 NAG Y . -75.60 -21.03 -12.96
C3 NAG Y . -75.77 -20.49 -14.38
C4 NAG Y . -75.09 -19.13 -14.51
C5 NAG Y . -73.65 -19.21 -14.01
C6 NAG Y . -72.98 -17.85 -13.91
C7 NAG Y . -77.08 -22.65 -11.88
C8 NAG Y . -77.62 -24.04 -11.89
N2 NAG Y . -76.21 -22.34 -12.84
O3 NAG Y . -77.15 -20.35 -14.67
O4 NAG Y . -75.06 -18.76 -15.89
O5 NAG Y . -73.59 -19.77 -12.69
O6 NAG Y . -71.74 -17.84 -14.59
O7 NAG Y . -77.41 -21.83 -11.03
C1 NAG Y . -75.56 -17.43 -16.14
C2 NAG Y . -75.37 -17.10 -17.62
C3 NAG Y . -75.99 -15.74 -17.95
C4 NAG Y . -77.43 -15.68 -17.47
C5 NAG Y . -77.50 -16.03 -15.99
C6 NAG Y . -78.90 -16.07 -15.45
C7 NAG Y . -73.46 -17.93 -18.91
C8 NAG Y . -71.98 -17.80 -19.16
N2 NAG Y . -73.97 -17.11 -17.99
O3 NAG Y . -75.94 -15.51 -19.35
O4 NAG Y . -77.98 -14.39 -17.69
O5 NAG Y . -76.93 -17.33 -15.79
O6 NAG Y . -79.06 -15.12 -14.40
O7 NAG Y . -74.15 -18.74 -19.52
C1 NAG Z . -61.71 -15.41 -30.39
C2 NAG Z . -62.64 -15.50 -31.61
C3 NAG Z . -62.29 -14.42 -32.62
C4 NAG Z . -62.24 -13.05 -31.96
C5 NAG Z . -61.27 -13.10 -30.78
C6 NAG Z . -61.17 -11.79 -30.04
C7 NAG Z . -63.64 -17.57 -32.44
C8 NAG Z . -63.39 -18.90 -33.09
N2 NAG Z . -62.57 -16.81 -32.23
O3 NAG Z . -63.26 -14.42 -33.66
O4 NAG Z . -61.74 -12.08 -32.89
O5 NAG Z . -61.74 -14.09 -29.85
O6 NAG Z . -61.64 -11.90 -28.70
O7 NAG Z . -64.77 -17.21 -32.10
C1 NAG Z . -62.74 -11.08 -33.16
C2 NAG Z . -62.06 -9.85 -33.75
C3 NAG Z . -63.10 -8.78 -34.06
C4 NAG Z . -64.18 -9.35 -34.97
C5 NAG Z . -64.75 -10.66 -34.41
C6 NAG Z . -65.62 -11.36 -35.41
C7 NAG Z . -61.22 -8.82 -31.67
C8 NAG Z . -60.00 -8.35 -30.95
N2 NAG Z . -61.01 -9.34 -32.89
O3 NAG Z . -62.47 -7.67 -34.69
O4 NAG Z . -65.23 -8.41 -35.11
O5 NAG Z . -63.70 -11.58 -34.08
O6 NAG Z . -64.89 -11.63 -36.61
O7 NAG Z . -62.33 -8.76 -31.16
C1 NAG AA . -76.96 -21.94 6.72
C2 NAG AA . -76.89 -20.64 5.93
C3 NAG AA . -76.38 -19.49 6.81
C4 NAG AA . -77.15 -19.41 8.13
C5 NAG AA . -77.15 -20.77 8.80
C6 NAG AA . -77.94 -20.83 10.08
C7 NAG AA . -76.46 -20.69 3.51
C8 NAG AA . -75.43 -20.92 2.44
N2 NAG AA . -76.04 -20.81 4.77
O3 NAG AA . -76.51 -18.26 6.10
O4 NAG AA . -76.52 -18.49 9.01
O5 NAG AA . -77.72 -21.74 7.91
O6 NAG AA . -79.33 -20.92 9.86
O7 NAG AA . -77.63 -20.41 3.23
C1 NAG AA . -77.14 -17.19 9.05
C2 NAG AA . -77.90 -17.01 10.39
C3 NAG AA . -78.38 -15.56 10.60
C4 NAG AA . -77.25 -14.58 10.35
C5 NAG AA . -76.65 -14.83 8.98
C6 NAG AA . -75.49 -13.92 8.65
C7 NAG AA . -80.14 -18.11 9.83
C8 NAG AA . -80.32 -17.21 8.65
N2 NAG AA . -79.00 -17.96 10.57
O3 NAG AA . -78.86 -15.44 11.93
O4 NAG AA . -77.75 -13.25 10.41
O5 NAG AA . -76.15 -16.18 8.93
O6 NAG AA . -75.86 -12.90 7.73
O7 NAG AA . -80.97 -18.97 10.13
C1 NAG BA . -86.24 -33.86 -0.87
C2 NAG BA . -87.54 -33.05 -0.93
C3 NAG BA . -88.70 -33.96 -1.31
C4 NAG BA . -88.38 -34.79 -2.54
C5 NAG BA . -87.05 -35.49 -2.36
C6 NAG BA . -86.59 -36.23 -3.59
C7 NAG BA . -87.76 -31.10 0.54
C8 NAG BA . -88.05 -30.62 1.92
N2 NAG BA . -87.81 -32.41 0.35
O3 NAG BA . -89.86 -33.16 -1.55
O4 NAG BA . -89.38 -35.78 -2.71
O5 NAG BA . -86.03 -34.51 -2.08
O6 NAG BA . -85.92 -35.37 -4.50
O7 NAG BA . -87.49 -30.32 -0.37
C1 NAG BA . -90.01 -35.71 -4.01
C2 NAG BA . -91.09 -36.78 -4.05
C3 NAG BA . -91.87 -36.71 -5.37
C4 NAG BA . -92.41 -35.31 -5.58
C5 NAG BA . -91.27 -34.30 -5.50
C6 NAG BA . -91.76 -32.88 -5.57
C7 NAG BA . -89.75 -38.90 -4.42
C8 NAG BA . -89.12 -38.32 -5.67
N2 NAG BA . -90.62 -38.13 -3.74
O3 NAG BA . -92.94 -37.66 -5.35
O4 NAG BA . -93.02 -35.22 -6.86
O5 NAG BA . -90.58 -34.43 -4.24
O6 NAG BA . -92.35 -32.61 -6.84
O7 NAG BA . -89.46 -40.03 -4.04
C1 NAG CA . -83.24 -46.89 14.86
C2 NAG CA . -83.59 -46.33 16.22
C3 NAG CA . -83.18 -47.31 17.31
C4 NAG CA . -83.77 -48.68 17.05
C5 NAG CA . -83.44 -49.13 15.63
C6 NAG CA . -84.13 -50.42 15.23
C7 NAG CA . -83.41 -43.90 15.89
C8 NAG CA . -82.64 -42.66 16.21
N2 NAG CA . -82.95 -45.03 16.42
O3 NAG CA . -83.62 -46.80 18.56
O4 NAG CA . -83.22 -49.64 17.95
O5 NAG CA . -83.87 -48.14 14.69
O6 NAG CA . -83.77 -50.83 13.93
O7 NAG CA . -84.41 -43.88 15.17
C1 NAG CA . -84.09 -49.87 19.06
C2 NAG CA . -83.88 -51.29 19.57
C3 NAG CA . -84.70 -51.54 20.82
C4 NAG CA . -84.43 -50.46 21.87
C5 NAG CA . -84.65 -49.08 21.26
C6 NAG CA . -84.28 -47.95 22.20
C7 NAG CA . -83.30 -52.80 17.72
C8 NAG CA . -83.82 -53.79 16.72
N2 NAG CA . -84.21 -52.26 18.54
O3 NAG CA . -84.38 -52.81 21.36
O4 NAG CA . -85.28 -50.63 22.99
O5 NAG CA . -83.82 -48.93 20.10
O6 NAG CA . -82.88 -47.74 22.25
O7 NAG CA . -82.12 -52.51 17.79
C1 NAG DA . -50.84 -40.82 -35.90
C2 NAG DA . -49.34 -41.02 -36.13
C3 NAG DA . -48.70 -39.68 -36.50
C4 NAG DA . -49.40 -39.11 -37.73
C5 NAG DA . -50.90 -38.97 -37.44
C6 NAG DA . -51.62 -38.46 -38.68
C7 NAG DA . -48.73 -42.87 -34.66
C8 NAG DA . -48.10 -43.40 -33.40
N2 NAG DA . -48.72 -41.54 -34.90
O3 NAG DA . -47.31 -39.87 -36.79
O4 NAG DA . -48.86 -37.82 -38.04
O5 NAG DA . -51.43 -40.26 -37.08
O6 NAG DA . -52.99 -38.23 -38.38
O7 NAG DA . -49.25 -43.63 -35.44
C1 NAG DA . -48.54 -37.97 -39.64
C2 NAG DA . -48.51 -36.56 -40.24
C3 NAG DA . -47.73 -36.57 -41.56
C4 NAG DA . -46.36 -37.20 -41.36
C5 NAG DA . -46.53 -38.59 -40.73
C6 NAG DA . -45.22 -39.29 -40.45
C7 NAG DA . -50.18 -34.77 -40.33
C8 NAG DA . -51.62 -34.42 -40.60
N2 NAG DA . -49.85 -36.05 -40.46
O3 NAG DA . -47.60 -35.23 -42.03
O4 NAG DA . -45.72 -37.31 -42.63
O5 NAG DA . -47.21 -38.45 -39.49
O6 NAG DA . -44.49 -38.63 -39.42
O7 NAG DA . -49.36 -33.92 -40.01
C1 NAG EA . 7.78 -18.45 45.96
C2 NAG EA . 7.26 -19.87 46.18
C3 NAG EA . 8.29 -20.68 46.98
C4 NAG EA . 9.66 -20.60 46.31
C5 NAG EA . 10.06 -19.15 46.09
C6 NAG EA . 11.36 -19.00 45.34
C7 NAG EA . 4.84 -20.25 46.30
C8 NAG EA . 3.62 -20.14 47.14
N2 NAG EA . 5.99 -19.85 46.87
O3 NAG EA . 7.86 -22.04 47.07
O4 NAG EA . 10.64 -21.22 47.14
O5 NAG EA . 9.06 -18.49 45.30
O6 NAG EA . 12.26 -20.04 45.68
O7 NAG EA . 4.81 -20.67 45.15
C1 NAG FA . 5.36 14.79 64.03
C2 NAG FA . 5.59 15.97 64.95
C3 NAG FA . 5.74 17.25 64.14
C4 NAG FA . 6.88 17.08 63.13
C5 NAG FA . 6.68 15.81 62.29
C6 NAG FA . 7.88 15.52 61.43
C7 NAG FA . 4.71 16.79 67.08
C8 NAG FA . 3.53 16.87 67.99
N2 NAG FA . 4.53 16.13 65.93
O3 NAG FA . 6.02 18.35 64.99
O4 NAG FA . 6.92 18.21 62.27
O5 NAG FA . 6.47 14.66 63.12
O6 NAG FA . 8.66 16.69 61.21
O7 NAG FA . 5.80 17.30 67.38
C1 NAG GA . 21.93 20.85 47.88
C2 NAG GA . 22.16 22.17 47.14
C3 NAG GA . 23.64 22.38 46.89
C4 NAG GA . 24.43 22.25 48.19
C5 NAG GA . 24.07 20.95 48.92
C6 NAG GA . 24.69 20.88 50.30
C7 NAG GA . 21.01 23.33 45.32
C8 NAG GA . 20.26 23.18 44.02
N2 NAG GA . 21.41 22.20 45.90
O3 NAG GA . 23.84 23.66 46.34
O4 NAG GA . 25.82 22.24 47.90
O5 NAG GA . 22.66 20.86 49.10
O6 NAG GA . 23.87 21.52 51.27
O7 NAG GA . 21.25 24.44 45.81
C1 NAG HA . 16.46 8.18 36.49
C2 NAG HA . 16.68 9.54 35.80
C3 NAG HA . 17.12 9.35 34.34
C4 NAG HA . 18.31 8.42 34.25
C5 NAG HA . 17.95 7.10 34.92
C6 NAG HA . 19.08 6.09 34.91
C7 NAG HA . 15.44 11.66 35.68
C8 NAG HA . 14.10 12.32 35.76
N2 NAG HA . 15.46 10.34 35.86
O3 NAG HA . 17.46 10.61 33.78
O4 NAG HA . 18.67 8.18 32.89
O5 NAG HA . 17.62 7.34 36.29
O6 NAG HA . 19.04 5.29 33.74
O7 NAG HA . 16.47 12.30 35.48
C1 NAG IA . -25.47 0.98 46.49
C2 NAG IA . -26.79 1.77 46.43
C3 NAG IA . -27.93 1.02 47.12
C4 NAG IA . -28.00 -0.43 46.63
C5 NAG IA . -26.64 -1.09 46.78
C6 NAG IA . -26.61 -2.50 46.25
C7 NAG IA . -26.36 3.60 48.13
C8 NAG IA . -26.07 2.58 49.20
N2 NAG IA . -26.67 3.14 46.89
O3 NAG IA . -29.15 1.69 46.84
O4 NAG IA . -28.96 -1.15 47.41
O5 NAG IA . -25.68 -0.35 46.02
O6 NAG IA . -26.04 -2.55 44.96
O7 NAG IA . -26.31 4.80 48.37
C1 NAG JA . -27.43 -22.98 36.18
C2 NAG JA . -27.87 -24.42 36.01
C3 NAG JA . -29.29 -24.58 36.54
C4 NAG JA . -29.39 -24.07 37.97
C5 NAG JA . -28.81 -22.66 38.09
C6 NAG JA . -28.72 -22.16 39.52
C7 NAG JA . -27.08 -25.90 34.24
C8 NAG JA . -27.09 -26.20 32.77
N2 NAG JA . -27.78 -24.84 34.63
O3 NAG JA . -29.65 -25.95 36.49
O4 NAG JA . -30.75 -24.05 38.38
O5 NAG JA . -27.48 -22.62 37.55
O6 NAG JA . -27.38 -22.14 39.97
O7 NAG JA . -26.46 -26.60 35.04
C1 NAG KA . 4.74 -36.04 15.67
C2 NAG KA . 4.01 -36.90 14.64
C3 NAG KA . 4.36 -38.37 14.85
C4 NAG KA . 5.87 -38.56 14.82
C5 NAG KA . 6.55 -37.62 15.82
C6 NAG KA . 8.05 -37.67 15.73
C7 NAG KA . 1.74 -37.05 13.73
C8 NAG KA . 0.29 -36.76 13.96
N2 NAG KA . 2.58 -36.69 14.70
O3 NAG KA . 3.75 -39.16 13.84
O4 NAG KA . 6.18 -39.91 15.15
O5 NAG KA . 6.15 -36.27 15.58
O6 NAG KA . 8.49 -37.63 14.37
O7 NAG KA . 2.13 -37.60 12.70
C1 NAG LA . -10.07 -49.56 23.14
C2 NAG LA . -9.02 -49.70 24.23
C3 NAG LA . -7.70 -50.19 23.65
C4 NAG LA . -7.90 -51.44 22.81
C5 NAG LA . -8.97 -51.16 21.75
C6 NAG LA . -9.28 -52.37 20.90
C7 NAG LA . -8.99 -48.33 26.26
C8 NAG LA . -8.76 -46.95 26.82
N2 NAG LA . -8.84 -48.46 24.94
O3 NAG LA . -6.78 -50.48 24.71
O4 NAG LA . -6.69 -51.82 22.17
O5 NAG LA . -10.18 -50.78 22.40
O6 NAG LA . -8.34 -52.51 19.84
O7 NAG LA . -9.31 -49.27 26.97
C1 NAG MA . -38.17 -67.14 -2.68
C2 NAG MA . -38.62 -67.74 -4.02
C3 NAG MA . -38.70 -69.26 -3.92
C4 NAG MA . -37.39 -69.81 -3.35
C5 NAG MA . -37.03 -69.10 -2.06
C6 NAG MA . -35.73 -69.55 -1.47
C7 NAG MA . -40.07 -66.01 -5.01
C8 NAG MA . -41.48 -65.59 -5.29
N2 NAG MA . -39.93 -67.19 -4.39
O3 NAG MA . -38.92 -69.81 -5.21
O4 NAG MA . -37.52 -71.21 -3.08
O5 NAG MA . -36.93 -67.70 -2.32
O6 NAG MA . -35.82 -69.71 -0.06
O7 NAG MA . -39.13 -65.32 -5.33
C1 NAG NA . 13.71 -8.63 -42.27
C2 NAG NA . 12.79 -9.33 -43.28
C3 NAG NA . 13.17 -8.94 -44.70
C4 NAG NA . 13.21 -7.42 -44.84
C5 NAG NA . 14.10 -6.81 -43.76
C6 NAG NA . 14.12 -5.30 -43.77
C7 NAG NA . 11.82 -11.50 -42.68
C8 NAG NA . 12.06 -12.97 -42.55
N2 NAG NA . 12.85 -10.77 -43.11
O3 NAG NA . 12.23 -9.48 -45.62
O4 NAG NA . 13.72 -7.06 -46.11
O5 NAG NA . 13.65 -7.21 -42.46
O6 NAG NA . 13.99 -4.80 -45.10
O7 NAG NA . 10.73 -10.99 -42.40
C1 NAG OA . 46.60 -16.43 -25.13
C2 NAG OA . 48.08 -16.58 -24.78
C3 NAG OA . 48.36 -15.91 -23.45
C4 NAG OA . 47.94 -14.44 -23.50
C5 NAG OA . 46.49 -14.32 -23.96
C6 NAG OA . 46.09 -12.87 -24.22
C7 NAG OA . 49.79 -18.31 -24.91
C8 NAG OA . 50.08 -19.78 -24.85
N2 NAG OA . 48.51 -17.96 -24.75
O3 NAG OA . 49.74 -15.99 -23.15
O4 NAG OA . 48.06 -13.86 -22.20
O5 NAG OA . 46.26 -15.03 -25.19
O6 NAG OA . 46.94 -11.98 -23.51
O7 NAG OA . 50.67 -17.48 -25.08
C1 NAG PA . 44.71 6.52 -18.66
C2 NAG PA . 45.12 7.23 -17.38
C3 NAG PA . 45.56 8.65 -17.66
C4 NAG PA . 46.64 8.67 -18.74
C5 NAG PA . 46.21 7.86 -19.96
C6 NAG PA . 47.33 7.69 -20.97
C7 NAG PA . 44.20 7.29 -15.10
C8 NAG PA . 42.96 7.27 -14.26
N2 NAG PA . 44.02 7.22 -16.42
O3 NAG PA . 46.06 9.24 -16.48
O4 NAG PA . 46.91 10.00 -19.13
O5 NAG PA . 45.81 6.54 -19.57
O6 NAG PA . 48.14 6.57 -20.65
O7 NAG PA . 45.33 7.35 -14.60
C1 NAG QA . 26.90 6.27 -20.41
C2 NAG QA . 27.36 6.94 -19.10
C3 NAG QA . 26.38 8.03 -18.67
C4 NAG QA . 26.11 9.01 -19.81
C5 NAG QA . 25.62 8.23 -21.02
C6 NAG QA . 25.35 9.10 -22.23
C7 NAG QA . 28.22 6.16 -16.95
C8 NAG QA . 28.24 5.03 -15.96
N2 NAG QA . 27.51 5.95 -18.04
O3 NAG QA . 26.90 8.73 -17.55
O4 NAG QA . 25.13 9.97 -19.43
O5 NAG QA . 26.63 7.29 -21.41
O6 NAG QA . 24.01 9.59 -22.23
O7 NAG QA . 28.83 7.20 -16.74
C1 NAG RA . 15.34 -35.48 -14.72
C2 NAG RA . 15.35 -36.50 -13.57
C3 NAG RA . 14.98 -37.91 -14.04
C4 NAG RA . 13.70 -37.88 -14.88
C5 NAG RA . 13.84 -36.85 -15.99
C6 NAG RA . 12.59 -36.70 -16.81
C7 NAG RA . 17.85 -36.80 -13.20
C8 NAG RA . 18.06 -37.20 -14.64
N2 NAG RA . 16.60 -36.50 -12.79
O3 NAG RA . 14.82 -38.75 -12.91
O4 NAG RA . 13.47 -39.16 -15.45
O5 NAG RA . 14.09 -35.56 -15.41
O6 NAG RA . 11.85 -35.56 -16.41
O7 NAG RA . 18.79 -36.76 -12.42
C1 NAG SA . -7.44 -34.58 -26.37
C2 NAG SA . -8.61 -35.08 -27.19
C3 NAG SA . -8.79 -36.58 -26.98
C4 NAG SA . -7.48 -37.30 -27.28
C5 NAG SA . -6.33 -36.67 -26.49
C6 NAG SA . -4.98 -37.25 -26.87
C7 NAG SA . -10.56 -33.71 -27.75
C8 NAG SA . -11.80 -33.02 -27.24
N2 NAG SA . -9.83 -34.36 -26.86
O3 NAG SA . -9.82 -37.04 -27.86
O4 NAG SA . -7.61 -38.67 -26.90
O5 NAG SA . -6.26 -35.27 -26.75
O6 NAG SA . -4.22 -36.33 -27.64
O7 NAG SA . -10.25 -33.67 -28.94
C1 NAG TA . -20.15 1.42 -39.34
C2 NAG TA . -21.65 1.20 -39.17
C3 NAG TA . -22.33 1.19 -40.53
C4 NAG TA . -22.00 2.47 -41.28
C5 NAG TA . -20.49 2.68 -41.36
C6 NAG TA . -20.10 4.00 -41.96
C7 NAG TA . -23.11 -0.31 -37.89
C8 NAG TA . -23.21 -1.62 -37.18
N2 NAG TA . -21.93 -0.03 -38.45
O3 NAG TA . -23.73 1.07 -40.38
O4 NAG TA . -22.53 2.39 -42.61
O5 NAG TA . -19.92 2.64 -40.04
O6 NAG TA . -20.90 5.06 -41.44
O7 NAG TA . -24.06 0.46 -37.95
C1 NAG UA . -28.11 -16.81 -47.22
C2 NAG UA . -27.10 -16.48 -48.31
C3 NAG UA . -27.40 -15.12 -48.94
C4 NAG UA . -28.86 -15.05 -49.38
C5 NAG UA . -29.77 -15.38 -48.21
C6 NAG UA . -31.22 -15.39 -48.56
C7 NAG UA . -24.77 -17.29 -48.29
C8 NAG UA . -23.44 -17.18 -47.63
N2 NAG UA . -25.74 -16.51 -47.79
O3 NAG UA . -26.55 -14.91 -50.06
O4 NAG UA . -29.17 -13.73 -49.86
O5 NAG UA . -29.44 -16.71 -47.73
O6 NAG UA . -31.77 -14.08 -48.54
O7 NAG UA . -24.98 -18.04 -49.24
C1 NAG VA . -42.55 42.71 4.95
C2 NAG VA . -44.00 42.32 5.30
C3 NAG VA . -44.65 43.44 6.11
C4 NAG VA . -43.80 43.80 7.32
C5 NAG VA . -42.37 44.12 6.88
C6 NAG VA . -41.44 44.39 8.04
C7 NAG VA . -45.21 40.83 3.77
C8 NAG VA . -45.96 40.73 2.48
N2 NAG VA . -44.75 42.04 4.09
O3 NAG VA . -45.94 43.02 6.53
O4 NAG VA . -44.33 44.93 7.98
O5 NAG VA . -41.83 43.00 6.15
O6 NAG VA . -42.12 45.03 9.10
O7 NAG VA . -45.02 39.86 4.50
C1 NAG WA . -24.96 60.55 -23.49
C2 NAG WA . -24.35 61.60 -24.41
C3 NAG WA . -22.88 61.28 -24.66
C4 NAG WA . -22.15 61.19 -23.32
C5 NAG WA . -22.84 60.22 -22.37
C6 NAG WA . -22.25 60.26 -20.99
C7 NAG WA . -25.00 62.81 -26.43
C8 NAG WA . -25.77 62.78 -27.71
N2 NAG WA . -25.06 61.71 -25.67
O3 NAG WA . -22.30 62.29 -25.47
O4 NAG WA . -20.81 60.75 -23.54
O5 NAG WA . -24.24 60.53 -22.24
O6 NAG WA . -20.93 60.77 -21.01
O7 NAG WA . -24.34 63.79 -26.09
C1 NAG XA . -6.62 59.58 -8.17
C2 NAG XA . -5.13 59.38 -8.43
C3 NAG XA . -4.31 60.15 -7.39
C4 NAG XA . -4.74 61.61 -7.34
C5 NAG XA . -6.25 61.73 -7.19
C6 NAG XA . -6.74 63.15 -7.33
C7 NAG XA . -3.73 57.46 -9.06
C8 NAG XA . -3.51 55.99 -8.92
N2 NAG XA . -4.78 57.97 -8.40
O3 NAG XA . -2.93 60.07 -7.72
O4 NAG XA . -4.11 62.26 -6.24
O5 NAG XA . -6.92 60.97 -8.22
O6 NAG XA . -6.97 63.48 -8.69
O7 NAG XA . -2.99 58.18 -9.74
C1 NAG YA . -13.48 45.35 0.24
C2 NAG YA . -11.99 45.19 -0.07
C3 NAG YA . -11.30 44.32 0.99
C4 NAG YA . -11.59 44.84 2.39
C5 NAG YA . -13.10 44.90 2.58
C6 NAG YA . -13.51 45.43 3.94
C7 NAG YA . -10.65 44.69 -2.08
C8 NAG YA . -10.64 44.01 -3.41
N2 NAG YA . -11.80 44.61 -1.39
O3 NAG YA . -9.89 44.31 0.77
O4 NAG YA . -11.02 43.98 3.37
O5 NAG YA . -13.66 45.79 1.60
O6 NAG YA . -13.63 44.38 4.89
O7 NAG YA . -9.68 45.28 -1.64
C1 NAG ZA . -38.88 25.62 -29.35
C2 NAG ZA . -38.67 24.87 -30.69
C3 NAG ZA . -40.01 24.56 -31.37
C4 NAG ZA . -40.98 23.91 -30.40
C5 NAG ZA . -41.10 24.76 -29.14
C6 NAG ZA . -41.99 24.13 -28.09
C7 NAG ZA . -37.83 26.74 -32.18
C8 NAG ZA . -39.06 27.58 -31.89
N2 NAG ZA . -37.73 25.53 -31.60
O3 NAG ZA . -39.77 23.71 -32.48
O4 NAG ZA . -42.26 23.78 -31.00
O5 NAG ZA . -39.81 24.90 -28.54
O6 NAG ZA . -41.22 23.50 -27.08
O7 NAG ZA . -36.96 27.16 -32.93
C1 NAG AB . -53.72 11.98 -13.02
C2 NAG AB . -54.97 11.30 -12.49
C3 NAG AB . -55.80 10.77 -13.64
C4 NAG AB . -56.09 11.88 -14.65
C5 NAG AB . -54.80 12.59 -15.05
C6 NAG AB . -55.05 13.82 -15.92
C7 NAG AB . -55.08 10.20 -10.30
C8 NAG AB . -54.64 9.02 -9.48
N2 NAG AB . -54.62 10.25 -11.56
O3 NAG AB . -57.02 10.24 -13.13
O4 NAG AB . -56.71 11.33 -15.81
O5 NAG AB . -54.10 13.04 -13.89
O6 NAG AB . -54.83 15.01 -15.18
O7 NAG AB . -55.83 11.05 -9.86
C1 NAG BB . -44.39 14.52 26.12
C2 NAG BB . -44.84 13.13 26.54
C3 NAG BB . -46.02 13.23 27.48
C4 NAG BB . -45.68 14.13 28.67
C5 NAG BB . -45.18 15.48 28.18
C6 NAG BB . -44.69 16.36 29.30
C7 NAG BB . -45.26 10.97 25.44
C8 NAG BB . -45.59 10.28 24.16
N2 NAG BB . -45.16 12.30 25.39
O3 NAG BB . -46.40 11.94 27.96
O4 NAG BB . -46.85 14.32 29.47
O5 NAG BB . -44.07 15.30 27.27
O6 NAG BB . -43.88 15.63 30.21
O7 NAG BB . -45.09 10.35 26.49
C1 NAG CB . -63.75 8.18 19.58
C2 NAG CB . -64.06 9.66 19.89
C3 NAG CB . -63.76 9.96 21.35
C4 NAG CB . -64.44 8.96 22.27
C5 NAG CB . -64.06 7.55 21.86
C6 NAG CB . -64.74 6.49 22.69
C7 NAG CB . -63.88 11.45 18.23
C8 NAG CB . -62.95 12.27 17.40
N2 NAG CB . -63.31 10.54 19.01
O3 NAG CB . -64.20 11.28 21.66
O4 NAG CB . -64.07 9.18 23.62
O5 NAG CB . -64.43 7.34 20.49
O6 NAG CB . -64.05 6.26 23.91
O7 NAG CB . -65.10 11.61 18.19
#